data_9LB0
#
_entry.id   9LB0
#
_cell.length_a   1.00
_cell.length_b   1.00
_cell.length_c   1.00
_cell.angle_alpha   90.00
_cell.angle_beta   90.00
_cell.angle_gamma   90.00
#
_symmetry.space_group_name_H-M   'P 1'
#
loop_
_entity.id
_entity.type
_entity.pdbx_description
1 polymer 'Succinate dehydrogenase or fumarate reductase, flavoprotein subunit'
2 polymer '4Fe-4S ferredoxin iron-sulfur binding domain protein'
3 polymer 'Succinate dehydrogenase (Or fumarate reductase) cytochrome b subunit, b558 family'
4 non-polymer 'FLAVIN-ADENINE DINUCLEOTIDE'
5 non-polymer 'IRON/SULFUR CLUSTER'
6 non-polymer 'FE2/S2 (INORGANIC) CLUSTER'
7 non-polymer 'FE3-S4 CLUSTER'
8 non-polymer 'PROTOPORPHYRIN IX CONTAINING FE'
9 non-polymer DODECYL-BETA-D-MALTOSIDE
10 non-polymer MENAQUINONE-7
#
loop_
_entity_poly.entity_id
_entity_poly.type
_entity_poly.pdbx_seq_one_letter_code
_entity_poly.pdbx_strand_id
1 'polypeptide(L)'
;MSETKNETTVRTGTRQVEYVSVLDSKVPTGPIEQRWDKHRFEMKLVNPANRRKYTIIVVGSGLAGASAAATLGEAGYNVL
CFCYQDSPRRAHSIAAQGGINAAKNYRNDGDSIYRLFYDTVKGGDFRARESNVYRLAQVSVNIIDQCVAQGVPFAREYGG
LLDNRSFGGAQVARTFYARGQTGQQLLLGAYQALSRQIAAGTVKMFPRTEMLDLVVVDGRARGIITRDMVTGKITRYAAD
AVVLATGGYGNVFYLSTNAKGCNATAIWRAHRRGAFFGNPCFTQIHPTCIPVSGEYQSKLTLMSESLRNDGRIWVPKKKG
DTRRPQDIPESERDYYLEERYPSFGNLVPRDIASRAAKQVCDEGRGVGPGGLGVYLDFADAIKRLGRQKIAERYGNLFDM
YKQITGEDPYETPMRIYPAVHYTMGGLWVDYNLQSTIPGLFVIGEANFSDHGANRLGASALMQGLADGYFILPYTIANFL
AQVKPGGVSIDRPEFAEAEAEINQRIQRLLSIRGKRTVDSFHRELGKLMWDKCGMARNAAGLREALQRIPEIRAEFWENV
NVPGEANDLNQALEKAGRVADFLELAELMCLDALHREESCGGHFREEYQTPDGEALRNDEQFSYVAAWEFTGDLAKPRLH
KEPLVFEYVKPTQRSYK
;
A,D,G
2 'polypeptide(L)'
;MKITLKIWRQKNRNTPGEFKTYVMDNVNPDMSFLEMLDVLNEDLMSRGEEPVAFDHDCREGICGMCSLMINGVAHGPKNA
ITTCQLHMRSFKDGDTITVEPWRASAFPILKDLVVDRSAFDRIIQAGGYISVSTGSAPDANTIPVSKVAADRAMDAAACI
GCGACVAACPNGSAMLFTAAKVTHLALLPQGQPERYQRVVNMVAQADFEGFGNCTNIGECAAVCPKEISLETIAQLNRDL
VMAALRGIEPNTPIVPATTR
;
B,E,H
3 'polypeptide(L)'
;MTGVLTLTRTSVGKKVIMALTGFVLVGFVVFHMYGNLKMYQGPEVYNAYAAGLRELGYPIFGHEHLLWIARFILLASVFL
HIWAATSLTLQSRRSLQASSISTVRRYGQHKRQSGYADYTMRFGGVLIFFFIIYHILHLTFGVVGYEPGQFIHPHGDVYE
TYNNVVYGFQNPLIVGFYLLTMVFLALHLYHGVWSMFQTLGWNNRTYDRLLRGLAIVVAAAVFIGNISFPLAVYFGFVA
;
C,F,I
#
loop_
_chem_comp.id
_chem_comp.type
_chem_comp.name
_chem_comp.formula
F3S non-polymer 'FE3-S4 CLUSTER' 'Fe3 S4'
FAD non-polymer 'FLAVIN-ADENINE DINUCLEOTIDE' 'C27 H33 N9 O15 P2'
FES non-polymer 'FE2/S2 (INORGANIC) CLUSTER' 'Fe2 S2'
HEM non-polymer 'PROTOPORPHYRIN IX CONTAINING FE' 'C34 H32 Fe N4 O4'
LMT D-saccharide DODECYL-BETA-D-MALTOSIDE 'C24 H46 O11'
MQ7 non-polymer MENAQUINONE-7 'C46 H64 O2'
SF4 non-polymer 'IRON/SULFUR CLUSTER' 'Fe4 S4'
#
# COMPACT_ATOMS: atom_id res chain seq x y z
N VAL A 22 -46.86 -24.83 -10.72
CA VAL A 22 -45.65 -25.47 -11.22
C VAL A 22 -44.43 -24.65 -10.84
N LEU A 23 -43.41 -25.31 -10.31
CA LEU A 23 -42.20 -24.65 -9.84
C LEU A 23 -41.21 -24.50 -10.97
N ASP A 24 -40.91 -23.26 -11.34
CA ASP A 24 -39.91 -22.95 -12.36
C ASP A 24 -38.65 -22.49 -11.64
N SER A 25 -37.57 -23.28 -11.76
CA SER A 25 -36.34 -22.92 -11.08
C SER A 25 -35.64 -21.72 -11.72
N LYS A 26 -35.92 -21.44 -13.00
CA LYS A 26 -35.35 -20.29 -13.70
C LYS A 26 -33.84 -20.36 -13.79
N VAL A 27 -33.27 -21.56 -13.78
CA VAL A 27 -31.82 -21.73 -13.87
C VAL A 27 -31.37 -21.42 -15.29
N PRO A 28 -30.18 -20.86 -15.48
CA PRO A 28 -29.70 -20.58 -16.85
C PRO A 28 -29.32 -21.84 -17.59
N THR A 29 -28.84 -21.70 -18.82
CA THR A 29 -28.40 -22.81 -19.65
C THR A 29 -26.98 -22.56 -20.13
N GLY A 30 -26.35 -23.64 -20.61
CA GLY A 30 -24.99 -23.58 -21.07
C GLY A 30 -24.01 -24.09 -20.03
N PRO A 31 -22.71 -23.85 -20.26
CA PRO A 31 -21.70 -24.30 -19.30
C PRO A 31 -21.92 -23.67 -17.93
N ILE A 32 -21.62 -24.45 -16.89
CA ILE A 32 -21.94 -24.01 -15.53
C ILE A 32 -21.07 -22.86 -15.08
N GLU A 33 -19.94 -22.61 -15.75
CA GLU A 33 -19.06 -21.55 -15.30
C GLU A 33 -19.60 -20.17 -15.70
N GLN A 34 -20.30 -20.08 -16.83
CA GLN A 34 -20.82 -18.81 -17.32
C GLN A 34 -22.30 -18.63 -17.01
N ARG A 35 -22.90 -19.52 -16.22
CA ARG A 35 -24.33 -19.43 -15.97
C ARG A 35 -24.69 -18.16 -15.22
N TRP A 36 -23.94 -17.86 -14.16
CA TRP A 36 -24.26 -16.68 -13.36
C TRP A 36 -24.01 -15.39 -14.15
N ASP A 37 -22.93 -15.34 -14.92
CA ASP A 37 -22.66 -14.15 -15.73
C ASP A 37 -23.70 -13.97 -16.82
N LYS A 38 -24.08 -15.06 -17.50
CA LYS A 38 -25.10 -14.96 -18.53
C LYS A 38 -26.43 -14.51 -17.94
N HIS A 39 -26.81 -15.05 -16.78
CA HIS A 39 -28.02 -14.59 -16.12
C HIS A 39 -27.94 -13.14 -15.73
N ARG A 40 -26.80 -12.71 -15.20
CA ARG A 40 -26.64 -11.31 -14.81
C ARG A 40 -26.79 -10.39 -16.02
N PHE A 41 -26.28 -10.81 -17.17
CA PHE A 41 -26.47 -10.01 -18.38
C PHE A 41 -27.93 -9.99 -18.81
N GLU A 42 -28.62 -11.13 -18.68
CA GLU A 42 -29.97 -11.23 -19.21
C GLU A 42 -31.01 -10.51 -18.35
N MET A 43 -30.77 -10.35 -17.06
CA MET A 43 -31.75 -9.72 -16.19
C MET A 43 -31.86 -8.22 -16.46
N LYS A 44 -33.00 -7.66 -16.08
CA LYS A 44 -33.27 -6.25 -16.26
C LYS A 44 -32.60 -5.42 -15.16
N LEU A 45 -32.59 -4.11 -15.37
CA LEU A 45 -31.94 -3.19 -14.45
C LEU A 45 -32.87 -2.02 -14.15
N VAL A 46 -32.62 -1.38 -13.01
CA VAL A 46 -33.31 -0.15 -12.62
C VAL A 46 -32.30 0.99 -12.69
N ASN A 47 -32.67 2.08 -13.35
CA ASN A 47 -31.77 3.20 -13.46
C ASN A 47 -31.46 3.76 -12.08
N PRO A 48 -30.24 4.26 -11.85
CA PRO A 48 -29.91 4.80 -10.52
C PRO A 48 -30.79 5.96 -10.11
N ALA A 49 -31.35 6.70 -11.07
CA ALA A 49 -32.25 7.79 -10.73
C ALA A 49 -33.59 7.28 -10.21
N ASN A 50 -34.06 6.15 -10.74
CA ASN A 50 -35.37 5.63 -10.38
C ASN A 50 -35.35 4.82 -9.09
N ARG A 51 -34.18 4.44 -8.60
CA ARG A 51 -34.10 3.58 -7.42
C ARG A 51 -34.74 4.22 -6.20
N ARG A 52 -34.78 5.56 -6.14
CA ARG A 52 -35.37 6.23 -5.00
C ARG A 52 -36.90 6.16 -5.00
N LYS A 53 -37.51 5.66 -6.05
CA LYS A 53 -38.97 5.57 -6.11
C LYS A 53 -39.50 4.24 -5.58
N TYR A 54 -38.63 3.32 -5.19
CA TYR A 54 -39.03 2.00 -4.74
C TYR A 54 -38.73 1.83 -3.26
N THR A 55 -39.63 1.17 -2.55
CA THR A 55 -39.47 0.87 -1.13
C THR A 55 -39.37 -0.63 -0.95
N ILE A 56 -38.35 -1.07 -0.19
CA ILE A 56 -38.09 -2.48 0.05
C ILE A 56 -38.13 -2.72 1.56
N ILE A 57 -38.90 -3.72 1.98
CA ILE A 57 -38.97 -4.11 3.38
C ILE A 57 -38.05 -5.30 3.58
N VAL A 58 -37.17 -5.22 4.58
CA VAL A 58 -36.27 -6.31 4.94
C VAL A 58 -36.56 -6.71 6.36
N VAL A 59 -37.03 -7.94 6.57
CA VAL A 59 -37.38 -8.44 7.88
C VAL A 59 -36.24 -9.34 8.35
N GLY A 60 -35.42 -8.83 9.26
CA GLY A 60 -34.31 -9.60 9.75
C GLY A 60 -33.01 -8.83 9.62
N SER A 61 -32.12 -8.98 10.60
CA SER A 61 -30.87 -8.23 10.59
C SER A 61 -29.71 -9.11 10.98
N GLY A 62 -29.71 -10.37 10.53
CA GLY A 62 -28.58 -11.24 10.69
C GLY A 62 -27.48 -10.89 9.70
N LEU A 63 -26.64 -11.87 9.39
CA LEU A 63 -25.65 -11.65 8.34
C LEU A 63 -26.33 -11.37 7.01
N ALA A 64 -27.27 -12.23 6.62
CA ALA A 64 -27.99 -12.03 5.37
C ALA A 64 -28.80 -10.75 5.40
N GLY A 65 -29.57 -10.54 6.47
CA GLY A 65 -30.44 -9.37 6.52
C GLY A 65 -29.67 -8.07 6.54
N ALA A 66 -28.65 -7.97 7.38
CA ALA A 66 -27.87 -6.74 7.46
C ALA A 66 -27.10 -6.50 6.17
N SER A 67 -26.51 -7.54 5.59
CA SER A 67 -25.79 -7.35 4.33
C SER A 67 -26.73 -6.90 3.23
N ALA A 68 -27.92 -7.50 3.14
CA ALA A 68 -28.87 -7.11 2.11
C ALA A 68 -29.34 -5.68 2.31
N ALA A 69 -29.66 -5.30 3.55
CA ALA A 69 -30.12 -3.95 3.81
C ALA A 69 -29.05 -2.93 3.49
N ALA A 70 -27.80 -3.20 3.89
CA ALA A 70 -26.72 -2.27 3.59
C ALA A 70 -26.49 -2.12 2.10
N THR A 71 -26.51 -3.23 1.36
CA THR A 71 -26.24 -3.15 -0.07
C THR A 71 -27.39 -2.45 -0.80
N LEU A 72 -28.63 -2.74 -0.42
CA LEU A 72 -29.76 -2.09 -1.07
C LEU A 72 -29.86 -0.62 -0.69
N GLY A 73 -29.40 -0.25 0.50
CA GLY A 73 -29.30 1.16 0.83
C GLY A 73 -28.22 1.86 0.03
N GLU A 74 -27.08 1.21 -0.16
CA GLU A 74 -26.03 1.78 -0.99
C GLU A 74 -26.51 1.97 -2.43
N ALA A 75 -27.34 1.05 -2.92
CA ALA A 75 -27.87 1.20 -4.27
C ALA A 75 -28.74 2.45 -4.39
N GLY A 76 -29.61 2.70 -3.41
CA GLY A 76 -30.43 3.89 -3.42
C GLY A 76 -31.87 3.67 -3.02
N TYR A 77 -32.29 2.41 -2.91
CA TYR A 77 -33.67 2.12 -2.57
C TYR A 77 -33.98 2.54 -1.13
N ASN A 78 -35.27 2.74 -0.86
CA ASN A 78 -35.73 3.01 0.50
C ASN A 78 -35.91 1.69 1.23
N VAL A 79 -35.08 1.44 2.23
CA VAL A 79 -35.04 0.16 2.92
C VAL A 79 -35.62 0.33 4.32
N LEU A 80 -36.46 -0.63 4.73
CA LEU A 80 -37.11 -0.66 6.03
C LEU A 80 -36.71 -1.95 6.73
N CYS A 81 -35.69 -1.89 7.59
CA CYS A 81 -35.16 -3.07 8.23
C CYS A 81 -35.80 -3.29 9.60
N PHE A 82 -35.99 -4.56 9.96
CA PHE A 82 -36.67 -4.93 11.20
C PHE A 82 -35.88 -6.02 11.92
N CYS A 83 -36.02 -6.04 13.25
CA CYS A 83 -35.45 -7.07 14.09
C CYS A 83 -36.16 -7.06 15.43
N TYR A 84 -36.26 -8.22 16.07
CA TYR A 84 -36.98 -8.32 17.33
C TYR A 84 -36.08 -8.10 18.55
N GLN A 85 -34.79 -7.90 18.35
CA GLN A 85 -33.89 -7.70 19.47
C GLN A 85 -33.73 -6.21 19.77
N ASP A 86 -32.90 -5.90 20.76
CA ASP A 86 -32.65 -4.52 21.14
C ASP A 86 -31.98 -3.74 20.01
N SER A 87 -31.00 -4.36 19.36
CA SER A 87 -30.16 -3.73 18.35
C SER A 87 -30.00 -4.69 17.19
N PRO A 88 -29.71 -4.17 15.99
CA PRO A 88 -29.49 -5.06 14.84
C PRO A 88 -28.31 -6.00 15.01
N ARG A 89 -27.43 -5.75 15.97
CA ARG A 89 -26.21 -6.53 16.15
C ARG A 89 -26.40 -7.71 17.11
N ARG A 90 -27.63 -7.96 17.55
CA ARG A 90 -27.96 -9.14 18.33
C ARG A 90 -28.63 -10.15 17.39
N ALA A 91 -27.92 -11.21 17.03
CA ALA A 91 -28.50 -12.23 16.16
C ALA A 91 -27.56 -13.42 16.10
N HIS A 92 -28.12 -14.62 16.02
CA HIS A 92 -27.27 -15.80 16.06
C HIS A 92 -26.32 -15.93 14.88
N SER A 93 -26.24 -14.91 14.03
CA SER A 93 -25.05 -14.77 13.20
C SER A 93 -23.86 -14.38 14.07
N ILE A 94 -24.10 -13.75 15.22
CA ILE A 94 -23.01 -13.26 16.05
C ILE A 94 -22.33 -14.41 16.79
N ALA A 95 -23.05 -15.51 17.00
CA ALA A 95 -22.55 -16.56 17.88
C ALA A 95 -21.63 -17.54 17.18
N ALA A 96 -21.58 -17.53 15.84
CA ALA A 96 -20.82 -18.53 15.10
C ALA A 96 -19.34 -18.48 15.46
N GLN A 97 -18.76 -19.64 15.75
CA GLN A 97 -17.36 -19.73 16.18
C GLN A 97 -16.42 -20.09 15.03
N GLY A 98 -16.81 -21.04 14.18
CA GLY A 98 -15.95 -21.47 13.10
C GLY A 98 -15.70 -20.36 12.09
N GLY A 99 -14.78 -20.64 11.17
CA GLY A 99 -14.40 -19.68 10.16
C GLY A 99 -15.39 -19.62 9.02
N ILE A 100 -14.93 -19.06 7.90
CA ILE A 100 -15.75 -18.91 6.70
C ILE A 100 -14.93 -19.37 5.50
N ASN A 101 -15.53 -20.16 4.63
CA ASN A 101 -14.84 -20.78 3.51
C ASN A 101 -14.77 -19.84 2.31
N ALA A 102 -13.76 -20.06 1.48
CA ALA A 102 -13.62 -19.36 0.21
C ALA A 102 -12.67 -20.15 -0.68
N ALA A 103 -12.85 -20.03 -1.99
CA ALA A 103 -12.00 -20.71 -2.95
C ALA A 103 -10.84 -19.82 -3.41
N LYS A 104 -10.09 -19.28 -2.44
CA LYS A 104 -8.97 -18.41 -2.79
C LYS A 104 -7.74 -19.19 -3.21
N ASN A 105 -7.57 -20.41 -2.69
CA ASN A 105 -6.37 -21.22 -2.91
C ASN A 105 -5.12 -20.48 -2.48
N TYR A 106 -5.17 -19.87 -1.30
CA TYR A 106 -4.01 -19.16 -0.77
C TYR A 106 -2.95 -20.10 -0.21
N ARG A 107 -3.30 -21.34 0.12
CA ARG A 107 -2.37 -22.27 0.71
C ARG A 107 -1.76 -23.21 -0.31
N ASN A 108 -2.09 -23.08 -1.59
CA ASN A 108 -1.49 -23.88 -2.66
C ASN A 108 -1.68 -25.37 -2.41
N ASP A 109 -2.86 -25.76 -1.96
CA ASP A 109 -3.14 -27.15 -1.62
C ASP A 109 -4.05 -27.84 -2.62
N GLY A 110 -4.54 -27.14 -3.62
CA GLY A 110 -5.42 -27.73 -4.61
C GLY A 110 -6.87 -27.29 -4.56
N ASP A 111 -7.20 -26.26 -3.80
CA ASP A 111 -8.57 -25.76 -3.76
C ASP A 111 -8.85 -24.91 -4.99
N SER A 112 -10.13 -24.87 -5.37
CA SER A 112 -10.57 -24.07 -6.50
C SER A 112 -12.08 -23.89 -6.39
N ILE A 113 -12.64 -23.10 -7.30
CA ILE A 113 -14.09 -22.90 -7.33
C ILE A 113 -14.79 -24.22 -7.65
N TYR A 114 -14.28 -24.96 -8.65
CA TYR A 114 -14.90 -26.23 -8.99
C TYR A 114 -14.76 -27.24 -7.86
N ARG A 115 -13.61 -27.25 -7.17
CA ARG A 115 -13.45 -28.16 -6.04
C ARG A 115 -14.45 -27.85 -4.93
N LEU A 116 -14.63 -26.57 -4.63
CA LEU A 116 -15.60 -26.18 -3.61
C LEU A 116 -17.02 -26.53 -4.03
N PHE A 117 -17.35 -26.32 -5.31
CA PHE A 117 -18.67 -26.67 -5.81
C PHE A 117 -18.92 -28.17 -5.69
N TYR A 118 -17.93 -28.98 -6.07
CA TYR A 118 -18.05 -30.43 -5.96
C TYR A 118 -18.19 -30.85 -4.50
N ASP A 119 -17.40 -30.25 -3.61
CA ASP A 119 -17.48 -30.59 -2.19
C ASP A 119 -18.85 -30.26 -1.61
N THR A 120 -19.40 -29.10 -1.95
CA THR A 120 -20.68 -28.70 -1.39
C THR A 120 -21.82 -29.53 -1.97
N VAL A 121 -21.73 -29.91 -3.24
CA VAL A 121 -22.82 -30.70 -3.83
C VAL A 121 -22.72 -32.17 -3.43
N LYS A 122 -21.54 -32.68 -3.08
CA LYS A 122 -21.43 -34.05 -2.61
C LYS A 122 -21.70 -34.16 -1.12
N GLY A 123 -21.34 -33.14 -0.35
CA GLY A 123 -21.63 -33.14 1.08
C GLY A 123 -23.10 -33.02 1.39
N GLY A 124 -23.89 -32.48 0.46
CA GLY A 124 -25.32 -32.41 0.60
C GLY A 124 -26.05 -33.66 0.20
N ASP A 125 -25.32 -34.71 -0.16
CA ASP A 125 -25.89 -36.00 -0.53
C ASP A 125 -26.80 -35.89 -1.76
N PHE A 126 -26.44 -34.99 -2.68
CA PHE A 126 -27.11 -34.85 -3.97
C PHE A 126 -28.61 -34.56 -3.79
N ARG A 127 -28.88 -33.44 -3.13
CA ARG A 127 -30.26 -33.02 -2.90
C ARG A 127 -30.43 -31.52 -3.10
N ALA A 128 -29.59 -30.92 -3.94
CA ALA A 128 -29.65 -29.49 -4.19
C ALA A 128 -29.34 -29.22 -5.66
N ARG A 129 -29.77 -28.05 -6.13
CA ARG A 129 -29.52 -27.65 -7.50
C ARG A 129 -28.04 -27.30 -7.68
N GLU A 130 -27.50 -27.64 -8.85
CA GLU A 130 -26.08 -27.42 -9.09
C GLU A 130 -25.76 -25.94 -9.32
N SER A 131 -26.66 -25.22 -9.98
CA SER A 131 -26.40 -23.83 -10.33
C SER A 131 -26.23 -22.96 -9.09
N ASN A 132 -27.09 -23.16 -8.09
CA ASN A 132 -26.99 -22.38 -6.86
C ASN A 132 -25.67 -22.63 -6.16
N VAL A 133 -25.28 -23.91 -6.06
CA VAL A 133 -24.03 -24.26 -5.39
C VAL A 133 -22.84 -23.66 -6.11
N TYR A 134 -22.84 -23.72 -7.44
CA TYR A 134 -21.73 -23.13 -8.18
C TYR A 134 -21.69 -21.62 -8.00
N ARG A 135 -22.87 -20.97 -7.98
CA ARG A 135 -22.88 -19.52 -7.79
C ARG A 135 -22.32 -19.14 -6.43
N LEU A 136 -22.68 -19.90 -5.39
CA LEU A 136 -22.15 -19.64 -4.06
C LEU A 136 -20.62 -19.81 -4.04
N ALA A 137 -20.14 -20.91 -4.61
CA ALA A 137 -18.70 -21.15 -4.63
C ALA A 137 -17.96 -20.12 -5.45
N GLN A 138 -18.63 -19.56 -6.46
CA GLN A 138 -18.01 -18.55 -7.31
C GLN A 138 -17.96 -17.18 -6.65
N VAL A 139 -18.94 -16.84 -5.81
CA VAL A 139 -18.94 -15.53 -5.16
C VAL A 139 -18.29 -15.54 -3.77
N SER A 140 -17.88 -16.71 -3.27
CA SER A 140 -17.20 -16.76 -1.98
C SER A 140 -15.95 -15.88 -1.96
N VAL A 141 -15.21 -15.84 -3.07
CA VAL A 141 -13.98 -15.06 -3.11
C VAL A 141 -14.27 -13.57 -2.93
N ASN A 142 -15.30 -13.07 -3.61
CA ASN A 142 -15.71 -11.69 -3.43
C ASN A 142 -16.19 -11.44 -2.01
N ILE A 143 -16.85 -12.43 -1.40
CA ILE A 143 -17.26 -12.28 0.00
C ILE A 143 -16.05 -12.00 0.88
N ILE A 144 -14.99 -12.79 0.71
CA ILE A 144 -13.81 -12.61 1.56
C ILE A 144 -13.15 -11.26 1.28
N ASP A 145 -13.06 -10.88 0.00
CA ASP A 145 -12.46 -9.58 -0.32
C ASP A 145 -13.23 -8.44 0.35
N GLN A 146 -14.55 -8.46 0.25
CA GLN A 146 -15.36 -7.42 0.86
C GLN A 146 -15.21 -7.40 2.37
N CYS A 147 -15.20 -8.59 2.99
CA CYS A 147 -15.07 -8.65 4.44
C CYS A 147 -13.73 -8.08 4.90
N VAL A 148 -12.65 -8.39 4.19
CA VAL A 148 -11.35 -7.84 4.56
C VAL A 148 -11.35 -6.33 4.39
N ALA A 149 -11.92 -5.82 3.30
CA ALA A 149 -11.90 -4.39 3.05
C ALA A 149 -12.69 -3.60 4.09
N GLN A 150 -13.61 -4.23 4.81
CA GLN A 150 -14.44 -3.56 5.80
C GLN A 150 -13.78 -3.47 7.16
N GLY A 151 -12.58 -4.01 7.32
CA GLY A 151 -11.89 -3.95 8.59
C GLY A 151 -12.10 -5.14 9.50
N VAL A 152 -12.56 -6.26 8.98
CA VAL A 152 -12.75 -7.46 9.79
C VAL A 152 -11.39 -8.02 10.18
N PRO A 153 -11.11 -8.21 11.47
CA PRO A 153 -9.78 -8.67 11.90
C PRO A 153 -9.55 -10.17 11.73
N PHE A 154 -9.29 -10.59 10.50
CA PHE A 154 -8.95 -11.97 10.25
C PHE A 154 -7.54 -12.26 10.78
N ALA A 155 -7.29 -13.54 11.04
CA ALA A 155 -5.97 -13.94 11.52
C ALA A 155 -4.93 -13.76 10.42
N ARG A 156 -3.78 -13.22 10.79
CA ARG A 156 -2.73 -12.92 9.84
C ARG A 156 -1.46 -13.70 10.18
N GLU A 157 -0.61 -13.87 9.18
CA GLU A 157 0.68 -14.49 9.38
C GLU A 157 1.70 -13.45 9.83
N TYR A 158 2.94 -13.87 10.02
CA TYR A 158 3.96 -12.94 10.48
C TYR A 158 4.34 -11.95 9.38
N GLY A 159 4.18 -12.33 8.12
CA GLY A 159 4.50 -11.44 7.03
C GLY A 159 3.43 -10.45 6.67
N GLY A 160 2.25 -10.55 7.27
CA GLY A 160 1.17 -9.62 7.01
C GLY A 160 0.09 -10.12 6.09
N LEU A 161 0.17 -11.35 5.62
CA LEU A 161 -0.83 -11.90 4.72
C LEU A 161 -1.73 -12.89 5.46
N LEU A 162 -2.88 -13.16 4.87
CA LEU A 162 -3.94 -13.90 5.56
C LEU A 162 -3.53 -15.34 5.84
N ASP A 163 -4.09 -15.89 6.91
CA ASP A 163 -3.79 -17.24 7.36
C ASP A 163 -5.02 -18.13 7.17
N ASN A 164 -4.77 -19.40 6.86
CA ASN A 164 -5.81 -20.37 6.57
C ASN A 164 -5.67 -21.57 7.48
N ARG A 165 -6.78 -22.26 7.72
CA ARG A 165 -6.78 -23.44 8.56
C ARG A 165 -7.79 -24.45 8.02
N SER A 166 -7.57 -25.71 8.36
CA SER A 166 -8.44 -26.79 7.94
C SER A 166 -9.58 -26.96 8.93
N PHE A 167 -10.78 -27.20 8.41
CA PHE A 167 -11.97 -27.29 9.25
C PHE A 167 -12.17 -28.69 9.82
N GLY A 168 -11.12 -29.22 10.46
CA GLY A 168 -11.22 -30.47 11.18
C GLY A 168 -11.65 -31.66 10.37
N GLY A 169 -11.08 -31.84 9.18
CA GLY A 169 -11.40 -32.99 8.37
C GLY A 169 -11.48 -32.70 6.88
N ALA A 170 -11.65 -31.42 6.53
CA ALA A 170 -11.65 -31.05 5.12
C ALA A 170 -10.27 -31.29 4.52
N GLN A 171 -10.26 -31.66 3.24
CA GLN A 171 -9.01 -32.02 2.58
C GLN A 171 -8.19 -30.82 2.15
N VAL A 172 -8.71 -29.61 2.30
CA VAL A 172 -7.98 -28.40 1.97
C VAL A 172 -8.18 -27.38 3.09
N ALA A 173 -7.21 -26.48 3.21
CA ALA A 173 -7.26 -25.40 4.20
C ALA A 173 -7.77 -24.15 3.49
N ARG A 174 -9.10 -23.97 3.53
CA ARG A 174 -9.75 -22.88 2.81
C ARG A 174 -10.56 -21.98 3.73
N THR A 175 -10.24 -21.94 5.02
CA THR A 175 -11.06 -21.26 6.01
C THR A 175 -10.33 -20.03 6.55
N PHE A 176 -11.01 -18.89 6.51
CA PHE A 176 -10.54 -17.66 7.12
C PHE A 176 -11.28 -17.43 8.42
N TYR A 177 -10.57 -16.95 9.43
CA TYR A 177 -11.13 -16.93 10.77
C TYR A 177 -10.58 -15.76 11.58
N ALA A 178 -11.42 -15.23 12.47
CA ALA A 178 -10.93 -14.53 13.64
C ALA A 178 -10.54 -15.55 14.69
N ARG A 179 -10.02 -15.10 15.83
CA ARG A 179 -9.44 -16.04 16.78
C ARG A 179 -10.45 -17.12 17.19
N GLY A 180 -11.63 -16.71 17.65
CA GLY A 180 -12.66 -17.67 17.97
C GLY A 180 -14.06 -17.15 17.73
N GLN A 181 -14.17 -15.97 17.13
CA GLN A 181 -15.43 -15.26 16.97
C GLN A 181 -15.56 -14.70 15.55
N THR A 182 -15.37 -15.56 14.55
CA THR A 182 -15.47 -15.12 13.16
C THR A 182 -16.87 -14.59 12.86
N GLY A 183 -17.90 -15.27 13.34
CA GLY A 183 -19.26 -14.82 13.10
C GLY A 183 -19.52 -13.45 13.68
N GLN A 184 -18.97 -13.17 14.87
CA GLN A 184 -19.15 -11.86 15.47
C GLN A 184 -18.53 -10.77 14.60
N GLN A 185 -17.32 -11.01 14.10
CA GLN A 185 -16.65 -10.00 13.29
C GLN A 185 -17.35 -9.79 11.95
N LEU A 186 -17.84 -10.86 11.33
CA LEU A 186 -18.58 -10.71 10.09
C LEU A 186 -19.87 -9.91 10.31
N LEU A 187 -20.61 -10.24 11.37
CA LEU A 187 -21.83 -9.50 11.64
C LEU A 187 -21.52 -8.07 12.04
N LEU A 188 -20.38 -7.82 12.70
CA LEU A 188 -20.05 -6.45 13.05
C LEU A 188 -19.68 -5.62 11.83
N GLY A 189 -19.01 -6.24 10.85
CA GLY A 189 -18.78 -5.54 9.59
C GLY A 189 -20.07 -5.21 8.87
N ALA A 190 -20.97 -6.19 8.79
CA ALA A 190 -22.26 -5.93 8.16
C ALA A 190 -23.05 -4.87 8.91
N TYR A 191 -23.00 -4.90 10.24
CA TYR A 191 -23.71 -3.94 11.07
C TYR A 191 -23.13 -2.55 10.96
N GLN A 192 -21.81 -2.45 10.79
CA GLN A 192 -21.20 -1.14 10.56
C GLN A 192 -21.61 -0.58 9.20
N ALA A 193 -21.67 -1.41 8.17
CA ALA A 193 -22.16 -0.95 6.88
C ALA A 193 -23.62 -0.50 6.98
N LEU A 194 -24.44 -1.27 7.69
CA LEU A 194 -25.84 -0.89 7.88
C LEU A 194 -25.96 0.41 8.66
N SER A 195 -25.12 0.60 9.67
CA SER A 195 -25.13 1.85 10.43
C SER A 195 -24.72 3.03 9.56
N ARG A 196 -23.74 2.83 8.70
CA ARG A 196 -23.35 3.89 7.77
C ARG A 196 -24.51 4.25 6.85
N GLN A 197 -25.26 3.26 6.39
CA GLN A 197 -26.42 3.57 5.56
C GLN A 197 -27.52 4.26 6.36
N ILE A 198 -27.71 3.86 7.62
CA ILE A 198 -28.71 4.50 8.47
C ILE A 198 -28.38 5.97 8.67
N ALA A 199 -27.10 6.27 8.90
CA ALA A 199 -26.70 7.66 9.07
C ALA A 199 -26.93 8.47 7.80
N ALA A 200 -26.86 7.83 6.63
CA ALA A 200 -27.09 8.52 5.37
C ALA A 200 -28.57 8.77 5.09
N GLY A 201 -29.46 8.23 5.91
CA GLY A 201 -30.89 8.43 5.72
C GLY A 201 -31.54 7.49 4.74
N THR A 202 -30.81 6.51 4.23
CA THR A 202 -31.36 5.59 3.23
C THR A 202 -32.11 4.43 3.86
N VAL A 203 -31.62 3.91 4.98
CA VAL A 203 -32.20 2.76 5.65
C VAL A 203 -32.85 3.24 6.94
N LYS A 204 -34.08 2.81 7.19
CA LYS A 204 -34.76 3.05 8.45
C LYS A 204 -34.83 1.76 9.23
N MET A 205 -34.27 1.76 10.44
CA MET A 205 -34.19 0.59 11.28
C MET A 205 -35.25 0.63 12.36
N PHE A 206 -35.94 -0.49 12.56
CA PHE A 206 -37.02 -0.59 13.54
C PHE A 206 -36.73 -1.77 14.46
N PRO A 207 -35.85 -1.60 15.43
CA PRO A 207 -35.57 -2.68 16.38
C PRO A 207 -36.71 -2.85 17.37
N ARG A 208 -36.69 -3.99 18.05
CA ARG A 208 -37.67 -4.33 19.08
C ARG A 208 -39.10 -4.35 18.54
N THR A 209 -39.25 -4.73 17.27
CA THR A 209 -40.57 -5.02 16.71
C THR A 209 -40.46 -6.27 15.86
N GLU A 210 -41.50 -7.10 15.91
CA GLU A 210 -41.49 -8.37 15.21
C GLU A 210 -42.64 -8.42 14.22
N MET A 211 -42.34 -8.83 12.99
CA MET A 211 -43.37 -8.98 11.98
C MET A 211 -44.30 -10.11 12.36
N LEU A 212 -45.60 -9.83 12.37
CA LEU A 212 -46.59 -10.82 12.74
C LEU A 212 -47.41 -11.32 11.57
N ASP A 213 -47.44 -10.60 10.45
CA ASP A 213 -48.19 -11.10 9.32
C ASP A 213 -47.66 -10.49 8.03
N LEU A 214 -47.96 -11.15 6.91
CA LEU A 214 -47.60 -10.69 5.58
C LEU A 214 -48.85 -10.35 4.78
N VAL A 215 -48.84 -9.22 4.10
CA VAL A 215 -49.98 -8.73 3.34
C VAL A 215 -49.64 -8.82 1.86
N VAL A 216 -50.46 -9.59 1.13
CA VAL A 216 -50.31 -9.78 -0.30
C VAL A 216 -51.45 -9.05 -1.00
N VAL A 217 -51.10 -8.20 -1.96
CA VAL A 217 -52.09 -7.42 -2.70
C VAL A 217 -52.03 -7.85 -4.16
N ASP A 218 -53.14 -8.42 -4.64
CA ASP A 218 -53.25 -8.89 -6.03
C ASP A 218 -52.13 -9.88 -6.38
N GLY A 219 -51.84 -10.79 -5.45
CA GLY A 219 -50.87 -11.83 -5.70
C GLY A 219 -49.42 -11.44 -5.52
N ARG A 220 -49.14 -10.25 -5.02
CA ARG A 220 -47.78 -9.82 -4.73
C ARG A 220 -47.67 -9.45 -3.27
N ALA A 221 -46.57 -9.87 -2.64
CA ALA A 221 -46.31 -9.52 -1.25
C ALA A 221 -46.04 -8.03 -1.19
N ARG A 222 -47.02 -7.26 -0.69
CA ARG A 222 -46.93 -5.81 -0.72
C ARG A 222 -46.76 -5.17 0.64
N GLY A 223 -46.74 -5.93 1.73
CA GLY A 223 -46.49 -5.28 3.01
C GLY A 223 -46.45 -6.26 4.15
N ILE A 224 -46.25 -5.71 5.35
CA ILE A 224 -46.22 -6.51 6.57
C ILE A 224 -47.00 -5.81 7.67
N ILE A 225 -47.43 -6.61 8.64
CA ILE A 225 -48.08 -6.14 9.85
C ILE A 225 -47.18 -6.54 11.02
N THR A 226 -46.73 -5.54 11.78
CA THR A 226 -45.78 -5.74 12.86
C THR A 226 -46.38 -5.30 14.18
N ARG A 227 -45.85 -5.85 15.27
CA ARG A 227 -46.19 -5.43 16.63
C ARG A 227 -44.93 -4.93 17.30
N ASP A 228 -44.99 -3.71 17.84
CA ASP A 228 -43.88 -3.15 18.60
C ASP A 228 -43.91 -3.72 20.01
N MET A 229 -42.90 -4.52 20.35
CA MET A 229 -42.95 -5.31 21.57
C MET A 229 -42.77 -4.48 22.83
N VAL A 230 -42.39 -3.21 22.72
CA VAL A 230 -42.26 -2.37 23.90
C VAL A 230 -43.60 -1.76 24.28
N THR A 231 -44.28 -1.13 23.32
CA THR A 231 -45.53 -0.45 23.60
C THR A 231 -46.77 -1.23 23.16
N GLY A 232 -46.59 -2.33 22.43
CA GLY A 232 -47.72 -3.10 21.96
C GLY A 232 -48.41 -2.54 20.74
N LYS A 233 -47.84 -1.53 20.11
CA LYS A 233 -48.47 -0.91 18.94
C LYS A 233 -48.45 -1.85 17.75
N ILE A 234 -49.56 -1.91 17.02
CA ILE A 234 -49.68 -2.69 15.81
C ILE A 234 -49.58 -1.72 14.64
N THR A 235 -48.61 -1.95 13.76
CA THR A 235 -48.33 -1.03 12.68
C THR A 235 -48.35 -1.76 11.34
N ARG A 236 -48.74 -1.03 10.30
CA ARG A 236 -48.86 -1.56 8.95
C ARG A 236 -47.84 -0.88 8.05
N TYR A 237 -47.00 -1.67 7.39
CA TYR A 237 -46.02 -1.13 6.46
C TYR A 237 -46.28 -1.68 5.07
N ALA A 238 -46.06 -0.85 4.06
CA ALA A 238 -46.28 -1.21 2.67
C ALA A 238 -45.02 -0.94 1.86
N ALA A 239 -44.72 -1.84 0.94
CA ALA A 239 -43.53 -1.75 0.12
C ALA A 239 -43.72 -2.54 -1.16
N ASP A 240 -42.83 -2.31 -2.12
CA ASP A 240 -42.90 -3.02 -3.38
C ASP A 240 -42.42 -4.45 -3.25
N ALA A 241 -41.34 -4.67 -2.51
CA ALA A 241 -40.75 -6.00 -2.34
C ALA A 241 -40.47 -6.25 -0.87
N VAL A 242 -40.59 -7.51 -0.48
CA VAL A 242 -40.38 -7.95 0.89
C VAL A 242 -39.33 -9.04 0.90
N VAL A 243 -38.33 -8.91 1.77
CA VAL A 243 -37.24 -9.85 1.91
C VAL A 243 -37.31 -10.44 3.30
N LEU A 244 -37.23 -11.77 3.39
CA LEU A 244 -37.30 -12.48 4.66
C LEU A 244 -35.93 -13.07 4.97
N ALA A 245 -35.37 -12.68 6.11
CA ALA A 245 -34.07 -13.16 6.55
C ALA A 245 -34.11 -13.52 8.02
N THR A 246 -35.13 -14.29 8.40
CA THR A 246 -35.46 -14.51 9.80
C THR A 246 -34.79 -15.74 10.41
N GLY A 247 -33.84 -16.35 9.73
CA GLY A 247 -33.08 -17.43 10.32
C GLY A 247 -33.84 -18.73 10.39
N GLY A 248 -33.19 -19.73 10.98
CA GLY A 248 -33.70 -21.07 10.98
C GLY A 248 -34.74 -21.32 12.04
N TYR A 249 -35.39 -22.49 11.93
CA TYR A 249 -36.46 -22.89 12.82
C TYR A 249 -36.07 -24.08 13.68
N GLY A 250 -34.76 -24.27 13.90
CA GLY A 250 -34.29 -25.38 14.71
C GLY A 250 -34.77 -25.36 16.13
N ASN A 251 -35.42 -24.27 16.56
CA ASN A 251 -35.93 -24.14 17.90
C ASN A 251 -37.28 -24.82 18.08
N VAL A 252 -37.82 -25.46 17.05
CA VAL A 252 -39.08 -26.19 17.20
C VAL A 252 -38.92 -27.32 18.21
N PHE A 253 -37.79 -28.00 18.19
CA PHE A 253 -37.39 -28.80 19.34
C PHE A 253 -37.07 -27.85 20.49
N TYR A 254 -37.55 -28.19 21.68
CA TYR A 254 -37.38 -27.29 22.81
C TYR A 254 -35.91 -27.09 23.15
N LEU A 255 -35.12 -28.16 23.11
CA LEU A 255 -33.69 -28.09 23.39
C LEU A 255 -32.94 -27.95 22.08
N SER A 256 -32.20 -26.86 21.93
CA SER A 256 -31.43 -26.61 20.72
C SER A 256 -30.34 -25.62 21.04
N THR A 257 -29.40 -25.49 20.12
CA THR A 257 -28.30 -24.54 20.27
C THR A 257 -28.64 -23.17 19.70
N ASN A 258 -29.87 -22.97 19.23
CA ASN A 258 -30.27 -21.65 18.74
C ASN A 258 -30.60 -20.72 19.89
N ALA A 259 -30.75 -19.44 19.55
CA ALA A 259 -30.98 -18.42 20.56
C ALA A 259 -32.36 -18.56 21.16
N LYS A 260 -32.56 -17.92 22.31
CA LYS A 260 -33.81 -18.08 23.02
C LYS A 260 -34.98 -17.48 22.27
N GLY A 261 -34.74 -16.55 21.35
CA GLY A 261 -35.78 -15.92 20.58
C GLY A 261 -35.97 -16.40 19.17
N CYS A 262 -35.09 -17.27 18.67
CA CYS A 262 -35.23 -17.76 17.30
C CYS A 262 -36.55 -18.50 17.13
N ASN A 263 -37.21 -18.27 16.00
CA ASN A 263 -38.54 -18.81 15.80
C ASN A 263 -38.80 -18.94 14.31
N ALA A 264 -40.02 -19.38 13.98
CA ALA A 264 -40.47 -19.59 12.61
C ALA A 264 -41.80 -18.92 12.38
N THR A 265 -42.04 -17.78 13.02
CA THR A 265 -43.30 -17.07 12.83
C THR A 265 -43.40 -16.48 11.44
N ALA A 266 -42.34 -15.78 11.00
CA ALA A 266 -42.40 -15.09 9.72
C ALA A 266 -42.57 -16.05 8.55
N ILE A 267 -41.73 -17.10 8.51
CA ILE A 267 -41.81 -18.04 7.40
C ILE A 267 -43.13 -18.81 7.44
N TRP A 268 -43.64 -19.12 8.62
CA TRP A 268 -44.92 -19.84 8.67
C TRP A 268 -46.06 -18.96 8.20
N ARG A 269 -46.04 -17.66 8.57
CA ARG A 269 -47.07 -16.76 8.09
C ARG A 269 -47.00 -16.61 6.57
N ALA A 270 -45.78 -16.50 6.04
CA ALA A 270 -45.63 -16.42 4.58
C ALA A 270 -46.11 -17.70 3.91
N HIS A 271 -45.80 -18.86 4.50
CA HIS A 271 -46.24 -20.13 3.94
C HIS A 271 -47.76 -20.23 3.95
N ARG A 272 -48.38 -19.81 5.04
CA ARG A 272 -49.83 -19.76 5.10
C ARG A 272 -50.39 -18.79 4.06
N ARG A 273 -49.65 -17.74 3.73
CA ARG A 273 -50.11 -16.80 2.71
C ARG A 273 -49.97 -17.37 1.30
N GLY A 274 -49.17 -18.41 1.11
CA GLY A 274 -49.05 -19.01 -0.20
C GLY A 274 -47.66 -19.49 -0.57
N ALA A 275 -46.66 -19.18 0.24
CA ALA A 275 -45.31 -19.66 -0.03
C ALA A 275 -45.23 -21.17 0.18
N PHE A 276 -44.29 -21.80 -0.53
CA PHE A 276 -44.14 -23.24 -0.50
C PHE A 276 -42.96 -23.62 0.39
N PHE A 277 -43.18 -24.56 1.29
CA PHE A 277 -42.17 -24.98 2.25
C PHE A 277 -41.33 -26.09 1.63
N GLY A 278 -40.03 -25.87 1.49
CA GLY A 278 -39.17 -26.82 0.82
C GLY A 278 -38.38 -27.70 1.75
N ASN A 279 -38.75 -28.98 1.80
CA ASN A 279 -38.11 -29.99 2.64
C ASN A 279 -38.04 -29.54 4.09
N PRO A 280 -39.16 -29.36 4.78
CA PRO A 280 -39.10 -28.91 6.18
C PRO A 280 -38.44 -29.90 7.11
N CYS A 281 -38.32 -31.17 6.73
CA CYS A 281 -37.79 -32.17 7.63
C CYS A 281 -36.27 -32.21 7.67
N PHE A 282 -35.58 -31.44 6.83
CA PHE A 282 -34.13 -31.48 6.75
C PHE A 282 -33.54 -30.68 7.91
N THR A 283 -32.99 -31.38 8.89
CA THR A 283 -32.37 -30.76 10.06
C THR A 283 -30.98 -31.32 10.25
N GLN A 284 -30.12 -30.52 10.87
CA GLN A 284 -28.75 -30.88 11.20
C GLN A 284 -28.54 -30.70 12.70
N ILE A 285 -27.86 -31.65 13.31
CA ILE A 285 -27.61 -31.59 14.74
C ILE A 285 -26.12 -31.37 14.99
N HIS A 286 -25.76 -31.17 16.26
CA HIS A 286 -24.37 -31.02 16.63
C HIS A 286 -24.00 -32.11 17.63
N PRO A 287 -22.88 -32.78 17.43
CA PRO A 287 -22.54 -33.93 18.27
C PRO A 287 -22.25 -33.57 19.72
N THR A 288 -21.38 -32.60 19.94
CA THR A 288 -20.88 -32.26 21.27
C THR A 288 -21.49 -30.94 21.72
N CYS A 289 -22.40 -31.02 22.70
CA CYS A 289 -22.95 -29.85 23.35
C CYS A 289 -23.05 -30.11 24.84
N ILE A 290 -22.96 -29.04 25.62
CA ILE A 290 -23.02 -29.19 27.08
C ILE A 290 -24.42 -29.65 27.47
N PRO A 291 -24.56 -30.72 28.25
CA PRO A 291 -25.90 -31.22 28.59
C PRO A 291 -26.63 -30.28 29.54
N VAL A 292 -27.93 -30.50 29.66
CA VAL A 292 -28.77 -29.65 30.48
C VAL A 292 -28.56 -29.99 31.96
N SER A 293 -28.86 -29.03 32.83
CA SER A 293 -28.68 -29.17 34.26
C SER A 293 -30.01 -29.25 35.01
N GLY A 294 -31.10 -29.51 34.32
CA GLY A 294 -32.39 -29.63 34.97
C GLY A 294 -33.50 -29.29 34.00
N GLU A 295 -34.73 -29.55 34.45
CA GLU A 295 -35.89 -29.35 33.59
C GLU A 295 -36.36 -27.90 33.58
N TYR A 296 -35.42 -26.96 33.47
CA TYR A 296 -35.73 -25.55 33.35
C TYR A 296 -34.92 -24.86 32.26
N GLN A 297 -33.88 -25.50 31.74
CA GLN A 297 -33.00 -24.92 30.75
C GLN A 297 -33.31 -25.48 29.37
N SER A 298 -33.30 -24.61 28.36
CA SER A 298 -33.54 -25.02 26.99
C SER A 298 -32.40 -24.64 26.04
N LYS A 299 -31.32 -24.06 26.53
CA LYS A 299 -30.19 -23.66 25.71
C LYS A 299 -29.01 -24.59 25.99
N LEU A 300 -28.46 -25.18 24.94
CA LEU A 300 -27.28 -26.03 25.04
C LEU A 300 -26.13 -25.34 24.35
N THR A 301 -25.04 -25.12 25.07
CA THR A 301 -23.93 -24.34 24.53
C THR A 301 -23.13 -25.18 23.54
N LEU A 302 -22.89 -24.62 22.37
CA LEU A 302 -22.12 -25.30 21.34
C LEU A 302 -20.65 -25.39 21.73
N MET A 303 -20.08 -26.59 21.65
CA MET A 303 -18.65 -26.76 21.74
C MET A 303 -18.04 -26.79 20.35
N SER A 304 -16.76 -27.12 20.29
CA SER A 304 -16.06 -27.26 19.01
C SER A 304 -16.05 -28.71 18.55
N GLU A 305 -16.15 -28.90 17.24
CA GLU A 305 -16.03 -30.22 16.66
C GLU A 305 -14.62 -30.79 16.75
N SER A 306 -13.62 -29.95 17.04
CA SER A 306 -12.24 -30.41 17.12
C SER A 306 -12.02 -31.38 18.29
N LEU A 307 -12.96 -31.47 19.22
CA LEU A 307 -12.94 -32.54 20.21
C LEU A 307 -13.30 -33.84 19.49
N ARG A 308 -13.42 -34.93 20.24
CA ARG A 308 -13.68 -36.27 19.73
C ARG A 308 -12.51 -36.81 18.93
N ASN A 309 -11.46 -36.02 18.72
CA ASN A 309 -10.26 -36.54 18.08
C ASN A 309 -9.57 -37.55 18.98
N ASP A 310 -9.54 -37.29 20.27
CA ASP A 310 -9.05 -38.30 21.22
C ASP A 310 -10.04 -39.45 21.39
N GLY A 311 -11.30 -39.24 21.04
CA GLY A 311 -12.31 -40.28 21.26
C GLY A 311 -12.55 -40.46 22.74
N ARG A 312 -12.52 -41.72 23.17
CA ARG A 312 -12.74 -42.09 24.58
C ARG A 312 -14.13 -41.68 25.05
N ILE A 313 -15.14 -41.95 24.22
CA ILE A 313 -16.54 -41.81 24.64
C ILE A 313 -16.94 -43.10 25.35
N TRP A 314 -17.42 -42.96 26.59
CA TRP A 314 -17.73 -44.14 27.39
C TRP A 314 -18.85 -43.83 28.36
N VAL A 315 -19.29 -44.87 29.05
CA VAL A 315 -20.37 -44.81 30.02
C VAL A 315 -20.16 -45.96 31.00
N PRO A 316 -20.45 -45.80 32.30
CA PRO A 316 -20.27 -46.92 33.23
C PRO A 316 -21.13 -48.12 32.85
N LYS A 317 -20.57 -49.31 33.00
CA LYS A 317 -21.30 -50.53 32.68
C LYS A 317 -22.51 -50.71 33.60
N LYS A 318 -22.34 -50.45 34.90
CA LYS A 318 -23.46 -50.50 35.82
C LYS A 318 -24.43 -49.36 35.51
N LYS A 319 -25.73 -49.64 35.62
CA LYS A 319 -26.73 -48.62 35.33
C LYS A 319 -26.61 -47.45 36.30
N GLY A 320 -26.46 -47.75 37.60
CA GLY A 320 -26.29 -46.70 38.59
C GLY A 320 -25.03 -46.84 39.41
N ASP A 321 -24.10 -45.92 39.24
CA ASP A 321 -22.85 -45.91 40.01
C ASP A 321 -22.72 -44.57 40.71
N THR A 322 -22.49 -44.61 42.02
CA THR A 322 -22.24 -43.41 42.79
C THR A 322 -20.76 -43.05 42.86
N ARG A 323 -19.88 -43.91 42.35
CA ARG A 323 -18.45 -43.66 42.41
C ARG A 323 -18.07 -42.54 41.45
N ARG A 324 -16.93 -41.91 41.72
CA ARG A 324 -16.45 -40.86 40.86
C ARG A 324 -16.09 -41.42 39.49
N PRO A 325 -16.25 -40.61 38.44
CA PRO A 325 -15.89 -41.10 37.09
C PRO A 325 -14.45 -41.56 36.97
N GLN A 326 -13.52 -40.87 37.63
CA GLN A 326 -12.12 -41.27 37.57
C GLN A 326 -11.81 -42.45 38.48
N ASP A 327 -12.70 -42.79 39.40
CA ASP A 327 -12.53 -43.96 40.24
C ASP A 327 -12.96 -45.25 39.55
N ILE A 328 -13.68 -45.16 38.45
CA ILE A 328 -14.14 -46.37 37.75
C ILE A 328 -12.95 -47.02 37.04
N PRO A 329 -12.70 -48.31 37.27
CA PRO A 329 -11.57 -48.96 36.60
C PRO A 329 -11.83 -49.10 35.11
N GLU A 330 -10.72 -49.33 34.38
CA GLU A 330 -10.81 -49.43 32.93
C GLU A 330 -11.68 -50.60 32.49
N SER A 331 -11.59 -51.72 33.22
CA SER A 331 -12.36 -52.90 32.86
C SER A 331 -13.86 -52.73 33.12
N GLU A 332 -14.25 -51.75 33.94
CA GLU A 332 -15.64 -51.56 34.32
C GLU A 332 -16.33 -50.49 33.50
N ARG A 333 -15.70 -50.00 32.43
CA ARG A 333 -16.26 -48.94 31.61
C ARG A 333 -16.81 -49.51 30.31
N ASP A 334 -18.07 -49.20 30.02
CA ASP A 334 -18.68 -49.59 28.75
C ASP A 334 -18.23 -48.58 27.69
N TYR A 335 -17.09 -48.88 27.07
CA TYR A 335 -16.54 -48.04 26.01
C TYR A 335 -17.28 -48.31 24.71
N TYR A 336 -18.57 -47.99 24.71
CA TYR A 336 -19.34 -48.08 23.48
C TYR A 336 -18.79 -47.10 22.45
N LEU A 337 -19.20 -47.28 21.20
CA LEU A 337 -18.62 -46.67 20.01
C LEU A 337 -17.23 -47.23 19.71
N GLU A 338 -16.74 -48.19 20.49
CA GLU A 338 -15.50 -48.89 20.20
C GLU A 338 -15.73 -50.36 19.91
N GLU A 339 -16.49 -51.07 20.75
CA GLU A 339 -16.90 -52.42 20.39
C GLU A 339 -18.00 -52.42 19.35
N ARG A 340 -18.63 -51.28 19.12
CA ARG A 340 -19.56 -51.08 18.01
C ARG A 340 -18.95 -50.08 17.05
N TYR A 341 -19.05 -50.39 15.75
CA TYR A 341 -18.36 -49.63 14.70
C TYR A 341 -16.86 -49.55 14.99
N PRO A 342 -16.12 -50.66 14.95
CA PRO A 342 -14.68 -50.58 15.21
C PRO A 342 -13.88 -50.24 13.97
N SER A 343 -14.47 -50.45 12.80
CA SER A 343 -13.74 -50.23 11.54
C SER A 343 -13.42 -48.76 11.32
N PHE A 344 -14.32 -47.85 11.73
CA PHE A 344 -14.09 -46.44 11.48
C PHE A 344 -12.89 -45.91 12.26
N GLY A 345 -12.63 -46.46 13.45
CA GLY A 345 -11.55 -45.98 14.28
C GLY A 345 -12.02 -44.96 15.29
N ASN A 346 -13.24 -45.15 15.81
CA ASN A 346 -13.86 -44.28 16.80
C ASN A 346 -14.16 -42.90 16.24
N LEU A 347 -13.67 -42.59 15.04
CA LEU A 347 -14.04 -41.37 14.35
C LEU A 347 -15.24 -41.62 13.44
N VAL A 348 -16.27 -42.18 14.03
CA VAL A 348 -17.51 -42.50 13.32
C VAL A 348 -18.18 -41.18 12.93
N PRO A 349 -19.00 -41.16 11.89
CA PRO A 349 -19.71 -39.92 11.55
C PRO A 349 -20.60 -39.46 12.69
N ARG A 350 -20.78 -38.14 12.78
CA ARG A 350 -21.50 -37.54 13.89
C ARG A 350 -22.93 -38.07 13.99
N ASP A 351 -23.55 -38.39 12.86
CA ASP A 351 -24.90 -38.95 12.88
C ASP A 351 -24.95 -40.24 13.69
N ILE A 352 -24.05 -41.18 13.37
CA ILE A 352 -24.08 -42.48 14.03
C ILE A 352 -23.68 -42.36 15.49
N ALA A 353 -22.65 -41.57 15.78
CA ALA A 353 -22.20 -41.40 17.16
C ALA A 353 -23.30 -40.78 18.01
N SER A 354 -23.96 -39.75 17.49
CA SER A 354 -24.99 -39.07 18.27
C SER A 354 -26.24 -39.93 18.40
N ARG A 355 -26.58 -40.72 17.38
CA ARG A 355 -27.68 -41.67 17.52
C ARG A 355 -27.39 -42.69 18.61
N ALA A 356 -26.16 -43.22 18.63
CA ALA A 356 -25.80 -44.18 19.68
C ALA A 356 -25.85 -43.53 21.05
N ALA A 357 -25.36 -42.29 21.16
CA ALA A 357 -25.38 -41.60 22.45
C ALA A 357 -26.81 -41.37 22.92
N LYS A 358 -27.69 -40.95 22.02
CA LYS A 358 -29.09 -40.74 22.40
C LYS A 358 -29.75 -42.04 22.81
N GLN A 359 -29.44 -43.13 22.11
CA GLN A 359 -30.01 -44.42 22.49
C GLN A 359 -29.51 -44.85 23.87
N VAL A 360 -28.21 -44.66 24.13
CA VAL A 360 -27.67 -45.05 25.42
C VAL A 360 -28.31 -44.23 26.54
N CYS A 361 -28.44 -42.92 26.34
CA CYS A 361 -29.08 -42.09 27.36
C CYS A 361 -30.56 -42.44 27.52
N ASP A 362 -31.21 -42.89 26.45
CA ASP A 362 -32.62 -43.21 26.51
C ASP A 362 -32.87 -44.54 27.23
N GLU A 363 -31.88 -45.44 27.21
CA GLU A 363 -31.99 -46.71 27.92
C GLU A 363 -31.98 -46.55 29.43
N GLY A 364 -31.66 -45.36 29.92
CA GLY A 364 -31.53 -45.13 31.35
C GLY A 364 -30.11 -45.15 31.87
N ARG A 365 -29.11 -45.21 31.00
CA ARG A 365 -27.71 -45.31 31.40
C ARG A 365 -26.97 -43.99 31.18
N GLY A 366 -27.64 -42.87 31.45
CA GLY A 366 -26.99 -41.58 31.38
C GLY A 366 -26.12 -41.30 32.59
N VAL A 367 -25.41 -40.18 32.54
CA VAL A 367 -24.50 -39.79 33.61
C VAL A 367 -24.73 -38.37 34.10
N GLY A 368 -25.62 -37.61 33.48
CA GLY A 368 -25.82 -36.22 33.83
C GLY A 368 -26.72 -36.06 35.05
N PRO A 369 -27.16 -34.83 35.29
CA PRO A 369 -28.09 -34.61 36.41
C PRO A 369 -29.41 -35.35 36.26
N GLY A 370 -30.11 -35.12 35.16
CA GLY A 370 -31.34 -35.82 34.87
C GLY A 370 -31.17 -37.13 34.15
N GLY A 371 -29.94 -37.58 33.96
CA GLY A 371 -29.68 -38.80 33.21
C GLY A 371 -29.44 -38.61 31.74
N LEU A 372 -29.18 -37.39 31.29
CA LEU A 372 -28.95 -37.09 29.88
C LEU A 372 -27.51 -36.61 29.72
N GLY A 373 -26.69 -37.42 29.07
CA GLY A 373 -25.31 -37.07 28.83
C GLY A 373 -24.44 -38.32 28.83
N VAL A 374 -23.31 -38.24 28.11
CA VAL A 374 -22.34 -39.31 28.04
C VAL A 374 -20.97 -38.73 28.33
N TYR A 375 -20.06 -39.61 28.76
CA TYR A 375 -18.73 -39.19 29.16
C TYR A 375 -17.81 -39.12 27.96
N LEU A 376 -17.09 -38.00 27.84
CA LEU A 376 -16.03 -37.81 26.86
C LEU A 376 -14.74 -37.66 27.66
N ASP A 377 -13.96 -38.73 27.74
CA ASP A 377 -12.78 -38.76 28.57
C ASP A 377 -11.57 -38.23 27.83
N PHE A 378 -10.72 -37.51 28.55
CA PHE A 378 -9.49 -36.98 27.99
C PHE A 378 -8.24 -37.46 28.72
N ALA A 379 -8.39 -38.34 29.72
CA ALA A 379 -7.26 -38.74 30.54
C ALA A 379 -6.20 -39.47 29.72
N ASP A 380 -6.62 -40.39 28.84
CA ASP A 380 -5.66 -41.11 28.02
C ASP A 380 -4.96 -40.19 27.05
N ALA A 381 -5.68 -39.21 26.51
CA ALA A 381 -5.03 -38.21 25.65
C ALA A 381 -4.02 -37.38 26.44
N ILE A 382 -4.35 -37.05 27.69
CA ILE A 382 -3.41 -36.30 28.52
C ILE A 382 -2.15 -37.11 28.77
N LYS A 383 -2.30 -38.39 29.08
CA LYS A 383 -1.15 -39.23 29.38
C LYS A 383 -0.30 -39.47 28.14
N ARG A 384 -0.95 -39.81 27.02
CA ARG A 384 -0.20 -40.11 25.79
C ARG A 384 0.49 -38.87 25.25
N LEU A 385 -0.25 -37.77 25.09
CA LEU A 385 0.32 -36.53 24.59
C LEU A 385 0.92 -35.74 25.74
N GLY A 386 1.30 -34.50 25.48
CA GLY A 386 1.76 -33.58 26.51
C GLY A 386 0.66 -32.61 26.87
N ARG A 387 0.53 -32.35 28.17
CA ARG A 387 -0.52 -31.44 28.64
C ARG A 387 -0.34 -30.04 28.04
N GLN A 388 0.89 -29.66 27.70
CA GLN A 388 1.11 -28.35 27.10
C GLN A 388 0.40 -28.23 25.76
N LYS A 389 0.55 -29.23 24.89
CA LYS A 389 -0.08 -29.15 23.58
C LYS A 389 -1.60 -29.27 23.67
N ILE A 390 -2.08 -30.15 24.54
CA ILE A 390 -3.52 -30.27 24.74
C ILE A 390 -4.10 -28.96 25.24
N ALA A 391 -3.40 -28.29 26.16
CA ALA A 391 -3.84 -26.97 26.60
C ALA A 391 -3.82 -25.98 25.45
N GLU A 392 -2.73 -25.97 24.67
CA GLU A 392 -2.61 -25.01 23.58
C GLU A 392 -3.64 -25.22 22.48
N ARG A 393 -4.26 -26.41 22.40
CA ARG A 393 -5.30 -26.62 21.41
C ARG A 393 -6.72 -26.63 21.98
N TYR A 394 -6.90 -26.76 23.30
CA TYR A 394 -8.24 -26.84 23.87
C TYR A 394 -8.42 -25.92 25.08
N GLY A 395 -7.60 -24.89 25.24
CA GLY A 395 -7.67 -24.08 26.44
C GLY A 395 -8.97 -23.31 26.56
N ASN A 396 -9.40 -22.67 25.47
CA ASN A 396 -10.64 -21.91 25.52
C ASN A 396 -11.82 -22.81 25.82
N LEU A 397 -11.86 -23.98 25.17
CA LEU A 397 -12.96 -24.92 25.41
C LEU A 397 -12.96 -25.41 26.85
N PHE A 398 -11.79 -25.75 27.39
CA PHE A 398 -11.73 -26.25 28.75
C PHE A 398 -12.12 -25.18 29.76
N ASP A 399 -11.67 -23.94 29.55
CA ASP A 399 -12.04 -22.86 30.43
C ASP A 399 -13.54 -22.59 30.37
N MET A 400 -14.11 -22.60 29.17
CA MET A 400 -15.55 -22.39 29.04
C MET A 400 -16.34 -23.50 29.72
N TYR A 401 -15.91 -24.75 29.54
CA TYR A 401 -16.58 -25.87 30.20
C TYR A 401 -16.50 -25.73 31.71
N LYS A 402 -15.33 -25.37 32.24
CA LYS A 402 -15.20 -25.19 33.68
C LYS A 402 -16.07 -24.04 34.16
N GLN A 403 -16.18 -22.97 33.38
CA GLN A 403 -17.01 -21.83 33.77
C GLN A 403 -18.48 -22.24 33.86
N ILE A 404 -18.98 -23.01 32.89
CA ILE A 404 -20.37 -23.40 32.92
C ILE A 404 -20.59 -24.63 33.78
N THR A 405 -19.98 -25.75 33.41
CA THR A 405 -20.25 -27.00 34.13
C THR A 405 -19.74 -26.95 35.56
N GLY A 406 -18.54 -26.42 35.76
CA GLY A 406 -17.94 -26.39 37.09
C GLY A 406 -16.97 -27.51 37.36
N GLU A 407 -16.59 -28.29 36.35
CA GLU A 407 -15.66 -29.40 36.51
C GLU A 407 -14.50 -29.24 35.55
N ASP A 408 -13.29 -29.49 36.03
CA ASP A 408 -12.11 -29.33 35.20
C ASP A 408 -11.94 -30.53 34.27
N PRO A 409 -11.92 -30.32 32.95
CA PRO A 409 -11.73 -31.46 32.04
C PRO A 409 -10.41 -32.17 32.19
N TYR A 410 -9.38 -31.49 32.72
CA TYR A 410 -8.08 -32.12 32.87
C TYR A 410 -8.12 -33.26 33.88
N GLU A 411 -8.99 -33.17 34.89
CA GLU A 411 -9.13 -34.21 35.89
C GLU A 411 -10.33 -35.11 35.64
N THR A 412 -11.52 -34.53 35.55
CA THR A 412 -12.72 -35.32 35.36
C THR A 412 -13.12 -35.37 33.89
N PRO A 413 -13.78 -36.44 33.46
CA PRO A 413 -14.23 -36.51 32.07
C PRO A 413 -15.29 -35.47 31.77
N MET A 414 -15.32 -35.03 30.50
CA MET A 414 -16.36 -34.14 30.02
C MET A 414 -17.68 -34.89 29.92
N ARG A 415 -18.77 -34.13 29.84
CA ARG A 415 -20.09 -34.68 29.56
C ARG A 415 -20.66 -33.97 28.35
N ILE A 416 -21.18 -34.74 27.39
CA ILE A 416 -21.73 -34.19 26.16
C ILE A 416 -23.06 -34.86 25.85
N TYR A 417 -23.86 -34.17 25.05
CA TYR A 417 -25.17 -34.65 24.61
C TYR A 417 -25.57 -33.94 23.33
N PRO A 418 -26.07 -34.65 22.32
CA PRO A 418 -26.38 -34.01 21.05
C PRO A 418 -27.57 -33.08 21.15
N ALA A 419 -27.62 -32.11 20.24
CA ALA A 419 -28.73 -31.17 20.19
C ALA A 419 -28.92 -30.67 18.76
N VAL A 420 -30.14 -30.22 18.46
CA VAL A 420 -30.46 -29.74 17.13
C VAL A 420 -29.80 -28.39 16.90
N HIS A 421 -29.11 -28.25 15.78
CA HIS A 421 -28.25 -27.11 15.54
C HIS A 421 -28.71 -26.21 14.40
N TYR A 422 -29.06 -26.79 13.25
CA TYR A 422 -29.29 -26.03 12.04
C TYR A 422 -30.45 -26.65 11.28
N THR A 423 -31.09 -25.86 10.43
CA THR A 423 -32.16 -26.36 9.58
C THR A 423 -31.84 -26.04 8.12
N MET A 424 -31.63 -27.07 7.32
CA MET A 424 -31.41 -26.87 5.89
C MET A 424 -32.70 -26.54 5.15
N GLY A 425 -33.86 -26.91 5.71
CA GLY A 425 -35.13 -26.65 5.08
C GLY A 425 -35.58 -25.23 5.26
N GLY A 426 -36.70 -24.93 4.64
CA GLY A 426 -37.26 -23.59 4.67
C GLY A 426 -38.12 -23.34 3.45
N LEU A 427 -38.36 -22.07 3.18
CA LEU A 427 -39.18 -21.68 2.05
C LEU A 427 -38.47 -21.96 0.74
N TRP A 428 -39.19 -22.56 -0.20
CA TRP A 428 -38.62 -22.85 -1.51
C TRP A 428 -38.43 -21.54 -2.28
N VAL A 429 -37.26 -21.39 -2.92
CA VAL A 429 -36.98 -20.24 -3.76
C VAL A 429 -36.36 -20.73 -5.06
N ASP A 430 -36.55 -19.94 -6.11
CA ASP A 430 -35.99 -20.28 -7.41
C ASP A 430 -34.60 -19.65 -7.54
N TYR A 431 -34.08 -19.62 -8.77
CA TYR A 431 -32.72 -19.10 -8.97
C TYR A 431 -32.61 -17.64 -8.59
N ASN A 432 -33.70 -16.89 -8.68
CA ASN A 432 -33.70 -15.48 -8.36
C ASN A 432 -33.94 -15.19 -6.89
N LEU A 433 -33.86 -16.22 -6.04
CA LEU A 433 -34.12 -16.09 -4.60
C LEU A 433 -35.51 -15.56 -4.32
N GLN A 434 -36.46 -15.87 -5.19
CA GLN A 434 -37.84 -15.42 -5.05
C GLN A 434 -38.73 -16.63 -4.79
N SER A 435 -39.60 -16.50 -3.79
CA SER A 435 -40.42 -17.63 -3.36
C SER A 435 -41.56 -17.84 -4.33
N THR A 436 -42.51 -18.70 -3.96
CA THR A 436 -43.68 -18.92 -4.80
C THR A 436 -44.51 -17.66 -4.95
N ILE A 437 -44.67 -16.91 -3.86
CA ILE A 437 -45.37 -15.62 -3.91
C ILE A 437 -44.48 -14.63 -4.67
N PRO A 438 -44.97 -14.03 -5.75
CA PRO A 438 -44.15 -13.06 -6.48
C PRO A 438 -43.80 -11.87 -5.60
N GLY A 439 -42.54 -11.43 -5.71
CA GLY A 439 -42.06 -10.29 -4.96
C GLY A 439 -41.57 -10.61 -3.57
N LEU A 440 -41.72 -11.84 -3.10
CA LEU A 440 -41.26 -12.24 -1.78
C LEU A 440 -39.94 -12.98 -1.93
N PHE A 441 -38.87 -12.41 -1.38
CA PHE A 441 -37.53 -12.97 -1.49
C PHE A 441 -37.11 -13.50 -0.12
N VAL A 442 -36.57 -14.72 -0.11
CA VAL A 442 -36.16 -15.38 1.12
C VAL A 442 -34.68 -15.69 1.01
N ILE A 443 -33.89 -15.15 1.94
CA ILE A 443 -32.44 -15.34 1.93
C ILE A 443 -32.00 -15.81 3.31
N GLY A 444 -30.75 -16.28 3.37
CA GLY A 444 -30.18 -16.74 4.62
C GLY A 444 -30.54 -18.17 4.95
N GLU A 445 -30.92 -18.42 6.20
CA GLU A 445 -31.30 -19.75 6.65
C GLU A 445 -32.80 -20.03 6.49
N ALA A 446 -33.58 -19.04 6.06
CA ALA A 446 -35.01 -19.22 5.96
C ALA A 446 -35.46 -19.85 4.65
N ASN A 447 -34.55 -20.07 3.70
CA ASN A 447 -34.89 -20.72 2.43
C ASN A 447 -34.23 -22.08 2.36
N PHE A 448 -34.72 -22.92 1.43
CA PHE A 448 -34.07 -24.22 1.22
C PHE A 448 -32.72 -24.04 0.55
N SER A 449 -32.63 -23.20 -0.47
CA SER A 449 -31.36 -22.74 -1.05
C SER A 449 -30.55 -23.95 -1.52
N ASP A 450 -29.31 -24.11 -1.08
CA ASP A 450 -28.37 -25.00 -1.75
C ASP A 450 -27.53 -25.87 -0.83
N HIS A 451 -27.85 -25.97 0.45
CA HIS A 451 -27.13 -26.92 1.31
C HIS A 451 -27.59 -28.35 1.09
N GLY A 452 -28.73 -28.57 0.46
CA GLY A 452 -29.17 -29.92 0.20
C GLY A 452 -29.58 -30.61 1.49
N ALA A 453 -29.14 -31.86 1.65
CA ALA A 453 -29.52 -32.66 2.80
C ALA A 453 -28.54 -32.56 3.96
N ASN A 454 -27.47 -31.79 3.82
CA ASN A 454 -26.49 -31.66 4.88
C ASN A 454 -25.66 -30.41 4.63
N ARG A 455 -25.49 -29.60 5.67
CA ARG A 455 -24.78 -28.34 5.58
C ARG A 455 -23.31 -28.54 5.91
N LEU A 456 -22.43 -28.20 4.98
CA LEU A 456 -21.00 -28.31 5.24
C LEU A 456 -20.57 -27.26 6.24
N GLY A 457 -19.46 -27.54 6.93
CA GLY A 457 -18.96 -26.59 7.91
C GLY A 457 -18.55 -25.28 7.25
N ALA A 458 -18.77 -24.19 7.97
CA ALA A 458 -18.40 -22.85 7.52
C ALA A 458 -19.06 -22.48 6.18
N SER A 459 -20.30 -22.92 6.01
CA SER A 459 -21.03 -22.66 4.77
C SER A 459 -22.27 -21.80 4.95
N ALA A 460 -22.89 -21.81 6.13
CA ALA A 460 -24.06 -20.97 6.35
C ALA A 460 -23.69 -19.50 6.36
N LEU A 461 -22.55 -19.16 6.97
CA LEU A 461 -22.08 -17.77 6.93
C LEU A 461 -21.82 -17.33 5.51
N MET A 462 -21.13 -18.18 4.73
CA MET A 462 -20.84 -17.84 3.35
C MET A 462 -22.11 -17.71 2.54
N GLN A 463 -23.08 -18.61 2.75
CA GLN A 463 -24.33 -18.53 2.02
C GLN A 463 -25.09 -17.24 2.36
N GLY A 464 -25.15 -16.89 3.64
CA GLY A 464 -25.86 -15.68 4.02
C GLY A 464 -25.21 -14.43 3.45
N LEU A 465 -23.88 -14.33 3.55
CA LEU A 465 -23.21 -13.15 3.02
C LEU A 465 -23.31 -13.09 1.49
N ALA A 466 -23.26 -14.24 0.82
CA ALA A 466 -23.43 -14.26 -0.63
C ALA A 466 -24.82 -13.78 -1.03
N ASP A 467 -25.84 -14.27 -0.34
CA ASP A 467 -27.20 -13.84 -0.66
C ASP A 467 -27.38 -12.36 -0.40
N GLY A 468 -26.82 -11.85 0.70
CA GLY A 468 -26.99 -10.44 1.02
C GLY A 468 -26.24 -9.51 0.09
N TYR A 469 -24.99 -9.83 -0.23
CA TYR A 469 -24.10 -8.89 -0.90
C TYR A 469 -24.18 -8.96 -2.41
N PHE A 470 -24.03 -10.15 -2.98
CA PHE A 470 -23.74 -10.28 -4.40
C PHE A 470 -24.84 -10.93 -5.23
N ILE A 471 -25.93 -11.40 -4.61
CA ILE A 471 -26.97 -12.11 -5.33
C ILE A 471 -28.30 -11.37 -5.29
N LEU A 472 -28.77 -11.04 -4.09
CA LEU A 472 -30.08 -10.40 -3.97
C LEU A 472 -30.20 -9.07 -4.71
N PRO A 473 -29.21 -8.17 -4.71
CA PRO A 473 -29.39 -6.91 -5.43
C PRO A 473 -29.79 -7.09 -6.89
N TYR A 474 -29.13 -7.98 -7.62
CA TYR A 474 -29.43 -8.15 -9.03
C TYR A 474 -30.85 -8.66 -9.25
N THR A 475 -31.23 -9.71 -8.52
CA THR A 475 -32.56 -10.31 -8.73
C THR A 475 -33.67 -9.36 -8.31
N ILE A 476 -33.49 -8.66 -7.19
CA ILE A 476 -34.51 -7.71 -6.76
C ILE A 476 -34.59 -6.55 -7.74
N ALA A 477 -33.46 -6.11 -8.31
CA ALA A 477 -33.52 -5.08 -9.32
C ALA A 477 -34.26 -5.54 -10.55
N ASN A 478 -34.05 -6.79 -10.96
CA ASN A 478 -34.78 -7.34 -12.10
C ASN A 478 -36.27 -7.33 -11.85
N PHE A 479 -36.68 -7.84 -10.68
CA PHE A 479 -38.10 -7.89 -10.37
C PHE A 479 -38.70 -6.49 -10.31
N LEU A 480 -38.00 -5.55 -9.69
CA LEU A 480 -38.53 -4.20 -9.58
C LEU A 480 -38.61 -3.50 -10.93
N ALA A 481 -37.64 -3.76 -11.81
CA ALA A 481 -37.70 -3.17 -13.15
C ALA A 481 -38.87 -3.73 -13.94
N GLN A 482 -39.24 -4.99 -13.72
CA GLN A 482 -40.38 -5.53 -14.44
C GLN A 482 -41.70 -4.89 -14.03
N VAL A 483 -41.76 -4.20 -12.89
CA VAL A 483 -43.01 -3.62 -12.41
C VAL A 483 -42.84 -2.11 -12.24
N LYS A 484 -43.88 -1.44 -11.75
CA LYS A 484 -43.83 0.01 -11.56
C LYS A 484 -43.97 0.36 -10.09
N PRO A 485 -43.35 1.46 -9.65
CA PRO A 485 -43.36 1.80 -8.23
C PRO A 485 -44.70 2.33 -7.76
N GLY A 486 -44.94 2.18 -6.46
CA GLY A 486 -46.10 2.75 -5.82
C GLY A 486 -47.41 2.07 -6.20
N GLY A 487 -48.50 2.72 -5.80
CA GLY A 487 -49.83 2.28 -6.11
C GLY A 487 -50.55 1.56 -4.99
N VAL A 488 -49.84 1.14 -3.95
CA VAL A 488 -50.44 0.43 -2.83
C VAL A 488 -50.14 1.20 -1.56
N SER A 489 -51.19 1.55 -0.82
CA SER A 489 -51.09 2.25 0.45
C SER A 489 -51.56 1.33 1.57
N ILE A 490 -51.56 1.86 2.79
CA ILE A 490 -51.81 1.04 3.98
C ILE A 490 -53.28 1.10 4.37
N ASP A 491 -54.13 1.61 3.49
CA ASP A 491 -55.57 1.66 3.74
C ASP A 491 -56.36 0.63 2.94
N ARG A 492 -55.67 -0.32 2.28
CA ARG A 492 -56.35 -1.33 1.50
C ARG A 492 -57.05 -2.33 2.41
N PRO A 493 -58.12 -2.96 1.95
CA PRO A 493 -58.83 -3.94 2.80
C PRO A 493 -57.95 -5.10 3.24
N GLU A 494 -56.95 -5.49 2.45
CA GLU A 494 -56.08 -6.59 2.85
C GLU A 494 -55.33 -6.26 4.13
N PHE A 495 -54.81 -5.04 4.24
CA PHE A 495 -54.13 -4.62 5.46
C PHE A 495 -55.07 -4.67 6.65
N ALA A 496 -56.30 -4.19 6.47
CA ALA A 496 -57.27 -4.20 7.57
C ALA A 496 -57.60 -5.62 8.00
N GLU A 497 -57.79 -6.53 7.04
CA GLU A 497 -58.10 -7.91 7.39
C GLU A 497 -56.94 -8.58 8.13
N ALA A 498 -55.71 -8.38 7.65
CA ALA A 498 -54.56 -8.95 8.34
C ALA A 498 -54.43 -8.39 9.76
N GLU A 499 -54.61 -7.08 9.90
CA GLU A 499 -54.50 -6.46 11.21
C GLU A 499 -55.58 -6.96 12.15
N ALA A 500 -56.81 -7.13 11.64
CA ALA A 500 -57.89 -7.65 12.47
C ALA A 500 -57.61 -9.09 12.90
N GLU A 501 -57.08 -9.91 11.99
CA GLU A 501 -56.73 -11.28 12.35
C GLU A 501 -55.67 -11.30 13.43
N ILE A 502 -54.64 -10.46 13.31
CA ILE A 502 -53.59 -10.39 14.32
C ILE A 502 -54.16 -9.96 15.66
N ASN A 503 -55.02 -8.94 15.66
CA ASN A 503 -55.60 -8.45 16.91
C ASN A 503 -56.45 -9.51 17.57
N GLN A 504 -57.26 -10.22 16.78
CA GLN A 504 -58.08 -11.29 17.33
C GLN A 504 -57.23 -12.41 17.91
N ARG A 505 -56.16 -12.77 17.21
CA ARG A 505 -55.26 -13.81 17.71
C ARG A 505 -54.64 -13.40 19.05
N ILE A 506 -54.17 -12.17 19.15
CA ILE A 506 -53.55 -11.70 20.39
C ILE A 506 -54.57 -11.67 21.52
N GLN A 507 -55.78 -11.16 21.24
CA GLN A 507 -56.80 -11.10 22.27
C GLN A 507 -57.18 -12.49 22.76
N ARG A 508 -57.33 -13.44 21.84
CA ARG A 508 -57.63 -14.82 22.24
C ARG A 508 -56.53 -15.40 23.09
N LEU A 509 -55.28 -15.19 22.70
CA LEU A 509 -54.15 -15.67 23.49
C LEU A 509 -54.23 -15.12 24.92
N LEU A 510 -54.44 -13.81 25.05
CA LEU A 510 -54.50 -13.21 26.38
C LEU A 510 -55.72 -13.65 27.17
N SER A 511 -56.81 -14.01 26.50
CA SER A 511 -58.04 -14.35 27.20
C SER A 511 -58.18 -15.84 27.50
N ILE A 512 -57.28 -16.69 27.02
CA ILE A 512 -57.40 -18.11 27.33
C ILE A 512 -57.24 -18.35 28.83
N ARG A 513 -56.18 -17.80 29.42
CA ARG A 513 -55.87 -17.86 30.86
C ARG A 513 -56.17 -19.24 31.46
N GLY A 514 -55.48 -20.25 30.95
CA GLY A 514 -55.61 -21.59 31.47
C GLY A 514 -54.72 -21.83 32.68
N LYS A 515 -54.14 -23.02 32.77
CA LYS A 515 -53.26 -23.40 33.88
C LYS A 515 -51.81 -23.57 33.45
N ARG A 516 -51.56 -24.41 32.46
CA ARG A 516 -50.19 -24.69 32.04
C ARG A 516 -49.55 -23.45 31.42
N THR A 517 -48.25 -23.32 31.63
CA THR A 517 -47.51 -22.20 31.08
C THR A 517 -47.11 -22.47 29.64
N VAL A 518 -46.59 -21.44 28.98
CA VAL A 518 -46.15 -21.57 27.59
C VAL A 518 -44.97 -22.54 27.50
N ASP A 519 -44.02 -22.43 28.43
CA ASP A 519 -42.83 -23.26 28.34
C ASP A 519 -43.15 -24.74 28.54
N SER A 520 -44.18 -25.06 29.31
CA SER A 520 -44.57 -26.47 29.44
C SER A 520 -45.02 -27.04 28.11
N PHE A 521 -45.85 -26.30 27.37
CA PHE A 521 -46.29 -26.76 26.06
C PHE A 521 -45.13 -26.84 25.09
N HIS A 522 -44.23 -25.85 25.13
CA HIS A 522 -43.08 -25.88 24.25
C HIS A 522 -42.18 -27.07 24.56
N ARG A 523 -41.97 -27.37 25.84
CA ARG A 523 -41.15 -28.50 26.23
C ARG A 523 -41.78 -29.83 25.81
N GLU A 524 -43.09 -29.96 26.00
CA GLU A 524 -43.77 -31.19 25.58
C GLU A 524 -43.65 -31.39 24.08
N LEU A 525 -43.89 -30.33 23.31
CA LEU A 525 -43.75 -30.42 21.86
C LEU A 525 -42.33 -30.76 21.46
N GLY A 526 -41.35 -30.13 22.10
CA GLY A 526 -39.96 -30.38 21.76
C GLY A 526 -39.53 -31.80 22.07
N LYS A 527 -39.94 -32.33 23.22
CA LYS A 527 -39.59 -33.70 23.57
C LYS A 527 -40.26 -34.68 22.62
N LEU A 528 -41.53 -34.45 22.27
CA LEU A 528 -42.18 -35.34 21.32
C LEU A 528 -41.50 -35.29 19.95
N MET A 529 -41.12 -34.09 19.51
CA MET A 529 -40.48 -33.95 18.20
C MET A 529 -39.08 -34.53 18.20
N TRP A 530 -38.38 -34.48 19.33
CA TRP A 530 -37.04 -35.03 19.43
C TRP A 530 -37.04 -36.54 19.55
N ASP A 531 -38.06 -37.12 20.19
CA ASP A 531 -38.11 -38.57 20.33
C ASP A 531 -38.54 -39.25 19.03
N LYS A 532 -39.51 -38.67 18.31
CA LYS A 532 -40.11 -39.32 17.16
C LYS A 532 -39.54 -38.82 15.84
N CYS A 533 -39.57 -37.51 15.60
CA CYS A 533 -39.01 -36.93 14.39
C CYS A 533 -37.60 -36.39 14.61
N GLY A 534 -36.85 -36.97 15.54
CA GLY A 534 -35.53 -36.48 15.86
C GLY A 534 -34.44 -37.05 14.99
N MET A 535 -33.43 -37.64 15.62
CA MET A 535 -32.29 -38.15 14.87
C MET A 535 -32.66 -39.40 14.08
N ALA A 536 -33.36 -40.34 14.72
CA ALA A 536 -33.76 -41.60 14.10
C ALA A 536 -35.28 -41.60 13.97
N ARG A 537 -35.76 -41.81 12.74
CA ARG A 537 -37.19 -41.75 12.44
C ARG A 537 -37.65 -43.04 11.80
N ASN A 538 -38.83 -43.49 12.19
CA ASN A 538 -39.47 -44.65 11.57
C ASN A 538 -40.94 -44.32 11.30
N ALA A 539 -41.56 -45.11 10.43
CA ALA A 539 -42.92 -44.82 10.01
C ALA A 539 -43.89 -44.89 11.19
N ALA A 540 -43.75 -45.89 12.05
CA ALA A 540 -44.64 -45.99 13.20
C ALA A 540 -44.50 -44.80 14.13
N GLY A 541 -43.25 -44.40 14.42
CA GLY A 541 -43.05 -43.27 15.31
C GLY A 541 -43.58 -41.97 14.72
N LEU A 542 -43.33 -41.74 13.43
CA LEU A 542 -43.83 -40.53 12.80
C LEU A 542 -45.35 -40.52 12.75
N ARG A 543 -45.97 -41.67 12.51
CA ARG A 543 -47.43 -41.74 12.51
C ARG A 543 -47.98 -41.44 13.90
N GLU A 544 -47.35 -41.98 14.94
CA GLU A 544 -47.77 -41.68 16.30
C GLU A 544 -47.61 -40.21 16.62
N ALA A 545 -46.50 -39.61 16.20
CA ALA A 545 -46.30 -38.18 16.44
C ALA A 545 -47.33 -37.34 15.72
N LEU A 546 -47.66 -37.71 14.48
CA LEU A 546 -48.68 -36.98 13.74
C LEU A 546 -50.05 -37.13 14.39
N GLN A 547 -50.32 -38.28 14.99
CA GLN A 547 -51.53 -38.42 15.78
C GLN A 547 -51.51 -37.50 17.00
N ARG A 548 -50.36 -37.42 17.66
CA ARG A 548 -50.27 -36.72 18.94
C ARG A 548 -50.28 -35.20 18.80
N ILE A 549 -49.72 -34.67 17.71
CA ILE A 549 -49.55 -33.21 17.60
C ILE A 549 -50.85 -32.44 17.75
N PRO A 550 -51.95 -32.79 17.06
CA PRO A 550 -53.18 -32.00 17.22
C PRO A 550 -53.72 -31.96 18.63
N GLU A 551 -53.58 -33.04 19.40
CA GLU A 551 -54.02 -33.01 20.79
C GLU A 551 -53.24 -31.98 21.59
N ILE A 552 -51.92 -31.92 21.40
CA ILE A 552 -51.12 -30.92 22.08
C ILE A 552 -51.53 -29.52 21.64
N ARG A 553 -51.77 -29.32 20.35
CA ARG A 553 -52.17 -28.00 19.88
C ARG A 553 -53.50 -27.57 20.49
N ALA A 554 -54.47 -28.48 20.55
CA ALA A 554 -55.76 -28.15 21.15
C ALA A 554 -55.61 -27.86 22.64
N GLU A 555 -54.79 -28.66 23.34
CA GLU A 555 -54.57 -28.41 24.76
C GLU A 555 -53.92 -27.05 24.98
N PHE A 556 -52.98 -26.68 24.12
CA PHE A 556 -52.38 -25.35 24.21
C PHE A 556 -53.43 -24.26 24.00
N TRP A 557 -54.22 -24.39 22.94
CA TRP A 557 -55.21 -23.36 22.63
C TRP A 557 -56.36 -23.34 23.62
N GLU A 558 -56.45 -24.34 24.51
CA GLU A 558 -57.52 -24.39 25.49
C GLU A 558 -57.05 -24.16 26.92
N ASN A 559 -55.80 -24.47 27.24
CA ASN A 559 -55.33 -24.50 28.62
C ASN A 559 -53.95 -23.86 28.76
N VAL A 560 -53.77 -22.68 28.18
CA VAL A 560 -52.51 -21.95 28.29
C VAL A 560 -52.72 -20.73 29.17
N ASN A 561 -51.67 -20.33 29.88
CA ASN A 561 -51.71 -19.20 30.80
C ASN A 561 -50.61 -18.21 30.43
N VAL A 562 -50.97 -17.21 29.63
CA VAL A 562 -50.06 -16.12 29.29
C VAL A 562 -50.60 -14.85 29.95
N PRO A 563 -49.98 -14.36 31.01
CA PRO A 563 -50.51 -13.21 31.73
C PRO A 563 -49.98 -11.89 31.17
N GLY A 564 -50.61 -10.82 31.60
CA GLY A 564 -50.20 -9.47 31.22
C GLY A 564 -51.24 -8.80 30.34
N GLU A 565 -50.80 -7.72 29.70
CA GLU A 565 -51.65 -6.93 28.83
C GLU A 565 -50.96 -6.78 27.48
N ALA A 566 -51.78 -6.56 26.45
CA ALA A 566 -51.26 -6.47 25.09
C ALA A 566 -50.34 -5.26 24.93
N ASN A 567 -50.70 -4.13 25.52
CA ASN A 567 -49.99 -2.87 25.30
C ASN A 567 -48.91 -2.63 26.34
N ASP A 568 -48.02 -3.61 26.52
CA ASP A 568 -46.90 -3.49 27.44
C ASP A 568 -45.73 -4.29 26.89
N LEU A 569 -44.68 -4.43 27.70
CA LEU A 569 -43.56 -5.29 27.38
C LEU A 569 -43.86 -6.68 27.96
N ASN A 570 -44.64 -7.44 27.20
CA ASN A 570 -45.13 -8.75 27.63
C ASN A 570 -44.37 -9.82 26.86
N GLN A 571 -43.41 -10.46 27.53
CA GLN A 571 -42.60 -11.49 26.88
C GLN A 571 -43.36 -12.81 26.75
N ALA A 572 -44.26 -13.10 27.69
CA ALA A 572 -45.05 -14.32 27.60
C ALA A 572 -45.92 -14.33 26.35
N LEU A 573 -46.41 -13.15 25.92
CA LEU A 573 -47.20 -13.07 24.71
C LEU A 573 -46.37 -13.44 23.48
N GLU A 574 -45.14 -12.93 23.41
CA GLU A 574 -44.25 -13.30 22.31
C GLU A 574 -43.97 -14.79 22.30
N LYS A 575 -43.68 -15.36 23.48
CA LYS A 575 -43.43 -16.79 23.56
C LYS A 575 -44.67 -17.59 23.14
N ALA A 576 -45.85 -17.12 23.53
CA ALA A 576 -47.07 -17.82 23.14
C ALA A 576 -47.27 -17.81 21.63
N GLY A 577 -47.03 -16.67 20.99
CA GLY A 577 -47.16 -16.63 19.54
C GLY A 577 -46.17 -17.56 18.85
N ARG A 578 -44.91 -17.53 19.30
CA ARG A 578 -43.90 -18.40 18.70
C ARG A 578 -44.25 -19.87 18.91
N VAL A 579 -44.78 -20.21 20.08
CA VAL A 579 -45.13 -21.60 20.35
C VAL A 579 -46.31 -22.05 19.50
N ALA A 580 -47.28 -21.16 19.28
CA ALA A 580 -48.39 -21.52 18.40
C ALA A 580 -47.89 -21.80 16.99
N ASP A 581 -47.00 -20.94 16.48
CA ASP A 581 -46.47 -21.18 15.14
C ASP A 581 -45.65 -22.47 15.09
N PHE A 582 -44.90 -22.76 16.15
CA PHE A 582 -44.15 -24.01 16.20
C PHE A 582 -45.08 -25.22 16.20
N LEU A 583 -46.17 -25.14 16.95
CA LEU A 583 -47.13 -26.25 16.98
C LEU A 583 -47.74 -26.48 15.61
N GLU A 584 -47.95 -25.42 14.85
CA GLU A 584 -48.44 -25.62 13.48
C GLU A 584 -47.37 -26.19 12.57
N LEU A 585 -46.13 -25.72 12.68
CA LEU A 585 -45.07 -26.17 11.78
C LEU A 585 -44.65 -27.62 12.03
N ALA A 586 -44.78 -28.07 13.28
CA ALA A 586 -44.34 -29.42 13.62
C ALA A 586 -45.11 -30.48 12.85
N GLU A 587 -46.42 -30.26 12.66
CA GLU A 587 -47.21 -31.22 11.90
C GLU A 587 -46.72 -31.33 10.46
N LEU A 588 -46.43 -30.19 9.83
CA LEU A 588 -45.94 -30.22 8.45
C LEU A 588 -44.61 -30.94 8.36
N MET A 589 -43.69 -30.67 9.31
CA MET A 589 -42.38 -31.30 9.20
C MET A 589 -42.46 -32.80 9.50
N CYS A 590 -43.36 -33.22 10.40
CA CYS A 590 -43.58 -34.65 10.59
C CYS A 590 -44.15 -35.31 9.34
N LEU A 591 -45.09 -34.65 8.69
CA LEU A 591 -45.63 -35.19 7.44
C LEU A 591 -44.56 -35.32 6.39
N ASP A 592 -43.70 -34.31 6.27
CA ASP A 592 -42.62 -34.37 5.28
C ASP A 592 -41.64 -35.49 5.59
N ALA A 593 -41.31 -35.67 6.87
CA ALA A 593 -40.40 -36.76 7.24
C ALA A 593 -41.02 -38.12 6.95
N LEU A 594 -42.33 -38.26 7.17
CA LEU A 594 -43.01 -39.51 6.85
C LEU A 594 -43.03 -39.75 5.34
N HIS A 595 -43.18 -38.68 4.55
CA HIS A 595 -43.25 -38.83 3.10
C HIS A 595 -41.96 -39.38 2.53
N ARG A 596 -40.82 -38.78 2.85
CA ARG A 596 -39.55 -39.14 2.24
C ARG A 596 -39.13 -40.51 2.74
N GLU A 597 -39.30 -41.52 1.90
CA GLU A 597 -38.99 -42.90 2.28
C GLU A 597 -37.58 -43.28 1.84
N GLU A 598 -36.61 -42.52 2.35
CA GLU A 598 -35.20 -42.77 2.09
C GLU A 598 -34.39 -42.07 3.17
N SER A 599 -33.11 -42.41 3.23
CA SER A 599 -32.18 -41.79 4.17
C SER A 599 -31.17 -40.98 3.37
N CYS A 600 -31.02 -39.71 3.74
CA CYS A 600 -30.10 -38.83 3.02
C CYS A 600 -29.71 -37.67 3.94
N GLY A 601 -28.40 -37.49 4.13
CA GLY A 601 -27.93 -36.37 4.93
C GLY A 601 -28.46 -36.43 6.35
N GLY A 602 -29.01 -35.29 6.80
CA GLY A 602 -29.56 -35.23 8.14
C GLY A 602 -30.78 -36.12 8.32
N HIS A 603 -31.62 -36.20 7.28
CA HIS A 603 -32.84 -37.00 7.37
C HIS A 603 -32.48 -38.48 7.32
N PHE A 604 -32.79 -39.20 8.40
CA PHE A 604 -32.44 -40.60 8.55
C PHE A 604 -33.69 -41.42 8.84
N ARG A 605 -33.87 -42.50 8.10
CA ARG A 605 -34.97 -43.43 8.31
C ARG A 605 -34.38 -44.80 8.65
N GLU A 606 -34.92 -45.43 9.69
CA GLU A 606 -34.33 -46.67 10.18
C GLU A 606 -34.57 -47.84 9.22
N GLU A 607 -35.49 -47.71 8.28
CA GLU A 607 -35.77 -48.78 7.33
C GLU A 607 -34.91 -48.71 6.07
N TYR A 608 -34.08 -47.69 5.94
CA TYR A 608 -33.31 -47.46 4.72
C TYR A 608 -31.86 -47.14 5.06
N GLN A 609 -31.25 -47.98 5.89
CA GLN A 609 -29.86 -47.83 6.28
C GLN A 609 -29.05 -49.04 5.83
N THR A 610 -27.80 -48.80 5.44
CA THR A 610 -26.86 -49.88 5.21
C THR A 610 -26.46 -50.51 6.55
N PRO A 611 -26.03 -51.77 6.54
CA PRO A 611 -25.68 -52.43 7.82
C PRO A 611 -24.62 -51.69 8.61
N ASP A 612 -23.71 -50.97 7.96
CA ASP A 612 -22.73 -50.18 8.69
C ASP A 612 -23.40 -49.08 9.51
N GLY A 613 -24.40 -48.43 8.94
CA GLY A 613 -25.14 -47.40 9.65
C GLY A 613 -25.20 -46.07 8.94
N GLU A 614 -24.83 -46.05 7.66
CA GLU A 614 -24.90 -44.83 6.88
C GLU A 614 -26.31 -44.67 6.31
N ALA A 615 -26.48 -43.67 5.44
CA ALA A 615 -27.77 -43.37 4.83
C ALA A 615 -27.82 -43.99 3.44
N LEU A 616 -28.80 -44.85 3.21
CA LEU A 616 -28.99 -45.49 1.91
C LEU A 616 -30.02 -44.68 1.11
N ARG A 617 -29.55 -44.03 0.05
CA ARG A 617 -30.41 -43.17 -0.74
C ARG A 617 -31.27 -43.99 -1.71
N ASN A 618 -32.16 -43.29 -2.40
CA ASN A 618 -32.96 -43.86 -3.49
C ASN A 618 -33.05 -42.78 -4.56
N ASP A 619 -32.10 -42.81 -5.51
CA ASP A 619 -31.98 -41.74 -6.49
C ASP A 619 -32.95 -41.87 -7.65
N GLU A 620 -33.57 -43.03 -7.83
CA GLU A 620 -34.50 -43.22 -8.93
C GLU A 620 -35.94 -42.92 -8.56
N GLN A 621 -36.19 -42.58 -7.30
CA GLN A 621 -37.55 -42.23 -6.88
C GLN A 621 -37.62 -41.00 -5.98
N PHE A 622 -36.50 -40.50 -5.46
CA PHE A 622 -36.54 -39.36 -4.55
C PHE A 622 -35.44 -38.35 -4.87
N SER A 623 -35.11 -38.18 -6.15
CA SER A 623 -34.11 -37.19 -6.55
C SER A 623 -34.78 -35.88 -6.95
N TYR A 624 -35.51 -35.31 -5.99
CA TYR A 624 -36.24 -34.08 -6.23
C TYR A 624 -36.32 -33.28 -4.95
N VAL A 625 -36.75 -32.03 -5.08
CA VAL A 625 -37.01 -31.16 -3.95
C VAL A 625 -38.51 -31.10 -3.75
N ALA A 626 -38.95 -31.42 -2.54
CA ALA A 626 -40.37 -31.45 -2.21
C ALA A 626 -40.79 -30.11 -1.64
N ALA A 627 -41.76 -29.47 -2.28
CA ALA A 627 -42.33 -28.22 -1.81
C ALA A 627 -43.76 -28.47 -1.36
N TRP A 628 -44.08 -28.05 -0.15
CA TRP A 628 -45.39 -28.30 0.44
C TRP A 628 -46.22 -27.02 0.42
N GLU A 629 -47.45 -27.15 -0.07
CA GLU A 629 -48.36 -26.03 -0.23
C GLU A 629 -49.45 -26.11 0.83
N PHE A 630 -49.72 -24.97 1.48
CA PHE A 630 -50.75 -24.87 2.49
C PHE A 630 -52.11 -24.83 1.81
N THR A 631 -52.91 -25.87 2.02
CA THR A 631 -54.21 -26.00 1.38
C THR A 631 -55.35 -25.61 2.31
N GLY A 632 -55.05 -24.97 3.44
CA GLY A 632 -56.06 -24.64 4.43
C GLY A 632 -56.26 -25.71 5.49
N ASP A 633 -55.70 -26.89 5.29
CA ASP A 633 -55.78 -27.98 6.26
C ASP A 633 -54.38 -28.34 6.72
N LEU A 634 -54.19 -28.41 8.04
CA LEU A 634 -52.87 -28.72 8.59
C LEU A 634 -52.51 -30.19 8.49
N ALA A 635 -53.47 -31.05 8.13
CA ALA A 635 -53.19 -32.47 7.98
C ALA A 635 -53.05 -32.92 6.54
N LYS A 636 -53.51 -32.11 5.57
CA LYS A 636 -53.47 -32.47 4.16
C LYS A 636 -52.89 -31.31 3.34
N PRO A 637 -51.58 -31.07 3.43
CA PRO A 637 -50.95 -30.11 2.54
C PRO A 637 -50.53 -30.77 1.23
N ARG A 638 -50.48 -29.98 0.17
CA ARG A 638 -50.24 -30.51 -1.15
C ARG A 638 -48.75 -30.62 -1.43
N LEU A 639 -48.36 -31.65 -2.17
CA LEU A 639 -46.95 -31.91 -2.47
C LEU A 639 -46.67 -31.58 -3.93
N HIS A 640 -45.63 -30.79 -4.16
CA HIS A 640 -45.13 -30.49 -5.50
C HIS A 640 -43.68 -30.91 -5.58
N LYS A 641 -43.30 -31.57 -6.67
CA LYS A 641 -41.96 -32.08 -6.83
C LYS A 641 -41.22 -31.23 -7.86
N GLU A 642 -40.02 -30.77 -7.50
CA GLU A 642 -39.13 -30.13 -8.45
C GLU A 642 -37.98 -31.08 -8.74
N PRO A 643 -37.92 -31.70 -9.92
CA PRO A 643 -36.88 -32.68 -10.19
C PRO A 643 -35.49 -32.05 -10.20
N LEU A 644 -34.52 -32.85 -9.78
CA LEU A 644 -33.11 -32.45 -9.82
C LEU A 644 -32.39 -33.25 -10.89
N VAL A 645 -31.64 -32.55 -11.74
CA VAL A 645 -30.81 -33.17 -12.77
C VAL A 645 -29.37 -32.82 -12.48
N PHE A 646 -28.50 -33.81 -12.52
CA PHE A 646 -27.09 -33.63 -12.25
C PHE A 646 -26.30 -33.90 -13.53
N GLU A 647 -25.48 -32.92 -13.93
CA GLU A 647 -24.73 -33.01 -15.17
C GLU A 647 -23.23 -32.98 -14.98
N TYR A 648 -22.73 -32.31 -13.95
CA TYR A 648 -21.29 -32.23 -13.72
C TYR A 648 -20.82 -33.11 -12.58
N VAL A 649 -21.69 -33.41 -11.61
CA VAL A 649 -21.36 -34.24 -10.47
C VAL A 649 -22.30 -35.43 -10.47
N LYS A 650 -21.74 -36.63 -10.43
CA LYS A 650 -22.67 -37.74 -10.54
C LYS A 650 -22.88 -38.42 -9.19
N PRO A 651 -24.13 -38.76 -8.87
CA PRO A 651 -24.38 -39.48 -7.61
C PRO A 651 -23.69 -40.83 -7.60
N THR A 652 -23.19 -41.21 -6.44
CA THR A 652 -22.47 -42.47 -6.28
C THR A 652 -22.45 -42.93 -4.83
N MET B 1 -30.00 -24.66 48.95
CA MET B 1 -29.55 -23.29 48.80
C MET B 1 -30.73 -22.33 48.74
N LYS B 2 -31.07 -21.73 49.88
CA LYS B 2 -32.15 -20.76 49.95
C LYS B 2 -31.60 -19.38 49.63
N ILE B 3 -32.25 -18.69 48.70
CA ILE B 3 -31.78 -17.40 48.20
C ILE B 3 -32.90 -16.38 48.31
N THR B 4 -32.57 -15.22 48.85
CA THR B 4 -33.48 -14.08 48.87
C THR B 4 -33.01 -13.05 47.86
N LEU B 5 -33.92 -12.60 47.01
CA LEU B 5 -33.61 -11.66 45.96
C LEU B 5 -34.35 -10.35 46.21
N LYS B 6 -33.71 -9.24 45.88
CA LYS B 6 -34.31 -7.91 45.91
C LYS B 6 -34.22 -7.37 44.49
N ILE B 7 -35.31 -7.48 43.73
CA ILE B 7 -35.33 -7.12 42.33
C ILE B 7 -35.95 -5.75 42.18
N TRP B 8 -35.33 -4.90 41.35
CA TRP B 8 -35.95 -3.65 40.97
C TRP B 8 -37.16 -3.89 40.09
N ARG B 9 -38.27 -3.24 40.42
CA ARG B 9 -39.55 -3.43 39.74
C ARG B 9 -40.08 -2.06 39.34
N GLN B 10 -40.13 -1.81 38.03
CA GLN B 10 -40.62 -0.57 37.46
C GLN B 10 -41.63 -0.89 36.36
N LYS B 11 -42.82 -0.28 36.42
CA LYS B 11 -43.87 -0.64 35.49
C LYS B 11 -43.53 -0.22 34.06
N ASN B 12 -43.11 1.04 33.88
CA ASN B 12 -42.76 1.53 32.55
C ASN B 12 -41.79 2.69 32.72
N ARG B 13 -41.54 3.42 31.63
CA ARG B 13 -40.52 4.46 31.64
C ARG B 13 -40.89 5.59 32.58
N ASN B 14 -42.16 5.98 32.63
CA ASN B 14 -42.58 7.12 33.43
C ASN B 14 -42.99 6.75 34.85
N THR B 15 -43.42 5.52 35.06
CA THR B 15 -43.85 5.10 36.40
C THR B 15 -42.64 4.81 37.27
N PRO B 16 -42.56 5.39 38.47
CA PRO B 16 -41.44 5.09 39.36
C PRO B 16 -41.48 3.64 39.84
N GLY B 17 -40.29 3.11 40.13
CA GLY B 17 -40.15 1.74 40.58
C GLY B 17 -39.67 1.65 42.02
N GLU B 18 -39.51 0.41 42.47
CA GLU B 18 -39.08 0.14 43.84
C GLU B 18 -38.53 -1.27 43.91
N PHE B 19 -37.87 -1.59 45.02
CA PHE B 19 -37.32 -2.92 45.23
C PHE B 19 -38.37 -3.84 45.85
N LYS B 20 -38.41 -5.08 45.38
CA LYS B 20 -39.28 -6.09 45.97
C LYS B 20 -38.49 -7.35 46.25
N THR B 21 -38.88 -8.05 47.32
CA THR B 21 -38.14 -9.21 47.80
C THR B 21 -38.88 -10.50 47.46
N TYR B 22 -38.12 -11.49 47.01
CA TYR B 22 -38.64 -12.80 46.66
C TYR B 22 -37.73 -13.86 47.26
N VAL B 23 -38.30 -14.78 48.03
CA VAL B 23 -37.54 -15.83 48.70
C VAL B 23 -37.80 -17.14 47.98
N MET B 24 -36.73 -17.82 47.58
CA MET B 24 -36.82 -19.12 46.93
C MET B 24 -36.00 -20.13 47.71
N ASP B 25 -36.59 -21.31 47.90
CA ASP B 25 -36.01 -22.30 48.80
C ASP B 25 -34.94 -23.15 48.11
N ASN B 26 -35.32 -23.82 47.02
CA ASN B 26 -34.42 -24.71 46.32
C ASN B 26 -33.84 -24.00 45.12
N VAL B 27 -32.52 -23.88 45.08
CA VAL B 27 -31.80 -23.32 43.96
C VAL B 27 -30.64 -24.24 43.64
N ASN B 28 -30.60 -24.73 42.40
CA ASN B 28 -29.51 -25.63 42.00
C ASN B 28 -28.21 -24.83 41.89
N PRO B 29 -27.16 -25.26 42.58
CA PRO B 29 -25.90 -24.50 42.52
C PRO B 29 -25.30 -24.39 41.13
N ASP B 30 -25.61 -25.32 40.24
CA ASP B 30 -24.98 -25.34 38.92
C ASP B 30 -25.83 -24.71 37.84
N MET B 31 -27.01 -24.18 38.16
CA MET B 31 -27.80 -23.48 37.17
C MET B 31 -27.43 -22.00 37.14
N SER B 32 -27.51 -21.40 35.97
CA SER B 32 -27.09 -20.03 35.81
C SER B 32 -28.10 -19.08 36.46
N PHE B 33 -27.67 -17.81 36.59
CA PHE B 33 -28.52 -16.81 37.23
C PHE B 33 -29.80 -16.59 36.44
N LEU B 34 -29.69 -16.51 35.12
CA LEU B 34 -30.87 -16.24 34.29
C LEU B 34 -31.87 -17.37 34.37
N GLU B 35 -31.40 -18.61 34.51
CA GLU B 35 -32.33 -19.73 34.66
C GLU B 35 -33.05 -19.69 36.01
N MET B 36 -32.35 -19.21 37.05
CA MET B 36 -33.02 -18.99 38.33
C MET B 36 -34.09 -17.92 38.20
N LEU B 37 -33.79 -16.85 37.45
CA LEU B 37 -34.80 -15.83 37.20
C LEU B 37 -35.97 -16.41 36.43
N ASP B 38 -35.70 -17.32 35.50
CA ASP B 38 -36.78 -17.98 34.74
C ASP B 38 -37.67 -18.81 35.65
N VAL B 39 -37.07 -19.56 36.58
CA VAL B 39 -37.87 -20.34 37.52
C VAL B 39 -38.69 -19.42 38.40
N LEU B 40 -38.11 -18.31 38.84
CA LEU B 40 -38.86 -17.33 39.61
C LEU B 40 -40.04 -16.78 38.79
N ASN B 41 -39.82 -16.51 37.50
CA ASN B 41 -40.88 -16.00 36.65
C ASN B 41 -42.00 -17.02 36.52
N GLU B 42 -41.66 -18.30 36.35
CA GLU B 42 -42.69 -19.32 36.28
C GLU B 42 -43.48 -19.39 37.58
N ASP B 43 -42.79 -19.29 38.72
CA ASP B 43 -43.49 -19.29 39.99
C ASP B 43 -44.42 -18.09 40.12
N LEU B 44 -43.97 -16.92 39.67
CA LEU B 44 -44.80 -15.72 39.72
C LEU B 44 -46.04 -15.87 38.84
N MET B 45 -45.86 -16.41 37.63
CA MET B 45 -47.00 -16.62 36.75
C MET B 45 -47.99 -17.61 37.36
N SER B 46 -47.47 -18.67 37.97
CA SER B 46 -48.37 -19.62 38.63
C SER B 46 -49.12 -18.96 39.77
N ARG B 47 -48.46 -18.11 40.55
CA ARG B 47 -49.12 -17.43 41.66
C ARG B 47 -50.10 -16.36 41.15
N GLY B 48 -49.69 -15.58 40.15
CA GLY B 48 -50.58 -14.60 39.58
C GLY B 48 -50.04 -13.17 39.55
N GLU B 49 -48.73 -13.01 39.67
CA GLU B 49 -48.12 -11.69 39.60
C GLU B 49 -47.46 -11.47 38.25
N GLU B 50 -47.00 -10.24 38.05
CA GLU B 50 -46.36 -9.87 36.79
C GLU B 50 -44.92 -10.36 36.77
N PRO B 51 -44.53 -11.12 35.75
CA PRO B 51 -43.16 -11.67 35.72
C PRO B 51 -42.11 -10.60 35.52
N VAL B 52 -40.90 -10.90 35.98
CA VAL B 52 -39.77 -10.01 35.84
C VAL B 52 -39.27 -10.05 34.40
N ALA B 53 -39.04 -8.87 33.82
CA ALA B 53 -38.61 -8.74 32.43
C ALA B 53 -37.15 -8.37 32.37
N PHE B 54 -36.39 -9.06 31.51
CA PHE B 54 -34.97 -8.78 31.35
C PHE B 54 -34.56 -9.21 29.95
N ASP B 55 -33.41 -8.68 29.51
CA ASP B 55 -32.92 -8.93 28.17
C ASP B 55 -32.02 -10.16 28.15
N HIS B 56 -32.24 -11.03 27.17
CA HIS B 56 -31.44 -12.24 27.01
C HIS B 56 -31.70 -12.82 25.64
N ASP B 57 -30.65 -13.05 24.86
CA ASP B 57 -30.82 -13.72 23.58
C ASP B 57 -30.00 -14.99 23.46
N CYS B 58 -28.68 -14.93 23.66
CA CYS B 58 -27.79 -16.02 23.28
C CYS B 58 -27.42 -16.93 24.44
N ARG B 59 -27.31 -16.39 25.66
CA ARG B 59 -26.90 -17.15 26.83
C ARG B 59 -25.52 -17.76 26.66
N GLU B 60 -24.65 -17.11 25.88
CA GLU B 60 -23.27 -17.53 25.74
C GLU B 60 -22.26 -16.42 25.95
N GLY B 61 -22.70 -15.23 26.35
CA GLY B 61 -21.79 -14.13 26.54
C GLY B 61 -21.13 -13.62 25.28
N ILE B 62 -21.83 -13.65 24.15
CA ILE B 62 -21.32 -13.11 22.89
C ILE B 62 -22.23 -12.03 22.32
N CYS B 63 -23.55 -12.19 22.42
CA CYS B 63 -24.46 -11.25 21.79
C CYS B 63 -24.40 -9.88 22.47
N GLY B 64 -24.31 -9.86 23.79
CA GLY B 64 -24.25 -8.60 24.50
C GLY B 64 -25.57 -8.04 24.94
N MET B 65 -26.64 -8.84 24.96
CA MET B 65 -27.94 -8.36 25.37
C MET B 65 -28.15 -8.45 26.88
N CYS B 66 -27.43 -9.32 27.57
CA CYS B 66 -27.54 -9.41 29.03
C CYS B 66 -27.08 -8.11 29.67
N SER B 67 -27.85 -7.63 30.64
CA SER B 67 -27.53 -6.38 31.32
C SER B 67 -28.16 -6.42 32.71
N LEU B 68 -27.35 -6.76 33.71
CA LEU B 68 -27.83 -6.84 35.08
C LEU B 68 -26.75 -6.35 36.03
N MET B 69 -27.17 -5.61 37.05
CA MET B 69 -26.29 -5.13 38.11
C MET B 69 -26.57 -5.97 39.35
N ILE B 70 -25.71 -6.94 39.61
CA ILE B 70 -25.93 -7.94 40.64
C ILE B 70 -25.00 -7.65 41.81
N ASN B 71 -25.59 -7.43 42.99
CA ASN B 71 -24.86 -7.18 44.22
C ASN B 71 -23.91 -5.98 44.09
N GLY B 72 -24.31 -4.99 43.30
CA GLY B 72 -23.55 -3.77 43.17
C GLY B 72 -22.48 -3.78 42.10
N VAL B 73 -22.15 -4.94 41.54
CA VAL B 73 -21.11 -5.06 40.53
C VAL B 73 -21.74 -5.56 39.24
N ALA B 74 -21.38 -4.95 38.13
CA ALA B 74 -21.96 -5.29 36.84
C ALA B 74 -21.64 -6.73 36.46
N HIS B 75 -22.62 -7.40 35.85
CA HIS B 75 -22.47 -8.75 35.34
C HIS B 75 -22.15 -9.77 36.44
N GLY B 76 -22.42 -9.44 37.69
CA GLY B 76 -22.19 -10.37 38.77
C GLY B 76 -20.81 -10.25 39.37
N PRO B 77 -20.60 -10.90 40.53
CA PRO B 77 -19.33 -10.74 41.24
C PRO B 77 -18.11 -11.20 40.48
N LYS B 78 -18.22 -12.25 39.68
CA LYS B 78 -17.06 -12.76 38.95
C LYS B 78 -16.74 -11.85 37.79
N ASN B 79 -15.46 -11.71 37.47
CA ASN B 79 -15.02 -10.81 36.43
C ASN B 79 -14.81 -11.54 35.11
N ALA B 80 -14.77 -10.77 34.03
CA ALA B 80 -14.54 -11.24 32.67
C ALA B 80 -15.63 -12.19 32.17
N ILE B 81 -16.81 -12.15 32.79
CA ILE B 81 -17.96 -12.93 32.32
C ILE B 81 -19.17 -12.01 32.28
N THR B 82 -20.16 -12.41 31.49
CA THR B 82 -21.39 -11.66 31.38
C THR B 82 -22.43 -12.22 32.35
N THR B 83 -23.63 -11.64 32.33
CA THR B 83 -24.67 -12.10 33.24
C THR B 83 -25.16 -13.49 32.87
N CYS B 84 -25.24 -13.80 31.57
CA CYS B 84 -25.69 -15.11 31.15
C CYS B 84 -24.72 -16.21 31.54
N GLN B 85 -23.45 -15.87 31.73
CA GLN B 85 -22.42 -16.85 32.09
C GLN B 85 -22.27 -17.05 33.59
N LEU B 86 -22.94 -16.24 34.41
CA LEU B 86 -22.82 -16.34 35.85
C LEU B 86 -23.72 -17.45 36.37
N HIS B 87 -23.15 -18.35 37.15
CA HIS B 87 -23.88 -19.47 37.74
C HIS B 87 -23.99 -19.27 39.25
N MET B 88 -24.92 -19.98 39.86
CA MET B 88 -25.19 -19.82 41.28
C MET B 88 -24.19 -20.55 42.16
N ARG B 89 -23.21 -21.25 41.58
CA ARG B 89 -22.13 -21.80 42.38
C ARG B 89 -21.22 -20.72 42.95
N SER B 90 -21.34 -19.49 42.47
CA SER B 90 -20.54 -18.37 42.97
C SER B 90 -21.20 -17.64 44.13
N PHE B 91 -22.34 -18.13 44.62
CA PHE B 91 -23.05 -17.51 45.72
C PHE B 91 -23.10 -18.48 46.90
N LYS B 92 -23.71 -18.03 47.99
CA LYS B 92 -23.68 -18.75 49.25
C LYS B 92 -25.10 -18.98 49.76
N ASP B 93 -25.29 -20.07 50.49
CA ASP B 93 -26.59 -20.39 51.05
C ASP B 93 -27.03 -19.28 52.01
N GLY B 94 -28.28 -18.86 51.87
CA GLY B 94 -28.83 -17.80 52.70
C GLY B 94 -28.43 -16.40 52.30
N ASP B 95 -27.73 -16.24 51.17
CA ASP B 95 -27.29 -14.93 50.73
C ASP B 95 -28.47 -14.09 50.26
N THR B 96 -28.30 -12.77 50.28
CA THR B 96 -29.25 -11.83 49.73
C THR B 96 -28.65 -11.17 48.51
N ILE B 97 -29.35 -11.23 47.39
CA ILE B 97 -28.82 -10.78 46.10
C ILE B 97 -29.69 -9.63 45.61
N THR B 98 -29.07 -8.51 45.29
CA THR B 98 -29.78 -7.33 44.79
C THR B 98 -29.60 -7.22 43.28
N VAL B 99 -30.72 -7.12 42.56
CA VAL B 99 -30.73 -7.10 41.11
C VAL B 99 -31.31 -5.78 40.63
N GLU B 100 -30.56 -5.10 39.76
CA GLU B 100 -30.90 -3.78 39.23
C GLU B 100 -30.52 -3.71 37.77
N PRO B 101 -31.14 -2.81 37.00
CA PRO B 101 -30.68 -2.55 35.64
C PRO B 101 -29.52 -1.58 35.60
N TRP B 102 -29.06 -1.20 34.41
CA TRP B 102 -28.11 -0.09 34.34
C TRP B 102 -28.79 1.20 34.74
N ARG B 103 -28.00 2.16 35.22
CA ARG B 103 -28.50 3.48 35.58
C ARG B 103 -27.69 4.53 34.85
N ALA B 104 -28.33 5.19 33.88
CA ALA B 104 -27.72 6.31 33.17
C ALA B 104 -28.84 7.11 32.52
N SER B 105 -28.52 8.37 32.21
CA SER B 105 -29.49 9.21 31.51
C SER B 105 -29.65 8.77 30.06
N ALA B 106 -28.58 8.27 29.45
CA ALA B 106 -28.63 7.80 28.07
C ALA B 106 -29.16 6.39 27.93
N PHE B 107 -29.44 5.70 29.04
CA PHE B 107 -29.99 4.35 29.05
C PHE B 107 -31.30 4.37 29.80
N PRO B 108 -32.38 4.87 29.18
CA PRO B 108 -33.67 4.92 29.87
C PRO B 108 -34.17 3.53 30.20
N ILE B 109 -34.87 3.43 31.32
CA ILE B 109 -35.41 2.17 31.80
C ILE B 109 -36.81 1.99 31.25
N LEU B 110 -37.05 0.86 30.58
CA LEU B 110 -38.34 0.59 29.95
C LEU B 110 -39.22 -0.36 30.74
N LYS B 111 -38.63 -1.22 31.56
CA LYS B 111 -39.37 -2.25 32.29
C LYS B 111 -38.62 -2.51 33.60
N ASP B 112 -38.89 -3.66 34.21
CA ASP B 112 -38.26 -3.97 35.50
C ASP B 112 -36.74 -3.91 35.41
N LEU B 113 -36.15 -4.60 34.43
CA LEU B 113 -34.70 -4.64 34.30
C LEU B 113 -34.22 -4.40 32.87
N VAL B 114 -35.08 -3.92 31.99
CA VAL B 114 -34.74 -3.70 30.58
C VAL B 114 -34.48 -2.22 30.38
N VAL B 115 -33.41 -1.90 29.66
CA VAL B 115 -33.04 -0.53 29.39
C VAL B 115 -32.96 -0.32 27.88
N ASP B 116 -32.90 0.95 27.48
CA ASP B 116 -32.80 1.35 26.09
C ASP B 116 -31.34 1.71 25.80
N ARG B 117 -30.66 0.86 25.03
CA ARG B 117 -29.26 1.07 24.70
C ARG B 117 -29.05 1.49 23.24
N SER B 118 -29.99 2.24 22.67
CA SER B 118 -29.83 2.71 21.31
C SER B 118 -28.79 3.81 21.19
N ALA B 119 -28.35 4.37 22.31
CA ALA B 119 -27.30 5.38 22.28
C ALA B 119 -26.01 4.83 21.70
N PHE B 120 -25.70 3.57 22.00
CA PHE B 120 -24.53 2.93 21.42
C PHE B 120 -24.66 2.82 19.91
N ASP B 121 -25.88 2.48 19.46
CA ASP B 121 -26.13 2.38 17.99
C ASP B 121 -25.88 3.76 17.36
N ARG B 122 -26.38 4.82 17.98
CA ARG B 122 -26.19 6.16 17.42
C ARG B 122 -24.73 6.57 17.45
N ILE B 123 -23.98 6.17 18.47
CA ILE B 123 -22.55 6.46 18.50
C ILE B 123 -21.85 5.77 17.33
N ILE B 124 -22.22 4.51 17.06
CA ILE B 124 -21.65 3.79 15.93
C ILE B 124 -22.00 4.49 14.63
N GLN B 125 -23.24 4.95 14.50
CA GLN B 125 -23.70 5.55 13.25
C GLN B 125 -22.92 6.79 12.86
N ALA B 126 -22.27 7.46 13.81
CA ALA B 126 -21.54 8.69 13.53
C ALA B 126 -20.05 8.43 13.36
N GLY B 127 -19.71 7.66 12.33
CA GLY B 127 -18.34 7.49 11.92
C GLY B 127 -17.67 6.19 12.35
N GLY B 128 -18.34 5.36 13.13
CA GLY B 128 -17.71 4.14 13.60
C GLY B 128 -17.70 3.01 12.58
N TYR B 129 -17.17 3.27 11.39
CA TYR B 129 -17.19 2.30 10.31
C TYR B 129 -16.13 2.68 9.29
N ILE B 130 -16.01 1.87 8.25
CA ILE B 130 -15.13 2.12 7.12
C ILE B 130 -16.00 2.27 5.88
N SER B 131 -15.89 3.41 5.20
CA SER B 131 -16.81 3.77 4.13
C SER B 131 -16.35 3.13 2.82
N VAL B 132 -16.59 1.84 2.70
CA VAL B 132 -16.32 1.08 1.49
C VAL B 132 -17.62 0.44 1.02
N SER B 133 -17.97 0.69 -0.23
CA SER B 133 -19.21 0.16 -0.80
C SER B 133 -18.98 -1.24 -1.35
N THR B 134 -20.08 -1.97 -1.52
CA THR B 134 -20.00 -3.34 -1.99
C THR B 134 -19.56 -3.38 -3.45
N GLY B 135 -18.68 -4.34 -3.75
CA GLY B 135 -18.21 -4.55 -5.10
C GLY B 135 -16.93 -3.82 -5.45
N SER B 136 -16.54 -2.81 -4.67
CA SER B 136 -15.36 -2.03 -4.96
C SER B 136 -14.13 -2.52 -4.20
N ALA B 137 -14.25 -3.56 -3.40
CA ALA B 137 -13.13 -4.01 -2.58
C ALA B 137 -12.02 -4.58 -3.46
N PRO B 138 -10.76 -4.32 -3.13
CA PRO B 138 -9.66 -4.96 -3.85
C PRO B 138 -9.44 -6.39 -3.37
N ASP B 139 -8.41 -7.05 -3.88
CA ASP B 139 -8.12 -8.42 -3.46
C ASP B 139 -7.72 -8.45 -1.99
N ALA B 140 -7.95 -9.60 -1.36
CA ALA B 140 -7.80 -9.70 0.09
C ALA B 140 -6.37 -9.45 0.53
N ASN B 141 -5.39 -10.01 -0.18
CA ASN B 141 -3.99 -9.92 0.21
C ASN B 141 -3.28 -8.71 -0.37
N THR B 142 -4.03 -7.66 -0.73
CA THR B 142 -3.41 -6.48 -1.31
C THR B 142 -2.62 -5.69 -0.27
N ILE B 143 -3.21 -5.46 0.89
CA ILE B 143 -2.62 -4.63 1.93
C ILE B 143 -2.13 -5.54 3.06
N PRO B 144 -0.83 -5.58 3.36
CA PRO B 144 -0.36 -6.40 4.47
C PRO B 144 -0.63 -5.74 5.81
N VAL B 145 -1.03 -6.57 6.78
CA VAL B 145 -1.28 -6.13 8.15
C VAL B 145 -0.44 -7.00 9.08
N SER B 146 0.44 -6.38 9.85
CA SER B 146 1.32 -7.13 10.73
C SER B 146 0.49 -7.92 11.75
N LYS B 147 1.07 -9.03 12.22
CA LYS B 147 0.35 -9.91 13.13
C LYS B 147 0.04 -9.22 14.46
N VAL B 148 0.96 -8.39 14.95
CA VAL B 148 0.75 -7.69 16.21
C VAL B 148 -0.38 -6.69 16.09
N ALA B 149 -0.39 -5.92 15.00
CA ALA B 149 -1.46 -4.95 14.79
C ALA B 149 -2.80 -5.63 14.66
N ALA B 150 -2.86 -6.74 13.91
CA ALA B 150 -4.12 -7.47 13.77
C ALA B 150 -4.57 -8.05 15.10
N ASP B 151 -3.63 -8.54 15.91
CA ASP B 151 -4.00 -9.08 17.22
C ASP B 151 -4.56 -8.01 18.14
N ARG B 152 -3.93 -6.82 18.17
CA ARG B 152 -4.45 -5.75 19.00
C ARG B 152 -5.79 -5.25 18.49
N ALA B 153 -5.96 -5.19 17.17
CA ALA B 153 -7.24 -4.81 16.59
C ALA B 153 -8.33 -5.80 16.95
N MET B 154 -8.00 -7.09 16.98
CA MET B 154 -8.98 -8.09 17.37
C MET B 154 -9.29 -8.01 18.86
N ASP B 155 -8.28 -7.69 19.67
CA ASP B 155 -8.50 -7.52 21.10
C ASP B 155 -9.47 -6.36 21.37
N ALA B 156 -9.29 -5.25 20.66
CA ALA B 156 -10.19 -4.12 20.82
C ALA B 156 -11.53 -4.34 20.15
N ALA B 157 -11.58 -5.16 19.10
CA ALA B 157 -12.79 -5.33 18.32
C ALA B 157 -13.78 -6.30 18.93
N ALA B 158 -13.37 -7.06 19.94
CA ALA B 158 -14.26 -8.03 20.59
C ALA B 158 -15.03 -7.33 21.70
N CYS B 159 -15.87 -6.39 21.31
CA CYS B 159 -16.75 -5.67 22.22
C CYS B 159 -18.18 -6.07 21.91
N ILE B 160 -18.88 -6.59 22.91
CA ILE B 160 -20.23 -7.09 22.69
C ILE B 160 -21.29 -6.02 22.91
N GLY B 161 -20.90 -4.77 23.14
CA GLY B 161 -21.86 -3.69 23.26
C GLY B 161 -22.88 -3.88 24.36
N CYS B 162 -22.46 -4.44 25.49
CA CYS B 162 -23.38 -4.71 26.59
C CYS B 162 -23.77 -3.45 27.35
N GLY B 163 -22.88 -2.46 27.39
CA GLY B 163 -23.14 -1.27 28.16
C GLY B 163 -22.81 -1.37 29.64
N ALA B 164 -22.06 -2.39 30.06
CA ALA B 164 -21.65 -2.49 31.45
C ALA B 164 -20.59 -1.48 31.80
N CYS B 165 -19.81 -1.03 30.82
CA CYS B 165 -18.82 0.02 31.07
C CYS B 165 -19.49 1.32 31.48
N VAL B 166 -20.62 1.66 30.86
CA VAL B 166 -21.36 2.85 31.23
C VAL B 166 -21.91 2.70 32.64
N ALA B 167 -22.40 1.51 32.98
CA ALA B 167 -23.01 1.29 34.28
C ALA B 167 -21.99 1.29 35.41
N ALA B 168 -20.79 0.79 35.16
CA ALA B 168 -19.77 0.77 36.21
C ALA B 168 -19.11 2.13 36.38
N CYS B 169 -18.99 2.90 35.31
CA CYS B 169 -18.31 4.18 35.38
C CYS B 169 -19.05 5.11 36.33
N PRO B 170 -18.39 5.67 37.34
CA PRO B 170 -19.07 6.60 38.25
C PRO B 170 -19.63 7.82 37.55
N ASN B 171 -19.06 8.22 36.43
CA ASN B 171 -19.56 9.36 35.67
C ASN B 171 -20.61 8.97 34.63
N GLY B 172 -20.87 7.68 34.44
CA GLY B 172 -21.76 7.27 33.38
C GLY B 172 -21.25 7.59 32.00
N SER B 173 -19.96 7.38 31.75
CA SER B 173 -19.36 7.68 30.47
C SER B 173 -19.21 6.43 29.63
N ALA B 174 -19.32 6.60 28.32
CA ALA B 174 -19.15 5.53 27.35
C ALA B 174 -17.77 5.57 26.72
N MET B 175 -16.75 5.92 27.50
CA MET B 175 -15.42 6.08 26.95
C MET B 175 -14.80 4.75 26.53
N LEU B 176 -15.07 3.68 27.28
CA LEU B 176 -14.47 2.39 26.91
C LEU B 176 -15.03 1.86 25.60
N PHE B 177 -16.34 1.95 25.41
CA PHE B 177 -16.96 1.49 24.16
C PHE B 177 -16.43 2.27 22.96
N THR B 178 -16.46 3.60 23.05
CA THR B 178 -15.98 4.44 21.96
C THR B 178 -14.51 4.20 21.69
N ALA B 179 -13.72 4.08 22.77
CA ALA B 179 -12.29 3.85 22.61
C ALA B 179 -12.01 2.50 21.95
N ALA B 180 -12.78 1.48 22.32
CA ALA B 180 -12.59 0.17 21.71
C ALA B 180 -12.89 0.21 20.22
N LYS B 181 -13.98 0.85 19.82
CA LYS B 181 -14.28 0.94 18.39
C LYS B 181 -13.22 1.74 17.65
N VAL B 182 -12.79 2.87 18.22
CA VAL B 182 -11.79 3.69 17.58
C VAL B 182 -10.47 2.93 17.44
N THR B 183 -10.08 2.20 18.48
CA THR B 183 -8.84 1.43 18.44
C THR B 183 -8.93 0.31 17.41
N HIS B 184 -10.08 -0.37 17.33
CA HIS B 184 -10.24 -1.41 16.32
C HIS B 184 -10.05 -0.84 14.93
N LEU B 185 -10.74 0.25 14.62
CA LEU B 185 -10.65 0.78 13.26
C LEU B 185 -9.34 1.50 12.98
N ALA B 186 -8.60 1.92 14.00
CA ALA B 186 -7.40 2.70 13.81
C ALA B 186 -6.14 1.86 13.72
N LEU B 187 -6.21 0.57 14.00
CA LEU B 187 -5.04 -0.30 13.98
C LEU B 187 -4.87 -1.05 12.68
N LEU B 188 -5.79 -0.88 11.72
CA LEU B 188 -5.69 -1.51 10.42
C LEU B 188 -5.49 -0.44 9.35
N PRO B 189 -4.78 -0.76 8.27
CA PRO B 189 -4.60 0.23 7.20
C PRO B 189 -5.90 0.67 6.56
N GLN B 190 -6.89 -0.21 6.46
CA GLN B 190 -8.16 0.15 5.85
C GLN B 190 -8.88 1.24 6.63
N GLY B 191 -8.56 1.41 7.90
CA GLY B 191 -9.14 2.47 8.69
C GLY B 191 -8.34 3.75 8.72
N GLN B 192 -7.21 3.80 8.02
CA GLN B 192 -6.40 5.01 8.02
C GLN B 192 -7.08 6.21 7.37
N PRO B 193 -7.70 6.11 6.19
CA PRO B 193 -8.06 7.34 5.46
C PRO B 193 -9.00 8.29 6.18
N GLU B 194 -9.74 7.84 7.19
CA GLU B 194 -10.67 8.73 7.86
C GLU B 194 -10.66 8.56 9.37
N ARG B 195 -9.53 8.21 9.96
CA ARG B 195 -9.53 7.97 11.40
C ARG B 195 -9.60 9.27 12.20
N TYR B 196 -8.86 10.29 11.78
CA TYR B 196 -8.80 11.51 12.58
C TYR B 196 -10.12 12.25 12.59
N GLN B 197 -10.87 12.20 11.50
CA GLN B 197 -12.26 12.64 11.57
C GLN B 197 -13.06 11.70 12.45
N ARG B 198 -12.91 10.39 12.24
CA ARG B 198 -13.80 9.42 12.87
C ARG B 198 -13.87 9.64 14.36
N VAL B 199 -12.72 9.62 15.03
CA VAL B 199 -12.71 9.74 16.49
C VAL B 199 -13.45 11.00 16.92
N VAL B 200 -13.14 12.13 16.29
CA VAL B 200 -13.79 13.37 16.70
C VAL B 200 -15.29 13.22 16.61
N ASN B 201 -15.78 12.77 15.46
CA ASN B 201 -17.21 12.59 15.30
C ASN B 201 -17.76 11.73 16.43
N MET B 202 -17.14 10.57 16.64
CA MET B 202 -17.67 9.65 17.63
C MET B 202 -17.71 10.30 18.99
N VAL B 203 -16.63 10.99 19.36
CA VAL B 203 -16.59 11.60 20.69
C VAL B 203 -17.71 12.62 20.81
N ALA B 204 -17.89 13.46 19.79
CA ALA B 204 -18.94 14.45 19.85
C ALA B 204 -20.29 13.79 20.05
N GLN B 205 -20.53 12.67 19.36
CA GLN B 205 -21.82 12.01 19.47
C GLN B 205 -22.07 11.58 20.91
N ALA B 206 -21.04 11.05 21.58
CA ALA B 206 -21.22 10.66 22.97
C ALA B 206 -21.59 11.86 23.82
N ASP B 207 -20.91 13.00 23.61
CA ASP B 207 -21.25 14.21 24.33
C ASP B 207 -22.67 14.64 24.00
N PHE B 208 -23.07 14.46 22.74
CA PHE B 208 -24.43 14.84 22.35
C PHE B 208 -25.45 13.91 22.97
N GLU B 209 -25.06 12.69 23.30
CA GLU B 209 -26.04 11.68 23.66
C GLU B 209 -26.41 11.74 25.14
N GLY B 210 -25.51 12.22 25.99
CA GLY B 210 -25.82 12.40 27.39
C GLY B 210 -24.89 11.67 28.33
N PHE B 211 -23.78 11.17 27.81
CA PHE B 211 -22.82 10.47 28.63
C PHE B 211 -21.92 11.47 29.36
N GLY B 212 -21.31 11.00 30.45
CA GLY B 212 -20.40 11.81 31.21
C GLY B 212 -19.00 11.84 30.62
N ASN B 213 -18.07 12.37 31.39
CA ASN B 213 -16.68 12.45 31.01
C ASN B 213 -15.89 11.34 31.70
N CYS B 214 -14.64 11.15 31.28
CA CYS B 214 -13.80 10.10 31.82
C CYS B 214 -12.78 10.73 32.77
N THR B 215 -12.83 10.33 34.03
CA THR B 215 -11.89 10.78 35.04
C THR B 215 -10.73 9.80 35.21
N ASN B 216 -10.56 8.90 34.26
CA ASN B 216 -9.50 7.88 34.30
C ASN B 216 -9.57 7.08 35.59
N ILE B 217 -10.78 6.87 36.10
CA ILE B 217 -10.96 6.07 37.31
C ILE B 217 -10.57 4.62 37.03
N GLY B 218 -10.98 4.09 35.89
CA GLY B 218 -10.65 2.74 35.52
C GLY B 218 -11.65 1.70 35.96
N GLU B 219 -12.82 2.10 36.42
CA GLU B 219 -13.81 1.15 36.88
C GLU B 219 -14.37 0.33 35.73
N CYS B 220 -14.40 0.91 34.52
CA CYS B 220 -14.98 0.23 33.37
C CYS B 220 -14.22 -1.05 33.02
N ALA B 221 -12.89 -0.99 33.04
CA ALA B 221 -12.10 -2.13 32.62
C ALA B 221 -12.16 -3.29 33.61
N ALA B 222 -12.65 -3.05 34.82
CA ALA B 222 -12.74 -4.10 35.81
C ALA B 222 -13.97 -4.99 35.61
N VAL B 223 -15.01 -4.47 34.95
CA VAL B 223 -16.24 -5.22 34.73
C VAL B 223 -16.46 -5.55 33.27
N CYS B 224 -15.57 -5.15 32.38
CA CYS B 224 -15.76 -5.41 30.96
C CYS B 224 -15.73 -6.91 30.72
N PRO B 225 -16.77 -7.50 30.12
CA PRO B 225 -16.76 -8.96 29.92
C PRO B 225 -15.64 -9.46 29.05
N LYS B 226 -15.19 -8.66 28.08
CA LYS B 226 -14.15 -9.08 27.16
C LYS B 226 -12.80 -8.48 27.48
N GLU B 227 -12.64 -7.90 28.66
CA GLU B 227 -11.34 -7.45 29.16
C GLU B 227 -10.68 -6.46 28.20
N ILE B 228 -11.44 -5.47 27.76
CA ILE B 228 -10.85 -4.39 26.96
C ILE B 228 -9.95 -3.57 27.87
N SER B 229 -8.70 -3.39 27.47
CA SER B 229 -7.74 -2.72 28.32
C SER B 229 -7.94 -1.22 28.29
N LEU B 230 -7.36 -0.54 29.28
CA LEU B 230 -7.44 0.91 29.36
C LEU B 230 -6.55 1.61 28.35
N GLU B 231 -5.73 0.86 27.61
CA GLU B 231 -4.90 1.46 26.58
C GLU B 231 -5.71 1.91 25.37
N THR B 232 -6.93 1.39 25.20
CA THR B 232 -7.79 1.89 24.14
C THR B 232 -8.14 3.35 24.37
N ILE B 233 -8.36 3.74 25.62
CA ILE B 233 -8.66 5.13 25.93
C ILE B 233 -7.45 6.01 25.64
N ALA B 234 -6.25 5.52 25.94
CA ALA B 234 -5.05 6.26 25.59
C ALA B 234 -4.92 6.42 24.08
N GLN B 235 -5.23 5.37 23.33
CA GLN B 235 -5.19 5.49 21.88
C GLN B 235 -6.20 6.51 21.37
N LEU B 236 -7.40 6.52 21.95
CA LEU B 236 -8.39 7.51 21.56
C LEU B 236 -7.92 8.92 21.89
N ASN B 237 -7.29 9.10 23.05
CA ASN B 237 -6.79 10.42 23.42
C ASN B 237 -5.70 10.89 22.47
N ARG B 238 -4.79 9.99 22.09
CA ARG B 238 -3.77 10.35 21.11
C ARG B 238 -4.40 10.75 19.78
N ASP B 239 -5.39 9.98 19.33
CA ASP B 239 -6.04 10.28 18.06
C ASP B 239 -6.77 11.61 18.11
N LEU B 240 -7.44 11.90 19.23
CA LEU B 240 -8.18 13.16 19.33
C LEU B 240 -7.24 14.35 19.42
N VAL B 241 -6.12 14.21 20.14
CA VAL B 241 -5.15 15.30 20.18
C VAL B 241 -4.59 15.56 18.80
N MET B 242 -4.23 14.50 18.08
CA MET B 242 -3.70 14.67 16.73
C MET B 242 -4.74 15.26 15.78
N ALA B 243 -6.01 14.92 15.98
CA ALA B 243 -7.06 15.51 15.14
C ALA B 243 -7.26 16.97 15.45
N ALA B 244 -7.18 17.34 16.73
CA ALA B 244 -7.28 18.76 17.10
C ALA B 244 -6.12 19.56 16.55
N LEU B 245 -4.92 18.97 16.49
CA LEU B 245 -3.79 19.64 15.87
C LEU B 245 -3.99 19.85 14.38
N ARG B 246 -4.88 19.10 13.75
CA ARG B 246 -5.16 19.23 12.33
C ARG B 246 -6.35 20.12 12.04
N GLY B 247 -7.01 20.66 13.06
CA GLY B 247 -8.18 21.48 12.85
C GLY B 247 -9.36 20.71 12.30
N ILE B 248 -9.58 19.49 12.78
CA ILE B 248 -10.72 18.69 12.35
C ILE B 248 -11.93 19.11 13.16
N GLU B 249 -12.98 19.54 12.44
CA GLU B 249 -14.23 20.00 13.12
C GLU B 249 -15.25 18.86 13.10
N PRO B 250 -15.93 18.55 14.22
CA PRO B 250 -16.96 17.51 14.24
C PRO B 250 -18.12 17.87 13.32
N ASN B 251 -18.73 16.83 12.76
CA ASN B 251 -19.86 17.01 11.85
C ASN B 251 -21.13 17.26 12.64
N THR B 252 -22.27 17.30 11.95
CA THR B 252 -23.53 17.47 12.64
C THR B 252 -23.89 16.20 13.40
N PRO B 253 -24.48 16.31 14.59
CA PRO B 253 -24.80 15.11 15.37
C PRO B 253 -25.91 14.29 14.73
N ILE B 254 -25.90 12.99 15.03
CA ILE B 254 -26.91 12.06 14.51
C ILE B 254 -28.13 12.17 15.42
N VAL B 255 -29.18 12.80 14.92
CA VAL B 255 -30.42 12.96 15.69
C VAL B 255 -31.25 11.69 15.56
N PRO B 256 -31.80 11.16 16.66
CA PRO B 256 -32.62 9.95 16.56
C PRO B 256 -33.88 10.19 15.75
N ALA B 257 -34.37 9.12 15.12
CA ALA B 257 -35.56 9.19 14.30
C ALA B 257 -36.81 9.50 15.14
N MET C 1 -11.46 23.81 11.45
CA MET C 1 -11.12 25.01 10.70
C MET C 1 -10.50 26.04 11.62
N THR C 2 -11.12 26.23 12.79
CA THR C 2 -10.61 27.22 13.73
C THR C 2 -9.23 26.81 14.25
N GLY C 3 -9.01 25.51 14.40
CA GLY C 3 -7.71 25.04 14.84
C GLY C 3 -7.72 24.38 16.19
N VAL C 4 -6.79 24.80 17.06
CA VAL C 4 -6.61 24.16 18.35
C VAL C 4 -7.78 24.42 19.28
N LEU C 5 -8.45 25.56 19.15
CA LEU C 5 -9.63 25.86 19.96
C LEU C 5 -10.73 24.82 19.77
N THR C 6 -10.57 23.90 18.80
CA THR C 6 -11.49 22.77 18.69
C THR C 6 -11.50 21.91 19.95
N LEU C 7 -10.46 21.99 20.78
CA LEU C 7 -10.48 21.28 22.04
C LEU C 7 -11.56 21.77 22.98
N THR C 8 -12.06 22.99 22.76
CA THR C 8 -13.13 23.50 23.60
C THR C 8 -14.45 22.78 23.34
N ARG C 9 -14.61 22.22 22.14
CA ARG C 9 -15.92 21.73 21.72
C ARG C 9 -16.28 20.39 22.37
N THR C 10 -15.30 19.51 22.55
CA THR C 10 -15.55 18.16 23.03
C THR C 10 -15.05 17.98 24.46
N SER C 11 -15.57 16.95 25.11
CA SER C 11 -15.18 16.66 26.49
C SER C 11 -13.71 16.25 26.57
N VAL C 12 -13.24 15.46 25.63
CA VAL C 12 -11.85 15.02 25.66
C VAL C 12 -10.91 16.20 25.46
N GLY C 13 -11.32 17.19 24.66
CA GLY C 13 -10.51 18.39 24.54
C GLY C 13 -10.40 19.14 25.85
N LYS C 14 -11.49 19.23 26.61
CA LYS C 14 -11.43 19.85 27.92
C LYS C 14 -10.53 19.07 28.86
N LYS C 15 -10.54 17.73 28.76
CA LYS C 15 -9.65 16.95 29.58
C LYS C 15 -8.19 17.18 29.20
N VAL C 16 -7.92 17.38 27.91
CA VAL C 16 -6.57 17.71 27.47
C VAL C 16 -6.14 19.06 28.02
N ILE C 17 -7.05 20.03 28.02
CA ILE C 17 -6.78 21.33 28.62
C ILE C 17 -6.43 21.16 30.09
N MET C 18 -7.22 20.35 30.81
CA MET C 18 -6.92 20.07 32.21
C MET C 18 -5.56 19.42 32.35
N ALA C 19 -5.19 18.55 31.42
CA ALA C 19 -3.90 17.85 31.53
C ALA C 19 -2.73 18.82 31.41
N LEU C 20 -2.76 19.69 30.40
CA LEU C 20 -1.68 20.67 30.26
C LEU C 20 -1.63 21.62 31.45
N THR C 21 -2.80 22.10 31.87
CA THR C 21 -2.86 22.98 33.03
C THR C 21 -2.34 22.29 34.28
N GLY C 22 -2.67 21.01 34.44
CA GLY C 22 -2.18 20.27 35.59
C GLY C 22 -0.68 20.09 35.54
N PHE C 23 -0.13 19.92 34.34
CA PHE C 23 1.32 19.89 34.20
C PHE C 23 1.93 21.17 34.77
N VAL C 24 1.42 22.32 34.34
CA VAL C 24 1.98 23.59 34.80
C VAL C 24 1.81 23.72 36.31
N LEU C 25 0.63 23.39 36.82
CA LEU C 25 0.35 23.58 38.24
C LEU C 25 1.15 22.64 39.11
N VAL C 26 1.36 21.39 38.66
CA VAL C 26 2.19 20.45 39.41
C VAL C 26 3.63 20.95 39.45
N GLY C 27 4.13 21.44 38.32
CA GLY C 27 5.46 22.02 38.32
C GLY C 27 5.59 23.15 39.31
N PHE C 28 4.59 24.04 39.34
CA PHE C 28 4.65 25.15 40.28
C PHE C 28 4.61 24.66 41.72
N VAL C 29 3.76 23.68 42.01
CA VAL C 29 3.64 23.20 43.39
C VAL C 29 4.96 22.61 43.86
N VAL C 30 5.60 21.79 43.01
CA VAL C 30 6.86 21.17 43.39
C VAL C 30 7.93 22.23 43.62
N PHE C 31 8.04 23.19 42.68
CA PHE C 31 9.05 24.22 42.82
C PHE C 31 8.79 25.08 44.06
N HIS C 32 7.53 25.37 44.35
CA HIS C 32 7.19 26.20 45.49
C HIS C 32 7.52 25.51 46.81
N MET C 33 7.21 24.21 46.91
CA MET C 33 7.59 23.48 48.11
C MET C 33 9.10 23.44 48.27
N TYR C 34 9.82 23.21 47.16
CA TYR C 34 11.27 23.17 47.23
C TYR C 34 11.83 24.51 47.71
N GLY C 35 11.27 25.61 47.23
CA GLY C 35 11.71 26.92 47.67
C GLY C 35 11.40 27.17 49.14
N ASN C 36 10.19 26.80 49.58
CA ASN C 36 9.82 27.00 50.97
C ASN C 36 10.60 26.10 51.92
N LEU C 37 11.25 25.06 51.41
CA LEU C 37 12.11 24.24 52.25
C LEU C 37 13.26 25.03 52.86
N LYS C 38 13.61 26.18 52.27
CA LYS C 38 14.79 26.92 52.70
C LYS C 38 14.64 27.57 54.07
N MET C 39 13.42 27.71 54.60
CA MET C 39 13.27 28.43 55.85
C MET C 39 13.81 27.65 57.04
N TYR C 40 14.17 26.38 56.87
CA TYR C 40 14.89 25.66 57.91
C TYR C 40 16.33 26.17 58.04
N GLN C 41 16.87 26.79 56.99
CA GLN C 41 18.22 27.33 57.07
C GLN C 41 18.31 28.49 58.05
N GLY C 42 17.30 29.35 58.05
CA GLY C 42 17.31 30.52 58.89
C GLY C 42 16.67 31.71 58.19
N PRO C 43 16.38 32.77 58.94
CA PRO C 43 15.73 33.94 58.32
C PRO C 43 16.55 34.57 57.21
N GLU C 44 17.87 34.54 57.32
CA GLU C 44 18.71 35.19 56.32
C GLU C 44 18.53 34.54 54.95
N VAL C 45 18.63 33.21 54.89
CA VAL C 45 18.55 32.51 53.62
C VAL C 45 17.14 32.60 53.04
N TYR C 46 16.12 32.49 53.89
CA TYR C 46 14.74 32.61 53.42
C TYR C 46 14.48 33.98 52.83
N ASN C 47 14.92 35.04 53.51
CA ASN C 47 14.73 36.38 52.99
C ASN C 47 15.54 36.59 51.72
N ALA C 48 16.72 35.98 51.63
CA ALA C 48 17.51 36.08 50.41
C ALA C 48 16.79 35.43 49.24
N TYR C 49 16.18 34.27 49.47
CA TYR C 49 15.42 33.61 48.41
C TYR C 49 14.22 34.46 47.99
N ALA C 50 13.51 35.02 48.97
CA ALA C 50 12.36 35.85 48.65
C ALA C 50 12.77 37.07 47.84
N ALA C 51 13.90 37.69 48.18
CA ALA C 51 14.39 38.82 47.42
C ALA C 51 14.84 38.40 46.03
N GLY C 52 15.53 37.27 45.91
CA GLY C 52 16.03 36.83 44.63
C GLY C 52 14.95 36.39 43.67
N LEU C 53 13.77 36.02 44.18
CA LEU C 53 12.65 35.75 43.27
C LEU C 53 12.31 36.98 42.44
N ARG C 54 12.26 38.15 43.08
CA ARG C 54 11.94 39.39 42.38
C ARG C 54 13.06 39.87 41.50
N GLU C 55 14.25 39.32 41.62
CA GLU C 55 15.41 39.69 40.82
C GLU C 55 15.95 38.45 40.11
N LEU C 56 15.36 38.13 38.97
CA LEU C 56 15.89 37.09 38.09
C LEU C 56 16.45 37.75 36.84
N GLY C 57 17.69 37.43 36.52
CA GLY C 57 18.37 38.11 35.43
C GLY C 57 18.46 39.59 35.70
N TYR C 58 18.89 39.95 36.91
CA TYR C 58 19.02 41.33 37.37
C TYR C 58 19.55 42.30 36.32
N PRO C 59 20.69 42.02 35.68
CA PRO C 59 21.20 43.00 34.71
C PRO C 59 20.70 42.76 33.30
N ILE C 60 19.67 41.94 33.14
CA ILE C 60 19.10 41.70 31.81
C ILE C 60 17.62 42.06 31.81
N PHE C 61 16.84 41.39 32.65
CA PHE C 61 15.43 41.71 32.83
C PHE C 61 15.27 42.73 33.94
N GLY C 62 14.08 43.33 33.99
CA GLY C 62 13.80 44.36 34.96
C GLY C 62 13.40 43.78 36.31
N HIS C 63 13.03 44.69 37.21
CA HIS C 63 12.59 44.28 38.53
C HIS C 63 11.19 43.70 38.43
N GLU C 64 11.01 42.47 38.93
CA GLU C 64 9.72 41.79 38.90
C GLU C 64 9.20 41.59 37.48
N HIS C 65 10.11 41.22 36.56
CA HIS C 65 9.72 40.98 35.17
C HIS C 65 9.35 39.53 34.95
N LEU C 66 10.24 38.60 35.32
CA LEU C 66 9.92 37.19 35.18
C LEU C 66 8.83 36.76 36.16
N LEU C 67 8.83 37.36 37.35
CA LEU C 67 7.84 37.00 38.35
C LEU C 67 6.43 37.31 37.88
N TRP C 68 6.24 38.48 37.25
CA TRP C 68 4.91 38.84 36.76
C TRP C 68 4.48 37.94 35.60
N ILE C 69 5.42 37.54 34.76
CA ILE C 69 5.11 36.61 33.67
C ILE C 69 4.66 35.27 34.24
N ALA C 70 5.38 34.76 35.24
CA ALA C 70 4.99 33.50 35.87
C ALA C 70 3.64 33.64 36.56
N ARG C 71 3.39 34.78 37.19
CA ARG C 71 2.10 35.00 37.84
C ARG C 71 0.97 34.99 36.82
N PHE C 72 1.17 35.63 35.67
CA PHE C 72 0.13 35.64 34.64
C PHE C 72 -0.12 34.24 34.11
N ILE C 73 0.95 33.47 33.89
CA ILE C 73 0.78 32.11 33.40
C ILE C 73 0.03 31.26 34.41
N LEU C 74 0.37 31.41 35.71
CA LEU C 74 -0.33 30.66 36.74
C LEU C 74 -1.80 31.04 36.80
N LEU C 75 -2.12 32.33 36.70
CA LEU C 75 -3.53 32.74 36.70
C LEU C 75 -4.28 32.15 35.51
N ALA C 76 -3.67 32.21 34.32
CA ALA C 76 -4.34 31.67 33.15
C ALA C 76 -4.60 30.18 33.31
N SER C 77 -3.58 29.44 33.78
CA SER C 77 -3.75 28.01 33.98
C SER C 77 -4.83 27.70 34.99
N VAL C 78 -4.82 28.41 36.13
CA VAL C 78 -5.80 28.12 37.17
C VAL C 78 -7.21 28.41 36.65
N PHE C 79 -7.38 29.49 35.91
CA PHE C 79 -8.70 29.82 35.39
C PHE C 79 -9.18 28.75 34.39
N LEU C 80 -8.29 28.29 33.51
CA LEU C 80 -8.68 27.24 32.58
C LEU C 80 -9.03 25.95 33.33
N HIS C 81 -8.25 25.61 34.35
CA HIS C 81 -8.52 24.42 35.15
C HIS C 81 -9.89 24.50 35.81
N ILE C 82 -10.20 25.64 36.42
CA ILE C 82 -11.49 25.80 37.08
C ILE C 82 -12.62 25.70 36.08
N TRP C 83 -12.48 26.35 34.92
CA TRP C 83 -13.55 26.36 33.94
C TRP C 83 -13.83 24.94 33.45
N ALA C 84 -12.78 24.21 33.07
CA ALA C 84 -12.98 22.85 32.58
C ALA C 84 -13.53 21.94 33.67
N ALA C 85 -13.05 22.09 34.90
CA ALA C 85 -13.54 21.25 36.00
C ALA C 85 -15.02 21.49 36.23
N THR C 86 -15.44 22.75 36.26
CA THR C 86 -16.85 23.05 36.47
C THR C 86 -17.71 22.49 35.34
N SER C 87 -17.27 22.69 34.10
CA SER C 87 -18.06 22.22 32.96
C SER C 87 -18.23 20.71 33.01
N LEU C 88 -17.13 19.98 33.21
CA LEU C 88 -17.21 18.53 33.19
C LEU C 88 -17.96 17.99 34.40
N THR C 89 -17.82 18.61 35.57
CA THR C 89 -18.58 18.15 36.73
C THR C 89 -20.08 18.35 36.51
N LEU C 90 -20.47 19.49 35.94
CA LEU C 90 -21.89 19.70 35.65
C LEU C 90 -22.39 18.68 34.64
N GLN C 91 -21.59 18.39 33.61
CA GLN C 91 -22.01 17.39 32.62
C GLN C 91 -22.20 16.02 33.26
N SER C 92 -21.24 15.59 34.08
CA SER C 92 -21.33 14.27 34.68
C SER C 92 -22.45 14.19 35.70
N ARG C 93 -22.78 15.32 36.35
CA ARG C 93 -23.97 15.35 37.19
C ARG C 93 -25.22 15.18 36.37
N ARG C 94 -25.28 15.82 35.19
CA ARG C 94 -26.44 15.65 34.33
C ARG C 94 -26.60 14.21 33.87
N SER C 95 -25.48 13.54 33.59
CA SER C 95 -25.56 12.17 33.09
C SER C 95 -26.19 11.22 34.10
N LEU C 96 -26.24 11.60 35.37
CA LEU C 96 -26.68 10.68 36.41
C LEU C 96 -27.91 11.17 37.16
N GLN C 97 -28.82 11.85 36.48
CA GLN C 97 -30.00 12.40 37.14
C GLN C 97 -31.30 11.81 36.65
N ALA C 98 -31.38 11.39 35.38
CA ALA C 98 -32.61 10.82 34.87
C ALA C 98 -32.91 9.47 35.52
N SER C 99 -31.92 8.58 35.54
CA SER C 99 -32.08 7.24 36.10
C SER C 99 -31.21 7.12 37.33
N SER C 100 -31.83 7.21 38.51
CA SER C 100 -31.11 7.05 39.76
C SER C 100 -32.09 6.93 40.93
N ILE C 101 -31.83 5.98 41.83
CA ILE C 101 -32.65 5.87 43.04
C ILE C 101 -32.38 7.07 43.94
N SER C 102 -33.44 7.60 44.54
CA SER C 102 -33.36 8.82 45.34
C SER C 102 -32.76 9.96 44.53
N THR C 103 -31.97 10.80 45.18
CA THR C 103 -31.26 11.88 44.50
C THR C 103 -29.79 11.98 44.90
N VAL C 104 -29.40 11.52 46.08
CA VAL C 104 -28.00 11.48 46.48
C VAL C 104 -27.38 10.11 46.25
N ARG C 105 -28.15 9.16 45.71
CA ARG C 105 -27.66 7.83 45.39
C ARG C 105 -27.91 7.53 43.92
N ARG C 106 -27.25 6.51 43.44
CA ARG C 106 -27.43 6.04 42.08
C ARG C 106 -27.88 4.60 42.01
N TYR C 107 -27.36 3.73 42.86
CA TYR C 107 -27.71 2.32 42.87
C TYR C 107 -28.22 1.97 44.26
N GLY C 108 -29.14 1.02 44.34
CA GLY C 108 -29.54 0.49 45.63
C GLY C 108 -28.34 -0.05 46.38
N GLN C 109 -27.44 -0.68 45.65
CA GLN C 109 -26.15 -1.12 46.19
C GLN C 109 -25.13 -1.01 45.08
N HIS C 110 -23.99 -0.39 45.39
CA HIS C 110 -22.92 -0.21 44.41
C HIS C 110 -21.58 -0.32 45.11
N LYS C 111 -20.70 -1.19 44.60
CA LYS C 111 -19.41 -1.46 45.21
C LYS C 111 -18.31 -1.15 44.19
N ARG C 112 -17.55 -0.09 44.44
CA ARG C 112 -16.50 0.32 43.54
C ARG C 112 -15.30 -0.62 43.66
N GLN C 113 -14.61 -0.83 42.54
CA GLN C 113 -13.48 -1.74 42.49
C GLN C 113 -12.19 -1.07 42.01
N SER C 114 -12.20 0.25 41.82
CA SER C 114 -11.03 0.93 41.31
C SER C 114 -10.76 2.26 42.00
N GLY C 115 -11.31 2.50 43.18
CA GLY C 115 -10.97 3.68 43.95
C GLY C 115 -12.00 4.79 43.81
N TYR C 116 -12.03 5.66 44.81
CA TYR C 116 -12.97 6.76 44.85
C TYR C 116 -12.33 8.04 44.34
N ALA C 117 -11.96 8.06 43.06
CA ALA C 117 -11.22 9.19 42.53
C ALA C 117 -12.11 10.41 42.32
N ASP C 118 -13.35 10.21 41.90
CA ASP C 118 -14.19 11.35 41.55
C ASP C 118 -14.51 12.23 42.76
N TYR C 119 -14.97 11.61 43.85
CA TYR C 119 -15.24 12.35 45.07
C TYR C 119 -14.00 13.10 45.53
N THR C 120 -12.87 12.39 45.58
CA THR C 120 -11.62 12.98 46.07
C THR C 120 -11.22 14.18 45.23
N MET C 121 -11.16 14.01 43.90
CA MET C 121 -10.71 15.08 43.04
C MET C 121 -11.63 16.29 43.13
N ARG C 122 -12.94 16.08 43.10
CA ARG C 122 -13.86 17.22 43.07
C ARG C 122 -13.85 17.98 44.40
N PHE C 123 -13.98 17.26 45.51
CA PHE C 123 -14.01 17.94 46.81
C PHE C 123 -12.66 18.58 47.12
N GLY C 124 -11.56 17.89 46.80
CA GLY C 124 -10.26 18.49 46.97
C GLY C 124 -10.06 19.71 46.10
N GLY C 125 -10.62 19.71 44.90
CA GLY C 125 -10.52 20.88 44.05
C GLY C 125 -11.23 22.09 44.64
N VAL C 126 -12.45 21.89 45.14
CA VAL C 126 -13.16 23.00 45.77
C VAL C 126 -12.39 23.51 46.98
N LEU C 127 -11.90 22.58 47.82
CA LEU C 127 -11.16 22.99 49.00
C LEU C 127 -9.88 23.74 48.62
N ILE C 128 -9.20 23.29 47.57
CA ILE C 128 -7.96 23.93 47.15
C ILE C 128 -8.25 25.33 46.61
N PHE C 129 -9.38 25.50 45.92
CA PHE C 129 -9.76 26.83 45.44
C PHE C 129 -9.94 27.78 46.62
N PHE C 130 -10.70 27.36 47.63
CA PHE C 130 -10.90 28.21 48.80
C PHE C 130 -9.59 28.46 49.52
N PHE C 131 -8.74 27.43 49.61
CA PHE C 131 -7.46 27.59 50.29
C PHE C 131 -6.56 28.59 49.58
N ILE C 132 -6.53 28.55 48.25
CA ILE C 132 -5.71 29.51 47.51
C ILE C 132 -6.22 30.92 47.73
N ILE C 133 -7.54 31.10 47.70
CA ILE C 133 -8.11 32.41 47.99
C ILE C 133 -7.66 32.89 49.36
N TYR C 134 -7.68 32.02 50.37
CA TYR C 134 -7.28 32.44 51.70
C TYR C 134 -5.77 32.67 51.78
N HIS C 135 -4.99 31.83 51.10
CA HIS C 135 -3.53 31.87 51.18
C HIS C 135 -2.96 33.16 50.60
N ILE C 136 -3.41 33.53 49.41
CA ILE C 136 -2.95 34.79 48.83
C ILE C 136 -3.32 35.95 49.74
N LEU C 137 -4.50 35.90 50.34
CA LEU C 137 -4.97 36.95 51.24
C LEU C 137 -4.33 36.87 52.62
N HIS C 138 -3.58 35.81 52.91
CA HIS C 138 -2.99 35.57 54.22
C HIS C 138 -1.51 35.93 54.29
N LEU C 139 -0.70 35.40 53.39
CA LEU C 139 0.75 35.57 53.45
C LEU C 139 1.28 36.57 52.44
N THR C 140 0.75 36.60 51.23
CA THR C 140 1.22 37.57 50.25
C THR C 140 0.80 38.98 50.65
N PHE C 141 -0.46 39.16 51.04
CA PHE C 141 -0.99 40.48 51.34
C PHE C 141 -1.08 40.78 52.83
N GLY C 142 -1.43 39.78 53.65
CA GLY C 142 -1.46 39.96 55.08
C GLY C 142 -2.54 40.90 55.56
N VAL C 143 -3.80 40.50 55.39
CA VAL C 143 -4.92 41.33 55.84
C VAL C 143 -5.86 40.49 56.69
N VAL C 144 -5.65 39.18 56.72
CA VAL C 144 -6.46 38.28 57.53
C VAL C 144 -5.55 37.34 58.30
N GLY C 145 -6.04 36.89 59.45
CA GLY C 145 -5.28 35.97 60.29
C GLY C 145 -4.11 36.57 61.03
N TYR C 146 -4.08 37.89 61.23
CA TYR C 146 -2.97 38.55 61.87
C TYR C 146 -3.44 39.50 62.96
N GLU C 147 -2.82 39.41 64.13
CA GLU C 147 -2.94 40.47 65.11
C GLU C 147 -2.30 41.74 64.55
N PRO C 148 -2.91 42.91 64.75
CA PRO C 148 -2.37 44.13 64.14
C PRO C 148 -0.94 44.40 64.61
N GLY C 149 -0.16 44.95 63.69
CA GLY C 149 1.26 45.19 63.95
C GLY C 149 2.11 43.94 64.07
N GLN C 150 1.89 42.96 63.20
CA GLN C 150 2.72 41.76 63.15
C GLN C 150 3.20 41.38 61.76
N PHE C 151 2.54 41.85 60.70
CA PHE C 151 2.94 41.53 59.33
C PHE C 151 3.78 42.68 58.79
N ILE C 152 5.00 42.39 58.37
CA ILE C 152 5.91 43.39 57.84
C ILE C 152 5.86 43.29 56.31
N HIS C 153 5.30 44.32 55.68
CA HIS C 153 5.25 44.36 54.23
C HIS C 153 6.66 44.56 53.67
N PRO C 154 6.92 44.08 52.45
CA PRO C 154 8.22 44.34 51.83
C PRO C 154 8.47 45.84 51.69
N HIS C 155 9.44 46.36 52.42
CA HIS C 155 9.75 47.79 52.44
C HIS C 155 10.99 48.03 51.61
N GLY C 156 10.81 48.61 50.43
CA GLY C 156 11.93 48.85 49.54
C GLY C 156 12.46 47.59 48.92
N ASP C 157 13.65 47.16 49.35
CA ASP C 157 14.28 45.95 48.83
C ASP C 157 14.55 44.92 49.92
N VAL C 158 13.95 45.08 51.10
CA VAL C 158 14.13 44.12 52.18
C VAL C 158 12.84 43.31 52.31
N TYR C 159 12.99 42.06 52.75
CA TYR C 159 11.87 41.14 52.88
C TYR C 159 11.87 40.52 54.25
N GLU C 160 10.69 40.34 54.82
CA GLU C 160 10.52 39.75 56.14
C GLU C 160 9.56 38.58 56.08
N THR C 161 9.72 37.74 55.07
CA THR C 161 8.85 36.59 54.92
C THR C 161 9.01 35.61 56.09
N TYR C 162 10.21 35.54 56.68
CA TYR C 162 10.41 34.68 57.83
C TYR C 162 9.58 35.16 59.01
N ASN C 163 9.52 36.48 59.22
CA ASN C 163 8.69 37.02 60.30
C ASN C 163 7.22 36.73 60.07
N ASN C 164 6.76 36.89 58.83
CA ASN C 164 5.35 36.64 58.53
C ASN C 164 5.02 35.16 58.70
N VAL C 165 5.95 34.29 58.34
CA VAL C 165 5.71 32.85 58.52
C VAL C 165 5.65 32.50 60.00
N VAL C 166 6.60 33.01 60.79
CA VAL C 166 6.61 32.67 62.20
C VAL C 166 5.44 33.32 62.95
N TYR C 167 4.92 34.44 62.45
CA TYR C 167 3.74 35.06 63.03
C TYR C 167 2.45 34.66 62.33
N GLY C 168 2.52 33.77 61.35
CA GLY C 168 1.34 33.33 60.64
C GLY C 168 0.71 32.09 61.25
N PHE C 169 1.51 31.05 61.44
CA PHE C 169 1.01 29.78 61.96
C PHE C 169 1.07 29.73 63.48
N GLN C 170 0.29 30.62 64.10
CA GLN C 170 0.10 30.60 65.54
C GLN C 170 -1.32 30.24 65.95
N ASN C 171 -2.32 30.61 65.18
CA ASN C 171 -3.68 30.19 65.44
C ASN C 171 -3.83 28.70 65.13
N PRO C 172 -4.30 27.89 66.08
CA PRO C 172 -4.50 26.46 65.77
C PRO C 172 -5.47 26.22 64.63
N LEU C 173 -6.49 27.07 64.49
CA LEU C 173 -7.46 26.88 63.41
C LEU C 173 -6.80 27.02 62.05
N ILE C 174 -5.92 28.00 61.89
CA ILE C 174 -5.27 28.22 60.60
C ILE C 174 -4.35 27.05 60.26
N VAL C 175 -3.58 26.57 61.24
CA VAL C 175 -2.69 25.46 60.96
C VAL C 175 -3.50 24.18 60.67
N GLY C 176 -4.65 24.00 61.31
CA GLY C 176 -5.50 22.87 60.98
C GLY C 176 -6.09 22.95 59.58
N PHE C 177 -6.52 24.15 59.18
CA PHE C 177 -6.97 24.36 57.81
C PHE C 177 -5.86 23.99 56.82
N TYR C 178 -4.63 24.40 57.12
CA TYR C 178 -3.50 24.06 56.26
C TYR C 178 -3.28 22.54 56.22
N LEU C 179 -3.45 21.90 57.38
CA LEU C 179 -3.35 20.42 57.46
C LEU C 179 -4.35 19.79 56.49
N LEU C 180 -5.62 20.20 56.57
CA LEU C 180 -6.66 19.58 55.77
C LEU C 180 -6.43 19.82 54.28
N THR C 181 -6.09 21.07 53.93
CA THR C 181 -5.83 21.38 52.53
C THR C 181 -4.67 20.56 51.99
N MET C 182 -3.60 20.40 52.78
CA MET C 182 -2.46 19.66 52.25
C MET C 182 -2.77 18.18 52.11
N VAL C 183 -3.59 17.62 52.99
CA VAL C 183 -3.99 16.23 52.81
C VAL C 183 -4.77 16.07 51.51
N PHE C 184 -5.74 16.96 51.28
CA PHE C 184 -6.56 16.83 50.08
C PHE C 184 -5.73 17.06 48.83
N LEU C 185 -4.78 17.99 48.88
CA LEU C 185 -3.89 18.20 47.74
C LEU C 185 -2.97 17.01 47.51
N ALA C 186 -2.58 16.32 48.58
CA ALA C 186 -1.80 15.10 48.42
C ALA C 186 -2.58 14.06 47.64
N LEU C 187 -3.85 13.86 48.00
CA LEU C 187 -4.68 12.92 47.24
C LEU C 187 -4.85 13.39 45.79
N HIS C 188 -5.08 14.69 45.62
CA HIS C 188 -5.26 15.27 44.29
C HIS C 188 -4.06 14.97 43.40
N LEU C 189 -2.85 15.22 43.90
CA LEU C 189 -1.65 14.93 43.13
C LEU C 189 -1.48 13.44 42.90
N TYR C 190 -1.72 12.63 43.94
CA TYR C 190 -1.55 11.18 43.82
C TYR C 190 -2.37 10.60 42.69
N HIS C 191 -3.53 11.19 42.41
CA HIS C 191 -4.27 10.74 41.22
C HIS C 191 -3.86 11.48 39.96
N GLY C 192 -3.72 12.81 40.03
CA GLY C 192 -3.55 13.61 38.83
C GLY C 192 -2.24 13.41 38.12
N VAL C 193 -1.16 13.12 38.86
CA VAL C 193 0.14 13.01 38.22
C VAL C 193 0.17 11.84 37.24
N TRP C 194 -0.63 10.81 37.48
CA TRP C 194 -0.82 9.73 36.52
C TRP C 194 -1.93 10.03 35.52
N SER C 195 -3.01 10.67 35.98
CA SER C 195 -4.11 10.97 35.08
C SER C 195 -3.68 11.87 33.93
N MET C 196 -2.73 12.78 34.16
CA MET C 196 -2.31 13.69 33.10
C MET C 196 -1.64 12.91 31.97
N PHE C 197 -0.76 11.98 32.33
CA PHE C 197 -0.08 11.18 31.32
C PHE C 197 -1.06 10.28 30.59
N GLN C 198 -2.02 9.70 31.30
CA GLN C 198 -3.02 8.89 30.62
C GLN C 198 -3.87 9.74 29.68
N THR C 199 -4.24 10.95 30.10
CA THR C 199 -5.10 11.81 29.30
C THR C 199 -4.38 12.30 28.06
N LEU C 200 -3.09 12.61 28.17
CA LEU C 200 -2.33 13.04 27.00
C LEU C 200 -1.98 11.90 26.07
N GLY C 201 -2.23 10.66 26.48
CA GLY C 201 -1.95 9.50 25.64
C GLY C 201 -0.56 8.93 25.74
N TRP C 202 0.27 9.41 26.67
CA TRP C 202 1.63 8.89 26.81
C TRP C 202 1.67 7.76 27.84
N ASN C 203 0.92 6.70 27.57
CA ASN C 203 0.83 5.58 28.51
C ASN C 203 0.71 4.28 27.74
N ASN C 204 1.60 3.34 28.03
CA ASN C 204 1.60 2.00 27.44
C ASN C 204 1.50 0.96 28.57
N ARG C 205 1.66 -0.31 28.21
CA ARG C 205 1.75 -1.36 29.22
C ARG C 205 2.98 -1.17 30.08
N THR C 206 4.11 -0.82 29.45
CA THR C 206 5.38 -0.73 30.16
C THR C 206 5.37 0.39 31.20
N TYR C 207 4.83 1.54 30.84
CA TYR C 207 4.99 2.75 31.64
C TYR C 207 3.91 2.95 32.67
N ASP C 208 2.91 2.06 32.75
CA ASP C 208 1.81 2.30 33.68
C ASP C 208 2.29 2.23 35.14
N ARG C 209 3.03 1.19 35.50
CA ARG C 209 3.52 1.08 36.86
C ARG C 209 4.56 2.15 37.16
N LEU C 210 5.41 2.48 36.18
CA LEU C 210 6.37 3.55 36.37
C LEU C 210 5.69 4.87 36.67
N LEU C 211 4.65 5.20 35.91
CA LEU C 211 3.94 6.46 36.12
C LEU C 211 3.18 6.45 37.43
N ARG C 212 2.62 5.30 37.81
CA ARG C 212 1.94 5.22 39.10
C ARG C 212 2.93 5.44 40.24
N GLY C 213 4.12 4.86 40.14
CA GLY C 213 5.13 5.09 41.16
C GLY C 213 5.61 6.53 41.20
N LEU C 214 5.76 7.15 40.03
CA LEU C 214 6.13 8.56 39.99
C LEU C 214 5.06 9.43 40.64
N ALA C 215 3.79 9.13 40.37
CA ALA C 215 2.71 9.86 41.04
C ALA C 215 2.76 9.66 42.54
N ILE C 216 3.00 8.44 43.00
CA ILE C 216 3.07 8.16 44.43
C ILE C 216 4.19 8.98 45.07
N VAL C 217 5.37 8.97 44.46
CA VAL C 217 6.52 9.63 45.07
C VAL C 217 6.32 11.14 45.05
N VAL C 218 5.78 11.70 43.96
CA VAL C 218 5.56 13.13 43.88
C VAL C 218 4.54 13.56 44.95
N ALA C 219 3.44 12.82 45.06
CA ALA C 219 2.43 13.17 46.06
C ALA C 219 2.99 13.09 47.46
N ALA C 220 3.74 12.02 47.77
CA ALA C 220 4.28 11.87 49.12
C ALA C 220 5.30 12.96 49.43
N ALA C 221 6.18 13.26 48.48
CA ALA C 221 7.17 14.31 48.70
C ALA C 221 6.51 15.66 48.95
N VAL C 222 5.54 16.03 48.10
CA VAL C 222 4.85 17.31 48.27
C VAL C 222 4.13 17.35 49.61
N PHE C 223 3.44 16.25 49.97
CA PHE C 223 2.70 16.20 51.21
C PHE C 223 3.61 16.41 52.42
N ILE C 224 4.68 15.61 52.50
CA ILE C 224 5.58 15.71 53.64
C ILE C 224 6.20 17.10 53.71
N GLY C 225 6.72 17.59 52.58
CA GLY C 225 7.36 18.90 52.58
C GLY C 225 6.43 20.01 53.03
N ASN C 226 5.18 20.00 52.53
CA ASN C 226 4.28 21.11 52.79
C ASN C 226 3.54 21.00 54.12
N ILE C 227 3.56 19.81 54.74
CA ILE C 227 2.99 19.67 56.07
C ILE C 227 4.05 19.87 57.16
N SER C 228 5.34 19.71 56.85
CA SER C 228 6.38 19.96 57.84
C SER C 228 6.40 21.42 58.30
N PHE C 229 5.89 22.36 57.49
CA PHE C 229 6.03 23.78 57.82
C PHE C 229 5.09 24.21 58.95
N PRO C 230 3.76 24.14 58.82
CA PRO C 230 2.91 24.72 59.86
C PRO C 230 3.09 24.07 61.21
N LEU C 231 3.34 22.76 61.24
CA LEU C 231 3.58 22.09 62.52
C LEU C 231 4.84 22.61 63.19
N ALA C 232 5.91 22.77 62.41
CA ALA C 232 7.16 23.29 62.96
C ALA C 232 6.98 24.71 63.49
N VAL C 233 6.25 25.55 62.75
CA VAL C 233 6.06 26.92 63.22
C VAL C 233 5.21 26.95 64.48
N TYR C 234 4.15 26.16 64.52
CA TYR C 234 3.25 26.18 65.68
C TYR C 234 3.95 25.64 66.93
N PHE C 235 4.72 24.56 66.79
CA PHE C 235 5.37 23.97 67.94
C PHE C 235 6.61 24.74 68.39
N GLY C 236 7.11 25.65 67.56
CA GLY C 236 8.25 26.46 67.92
C GLY C 236 9.60 25.95 67.46
N PHE C 237 9.63 24.88 66.65
CA PHE C 237 10.91 24.39 66.14
C PHE C 237 11.51 25.34 65.13
N VAL C 238 10.68 26.14 64.46
CA VAL C 238 11.14 27.23 63.61
C VAL C 238 10.72 28.53 64.27
N ALA C 239 11.70 29.32 64.70
CA ALA C 239 11.41 30.55 65.42
C ALA C 239 12.31 31.68 64.96
N VAL D 22 6.23 -49.84 -20.26
CA VAL D 22 5.96 -48.77 -21.20
C VAL D 22 5.91 -47.44 -20.44
N LEU D 23 6.07 -46.34 -21.17
CA LEU D 23 6.08 -45.01 -20.56
C LEU D 23 4.72 -44.35 -20.78
N ASP D 24 4.06 -44.00 -19.68
CA ASP D 24 2.80 -43.29 -19.70
C ASP D 24 3.05 -41.85 -19.29
N SER D 25 2.88 -40.92 -20.22
CA SER D 25 3.12 -39.52 -19.91
C SER D 25 2.07 -38.98 -18.96
N LYS D 26 0.86 -39.55 -18.98
CA LYS D 26 -0.23 -39.15 -18.09
C LYS D 26 -0.60 -37.68 -18.26
N VAL D 27 -0.49 -37.16 -19.48
CA VAL D 27 -0.89 -35.79 -19.76
C VAL D 27 -2.40 -35.70 -19.78
N PRO D 28 -2.99 -34.57 -19.39
CA PRO D 28 -4.45 -34.45 -19.41
C PRO D 28 -5.01 -34.39 -20.82
N THR D 29 -6.32 -34.24 -20.94
CA THR D 29 -6.99 -34.15 -22.23
C THR D 29 -7.85 -32.89 -22.28
N GLY D 30 -8.26 -32.52 -23.49
CA GLY D 30 -9.05 -31.33 -23.70
C GLY D 30 -8.21 -30.14 -24.13
N PRO D 31 -8.79 -28.95 -24.10
CA PRO D 31 -8.05 -27.75 -24.48
C PRO D 31 -6.83 -27.54 -23.60
N ILE D 32 -5.75 -27.03 -24.20
CA ILE D 32 -4.48 -26.95 -23.51
C ILE D 32 -4.49 -25.90 -22.41
N GLU D 33 -5.44 -24.98 -22.42
CA GLU D 33 -5.45 -23.94 -21.41
C GLU D 33 -5.97 -24.46 -20.06
N GLN D 34 -6.86 -25.45 -20.08
CA GLN D 34 -7.44 -25.99 -18.86
C GLN D 34 -6.82 -27.32 -18.44
N ARG D 35 -5.75 -27.75 -19.11
CA ARG D 35 -5.17 -29.05 -18.80
C ARG D 35 -4.62 -29.09 -17.38
N TRP D 36 -3.88 -28.07 -16.98
CA TRP D 36 -3.28 -28.08 -15.65
C TRP D 36 -4.35 -27.93 -14.58
N ASP D 37 -5.36 -27.09 -14.81
CA ASP D 37 -6.44 -26.96 -13.84
C ASP D 37 -7.25 -28.25 -13.72
N LYS D 38 -7.56 -28.87 -14.85
CA LYS D 38 -8.30 -30.13 -14.81
C LYS D 38 -7.52 -31.22 -14.10
N HIS D 39 -6.21 -31.29 -14.36
CA HIS D 39 -5.38 -32.26 -13.66
C HIS D 39 -5.32 -31.96 -12.17
N ARG D 40 -5.20 -30.68 -11.79
CA ARG D 40 -5.17 -30.32 -10.38
C ARG D 40 -6.45 -30.73 -9.68
N PHE D 41 -7.59 -30.57 -10.36
CA PHE D 41 -8.85 -31.03 -9.77
C PHE D 41 -8.91 -32.55 -9.69
N GLU D 42 -8.36 -33.24 -10.68
CA GLU D 42 -8.51 -34.69 -10.73
C GLU D 42 -7.61 -35.41 -9.73
N MET D 43 -6.47 -34.83 -9.36
CA MET D 43 -5.51 -35.50 -8.51
C MET D 43 -6.03 -35.60 -7.07
N LYS D 44 -5.46 -36.55 -6.33
CA LYS D 44 -5.83 -36.80 -4.95
C LYS D 44 -5.22 -35.74 -4.03
N LEU D 45 -5.66 -35.76 -2.77
CA LEU D 45 -5.21 -34.80 -1.78
C LEU D 45 -4.90 -35.51 -0.47
N VAL D 46 -4.07 -34.88 0.35
CA VAL D 46 -3.76 -35.33 1.69
C VAL D 46 -4.24 -34.25 2.66
N ASN D 47 -5.04 -34.66 3.65
CA ASN D 47 -5.57 -33.70 4.61
C ASN D 47 -4.42 -33.08 5.40
N PRO D 48 -4.55 -31.81 5.79
CA PRO D 48 -3.45 -31.16 6.53
C PRO D 48 -3.13 -31.85 7.83
N ALA D 49 -4.08 -32.56 8.45
CA ALA D 49 -3.79 -33.29 9.66
C ALA D 49 -2.91 -34.50 9.40
N ASN D 50 -3.06 -35.14 8.24
CA ASN D 50 -2.32 -36.36 7.93
C ASN D 50 -0.95 -36.08 7.33
N ARG D 51 -0.61 -34.82 7.04
CA ARG D 51 0.65 -34.53 6.37
C ARG D 51 1.84 -34.82 7.28
N ARG D 52 1.67 -34.68 8.58
CA ARG D 52 2.78 -34.87 9.52
C ARG D 52 3.20 -36.32 9.65
N LYS D 53 2.46 -37.26 9.08
CA LYS D 53 2.80 -38.67 9.16
C LYS D 53 3.69 -39.14 8.02
N TYR D 54 4.03 -38.26 7.08
CA TYR D 54 4.81 -38.62 5.91
C TYR D 54 6.19 -37.98 5.97
N THR D 55 7.20 -38.70 5.52
CA THR D 55 8.57 -38.21 5.46
C THR D 55 9.00 -38.17 4.00
N ILE D 56 9.56 -37.03 3.57
CA ILE D 56 10.01 -36.82 2.20
C ILE D 56 11.48 -36.47 2.23
N ILE D 57 12.27 -37.16 1.41
CA ILE D 57 13.69 -36.88 1.28
C ILE D 57 13.90 -36.02 0.04
N VAL D 58 14.60 -34.91 0.18
CA VAL D 58 14.92 -34.02 -0.92
C VAL D 58 16.43 -33.95 -1.02
N VAL D 59 16.99 -34.42 -2.12
CA VAL D 59 18.43 -34.42 -2.33
C VAL D 59 18.76 -33.27 -3.26
N GLY D 60 19.36 -32.22 -2.71
CA GLY D 60 19.67 -31.05 -3.51
C GLY D 60 19.07 -29.80 -2.92
N SER D 61 19.80 -28.69 -2.99
CA SER D 61 19.33 -27.45 -2.40
C SER D 61 19.57 -26.28 -3.34
N GLY D 62 19.43 -26.51 -4.65
CA GLY D 62 19.49 -25.45 -5.63
C GLY D 62 18.21 -24.64 -5.59
N LEU D 63 17.90 -24.00 -6.72
CA LEU D 63 16.63 -23.30 -6.82
C LEU D 63 15.47 -24.27 -6.70
N ALA D 64 15.49 -25.34 -7.50
CA ALA D 64 14.44 -26.35 -7.42
C ALA D 64 14.41 -27.03 -6.06
N GLY D 65 15.57 -27.46 -5.57
CA GLY D 65 15.60 -28.19 -4.32
C GLY D 65 15.15 -27.36 -3.13
N ALA D 66 15.68 -26.13 -3.01
CA ALA D 66 15.30 -25.28 -1.90
C ALA D 66 13.85 -24.87 -1.98
N SER D 67 13.36 -24.54 -3.18
CA SER D 67 11.95 -24.18 -3.31
C SER D 67 11.05 -25.35 -2.93
N ALA D 68 11.39 -26.55 -3.40
CA ALA D 68 10.57 -27.72 -3.08
C ALA D 68 10.59 -28.01 -1.59
N ALA D 69 11.76 -27.95 -0.96
CA ALA D 69 11.86 -28.23 0.46
C ALA D 69 11.07 -27.20 1.28
N ALA D 70 11.20 -25.91 0.93
CA ALA D 70 10.46 -24.89 1.66
C ALA D 70 8.96 -25.06 1.50
N THR D 71 8.49 -25.35 0.28
CA THR D 71 7.05 -25.48 0.08
C THR D 71 6.50 -26.72 0.77
N LEU D 72 7.22 -27.83 0.72
CA LEU D 72 6.75 -29.04 1.38
C LEU D 72 6.85 -28.92 2.89
N GLY D 73 7.79 -28.13 3.40
CA GLY D 73 7.79 -27.83 4.82
C GLY D 73 6.63 -26.97 5.24
N GLU D 74 6.30 -25.97 4.43
CA GLU D 74 5.13 -25.14 4.72
C GLU D 74 3.85 -25.98 4.70
N ALA D 75 3.79 -26.97 3.82
CA ALA D 75 2.61 -27.84 3.79
C ALA D 75 2.46 -28.62 5.09
N GLY D 76 3.56 -29.16 5.62
CA GLY D 76 3.51 -29.87 6.87
C GLY D 76 4.26 -31.18 6.91
N TYR D 77 4.76 -31.63 5.77
CA TYR D 77 5.48 -32.90 5.71
C TYR D 77 6.81 -32.79 6.43
N ASN D 78 7.38 -33.95 6.78
CA ASN D 78 8.72 -34.02 7.35
C ASN D 78 9.72 -34.10 6.21
N VAL D 79 10.51 -33.05 6.02
CA VAL D 79 11.42 -32.91 4.88
C VAL D 79 12.85 -33.09 5.36
N LEU D 80 13.64 -33.85 4.59
CA LEU D 80 15.04 -34.12 4.89
C LEU D 80 15.86 -33.64 3.70
N CYS D 81 16.42 -32.43 3.79
CA CYS D 81 17.14 -31.82 2.69
C CYS D 81 18.63 -32.10 2.79
N PHE D 82 19.27 -32.28 1.64
CA PHE D 82 20.69 -32.63 1.57
C PHE D 82 21.40 -31.75 0.55
N CYS D 83 22.69 -31.54 0.79
CA CYS D 83 23.56 -30.81 -0.13
C CYS D 83 25.00 -31.11 0.24
N TYR D 84 25.87 -31.14 -0.77
CA TYR D 84 27.27 -31.49 -0.52
C TYR D 84 28.15 -30.28 -0.20
N GLN D 85 27.65 -29.06 -0.35
CA GLN D 85 28.46 -27.89 -0.06
C GLN D 85 28.42 -27.57 1.43
N ASP D 86 29.06 -26.46 1.79
CA ASP D 86 29.08 -26.01 3.17
C ASP D 86 27.69 -25.65 3.66
N SER D 87 26.92 -24.95 2.85
CA SER D 87 25.63 -24.40 3.21
C SER D 87 24.68 -24.56 2.04
N PRO D 88 23.37 -24.56 2.29
CA PRO D 88 22.42 -24.62 1.18
C PRO D 88 22.57 -23.49 0.18
N ARG D 89 22.97 -22.29 0.62
CA ARG D 89 23.10 -21.15 -0.27
C ARG D 89 24.32 -21.26 -1.18
N ARG D 90 25.28 -22.11 -0.85
CA ARG D 90 26.49 -22.26 -1.64
C ARG D 90 26.28 -23.13 -2.85
N ALA D 91 25.04 -23.57 -3.09
CA ALA D 91 24.74 -24.44 -4.21
C ALA D 91 24.96 -23.69 -5.52
N HIS D 92 24.86 -24.42 -6.61
CA HIS D 92 24.92 -23.78 -7.92
C HIS D 92 23.64 -22.99 -8.15
N SER D 93 23.50 -22.42 -9.34
CA SER D 93 22.43 -21.53 -9.74
C SER D 93 22.49 -20.23 -8.94
N ILE D 94 23.41 -20.10 -7.99
CA ILE D 94 23.73 -18.80 -7.41
C ILE D 94 24.52 -17.95 -8.38
N ALA D 95 25.08 -18.56 -9.43
CA ALA D 95 25.92 -17.88 -10.40
C ALA D 95 25.16 -17.47 -11.66
N ALA D 96 23.86 -17.68 -11.69
CA ALA D 96 23.07 -17.35 -12.88
C ALA D 96 22.99 -15.84 -13.04
N GLN D 97 23.51 -15.32 -14.14
CA GLN D 97 23.62 -13.88 -14.33
C GLN D 97 22.44 -13.28 -15.08
N GLY D 98 21.85 -14.02 -16.01
CA GLY D 98 20.72 -13.50 -16.75
C GLY D 98 19.48 -13.38 -15.90
N GLY D 99 18.44 -12.79 -16.48
CA GLY D 99 17.20 -12.58 -15.78
C GLY D 99 16.35 -13.83 -15.74
N ILE D 100 15.07 -13.64 -15.46
CA ILE D 100 14.09 -14.72 -15.41
C ILE D 100 12.84 -14.28 -16.16
N ASN D 101 12.31 -15.17 -16.99
CA ASN D 101 11.20 -14.83 -17.87
C ASN D 101 9.86 -15.03 -17.20
N ALA D 102 8.86 -14.29 -17.68
CA ALA D 102 7.48 -14.44 -17.22
C ALA D 102 6.57 -13.85 -18.28
N ALA D 103 5.36 -14.39 -18.37
CA ALA D 103 4.37 -13.93 -19.34
C ALA D 103 3.40 -12.94 -18.70
N LYS D 104 3.95 -11.84 -18.18
CA LYS D 104 3.13 -10.84 -17.52
C LYS D 104 2.71 -9.71 -18.44
N ASN D 105 3.43 -9.47 -19.54
CA ASN D 105 3.11 -8.40 -20.49
C ASN D 105 3.07 -7.04 -19.81
N TYR D 106 4.06 -6.77 -18.95
CA TYR D 106 4.11 -5.48 -18.30
C TYR D 106 4.55 -4.38 -19.26
N ARG D 107 5.41 -4.71 -20.21
CA ARG D 107 5.89 -3.72 -21.16
C ARG D 107 4.91 -3.47 -22.29
N ASN D 108 3.82 -4.24 -22.38
CA ASN D 108 2.76 -4.01 -23.35
C ASN D 108 3.30 -4.07 -24.78
N ASP D 109 3.82 -5.24 -25.14
CA ASP D 109 4.47 -5.38 -26.44
C ASP D 109 4.06 -6.66 -27.16
N GLY D 110 3.02 -7.35 -26.71
CA GLY D 110 2.54 -8.54 -27.36
C GLY D 110 2.88 -9.86 -26.71
N ASP D 111 3.43 -9.84 -25.51
CA ASP D 111 3.73 -11.08 -24.81
C ASP D 111 2.49 -11.63 -24.13
N SER D 112 2.44 -12.95 -24.00
CA SER D 112 1.32 -13.63 -23.35
C SER D 112 1.76 -15.04 -22.99
N ILE D 113 0.86 -15.75 -22.30
CA ILE D 113 1.14 -17.13 -21.94
C ILE D 113 1.28 -17.99 -23.19
N TYR D 114 0.37 -17.81 -24.15
CA TYR D 114 0.45 -18.59 -25.38
C TYR D 114 1.69 -18.23 -26.18
N ARG D 115 2.06 -16.96 -26.21
CA ARG D 115 3.28 -16.56 -26.93
C ARG D 115 4.51 -17.20 -26.31
N LEU D 116 4.59 -17.21 -24.97
CA LEU D 116 5.71 -17.84 -24.29
C LEU D 116 5.74 -19.34 -24.54
N PHE D 117 4.56 -19.98 -24.52
CA PHE D 117 4.50 -21.41 -24.78
C PHE D 117 4.97 -21.73 -26.20
N TYR D 118 4.51 -20.94 -27.17
CA TYR D 118 4.94 -21.13 -28.55
C TYR D 118 6.44 -20.91 -28.71
N ASP D 119 6.97 -19.86 -28.06
CA ASP D 119 8.40 -19.59 -28.14
C ASP D 119 9.22 -20.72 -27.56
N THR D 120 8.79 -21.26 -26.40
CA THR D 120 9.56 -22.31 -25.76
C THR D 120 9.46 -23.63 -26.54
N VAL D 121 8.32 -23.90 -27.15
CA VAL D 121 8.19 -25.16 -27.88
C VAL D 121 8.85 -25.08 -29.25
N LYS D 122 8.98 -23.88 -29.83
CA LYS D 122 9.68 -23.74 -31.09
C LYS D 122 11.18 -23.61 -30.91
N GLY D 123 11.62 -22.99 -29.82
CA GLY D 123 13.04 -22.89 -29.56
C GLY D 123 13.67 -24.21 -29.19
N GLY D 124 12.87 -25.15 -28.72
CA GLY D 124 13.34 -26.49 -28.45
C GLY D 124 13.39 -27.40 -29.64
N ASP D 125 13.09 -26.87 -30.84
CA ASP D 125 13.14 -27.62 -32.08
C ASP D 125 12.18 -28.80 -32.08
N PHE D 126 11.04 -28.64 -31.43
CA PHE D 126 9.96 -29.63 -31.45
C PHE D 126 10.44 -31.00 -30.95
N ARG D 127 10.91 -31.01 -29.71
CA ARG D 127 11.39 -32.23 -29.10
C ARG D 127 10.95 -32.35 -27.64
N ALA D 128 9.80 -31.75 -27.30
CA ALA D 128 9.30 -31.77 -25.95
C ALA D 128 7.78 -31.83 -25.96
N ARG D 129 7.21 -32.29 -24.85
CA ARG D 129 5.77 -32.37 -24.73
C ARG D 129 5.17 -30.98 -24.60
N GLU D 130 3.99 -30.80 -25.19
CA GLU D 130 3.36 -29.48 -25.20
C GLU D 130 2.76 -29.12 -23.84
N SER D 131 2.21 -30.11 -23.14
CA SER D 131 1.53 -29.83 -21.88
C SER D 131 2.49 -29.28 -20.83
N ASN D 132 3.70 -29.85 -20.74
CA ASN D 132 4.68 -29.38 -19.79
C ASN D 132 5.09 -27.93 -20.08
N VAL D 133 5.32 -27.63 -21.36
CA VAL D 133 5.72 -26.28 -21.74
C VAL D 133 4.62 -25.28 -21.41
N TYR D 134 3.37 -25.64 -21.72
CA TYR D 134 2.27 -24.73 -21.38
C TYR D 134 2.15 -24.54 -19.88
N ARG D 135 2.33 -25.61 -19.10
CA ARG D 135 2.23 -25.48 -17.65
C ARG D 135 3.30 -24.54 -17.12
N LEU D 136 4.52 -24.66 -17.62
CA LEU D 136 5.59 -23.75 -17.19
C LEU D 136 5.27 -22.31 -17.56
N ALA D 137 4.82 -22.09 -18.79
CA ALA D 137 4.49 -20.73 -19.23
C ALA D 137 3.32 -20.17 -18.44
N GLN D 138 2.43 -21.03 -17.97
CA GLN D 138 1.26 -20.60 -17.23
C GLN D 138 1.61 -20.26 -15.77
N VAL D 139 2.58 -20.95 -15.18
CA VAL D 139 2.93 -20.68 -13.78
C VAL D 139 4.09 -19.70 -13.63
N SER D 140 4.70 -19.25 -14.73
CA SER D 140 5.78 -18.26 -14.62
C SER D 140 5.30 -16.98 -13.93
N VAL D 141 4.06 -16.57 -14.17
CA VAL D 141 3.56 -15.34 -13.56
C VAL D 141 3.50 -15.48 -12.04
N ASN D 142 3.01 -16.61 -11.56
CA ASN D 142 3.00 -16.87 -10.13
C ASN D 142 4.42 -16.93 -9.57
N ILE D 143 5.36 -17.46 -10.34
CA ILE D 143 6.75 -17.47 -9.91
C ILE D 143 7.22 -16.06 -9.62
N ILE D 144 6.97 -15.14 -10.55
CA ILE D 144 7.43 -13.76 -10.36
C ILE D 144 6.73 -13.11 -9.18
N ASP D 145 5.42 -13.34 -9.03
CA ASP D 145 4.71 -12.77 -7.90
C ASP D 145 5.29 -13.24 -6.57
N GLN D 146 5.54 -14.55 -6.46
CA GLN D 146 6.10 -15.09 -5.23
C GLN D 146 7.50 -14.54 -4.97
N CYS D 147 8.32 -14.44 -6.01
CA CYS D 147 9.68 -13.93 -5.82
C CYS D 147 9.67 -12.48 -5.36
N VAL D 148 8.78 -11.66 -5.91
CA VAL D 148 8.69 -10.27 -5.47
C VAL D 148 8.22 -10.20 -4.02
N ALA D 149 7.23 -11.01 -3.66
CA ALA D 149 6.71 -10.96 -2.30
C ALA D 149 7.75 -11.39 -1.27
N GLN D 150 8.69 -12.26 -1.65
CA GLN D 150 9.69 -12.77 -0.72
C GLN D 150 10.78 -11.75 -0.42
N GLY D 151 10.81 -10.62 -1.10
CA GLY D 151 11.82 -9.62 -0.87
C GLY D 151 12.96 -9.59 -1.86
N VAL D 152 12.84 -10.28 -2.99
CA VAL D 152 13.91 -10.26 -3.99
C VAL D 152 13.99 -8.87 -4.60
N PRO D 153 15.15 -8.21 -4.60
CA PRO D 153 15.25 -6.84 -5.11
C PRO D 153 15.43 -6.76 -6.64
N PHE D 154 14.32 -6.90 -7.35
CA PHE D 154 14.34 -6.74 -8.79
C PHE D 154 14.57 -5.28 -9.16
N ALA D 155 14.96 -5.05 -10.41
CA ALA D 155 15.17 -3.70 -10.88
C ALA D 155 13.84 -2.97 -11.04
N ARG D 156 13.81 -1.72 -10.61
CA ARG D 156 12.61 -0.89 -10.67
C ARG D 156 12.90 0.37 -11.48
N GLU D 157 11.84 0.96 -12.01
CA GLU D 157 11.96 2.25 -12.67
C GLU D 157 11.67 3.37 -11.67
N TYR D 158 11.68 4.61 -12.14
CA TYR D 158 11.59 5.75 -11.24
C TYR D 158 10.21 5.86 -10.58
N GLY D 159 9.19 5.25 -11.16
CA GLY D 159 7.87 5.32 -10.56
C GLY D 159 7.58 4.28 -9.50
N GLY D 160 8.47 3.32 -9.32
CA GLY D 160 8.30 2.30 -8.32
C GLY D 160 7.80 0.96 -8.84
N LEU D 161 7.51 0.85 -10.12
CA LEU D 161 7.04 -0.40 -10.70
C LEU D 161 8.19 -1.14 -11.37
N LEU D 162 7.95 -2.40 -11.69
CA LEU D 162 9.02 -3.29 -12.14
C LEU D 162 9.49 -2.92 -13.54
N ASP D 163 10.75 -3.24 -13.83
CA ASP D 163 11.39 -2.92 -15.10
C ASP D 163 11.69 -4.21 -15.86
N ASN D 164 11.54 -4.15 -17.17
CA ASN D 164 11.74 -5.30 -18.04
C ASN D 164 12.83 -5.01 -19.06
N ARG D 165 13.49 -6.07 -19.52
CA ARG D 165 14.55 -5.93 -20.51
C ARG D 165 14.49 -7.12 -21.47
N SER D 166 15.01 -6.90 -22.67
CA SER D 166 15.03 -7.92 -23.69
C SER D 166 16.29 -8.77 -23.57
N PHE D 167 16.14 -10.07 -23.72
CA PHE D 167 17.25 -11.00 -23.52
C PHE D 167 18.12 -11.13 -24.77
N GLY D 168 18.59 -9.99 -25.28
CA GLY D 168 19.56 -9.98 -26.35
C GLY D 168 19.14 -10.70 -27.62
N GLY D 169 17.92 -10.45 -28.08
CA GLY D 169 17.47 -11.06 -29.32
C GLY D 169 16.03 -11.52 -29.29
N ALA D 170 15.47 -11.69 -28.10
CA ALA D 170 14.06 -12.03 -27.98
C ALA D 170 13.20 -10.88 -28.47
N GLN D 171 12.05 -11.22 -29.05
CA GLN D 171 11.19 -10.23 -29.67
C GLN D 171 10.28 -9.52 -28.68
N VAL D 172 10.32 -9.89 -27.40
CA VAL D 172 9.53 -9.24 -26.38
C VAL D 172 10.38 -9.07 -25.13
N ALA D 173 10.23 -7.93 -24.47
CA ALA D 173 10.95 -7.64 -23.23
C ALA D 173 10.15 -8.24 -22.08
N ARG D 174 10.43 -9.50 -21.75
CA ARG D 174 9.68 -10.22 -20.73
C ARG D 174 10.56 -10.70 -19.59
N THR D 175 11.74 -10.12 -19.42
CA THR D 175 12.72 -10.62 -18.47
C THR D 175 12.81 -9.69 -17.26
N PHE D 176 12.73 -10.28 -16.07
CA PHE D 176 12.92 -9.58 -14.82
C PHE D 176 14.31 -9.89 -14.29
N TYR D 177 15.04 -8.86 -13.90
CA TYR D 177 16.43 -9.01 -13.48
C TYR D 177 16.68 -8.22 -12.21
N ALA D 178 17.72 -8.64 -11.48
CA ALA D 178 18.18 -7.94 -10.28
C ALA D 178 19.65 -7.62 -10.50
N ARG D 179 19.90 -6.50 -11.15
CA ARG D 179 21.26 -6.08 -11.54
C ARG D 179 21.85 -7.21 -12.38
N GLY D 180 23.06 -7.67 -12.11
CA GLY D 180 23.67 -8.76 -12.83
C GLY D 180 23.74 -10.08 -12.09
N GLN D 181 22.98 -10.23 -11.00
CA GLN D 181 23.03 -11.41 -10.16
C GLN D 181 21.62 -11.89 -9.81
N THR D 182 20.78 -12.05 -10.83
CA THR D 182 19.40 -12.46 -10.60
C THR D 182 19.32 -13.83 -9.94
N GLY D 183 20.13 -14.78 -10.41
CA GLY D 183 20.13 -16.10 -9.81
C GLY D 183 20.52 -16.08 -8.34
N GLN D 184 21.46 -15.20 -7.98
CA GLN D 184 21.84 -15.04 -6.59
C GLN D 184 20.65 -14.63 -5.74
N GLN D 185 19.87 -13.66 -6.19
CA GLN D 185 18.76 -13.18 -5.40
C GLN D 185 17.62 -14.20 -5.35
N LEU D 186 17.38 -14.91 -6.46
CA LEU D 186 16.35 -15.94 -6.44
C LEU D 186 16.72 -17.07 -5.46
N LEU D 187 17.97 -17.53 -5.52
CA LEU D 187 18.39 -18.56 -4.59
C LEU D 187 18.41 -18.06 -3.16
N LEU D 188 18.70 -16.76 -2.94
CA LEU D 188 18.67 -16.25 -1.58
C LEU D 188 17.25 -16.18 -1.05
N GLY D 189 16.28 -15.85 -1.89
CA GLY D 189 14.90 -15.91 -1.45
C GLY D 189 14.46 -17.32 -1.11
N ALA D 190 14.80 -18.28 -1.96
CA ALA D 190 14.46 -19.67 -1.67
C ALA D 190 15.16 -20.15 -0.40
N TYR D 191 16.42 -19.75 -0.21
CA TYR D 191 17.18 -20.14 0.96
C TYR D 191 16.63 -19.51 2.23
N GLN D 192 16.13 -18.28 2.15
CA GLN D 192 15.49 -17.66 3.30
C GLN D 192 14.20 -18.38 3.66
N ALA D 193 13.40 -18.77 2.66
CA ALA D 193 12.21 -19.56 2.96
C ALA D 193 12.57 -20.90 3.60
N LEU D 194 13.60 -21.56 3.07
CA LEU D 194 14.04 -22.83 3.64
C LEU D 194 14.55 -22.64 5.06
N SER D 195 15.25 -21.55 5.32
CA SER D 195 15.73 -21.27 6.68
C SER D 195 14.58 -21.01 7.62
N ARG D 196 13.54 -20.31 7.15
CA ARG D 196 12.36 -20.12 7.98
C ARG D 196 11.71 -21.45 8.32
N GLN D 197 11.66 -22.36 7.36
CA GLN D 197 11.10 -23.68 7.65
C GLN D 197 11.99 -24.47 8.61
N ILE D 198 13.31 -24.34 8.47
CA ILE D 198 14.23 -25.04 9.37
C ILE D 198 14.04 -24.55 10.79
N ALA D 199 13.90 -23.24 10.97
CA ALA D 199 13.68 -22.68 12.30
C ALA D 199 12.37 -23.17 12.90
N ALA D 200 11.39 -23.49 12.05
CA ALA D 200 10.10 -23.99 12.54
C ALA D 200 10.15 -25.46 12.92
N GLY D 201 11.26 -26.15 12.69
CA GLY D 201 11.39 -27.55 13.03
C GLY D 201 10.83 -28.51 12.02
N THR D 202 10.36 -28.03 10.87
CA THR D 202 9.73 -28.88 9.88
C THR D 202 10.75 -29.53 8.94
N VAL D 203 11.75 -28.78 8.50
CA VAL D 203 12.76 -29.26 7.57
C VAL D 203 14.05 -29.51 8.34
N LYS D 204 14.68 -30.65 8.09
CA LYS D 204 16.00 -30.95 8.64
C LYS D 204 17.03 -30.88 7.52
N MET D 205 18.01 -30.01 7.68
CA MET D 205 19.04 -29.78 6.68
C MET D 205 20.30 -30.55 7.03
N PHE D 206 20.90 -31.18 6.04
CA PHE D 206 22.11 -31.99 6.22
C PHE D 206 23.17 -31.55 5.21
N PRO D 207 23.84 -30.43 5.47
CA PRO D 207 24.90 -29.99 4.57
C PRO D 207 26.15 -30.84 4.73
N ARG D 208 27.02 -30.73 3.72
CA ARG D 208 28.30 -31.43 3.69
C ARG D 208 28.14 -32.93 3.75
N THR D 209 27.03 -33.45 3.21
CA THR D 209 26.86 -34.87 2.99
C THR D 209 26.30 -35.08 1.60
N GLU D 210 26.72 -36.17 0.96
CA GLU D 210 26.34 -36.42 -0.42
C GLU D 210 25.68 -37.78 -0.54
N MET D 211 24.59 -37.83 -1.29
CA MET D 211 23.91 -39.09 -1.54
C MET D 211 24.80 -39.99 -2.38
N LEU D 212 25.00 -41.21 -1.94
CA LEU D 212 25.82 -42.16 -2.66
C LEU D 212 25.02 -43.30 -3.26
N ASP D 213 23.81 -43.57 -2.78
CA ASP D 213 23.02 -44.64 -3.37
C ASP D 213 21.55 -44.42 -3.07
N LEU D 214 20.70 -45.09 -3.86
CA LEU D 214 19.26 -45.06 -3.69
C LEU D 214 18.75 -46.45 -3.33
N VAL D 215 17.90 -46.53 -2.32
CA VAL D 215 17.36 -47.79 -1.82
C VAL D 215 15.89 -47.87 -2.22
N VAL D 216 15.56 -48.90 -2.99
CA VAL D 216 14.20 -49.14 -3.46
C VAL D 216 13.66 -50.35 -2.73
N VAL D 217 12.50 -50.19 -2.09
CA VAL D 217 11.86 -51.26 -1.33
C VAL D 217 10.49 -51.51 -1.94
N ASP D 218 10.23 -52.77 -2.29
CA ASP D 218 8.95 -53.17 -2.87
C ASP D 218 8.65 -52.39 -4.14
N GLY D 219 9.69 -52.10 -4.92
CA GLY D 219 9.52 -51.37 -6.16
C GLY D 219 9.28 -49.88 -6.01
N ARG D 220 9.50 -49.33 -4.82
CA ARG D 220 9.35 -47.89 -4.59
C ARG D 220 10.65 -47.36 -4.02
N ALA D 221 11.02 -46.15 -4.43
CA ALA D 221 12.22 -45.50 -3.89
C ALA D 221 11.94 -45.12 -2.45
N ARG D 222 12.47 -45.90 -1.51
CA ARG D 222 12.14 -45.74 -0.11
C ARG D 222 13.27 -45.19 0.75
N GLY D 223 14.42 -44.88 0.18
CA GLY D 223 15.45 -44.27 1.02
C GLY D 223 16.71 -43.99 0.24
N ILE D 224 17.68 -43.41 0.96
CA ILE D 224 18.97 -43.08 0.39
C ILE D 224 20.09 -43.48 1.34
N ILE D 225 21.27 -43.65 0.77
CA ILE D 225 22.50 -43.95 1.50
C ILE D 225 23.48 -42.83 1.23
N THR D 226 23.91 -42.14 2.28
CA THR D 226 24.74 -40.94 2.18
C THR D 226 26.04 -41.12 2.95
N ARG D 227 27.00 -40.26 2.63
CA ARG D 227 28.28 -40.19 3.32
C ARG D 227 28.63 -38.73 3.55
N ASP D 228 28.72 -38.31 4.81
CA ASP D 228 29.13 -36.96 5.12
C ASP D 228 30.65 -36.84 5.00
N MET D 229 31.10 -35.80 4.30
CA MET D 229 32.50 -35.71 3.94
C MET D 229 33.40 -35.28 5.08
N VAL D 230 32.85 -34.66 6.13
CA VAL D 230 33.68 -34.22 7.25
C VAL D 230 34.21 -35.42 8.03
N THR D 231 33.32 -36.37 8.35
CA THR D 231 33.70 -37.49 9.20
C THR D 231 33.73 -38.83 8.48
N GLY D 232 33.19 -38.91 7.27
CA GLY D 232 33.17 -40.17 6.55
C GLY D 232 32.13 -41.16 6.99
N LYS D 233 31.20 -40.74 7.85
CA LYS D 233 30.16 -41.64 8.32
C LYS D 233 29.21 -42.01 7.19
N ILE D 234 28.85 -43.29 7.11
CA ILE D 234 27.89 -43.79 6.15
C ILE D 234 26.56 -43.93 6.87
N THR D 235 25.55 -43.20 6.42
CA THR D 235 24.26 -43.18 7.08
C THR D 235 23.16 -43.52 6.09
N ARG D 236 22.13 -44.21 6.58
CA ARG D 236 20.99 -44.59 5.77
C ARG D 236 19.75 -43.85 6.26
N TYR D 237 18.99 -43.27 5.33
CA TYR D 237 17.76 -42.58 5.64
C TYR D 237 16.62 -43.21 4.88
N ALA D 238 15.45 -43.24 5.51
CA ALA D 238 14.25 -43.86 4.93
C ALA D 238 13.13 -42.84 4.89
N ALA D 239 12.35 -42.87 3.82
CA ALA D 239 11.27 -41.93 3.61
C ALA D 239 10.27 -42.53 2.64
N ASP D 240 9.08 -41.89 2.57
CA ASP D 240 8.05 -42.35 1.66
C ASP D 240 8.35 -41.96 0.21
N ALA D 241 8.82 -40.74 -0.01
CA ALA D 241 9.09 -40.25 -1.35
C ALA D 241 10.46 -39.59 -1.39
N VAL D 242 11.10 -39.66 -2.55
CA VAL D 242 12.43 -39.11 -2.76
C VAL D 242 12.39 -38.16 -3.96
N VAL D 243 12.99 -36.99 -3.79
CA VAL D 243 13.07 -35.97 -4.84
C VAL D 243 14.55 -35.73 -5.12
N LEU D 244 14.91 -35.72 -6.41
CA LEU D 244 16.30 -35.60 -6.84
C LEU D 244 16.47 -34.29 -7.60
N ALA D 245 16.73 -33.21 -6.87
CA ALA D 245 17.04 -31.92 -7.49
C ALA D 245 18.55 -31.68 -7.50
N THR D 246 19.28 -32.54 -8.23
CA THR D 246 20.73 -32.58 -8.13
C THR D 246 21.43 -31.87 -9.29
N GLY D 247 20.72 -31.12 -10.11
CA GLY D 247 21.38 -30.31 -11.12
C GLY D 247 21.89 -31.12 -12.30
N GLY D 248 22.51 -30.40 -13.23
CA GLY D 248 22.93 -30.97 -14.48
C GLY D 248 24.24 -31.72 -14.39
N TYR D 249 24.60 -32.37 -15.50
CA TYR D 249 25.78 -33.21 -15.58
C TYR D 249 26.74 -32.73 -16.67
N GLY D 250 26.67 -31.44 -17.01
CA GLY D 250 27.57 -30.90 -18.02
C GLY D 250 29.03 -30.99 -17.68
N ASN D 251 29.35 -31.32 -16.44
CA ASN D 251 30.72 -31.46 -15.98
C ASN D 251 31.37 -32.75 -16.46
N VAL D 252 30.62 -33.62 -17.14
CA VAL D 252 31.22 -34.83 -17.69
C VAL D 252 32.31 -34.49 -18.68
N PHE D 253 32.13 -33.41 -19.44
CA PHE D 253 33.23 -32.80 -20.16
C PHE D 253 34.12 -32.10 -19.14
N TYR D 254 35.42 -32.33 -19.22
CA TYR D 254 36.31 -31.83 -18.17
C TYR D 254 36.25 -30.32 -18.06
N LEU D 255 36.28 -29.62 -19.20
CA LEU D 255 36.18 -28.17 -19.22
C LEU D 255 34.72 -27.78 -19.40
N SER D 256 34.18 -27.02 -18.45
CA SER D 256 32.79 -26.62 -18.48
C SER D 256 32.61 -25.36 -17.66
N THR D 257 31.46 -24.72 -17.83
CA THR D 257 31.18 -23.48 -17.12
C THR D 257 30.41 -23.69 -15.83
N ASN D 258 30.21 -24.92 -15.40
CA ASN D 258 29.51 -25.16 -14.14
C ASN D 258 30.51 -25.34 -12.99
N ALA D 259 29.99 -25.43 -11.79
CA ALA D 259 30.82 -25.42 -10.59
C ALA D 259 31.70 -26.66 -10.52
N LYS D 260 32.74 -26.58 -9.68
CA LYS D 260 33.72 -27.65 -9.62
C LYS D 260 33.14 -28.92 -9.02
N GLY D 261 32.09 -28.80 -8.21
CA GLY D 261 31.51 -29.97 -7.57
C GLY D 261 30.35 -30.60 -8.29
N CYS D 262 29.81 -29.97 -9.32
CA CYS D 262 28.66 -30.51 -10.03
C CYS D 262 29.00 -31.87 -10.61
N ASN D 263 28.08 -32.82 -10.46
CA ASN D 263 28.33 -34.19 -10.86
C ASN D 263 27.02 -34.86 -11.25
N ALA D 264 27.10 -36.15 -11.57
CA ALA D 264 25.96 -36.96 -11.98
C ALA D 264 25.90 -38.26 -11.19
N THR D 265 26.37 -38.24 -9.94
CA THR D 265 26.34 -39.46 -9.13
C THR D 265 24.91 -39.86 -8.80
N ALA D 266 24.10 -38.89 -8.36
CA ALA D 266 22.75 -39.22 -7.89
C ALA D 266 21.88 -39.77 -9.01
N ILE D 267 21.84 -39.08 -10.14
CA ILE D 267 20.99 -39.53 -11.23
C ILE D 267 21.50 -40.83 -11.82
N TRP D 268 22.82 -41.02 -11.88
CA TRP D 268 23.34 -42.29 -12.40
C TRP D 268 23.00 -43.45 -11.47
N ARG D 269 23.09 -43.23 -10.16
CA ARG D 269 22.70 -44.29 -9.22
C ARG D 269 21.23 -44.61 -9.34
N ALA D 270 20.39 -43.58 -9.47
CA ALA D 270 18.96 -43.82 -9.66
C ALA D 270 18.69 -44.56 -10.97
N HIS D 271 19.39 -44.18 -12.04
CA HIS D 271 19.21 -44.85 -13.32
C HIS D 271 19.64 -46.31 -13.26
N ARG D 272 20.76 -46.58 -12.59
CA ARG D 272 21.17 -47.96 -12.38
C ARG D 272 20.15 -48.71 -11.53
N ARG D 273 19.45 -48.00 -10.63
CA ARG D 273 18.43 -48.65 -9.82
C ARG D 273 17.15 -48.94 -10.60
N GLY D 274 16.97 -48.32 -11.76
CA GLY D 274 15.79 -48.60 -12.56
C GLY D 274 15.20 -47.42 -13.30
N ALA D 275 15.67 -46.21 -12.98
CA ALA D 275 15.16 -45.03 -13.67
C ALA D 275 15.63 -45.01 -15.12
N PHE D 276 14.88 -44.31 -15.97
CA PHE D 276 15.15 -44.26 -17.39
C PHE D 276 15.77 -42.92 -17.74
N PHE D 277 16.88 -42.96 -18.47
CA PHE D 277 17.61 -41.75 -18.85
C PHE D 277 17.03 -41.22 -20.15
N GLY D 278 16.57 -39.97 -20.13
CA GLY D 278 15.90 -39.40 -21.27
C GLY D 278 16.75 -38.44 -22.07
N ASN D 279 17.17 -38.87 -23.27
CA ASN D 279 17.99 -38.09 -24.18
C ASN D 279 19.25 -37.58 -23.50
N PRO D 280 20.16 -38.47 -23.07
CA PRO D 280 21.37 -38.00 -22.40
C PRO D 280 22.29 -37.17 -23.28
N CYS D 281 22.15 -37.24 -24.60
CA CYS D 281 23.08 -36.55 -25.49
C CYS D 281 22.74 -35.09 -25.71
N PHE D 282 21.63 -34.61 -25.16
CA PHE D 282 21.19 -33.23 -25.40
C PHE D 282 21.98 -32.30 -24.49
N THR D 283 22.93 -31.57 -25.07
CA THR D 283 23.76 -30.62 -24.33
C THR D 283 23.71 -29.26 -25.00
N GLN D 284 23.95 -28.22 -24.21
CA GLN D 284 23.99 -26.84 -24.69
C GLN D 284 25.31 -26.21 -24.30
N ILE D 285 25.84 -25.39 -25.19
CA ILE D 285 27.15 -24.78 -25.03
C ILE D 285 26.99 -23.29 -24.88
N HIS D 286 28.07 -22.64 -24.44
CA HIS D 286 28.14 -21.20 -24.39
C HIS D 286 29.29 -20.73 -25.28
N PRO D 287 29.04 -19.79 -26.20
CA PRO D 287 30.09 -19.42 -27.15
C PRO D 287 31.22 -18.61 -26.53
N THR D 288 30.85 -17.65 -25.67
CA THR D 288 31.84 -16.71 -25.11
C THR D 288 32.24 -17.07 -23.70
N CYS D 289 33.37 -17.76 -23.53
CA CYS D 289 33.91 -18.07 -22.22
C CYS D 289 35.40 -17.75 -22.22
N ILE D 290 35.90 -17.35 -21.07
CA ILE D 290 37.32 -16.99 -20.97
C ILE D 290 38.16 -18.27 -21.12
N PRO D 291 39.14 -18.29 -22.02
CA PRO D 291 39.94 -19.50 -22.21
C PRO D 291 40.81 -19.79 -21.00
N VAL D 292 41.18 -21.06 -20.88
CA VAL D 292 42.02 -21.49 -19.77
C VAL D 292 43.45 -21.00 -19.97
N SER D 293 44.18 -20.84 -18.86
CA SER D 293 45.57 -20.39 -18.89
C SER D 293 46.55 -21.54 -18.80
N GLY D 294 46.08 -22.78 -18.81
CA GLY D 294 46.97 -23.92 -18.72
C GLY D 294 46.18 -25.18 -18.46
N GLU D 295 46.91 -26.30 -18.43
CA GLU D 295 46.27 -27.59 -18.25
C GLU D 295 45.68 -27.77 -16.86
N TYR D 296 46.13 -26.98 -15.88
CA TYR D 296 45.62 -27.13 -14.52
C TYR D 296 44.18 -26.66 -14.39
N GLN D 297 43.80 -25.64 -15.15
CA GLN D 297 42.47 -25.06 -14.99
C GLN D 297 41.40 -25.99 -15.56
N SER D 298 40.23 -26.00 -14.91
CA SER D 298 39.10 -26.79 -15.34
C SER D 298 37.85 -25.99 -15.65
N LYS D 299 37.67 -24.83 -15.04
CA LYS D 299 36.45 -24.05 -15.20
C LYS D 299 36.70 -22.85 -16.10
N LEU D 300 35.74 -22.58 -16.98
CA LEU D 300 35.75 -21.41 -17.86
C LEU D 300 34.63 -20.48 -17.42
N THR D 301 34.96 -19.21 -17.25
CA THR D 301 34.00 -18.25 -16.73
C THR D 301 33.07 -17.78 -17.84
N LEU D 302 31.77 -17.84 -17.59
CA LEU D 302 30.75 -17.45 -18.55
C LEU D 302 30.59 -15.94 -18.53
N MET D 303 30.97 -15.27 -19.62
CA MET D 303 30.88 -13.80 -19.64
C MET D 303 29.49 -13.31 -20.00
N SER D 304 29.08 -13.52 -21.25
CA SER D 304 27.80 -13.00 -21.74
C SER D 304 27.63 -13.42 -23.19
N GLU D 305 26.43 -13.18 -23.72
CA GLU D 305 26.14 -13.34 -25.13
C GLU D 305 26.25 -12.04 -25.92
N SER D 306 26.01 -10.91 -25.26
CA SER D 306 25.96 -9.61 -25.93
C SER D 306 27.31 -9.16 -26.46
N LEU D 307 28.40 -9.77 -26.03
CA LEU D 307 29.72 -9.35 -26.49
C LEU D 307 29.91 -9.61 -27.98
N ARG D 308 29.12 -10.49 -28.58
CA ARG D 308 29.21 -10.74 -30.01
C ARG D 308 28.45 -9.71 -30.83
N ASN D 309 27.64 -8.87 -30.19
CA ASN D 309 26.91 -7.85 -30.94
C ASN D 309 27.83 -6.76 -31.46
N ASP D 310 28.76 -6.29 -30.63
CA ASP D 310 29.62 -5.18 -30.96
C ASP D 310 31.09 -5.58 -30.98
N GLY D 311 31.37 -6.77 -31.50
CA GLY D 311 32.75 -7.24 -31.60
C GLY D 311 32.93 -8.06 -32.85
N ARG D 312 34.18 -8.18 -33.26
CA ARG D 312 34.53 -8.94 -34.46
C ARG D 312 35.42 -10.11 -34.09
N ILE D 313 35.09 -11.29 -34.63
CA ILE D 313 35.83 -12.51 -34.37
C ILE D 313 36.87 -12.69 -35.46
N TRP D 314 38.11 -12.90 -35.07
CA TRP D 314 39.18 -13.07 -36.04
C TRP D 314 40.33 -13.87 -35.45
N VAL D 315 41.30 -14.15 -36.31
CA VAL D 315 42.52 -14.85 -35.94
C VAL D 315 43.61 -14.51 -36.93
N PRO D 316 44.87 -14.47 -36.48
CA PRO D 316 45.97 -14.17 -37.40
C PRO D 316 46.03 -15.15 -38.56
N LYS D 317 46.30 -14.62 -39.76
CA LYS D 317 46.43 -15.46 -40.94
C LYS D 317 47.65 -16.37 -40.84
N LYS D 318 48.76 -15.85 -40.34
CA LYS D 318 49.95 -16.65 -40.09
C LYS D 318 49.92 -17.16 -38.66
N LYS D 319 49.98 -18.49 -38.49
CA LYS D 319 49.86 -19.06 -37.16
C LYS D 319 51.08 -18.76 -36.30
N GLY D 320 52.22 -18.46 -36.92
CA GLY D 320 53.42 -18.15 -36.17
C GLY D 320 53.67 -16.67 -36.00
N ASP D 321 52.60 -15.90 -35.77
CA ASP D 321 52.72 -14.46 -35.58
C ASP D 321 52.95 -14.17 -34.10
N THR D 322 54.13 -13.65 -33.79
CA THR D 322 54.48 -13.28 -32.42
C THR D 322 54.18 -11.81 -32.12
N ARG D 323 53.71 -11.05 -33.09
CA ARG D 323 53.41 -9.64 -32.86
C ARG D 323 52.19 -9.50 -31.98
N ARG D 324 52.08 -8.33 -31.35
CA ARG D 324 50.91 -8.05 -30.53
C ARG D 324 49.66 -7.97 -31.41
N PRO D 325 48.50 -8.38 -30.89
CA PRO D 325 47.29 -8.35 -31.71
C PRO D 325 46.93 -6.97 -32.22
N GLN D 326 47.15 -5.91 -31.42
CA GLN D 326 46.81 -4.57 -31.87
C GLN D 326 47.74 -4.06 -32.96
N ASP D 327 48.92 -4.66 -33.12
CA ASP D 327 49.87 -4.25 -34.14
C ASP D 327 49.74 -5.05 -35.43
N ILE D 328 48.83 -6.01 -35.48
CA ILE D 328 48.63 -6.79 -36.70
C ILE D 328 47.89 -5.95 -37.73
N PRO D 329 48.39 -5.82 -38.96
CA PRO D 329 47.69 -5.02 -39.96
C PRO D 329 46.35 -5.63 -40.32
N GLU D 330 45.45 -4.77 -40.80
CA GLU D 330 44.09 -5.21 -41.12
C GLU D 330 44.07 -6.26 -42.21
N SER D 331 44.91 -6.09 -43.24
CA SER D 331 44.96 -7.05 -44.34
C SER D 331 45.53 -8.40 -43.94
N GLU D 332 46.19 -8.49 -42.78
CA GLU D 332 46.83 -9.72 -42.35
C GLU D 332 45.96 -10.51 -41.38
N ARG D 333 44.72 -10.11 -41.18
CA ARG D 333 43.83 -10.76 -40.23
C ARG D 333 42.84 -11.66 -40.96
N ASP D 334 42.75 -12.92 -40.52
CA ASP D 334 41.79 -13.86 -41.06
C ASP D 334 40.47 -13.63 -40.34
N TYR D 335 39.60 -12.80 -40.94
CA TYR D 335 38.30 -12.50 -40.36
C TYR D 335 37.30 -13.57 -40.79
N TYR D 336 37.54 -14.79 -40.30
CA TYR D 336 36.56 -15.84 -40.48
C TYR D 336 35.29 -15.50 -39.71
N LEU D 337 34.20 -16.20 -40.04
CA LEU D 337 32.83 -15.90 -39.64
C LEU D 337 32.31 -14.65 -40.35
N GLU D 338 33.15 -13.97 -41.13
CA GLU D 338 32.74 -12.94 -42.07
C GLU D 338 33.08 -13.31 -43.50
N GLU D 339 34.28 -13.86 -43.73
CA GLU D 339 34.58 -14.46 -45.03
C GLU D 339 33.70 -15.69 -45.27
N ARG D 340 33.47 -16.48 -44.24
CA ARG D 340 32.54 -17.59 -44.27
C ARG D 340 31.23 -17.16 -43.62
N TYR D 341 30.12 -17.68 -44.16
CA TYR D 341 28.78 -17.25 -43.77
C TYR D 341 28.62 -15.74 -43.91
N PRO D 342 28.67 -15.19 -45.12
CA PRO D 342 28.44 -13.75 -45.28
C PRO D 342 27.04 -13.31 -44.89
N SER D 343 26.08 -14.23 -44.85
CA SER D 343 24.73 -13.91 -44.42
C SER D 343 24.68 -13.72 -42.91
N PHE D 344 23.47 -13.50 -42.39
CA PHE D 344 23.18 -13.31 -40.98
C PHE D 344 23.76 -12.02 -40.40
N GLY D 345 24.50 -11.25 -41.19
CA GLY D 345 25.13 -10.04 -40.66
C GLY D 345 26.12 -10.32 -39.56
N ASN D 346 26.89 -11.39 -39.68
CA ASN D 346 27.89 -11.85 -38.72
C ASN D 346 27.28 -12.29 -37.39
N LEU D 347 25.97 -12.19 -37.23
CA LEU D 347 25.29 -12.69 -36.03
C LEU D 347 24.80 -14.12 -36.27
N VAL D 348 25.75 -14.97 -36.66
CA VAL D 348 25.47 -16.37 -36.95
C VAL D 348 25.06 -17.04 -35.65
N PRO D 349 24.25 -18.10 -35.71
CA PRO D 349 23.86 -18.79 -34.48
C PRO D 349 25.06 -19.33 -33.73
N ARG D 350 24.93 -19.39 -32.40
CA ARG D 350 26.07 -19.73 -31.55
C ARG D 350 26.64 -21.10 -31.89
N ASP D 351 25.81 -22.02 -32.39
CA ASP D 351 26.29 -23.34 -32.74
C ASP D 351 27.33 -23.27 -33.86
N ILE D 352 26.99 -22.58 -34.94
CA ILE D 352 27.89 -22.49 -36.09
C ILE D 352 29.16 -21.74 -35.72
N ALA D 353 29.01 -20.62 -35.01
CA ALA D 353 30.17 -19.83 -34.61
C ALA D 353 31.11 -20.63 -33.72
N SER D 354 30.55 -21.34 -32.73
CA SER D 354 31.38 -22.12 -31.83
C SER D 354 32.04 -23.28 -32.54
N ARG D 355 31.32 -23.92 -33.47
CA ARG D 355 31.93 -25.00 -34.23
C ARG D 355 33.10 -24.50 -35.07
N ALA D 356 32.93 -23.34 -35.72
CA ALA D 356 34.01 -22.77 -36.50
C ALA D 356 35.20 -22.39 -35.62
N ALA D 357 34.92 -21.83 -34.44
CA ALA D 357 35.99 -21.48 -33.51
C ALA D 357 36.77 -22.72 -33.08
N LYS D 358 36.06 -23.79 -32.74
CA LYS D 358 36.75 -25.03 -32.36
C LYS D 358 37.56 -25.58 -33.52
N GLN D 359 37.03 -25.50 -34.74
CA GLN D 359 37.76 -26.00 -35.89
C GLN D 359 39.04 -25.21 -36.12
N VAL D 360 38.96 -23.88 -36.08
CA VAL D 360 40.16 -23.09 -36.31
C VAL D 360 41.15 -23.22 -35.17
N CYS D 361 40.68 -23.52 -33.96
CA CYS D 361 41.61 -23.77 -32.87
C CYS D 361 42.27 -25.15 -32.98
N ASP D 362 41.55 -26.13 -33.51
CA ASP D 362 42.11 -27.47 -33.67
C ASP D 362 43.12 -27.55 -34.81
N GLU D 363 43.02 -26.66 -35.80
CA GLU D 363 43.97 -26.65 -36.90
C GLU D 363 45.36 -26.19 -36.47
N GLY D 364 45.50 -25.69 -35.25
CA GLY D 364 46.75 -25.14 -34.77
C GLY D 364 46.87 -23.64 -34.84
N ARG D 365 45.77 -22.94 -35.15
CA ARG D 365 45.79 -21.50 -35.34
C ARG D 365 45.11 -20.77 -34.17
N GLY D 366 45.33 -21.25 -32.94
CA GLY D 366 44.83 -20.57 -31.78
C GLY D 366 45.70 -19.37 -31.40
N VAL D 367 45.23 -18.63 -30.40
CA VAL D 367 45.92 -17.43 -29.94
C VAL D 367 46.17 -17.42 -28.44
N GLY D 368 45.66 -18.40 -27.70
CA GLY D 368 45.77 -18.40 -26.27
C GLY D 368 47.11 -18.93 -25.78
N PRO D 369 47.21 -19.21 -24.48
CA PRO D 369 48.46 -19.79 -23.97
C PRO D 369 48.78 -21.14 -24.57
N GLY D 370 47.87 -22.09 -24.48
CA GLY D 370 48.03 -23.40 -25.08
C GLY D 370 47.53 -23.50 -26.50
N GLY D 371 47.13 -22.39 -27.10
CA GLY D 371 46.57 -22.40 -28.44
C GLY D 371 45.07 -22.56 -28.51
N LEU D 372 44.37 -22.32 -27.42
CA LEU D 372 42.92 -22.47 -27.36
C LEU D 372 42.30 -21.09 -27.19
N GLY D 373 41.68 -20.58 -28.24
CA GLY D 373 41.01 -19.30 -28.19
C GLY D 373 41.10 -18.56 -29.51
N VAL D 374 40.13 -17.67 -29.74
CA VAL D 374 40.09 -16.82 -30.92
C VAL D 374 39.87 -15.39 -30.47
N TYR D 375 40.31 -14.45 -31.30
CA TYR D 375 40.25 -13.05 -30.93
C TYR D 375 38.85 -12.49 -31.18
N LEU D 376 38.42 -11.62 -30.28
CA LEU D 376 37.16 -10.89 -30.36
C LEU D 376 37.52 -9.44 -30.03
N ASP D 377 37.70 -8.63 -31.06
CA ASP D 377 38.14 -7.26 -30.82
C ASP D 377 36.97 -6.29 -30.91
N PHE D 378 37.04 -5.26 -30.08
CA PHE D 378 36.05 -4.19 -29.99
C PHE D 378 36.58 -2.87 -30.52
N ALA D 379 37.76 -2.87 -31.16
CA ALA D 379 38.40 -1.62 -31.55
C ALA D 379 37.55 -0.85 -32.56
N ASP D 380 37.00 -1.54 -33.55
CA ASP D 380 36.15 -0.89 -34.53
C ASP D 380 34.87 -0.36 -33.88
N ALA D 381 34.30 -1.12 -32.94
CA ALA D 381 33.14 -0.63 -32.21
C ALA D 381 33.49 0.59 -31.38
N ILE D 382 34.67 0.60 -30.76
CA ILE D 382 35.08 1.75 -29.97
C ILE D 382 35.23 2.98 -30.84
N LYS D 383 35.87 2.83 -32.02
CA LYS D 383 36.05 3.98 -32.90
C LYS D 383 34.71 4.46 -33.46
N ARG D 384 33.85 3.53 -33.88
CA ARG D 384 32.57 3.92 -34.49
C ARG D 384 31.62 4.51 -33.45
N LEU D 385 31.47 3.84 -32.31
CA LEU D 385 30.59 4.32 -31.25
C LEU D 385 31.39 5.23 -30.32
N GLY D 386 30.81 5.56 -29.17
CA GLY D 386 31.49 6.33 -28.15
C GLY D 386 31.97 5.42 -27.03
N ARG D 387 33.18 5.69 -26.55
CA ARG D 387 33.73 4.87 -25.46
C ARG D 387 32.86 4.92 -24.22
N GLN D 388 32.22 6.06 -23.96
CA GLN D 388 31.31 6.15 -22.82
C GLN D 388 30.13 5.20 -22.98
N LYS D 389 29.54 5.16 -24.18
CA LYS D 389 28.40 4.28 -24.42
C LYS D 389 28.80 2.82 -24.29
N ILE D 390 29.98 2.45 -24.80
CA ILE D 390 30.44 1.08 -24.67
C ILE D 390 30.70 0.74 -23.20
N ALA D 391 31.32 1.66 -22.46
CA ALA D 391 31.58 1.41 -21.05
C ALA D 391 30.28 1.21 -20.27
N GLU D 392 29.28 2.05 -20.56
CA GLU D 392 27.99 1.91 -19.88
C GLU D 392 27.23 0.68 -20.35
N ARG D 393 27.50 0.20 -21.56
CA ARG D 393 26.84 -1.01 -22.06
C ARG D 393 27.54 -2.25 -21.56
N TYR D 394 28.85 -2.36 -21.82
CA TYR D 394 29.64 -3.52 -21.43
C TYR D 394 30.36 -3.20 -20.13
N GLY D 395 29.57 -3.09 -19.07
CA GLY D 395 30.09 -2.80 -17.74
C GLY D 395 30.13 -4.08 -16.92
N ASN D 396 31.07 -4.12 -15.97
CA ASN D 396 31.32 -5.28 -15.11
C ASN D 396 31.84 -6.48 -15.89
N LEU D 397 32.04 -6.34 -17.21
CA LEU D 397 32.56 -7.42 -18.04
C LEU D 397 33.97 -7.11 -18.51
N PHE D 398 34.23 -5.90 -18.98
CA PHE D 398 35.60 -5.50 -19.30
C PHE D 398 36.45 -5.47 -18.04
N ASP D 399 35.90 -4.96 -16.93
CA ASP D 399 36.61 -4.97 -15.66
C ASP D 399 36.85 -6.40 -15.18
N MET D 400 35.84 -7.25 -15.28
CA MET D 400 36.00 -8.64 -14.86
C MET D 400 37.03 -9.37 -15.73
N TYR D 401 36.98 -9.14 -17.04
CA TYR D 401 37.96 -9.74 -17.94
C TYR D 401 39.36 -9.26 -17.61
N LYS D 402 39.51 -7.97 -17.32
CA LYS D 402 40.82 -7.44 -16.93
C LYS D 402 41.28 -8.06 -15.62
N GLN D 403 40.36 -8.25 -14.67
CA GLN D 403 40.72 -8.85 -13.39
C GLN D 403 41.22 -10.27 -13.57
N ILE D 404 40.55 -11.05 -14.42
CA ILE D 404 40.96 -12.45 -14.61
C ILE D 404 42.13 -12.54 -15.59
N THR D 405 41.92 -12.10 -16.82
CA THR D 405 42.95 -12.27 -17.84
C THR D 405 44.15 -11.39 -17.59
N GLY D 406 43.93 -10.13 -17.24
CA GLY D 406 45.00 -9.18 -17.06
C GLY D 406 45.26 -8.26 -18.24
N GLU D 407 44.38 -8.25 -19.23
CA GLU D 407 44.53 -7.42 -20.41
C GLU D 407 43.29 -6.55 -20.58
N ASP D 408 43.51 -5.29 -20.92
CA ASP D 408 42.41 -4.34 -21.04
C ASP D 408 41.70 -4.52 -22.38
N PRO D 409 40.41 -4.83 -22.39
CA PRO D 409 39.71 -4.98 -23.67
C PRO D 409 39.65 -3.71 -24.51
N TYR D 410 39.75 -2.53 -23.88
CA TYR D 410 39.66 -1.29 -24.64
C TYR D 410 40.84 -1.10 -25.58
N GLU D 411 42.00 -1.68 -25.25
CA GLU D 411 43.18 -1.57 -26.08
C GLU D 411 43.62 -2.87 -26.71
N THR D 412 43.29 -4.01 -26.09
CA THR D 412 43.71 -5.30 -26.57
C THR D 412 42.50 -6.15 -26.95
N PRO D 413 42.58 -6.92 -28.04
CA PRO D 413 41.47 -7.81 -28.38
C PRO D 413 41.23 -8.84 -27.28
N MET D 414 39.95 -9.16 -27.07
CA MET D 414 39.55 -10.17 -26.12
C MET D 414 39.82 -11.55 -26.71
N ARG D 415 39.96 -12.55 -25.86
CA ARG D 415 40.07 -13.94 -26.30
C ARG D 415 38.88 -14.73 -25.78
N ILE D 416 38.27 -15.53 -26.64
CA ILE D 416 37.14 -16.36 -26.23
C ILE D 416 37.31 -17.77 -26.78
N TYR D 417 36.61 -18.71 -26.16
CA TYR D 417 36.61 -20.11 -26.54
C TYR D 417 35.34 -20.78 -26.01
N PRO D 418 34.65 -21.56 -26.83
CA PRO D 418 33.36 -22.13 -26.38
C PRO D 418 33.55 -23.21 -25.32
N ALA D 419 32.51 -23.40 -24.52
CA ALA D 419 32.53 -24.43 -23.50
C ALA D 419 31.11 -24.92 -23.24
N VAL D 420 31.02 -26.16 -22.76
CA VAL D 420 29.72 -26.77 -22.49
C VAL D 420 29.10 -26.11 -21.26
N HIS D 421 27.82 -25.76 -21.37
CA HIS D 421 27.18 -24.91 -20.38
C HIS D 421 26.05 -25.60 -19.63
N TYR D 422 25.21 -26.35 -20.34
CA TYR D 422 23.95 -26.84 -19.79
C TYR D 422 23.66 -28.21 -20.37
N THR D 423 22.84 -29.00 -19.67
CA THR D 423 22.39 -30.29 -20.16
C THR D 423 20.87 -30.33 -20.15
N MET D 424 20.27 -30.41 -21.33
CA MET D 424 18.82 -30.55 -21.42
C MET D 424 18.35 -31.96 -21.07
N GLY D 425 19.23 -32.95 -21.20
CA GLY D 425 18.86 -34.32 -20.91
C GLY D 425 18.87 -34.62 -19.43
N GLY D 426 18.46 -35.84 -19.12
CA GLY D 426 18.38 -36.26 -17.73
C GLY D 426 17.40 -37.41 -17.58
N LEU D 427 16.98 -37.62 -16.34
CA LEU D 427 16.03 -38.69 -16.04
C LEU D 427 14.67 -38.37 -16.63
N TRP D 428 14.05 -39.36 -17.26
CA TRP D 428 12.74 -39.18 -17.85
C TRP D 428 11.69 -39.11 -16.75
N VAL D 429 10.77 -38.15 -16.88
CA VAL D 429 9.68 -37.99 -15.94
C VAL D 429 8.39 -37.80 -16.72
N ASP D 430 7.27 -38.19 -16.11
CA ASP D 430 5.97 -38.04 -16.73
C ASP D 430 5.37 -36.69 -16.32
N TYR D 431 4.07 -36.50 -16.58
CA TYR D 431 3.43 -35.23 -16.28
C TYR D 431 3.46 -34.91 -14.79
N ASN D 432 3.50 -35.94 -13.95
CA ASN D 432 3.51 -35.75 -12.50
C ASN D 432 4.91 -35.56 -11.95
N LEU D 433 5.90 -35.31 -12.81
CA LEU D 433 7.30 -35.15 -12.39
C LEU D 433 7.81 -36.39 -11.67
N GLN D 434 7.28 -37.56 -12.01
CA GLN D 434 7.66 -38.81 -11.39
C GLN D 434 8.39 -39.68 -12.40
N SER D 435 9.50 -40.26 -11.98
CA SER D 435 10.35 -41.02 -12.89
C SER D 435 9.75 -42.41 -13.13
N THR D 436 10.53 -43.29 -13.74
CA THR D 436 10.08 -44.66 -13.97
C THR D 436 9.87 -45.39 -12.65
N ILE D 437 10.78 -45.19 -11.69
CA ILE D 437 10.63 -45.76 -10.37
C ILE D 437 9.50 -45.04 -9.64
N PRO D 438 8.46 -45.74 -9.18
CA PRO D 438 7.38 -45.06 -8.48
C PRO D 438 7.88 -44.39 -7.21
N GLY D 439 7.40 -43.19 -6.96
CA GLY D 439 7.77 -42.43 -5.79
C GLY D 439 9.05 -41.63 -5.92
N LEU D 440 9.77 -41.76 -7.03
CA LEU D 440 11.00 -41.01 -7.26
C LEU D 440 10.68 -39.85 -8.18
N PHE D 441 10.82 -38.63 -7.67
CA PHE D 441 10.50 -37.42 -8.41
C PHE D 441 11.79 -36.69 -8.74
N VAL D 442 11.92 -36.24 -9.99
CA VAL D 442 13.12 -35.57 -10.47
C VAL D 442 12.71 -34.20 -10.97
N ILE D 443 13.25 -33.15 -10.36
CA ILE D 443 12.92 -31.78 -10.71
C ILE D 443 14.20 -31.02 -10.97
N GLY D 444 14.07 -29.84 -11.58
CA GLY D 444 15.20 -29.00 -11.87
C GLY D 444 15.88 -29.34 -13.18
N GLU D 445 17.22 -29.36 -13.17
CA GLU D 445 17.99 -29.71 -14.35
C GLU D 445 18.25 -31.21 -14.47
N ALA D 446 17.91 -31.98 -13.45
CA ALA D 446 18.21 -33.41 -13.45
C ALA D 446 17.21 -34.23 -14.26
N ASN D 447 16.12 -33.64 -14.72
CA ASN D 447 15.13 -34.34 -15.52
C ASN D 447 15.13 -33.83 -16.96
N PHE D 448 14.46 -34.56 -17.84
CA PHE D 448 14.33 -34.09 -19.21
C PHE D 448 13.31 -32.97 -19.31
N SER D 449 12.09 -33.21 -18.81
CA SER D 449 11.05 -32.18 -18.68
C SER D 449 10.80 -31.52 -20.05
N ASP D 450 10.92 -30.21 -20.17
CA ASP D 450 10.28 -29.47 -21.26
C ASP D 450 11.19 -28.50 -21.99
N HIS D 451 12.51 -28.65 -21.90
CA HIS D 451 13.38 -27.80 -22.69
C HIS D 451 13.65 -28.34 -24.09
N GLY D 452 13.17 -29.55 -24.41
CA GLY D 452 13.38 -30.13 -25.72
C GLY D 452 14.84 -30.23 -26.11
N ALA D 453 15.17 -29.83 -27.33
CA ALA D 453 16.54 -29.95 -27.83
C ALA D 453 17.36 -28.70 -27.63
N ASN D 454 16.80 -27.65 -27.03
CA ASN D 454 17.53 -26.41 -26.84
C ASN D 454 16.84 -25.59 -25.77
N ARG D 455 17.60 -25.08 -24.81
CA ARG D 455 17.09 -24.34 -23.68
C ARG D 455 17.12 -22.85 -24.00
N LEU D 456 15.95 -22.21 -23.96
CA LEU D 456 15.90 -20.77 -24.19
C LEU D 456 16.53 -20.03 -23.02
N GLY D 457 16.96 -18.80 -23.30
CA GLY D 457 17.57 -18.00 -22.25
C GLY D 457 16.58 -17.70 -21.14
N ALA D 458 17.08 -17.68 -19.91
CA ALA D 458 16.28 -17.36 -18.73
C ALA D 458 15.11 -18.32 -18.57
N SER D 459 15.33 -19.58 -18.89
CA SER D 459 14.28 -20.59 -18.79
C SER D 459 14.55 -21.66 -17.75
N ALA D 460 15.81 -21.98 -17.46
CA ALA D 460 16.11 -22.97 -16.43
C ALA D 460 15.77 -22.46 -15.05
N LEU D 461 15.96 -21.17 -14.81
CA LEU D 461 15.59 -20.59 -13.52
C LEU D 461 14.10 -20.73 -13.26
N MET D 462 13.28 -20.31 -14.21
CA MET D 462 11.84 -20.40 -14.02
C MET D 462 11.37 -21.85 -14.07
N GLN D 463 12.07 -22.71 -14.81
CA GLN D 463 11.72 -24.13 -14.79
C GLN D 463 11.92 -24.72 -13.40
N GLY D 464 13.06 -24.46 -12.79
CA GLY D 464 13.32 -24.97 -11.46
C GLY D 464 12.38 -24.39 -10.42
N LEU D 465 12.13 -23.08 -10.48
CA LEU D 465 11.23 -22.47 -9.51
C LEU D 465 9.80 -22.97 -9.69
N ALA D 466 9.38 -23.20 -10.94
CA ALA D 466 8.05 -23.74 -11.18
C ALA D 466 7.93 -25.14 -10.61
N ASP D 467 8.93 -25.99 -10.86
CA ASP D 467 8.88 -27.34 -10.32
C ASP D 467 8.86 -27.34 -8.80
N GLY D 468 9.66 -26.47 -8.18
CA GLY D 468 9.71 -26.45 -6.73
C GLY D 468 8.45 -25.89 -6.08
N TYR D 469 7.94 -24.79 -6.61
CA TYR D 469 6.91 -24.01 -5.91
C TYR D 469 5.50 -24.48 -6.23
N PHE D 470 5.17 -24.61 -7.51
CA PHE D 470 3.78 -24.70 -7.95
C PHE D 470 3.40 -26.02 -8.59
N ILE D 471 4.33 -26.95 -8.78
CA ILE D 471 4.05 -28.21 -9.46
C ILE D 471 4.28 -29.41 -8.56
N LEU D 472 5.47 -29.53 -7.98
CA LEU D 472 5.78 -30.70 -7.17
C LEU D 472 4.85 -30.91 -5.99
N PRO D 473 4.42 -29.89 -5.23
CA PRO D 473 3.50 -30.16 -4.11
C PRO D 473 2.27 -30.95 -4.51
N TYR D 474 1.60 -30.54 -5.59
CA TYR D 474 0.37 -31.22 -5.99
C TYR D 474 0.62 -32.66 -6.36
N THR D 475 1.64 -32.92 -7.19
CA THR D 475 1.88 -34.27 -7.66
C THR D 475 2.38 -35.18 -6.55
N ILE D 476 3.22 -34.66 -5.65
CA ILE D 476 3.68 -35.49 -4.56
C ILE D 476 2.54 -35.79 -3.59
N ALA D 477 1.63 -34.83 -3.37
CA ALA D 477 0.47 -35.13 -2.55
C ALA D 477 -0.41 -36.17 -3.22
N ASN D 478 -0.57 -36.08 -4.54
CA ASN D 478 -1.35 -37.07 -5.27
C ASN D 478 -0.76 -38.46 -5.12
N PHE D 479 0.57 -38.56 -5.19
CA PHE D 479 1.19 -39.88 -5.02
C PHE D 479 1.05 -40.36 -3.58
N LEU D 480 1.23 -39.48 -2.61
CA LEU D 480 1.24 -39.90 -1.21
C LEU D 480 -0.15 -40.28 -0.72
N ALA D 481 -1.19 -39.68 -1.27
CA ALA D 481 -2.55 -39.98 -0.82
C ALA D 481 -2.97 -41.40 -1.17
N GLN D 482 -2.26 -42.07 -2.05
CA GLN D 482 -2.61 -43.42 -2.49
C GLN D 482 -1.83 -44.51 -1.77
N VAL D 483 -0.98 -44.15 -0.81
CA VAL D 483 -0.14 -45.11 -0.10
C VAL D 483 -0.27 -44.89 1.40
N LYS D 484 0.07 -45.93 2.14
CA LYS D 484 0.02 -45.91 3.60
C LYS D 484 1.33 -45.36 4.16
N PRO D 485 1.28 -44.38 5.05
CA PRO D 485 2.52 -43.81 5.59
C PRO D 485 3.28 -44.80 6.45
N GLY D 486 4.61 -44.65 6.43
CA GLY D 486 5.45 -45.49 7.26
C GLY D 486 5.51 -46.94 6.76
N GLY D 487 6.02 -47.80 7.63
CA GLY D 487 6.12 -49.21 7.35
C GLY D 487 7.49 -49.69 6.92
N VAL D 488 8.40 -48.78 6.60
CA VAL D 488 9.75 -49.14 6.18
C VAL D 488 10.75 -48.49 7.13
N SER D 489 11.62 -49.30 7.72
CA SER D 489 12.68 -48.84 8.60
C SER D 489 14.03 -49.07 7.92
N ILE D 490 15.10 -48.68 8.61
CA ILE D 490 16.43 -48.70 8.02
C ILE D 490 17.15 -50.01 8.34
N ASP D 491 16.43 -50.98 8.86
CA ASP D 491 17.00 -52.29 9.16
C ASP D 491 16.68 -53.35 8.11
N ARG D 492 16.05 -52.96 7.01
CA ARG D 492 15.68 -53.91 5.98
C ARG D 492 16.90 -54.36 5.18
N PRO D 493 16.86 -55.55 4.59
CA PRO D 493 18.03 -56.05 3.85
C PRO D 493 18.47 -55.18 2.69
N GLU D 494 17.54 -54.44 2.06
CA GLU D 494 17.92 -53.58 0.95
C GLU D 494 18.89 -52.49 1.40
N PHE D 495 18.61 -51.87 2.54
CA PHE D 495 19.52 -50.87 3.07
C PHE D 495 20.89 -51.45 3.36
N ALA D 496 20.92 -52.66 3.96
CA ALA D 496 22.20 -53.29 4.27
C ALA D 496 22.99 -53.60 3.00
N GLU D 497 22.31 -54.09 1.97
CA GLU D 497 23.01 -54.41 0.72
C GLU D 497 23.55 -53.15 0.06
N ALA D 498 22.76 -52.08 0.02
CA ALA D 498 23.24 -50.83 -0.56
C ALA D 498 24.44 -50.29 0.22
N GLU D 499 24.36 -50.33 1.56
CA GLU D 499 25.45 -49.83 2.38
C GLU D 499 26.71 -50.66 2.18
N ALA D 500 26.56 -51.98 2.09
CA ALA D 500 27.72 -52.84 1.85
C ALA D 500 28.34 -52.56 0.49
N GLU D 501 27.51 -52.35 -0.53
CA GLU D 501 28.04 -52.03 -1.86
C GLU D 501 28.81 -50.72 -1.82
N ILE D 502 28.27 -49.70 -1.14
CA ILE D 502 28.97 -48.42 -1.04
C ILE D 502 30.29 -48.58 -0.31
N ASN D 503 30.29 -49.33 0.79
CA ASN D 503 31.52 -49.52 1.57
C ASN D 503 32.57 -50.25 0.73
N GLN D 504 32.17 -51.29 0.00
CA GLN D 504 33.12 -52.00 -0.84
C GLN D 504 33.67 -51.10 -1.93
N ARG D 505 32.82 -50.29 -2.55
CA ARG D 505 33.28 -49.37 -3.59
C ARG D 505 34.31 -48.40 -3.04
N ILE D 506 34.04 -47.82 -1.87
CA ILE D 506 34.97 -46.86 -1.28
C ILE D 506 36.28 -47.54 -0.93
N GLN D 507 36.21 -48.74 -0.34
CA GLN D 507 37.43 -49.45 0.03
C GLN D 507 38.27 -49.77 -1.20
N ARG D 508 37.63 -50.22 -2.29
CA ARG D 508 38.35 -50.49 -3.52
C ARG D 508 39.02 -49.24 -4.06
N LEU D 509 38.28 -48.13 -4.08
CA LEU D 509 38.85 -46.87 -4.56
C LEU D 509 40.07 -46.49 -3.74
N LEU D 510 40.00 -46.63 -2.42
CA LEU D 510 41.14 -46.26 -1.58
C LEU D 510 42.30 -47.22 -1.76
N SER D 511 42.03 -48.49 -2.05
CA SER D 511 43.07 -49.51 -2.10
C SER D 511 43.69 -49.68 -3.48
N ILE D 512 43.18 -49.02 -4.52
CA ILE D 512 43.80 -49.16 -5.84
C ILE D 512 45.22 -48.61 -5.82
N ARG D 513 45.39 -47.39 -5.33
CA ARG D 513 46.68 -46.70 -5.18
C ARG D 513 47.60 -46.93 -6.38
N GLY D 514 47.13 -46.49 -7.54
CA GLY D 514 47.93 -46.57 -8.76
C GLY D 514 48.91 -45.43 -8.91
N LYS D 515 49.06 -44.92 -10.12
CA LYS D 515 49.97 -43.82 -10.41
C LYS D 515 49.26 -42.55 -10.84
N ARG D 516 48.41 -42.63 -11.86
CA ARG D 516 47.74 -41.45 -12.37
C ARG D 516 46.74 -40.92 -11.36
N THR D 517 46.58 -39.60 -11.34
CA THR D 517 45.65 -38.97 -10.42
C THR D 517 44.23 -38.98 -11.01
N VAL D 518 43.27 -38.59 -10.18
CA VAL D 518 41.87 -38.57 -10.60
C VAL D 518 41.67 -37.53 -11.70
N ASP D 519 42.26 -36.35 -11.54
CA ASP D 519 42.05 -35.29 -12.52
C ASP D 519 42.66 -35.63 -13.87
N SER D 520 43.69 -36.47 -13.90
CA SER D 520 44.24 -36.92 -15.18
C SER D 520 43.20 -37.73 -15.96
N PHE D 521 42.55 -38.67 -15.29
CA PHE D 521 41.51 -39.47 -15.93
C PHE D 521 40.33 -38.60 -16.32
N HIS D 522 39.94 -37.66 -15.46
CA HIS D 522 38.84 -36.76 -15.80
C HIS D 522 39.18 -35.91 -17.02
N ARG D 523 40.42 -35.41 -17.10
CA ARG D 523 40.83 -34.62 -18.25
C ARG D 523 40.85 -35.44 -19.52
N GLU D 524 41.34 -36.68 -19.44
CA GLU D 524 41.35 -37.54 -20.61
C GLU D 524 39.94 -37.81 -21.11
N LEU D 525 39.03 -38.14 -20.19
CA LEU D 525 37.65 -38.39 -20.57
C LEU D 525 37.02 -37.14 -21.15
N GLY D 526 37.26 -35.98 -20.55
CA GLY D 526 36.67 -34.75 -21.03
C GLY D 526 37.18 -34.37 -22.41
N LYS D 527 38.48 -34.53 -22.65
CA LYS D 527 39.03 -34.23 -23.97
C LYS D 527 38.45 -35.16 -25.02
N LEU D 528 38.36 -36.46 -24.71
CA LEU D 528 37.79 -37.39 -25.68
C LEU D 528 36.33 -37.04 -25.98
N MET D 529 35.55 -36.74 -24.93
CA MET D 529 34.15 -36.40 -25.12
C MET D 529 33.97 -35.11 -25.90
N TRP D 530 34.83 -34.12 -25.65
CA TRP D 530 34.74 -32.86 -26.37
C TRP D 530 35.13 -33.01 -27.82
N ASP D 531 36.11 -33.87 -28.11
CA ASP D 531 36.53 -34.06 -29.50
C ASP D 531 35.55 -34.92 -30.29
N LYS D 532 34.92 -35.91 -29.66
CA LYS D 532 34.07 -36.85 -30.39
C LYS D 532 32.59 -36.59 -30.20
N CYS D 533 32.12 -36.48 -28.95
CA CYS D 533 30.71 -36.24 -28.66
C CYS D 533 30.44 -34.76 -28.37
N GLY D 534 31.24 -33.87 -28.94
CA GLY D 534 31.08 -32.45 -28.70
C GLY D 534 29.98 -31.82 -29.53
N MET D 535 30.19 -30.59 -29.97
CA MET D 535 29.18 -29.90 -30.78
C MET D 535 29.11 -30.40 -32.20
N ALA D 536 30.17 -31.04 -32.70
CA ALA D 536 30.19 -31.63 -34.03
C ALA D 536 30.43 -33.13 -33.88
N ARG D 537 29.42 -33.93 -34.20
CA ARG D 537 29.47 -35.37 -34.02
C ARG D 537 29.19 -36.07 -35.34
N ASN D 538 29.91 -37.16 -35.58
CA ASN D 538 29.68 -38.03 -36.72
C ASN D 538 29.72 -39.47 -36.27
N ALA D 539 29.24 -40.37 -37.13
CA ALA D 539 29.14 -41.77 -36.77
C ALA D 539 30.51 -42.38 -36.48
N ALA D 540 31.51 -42.07 -37.32
CA ALA D 540 32.84 -42.62 -37.11
C ALA D 540 33.43 -42.16 -35.78
N GLY D 541 33.32 -40.87 -35.49
CA GLY D 541 33.87 -40.35 -34.24
C GLY D 541 33.18 -40.92 -33.02
N LEU D 542 31.85 -41.01 -33.06
CA LEU D 542 31.12 -41.58 -31.93
C LEU D 542 31.46 -43.05 -31.75
N ARG D 543 31.62 -43.79 -32.84
CA ARG D 543 32.00 -45.18 -32.72
C ARG D 543 33.41 -45.33 -32.13
N GLU D 544 34.33 -44.46 -32.54
CA GLU D 544 35.67 -44.49 -31.95
C GLU D 544 35.62 -44.18 -30.46
N ALA D 545 34.81 -43.19 -30.07
CA ALA D 545 34.70 -42.86 -28.66
C ALA D 545 34.09 -44.00 -27.86
N LEU D 546 33.07 -44.66 -28.42
CA LEU D 546 32.46 -45.80 -27.73
C LEU D 546 33.45 -46.94 -27.59
N GLN D 547 34.30 -47.13 -28.60
CA GLN D 547 35.36 -48.12 -28.48
C GLN D 547 36.36 -47.75 -27.38
N ARG D 548 36.72 -46.46 -27.31
CA ARG D 548 37.79 -46.03 -26.41
C ARG D 548 37.37 -45.96 -24.95
N ILE D 549 36.09 -45.65 -24.68
CA ILE D 549 35.68 -45.39 -23.29
C ILE D 549 36.01 -46.54 -22.36
N PRO D 550 35.72 -47.81 -22.67
CA PRO D 550 36.04 -48.89 -21.73
C PRO D 550 37.52 -48.98 -21.38
N GLU D 551 38.42 -48.66 -22.31
CA GLU D 551 39.84 -48.67 -21.98
C GLU D 551 40.15 -47.64 -20.91
N ILE D 552 39.59 -46.44 -21.03
CA ILE D 552 39.79 -45.40 -20.03
C ILE D 552 39.21 -45.83 -18.69
N ARG D 553 38.03 -46.45 -18.71
CA ARG D 553 37.42 -46.89 -17.45
C ARG D 553 38.26 -47.96 -16.77
N ALA D 554 38.77 -48.93 -17.53
CA ALA D 554 39.62 -49.96 -16.96
C ALA D 554 40.92 -49.38 -16.43
N GLU D 555 41.52 -48.44 -17.17
CA GLU D 555 42.74 -47.80 -16.69
C GLU D 555 42.49 -47.02 -15.41
N PHE D 556 41.34 -46.36 -15.31
CA PHE D 556 40.98 -45.67 -14.08
C PHE D 556 40.86 -46.64 -12.92
N TRP D 557 40.10 -47.72 -13.12
CA TRP D 557 39.90 -48.69 -12.05
C TRP D 557 41.15 -49.48 -11.75
N GLU D 558 42.19 -49.37 -12.57
CA GLU D 558 43.44 -50.08 -12.34
C GLU D 558 44.59 -49.20 -11.87
N ASN D 559 44.64 -47.93 -12.30
CA ASN D 559 45.80 -47.08 -12.07
C ASN D 559 45.37 -45.71 -11.57
N VAL D 560 44.51 -45.66 -10.57
CA VAL D 560 44.13 -44.39 -9.96
C VAL D 560 44.80 -44.27 -8.60
N ASN D 561 45.11 -43.04 -8.21
CA ASN D 561 45.76 -42.75 -6.94
C ASN D 561 44.82 -41.88 -6.11
N VAL D 562 44.27 -42.46 -5.06
CA VAL D 562 43.37 -41.74 -4.15
C VAL D 562 43.96 -41.80 -2.75
N PRO D 563 44.83 -40.87 -2.38
CA PRO D 563 45.44 -40.93 -1.04
C PRO D 563 44.46 -40.52 0.04
N GLY D 564 44.76 -40.97 1.25
CA GLY D 564 43.98 -40.61 2.42
C GLY D 564 43.24 -41.80 3.00
N GLU D 565 42.33 -41.49 3.91
CA GLU D 565 41.52 -42.49 4.60
C GLU D 565 40.04 -42.16 4.43
N ALA D 566 39.21 -43.19 4.56
CA ALA D 566 37.79 -43.02 4.35
C ALA D 566 37.17 -42.09 5.39
N ASN D 567 37.60 -42.20 6.64
CA ASN D 567 36.98 -41.48 7.76
C ASN D 567 37.65 -40.14 8.02
N ASP D 568 37.80 -39.32 6.98
CA ASP D 568 38.37 -37.99 7.11
C ASP D 568 37.70 -37.08 6.08
N LEU D 569 38.24 -35.87 5.96
CA LEU D 569 37.82 -34.94 4.92
C LEU D 569 38.70 -35.17 3.70
N ASN D 570 38.32 -36.18 2.92
CA ASN D 570 39.10 -36.64 1.77
C ASN D 570 38.41 -36.15 0.50
N GLN D 571 38.96 -35.11 -0.12
CA GLN D 571 38.38 -34.59 -1.35
C GLN D 571 38.71 -35.46 -2.56
N ALA D 572 39.88 -36.10 -2.56
CA ALA D 572 40.22 -37.00 -3.65
C ALA D 572 39.24 -38.14 -3.76
N LEU D 573 38.70 -38.62 -2.65
CA LEU D 573 37.71 -39.69 -2.69
C LEU D 573 36.42 -39.22 -3.36
N GLU D 574 35.97 -38.00 -3.04
CA GLU D 574 34.79 -37.45 -3.71
C GLU D 574 35.03 -37.33 -5.20
N LYS D 575 36.20 -36.79 -5.59
CA LYS D 575 36.49 -36.64 -7.01
C LYS D 575 36.55 -38.00 -7.69
N ALA D 576 37.12 -39.00 -7.03
CA ALA D 576 37.20 -40.34 -7.62
C ALA D 576 35.82 -40.92 -7.86
N GLY D 577 34.92 -40.79 -6.88
CA GLY D 577 33.57 -41.31 -7.07
C GLY D 577 32.84 -40.61 -8.20
N ARG D 578 32.93 -39.28 -8.25
CA ARG D 578 32.27 -38.55 -9.32
C ARG D 578 32.85 -38.92 -10.68
N VAL D 579 34.16 -39.11 -10.75
CA VAL D 579 34.79 -39.45 -12.03
C VAL D 579 34.39 -40.85 -12.48
N ALA D 580 34.27 -41.79 -11.54
CA ALA D 580 33.80 -43.12 -11.91
C ALA D 580 32.39 -43.07 -12.48
N ASP D 581 31.51 -42.30 -11.83
CA ASP D 581 30.15 -42.17 -12.35
C ASP D 581 30.15 -41.51 -13.74
N PHE D 582 31.00 -40.50 -13.93
CA PHE D 582 31.10 -39.86 -15.24
C PHE D 582 31.58 -40.84 -16.30
N LEU D 583 32.55 -41.68 -15.96
CA LEU D 583 33.06 -42.66 -16.92
C LEU D 583 31.97 -43.64 -17.32
N GLU D 584 31.11 -44.02 -16.36
CA GLU D 584 30.00 -44.89 -16.73
C GLU D 584 28.97 -44.16 -17.58
N LEU D 585 28.68 -42.89 -17.28
CA LEU D 585 27.62 -42.17 -17.97
C LEU D 585 28.01 -41.80 -19.40
N ALA D 586 29.30 -41.55 -19.65
CA ALA D 586 29.72 -41.11 -20.97
C ALA D 586 29.45 -42.16 -22.04
N GLU D 587 29.54 -43.44 -21.67
CA GLU D 587 29.25 -44.49 -22.64
C GLU D 587 27.80 -44.42 -23.12
N LEU D 588 26.87 -44.27 -22.18
CA LEU D 588 25.47 -44.12 -22.55
C LEU D 588 25.25 -42.86 -23.37
N MET D 589 25.93 -41.78 -23.00
CA MET D 589 25.78 -40.53 -23.74
C MET D 589 26.21 -40.69 -25.20
N CYS D 590 27.35 -41.34 -25.42
CA CYS D 590 27.79 -41.59 -26.79
C CYS D 590 26.85 -42.53 -27.52
N LEU D 591 26.33 -43.55 -26.84
CA LEU D 591 25.40 -44.45 -27.49
C LEU D 591 24.15 -43.70 -27.94
N ASP D 592 23.62 -42.84 -27.09
CA ASP D 592 22.44 -42.06 -27.45
C ASP D 592 22.74 -41.11 -28.60
N ALA D 593 23.92 -40.48 -28.59
CA ALA D 593 24.28 -39.58 -29.68
C ALA D 593 24.38 -40.32 -31.00
N LEU D 594 24.94 -41.54 -30.97
CA LEU D 594 25.02 -42.35 -32.18
C LEU D 594 23.63 -42.79 -32.64
N HIS D 595 22.74 -43.06 -31.70
CA HIS D 595 21.39 -43.51 -32.06
C HIS D 595 20.64 -42.46 -32.86
N ARG D 596 20.58 -41.24 -32.36
CA ARG D 596 19.76 -40.19 -32.97
C ARG D 596 20.41 -39.75 -34.28
N GLU D 597 19.88 -40.24 -35.40
CA GLU D 597 20.44 -39.95 -36.71
C GLU D 597 19.75 -38.73 -37.34
N GLU D 598 19.85 -37.62 -36.63
CA GLU D 598 19.30 -36.34 -37.10
C GLU D 598 19.98 -35.23 -36.32
N SER D 599 19.74 -34.00 -36.75
CA SER D 599 20.25 -32.81 -36.07
C SER D 599 19.09 -32.01 -35.53
N CYS D 600 19.14 -31.65 -34.25
CA CYS D 600 18.07 -30.90 -33.62
C CYS D 600 18.62 -30.16 -32.41
N GLY D 601 18.51 -28.84 -32.42
CA GLY D 601 18.94 -28.07 -31.26
C GLY D 601 20.42 -28.25 -30.97
N GLY D 602 20.73 -28.58 -29.72
CA GLY D 602 22.12 -28.78 -29.34
C GLY D 602 22.75 -29.98 -30.01
N HIS D 603 21.99 -31.04 -30.20
CA HIS D 603 22.52 -32.25 -30.84
C HIS D 603 22.68 -32.02 -32.33
N PHE D 604 23.92 -32.08 -32.80
CA PHE D 604 24.24 -31.81 -34.19
C PHE D 604 25.01 -32.98 -34.79
N ARG D 605 24.57 -33.46 -35.94
CA ARG D 605 25.26 -34.52 -36.67
C ARG D 605 25.78 -33.95 -37.99
N GLU D 606 27.05 -34.21 -38.28
CA GLU D 606 27.69 -33.59 -39.43
C GLU D 606 27.14 -34.06 -40.76
N GLU D 607 26.47 -35.22 -40.79
CA GLU D 607 25.91 -35.75 -42.03
C GLU D 607 24.45 -35.41 -42.23
N TYR D 608 23.85 -34.63 -41.32
CA TYR D 608 22.46 -34.19 -41.45
C TYR D 608 22.42 -32.70 -41.12
N GLN D 609 22.61 -31.86 -42.13
CA GLN D 609 22.50 -30.42 -41.94
C GLN D 609 22.30 -29.75 -43.29
N THR D 610 21.69 -28.58 -43.25
CA THR D 610 21.49 -27.77 -44.43
C THR D 610 22.83 -27.17 -44.88
N PRO D 611 22.96 -26.81 -46.16
CA PRO D 611 24.24 -26.23 -46.61
C PRO D 611 24.65 -24.99 -45.86
N ASP D 612 23.69 -24.22 -45.32
CA ASP D 612 24.04 -23.06 -44.51
C ASP D 612 24.69 -23.45 -43.18
N GLY D 613 24.59 -24.72 -42.79
CA GLY D 613 25.11 -25.18 -41.52
C GLY D 613 24.05 -25.38 -40.45
N GLU D 614 22.82 -24.98 -40.71
CA GLU D 614 21.75 -25.13 -39.72
C GLU D 614 21.36 -26.59 -39.58
N ALA D 615 20.83 -26.93 -38.41
CA ALA D 615 20.43 -28.31 -38.13
C ALA D 615 19.24 -28.71 -38.99
N LEU D 616 19.28 -29.94 -39.50
CA LEU D 616 18.21 -30.50 -40.32
C LEU D 616 17.56 -31.66 -39.57
N ARG D 617 16.24 -31.58 -39.40
CA ARG D 617 15.50 -32.54 -38.61
C ARG D 617 14.91 -33.63 -39.50
N ASN D 618 14.51 -34.73 -38.86
CA ASN D 618 13.78 -35.83 -39.50
C ASN D 618 12.54 -36.06 -38.63
N ASP D 619 11.47 -35.32 -38.92
CA ASP D 619 10.31 -35.29 -38.05
C ASP D 619 9.42 -36.52 -38.19
N GLU D 620 9.62 -37.34 -39.21
CA GLU D 620 8.80 -38.53 -39.41
C GLU D 620 9.45 -39.80 -38.92
N GLN D 621 10.66 -39.72 -38.36
CA GLN D 621 11.34 -40.88 -37.80
C GLN D 621 11.92 -40.67 -36.42
N PHE D 622 12.07 -39.42 -35.97
CA PHE D 622 12.70 -39.14 -34.69
C PHE D 622 11.91 -38.09 -33.92
N SER D 623 10.59 -38.12 -34.04
CA SER D 623 9.73 -37.20 -33.29
C SER D 623 9.26 -37.87 -31.99
N TYR D 624 10.23 -38.28 -31.18
CA TYR D 624 9.93 -38.97 -29.94
C TYR D 624 11.01 -38.64 -28.92
N VAL D 625 10.74 -39.01 -27.67
CA VAL D 625 11.70 -38.90 -26.58
C VAL D 625 12.26 -40.29 -26.32
N ALA D 626 13.58 -40.41 -26.37
CA ALA D 626 14.26 -41.68 -26.19
C ALA D 626 14.61 -41.84 -24.72
N ALA D 627 14.07 -42.87 -24.09
CA ALA D 627 14.40 -43.23 -22.71
C ALA D 627 15.23 -44.49 -22.72
N TRP D 628 16.38 -44.44 -22.04
CA TRP D 628 17.32 -45.54 -22.02
C TRP D 628 17.25 -46.26 -20.68
N GLU D 629 17.15 -47.58 -20.74
CA GLU D 629 17.01 -48.43 -19.56
C GLU D 629 18.30 -49.19 -19.33
N PHE D 630 18.76 -49.19 -18.08
CA PHE D 630 19.96 -49.91 -17.67
C PHE D 630 19.63 -51.38 -17.57
N THR D 631 20.23 -52.19 -18.44
CA THR D 631 19.97 -53.62 -18.49
C THR D 631 21.06 -54.44 -17.81
N GLY D 632 21.93 -53.79 -17.05
CA GLY D 632 23.05 -54.49 -16.43
C GLY D 632 24.32 -54.47 -17.26
N ASP D 633 24.24 -54.12 -18.53
CA ASP D 633 25.40 -54.02 -19.41
C ASP D 633 25.57 -52.57 -19.82
N LEU D 634 26.78 -52.04 -19.64
CA LEU D 634 27.04 -50.65 -19.97
C LEU D 634 27.15 -50.40 -21.47
N ALA D 635 27.25 -51.45 -22.28
CA ALA D 635 27.39 -51.28 -23.72
C ALA D 635 26.08 -51.49 -24.48
N LYS D 636 25.11 -52.17 -23.89
CA LYS D 636 23.84 -52.47 -24.56
C LYS D 636 22.67 -52.15 -23.65
N PRO D 637 22.37 -50.87 -23.43
CA PRO D 637 21.13 -50.50 -22.75
C PRO D 637 19.93 -50.62 -23.69
N ARG D 638 18.74 -50.61 -23.10
CA ARG D 638 17.53 -50.80 -23.87
C ARG D 638 16.91 -49.45 -24.21
N LEU D 639 16.29 -49.36 -25.38
CA LEU D 639 15.70 -48.12 -25.87
C LEU D 639 14.18 -48.22 -25.84
N HIS D 640 13.55 -47.21 -25.24
CA HIS D 640 12.09 -47.07 -25.26
C HIS D 640 11.76 -45.72 -25.86
N LYS D 641 10.71 -45.66 -26.66
CA LYS D 641 10.33 -44.44 -27.36
C LYS D 641 9.00 -43.92 -26.80
N GLU D 642 8.98 -42.64 -26.45
CA GLU D 642 7.73 -41.96 -26.12
C GLU D 642 7.36 -41.05 -27.28
N PRO D 643 6.35 -41.39 -28.07
CA PRO D 643 6.00 -40.56 -29.23
C PRO D 643 5.56 -39.17 -28.80
N LEU D 644 5.87 -38.19 -29.64
CA LEU D 644 5.47 -36.81 -29.45
C LEU D 644 4.43 -36.44 -30.48
N VAL D 645 3.32 -35.86 -30.02
CA VAL D 645 2.25 -35.38 -30.88
C VAL D 645 2.09 -33.89 -30.64
N PHE D 646 2.02 -33.12 -31.73
CA PHE D 646 1.87 -31.68 -31.66
C PHE D 646 0.52 -31.30 -32.25
N GLU D 647 -0.28 -30.57 -31.46
CA GLU D 647 -1.63 -30.19 -31.86
C GLU D 647 -1.84 -28.69 -32.00
N TYR D 648 -1.10 -27.89 -31.25
CA TYR D 648 -1.24 -26.43 -31.31
C TYR D 648 -0.10 -25.74 -32.02
N VAL D 649 1.10 -26.31 -32.00
CA VAL D 649 2.27 -25.73 -32.66
C VAL D 649 2.75 -26.73 -33.69
N LYS D 650 2.83 -26.30 -34.94
CA LYS D 650 3.16 -27.36 -35.88
C LYS D 650 4.62 -27.24 -36.33
N PRO D 651 5.30 -28.38 -36.47
CA PRO D 651 6.70 -28.33 -36.91
C PRO D 651 6.84 -27.72 -38.30
N THR D 652 7.91 -26.95 -38.48
CA THR D 652 8.17 -26.28 -39.74
C THR D 652 9.59 -26.51 -40.21
N MET E 1 58.67 -17.58 -11.95
CA MET E 1 58.17 -17.12 -10.66
C MET E 1 58.28 -18.23 -9.62
N LYS E 2 59.22 -18.06 -8.70
CA LYS E 2 59.45 -19.03 -7.62
C LYS E 2 58.80 -18.52 -6.36
N ILE E 3 57.91 -19.34 -5.78
CA ILE E 3 57.08 -18.92 -4.66
C ILE E 3 57.23 -19.91 -3.52
N THR E 4 57.46 -19.38 -2.32
CA THR E 4 57.48 -20.19 -1.10
C THR E 4 56.19 -19.95 -0.34
N LEU E 5 55.53 -21.03 0.05
CA LEU E 5 54.26 -20.97 0.74
C LEU E 5 54.39 -21.53 2.14
N LYS E 6 53.67 -20.90 3.08
CA LYS E 6 53.54 -21.37 4.45
C LYS E 6 52.06 -21.63 4.69
N ILE E 7 51.68 -22.91 4.63
CA ILE E 7 50.29 -23.31 4.73
C ILE E 7 50.02 -23.77 6.15
N TRP E 8 48.90 -23.31 6.72
CA TRP E 8 48.44 -23.88 7.98
C TRP E 8 47.93 -25.30 7.74
N ARG E 9 48.43 -26.25 8.54
CA ARG E 9 48.10 -27.67 8.38
C ARG E 9 47.60 -28.19 9.73
N GLN E 10 46.34 -28.63 9.74
CA GLN E 10 45.69 -29.17 10.93
C GLN E 10 44.97 -30.44 10.55
N LYS E 11 45.17 -31.52 11.32
CA LYS E 11 44.60 -32.80 10.94
C LYS E 11 43.09 -32.82 11.09
N ASN E 12 42.56 -32.34 12.21
CA ASN E 12 41.13 -32.30 12.43
C ASN E 12 40.84 -31.25 13.51
N ARG E 13 39.58 -31.21 13.97
CA ARG E 13 39.16 -30.17 14.89
C ARG E 13 39.92 -30.27 16.22
N ASN E 14 40.14 -31.47 16.71
CA ASN E 14 40.79 -31.65 18.01
C ASN E 14 42.31 -31.65 17.93
N THR E 15 42.87 -32.11 16.82
CA THR E 15 44.32 -32.18 16.68
C THR E 15 44.90 -30.80 16.41
N PRO E 16 45.90 -30.35 17.17
CA PRO E 16 46.52 -29.05 16.89
C PRO E 16 47.27 -29.06 15.57
N GLY E 17 47.38 -27.87 14.97
CA GLY E 17 48.04 -27.70 13.70
C GLY E 17 49.31 -26.87 13.81
N GLU E 18 49.96 -26.69 12.66
CA GLU E 18 51.19 -25.93 12.59
C GLU E 18 51.41 -25.49 11.14
N PHE E 19 52.42 -24.65 10.95
CA PHE E 19 52.74 -24.16 9.61
C PHE E 19 53.73 -25.10 8.91
N LYS E 20 53.52 -25.30 7.62
CA LYS E 20 54.42 -26.08 6.80
C LYS E 20 54.85 -25.26 5.59
N THR E 21 56.08 -25.48 5.12
CA THR E 21 56.64 -24.72 4.02
C THR E 21 56.72 -25.59 2.77
N TYR E 22 56.39 -24.99 1.62
CA TYR E 22 56.43 -25.67 0.34
C TYR E 22 56.97 -24.72 -0.71
N VAL E 23 57.97 -25.16 -1.47
CA VAL E 23 58.62 -24.33 -2.48
C VAL E 23 58.12 -24.77 -3.85
N MET E 24 57.65 -23.81 -4.64
CA MET E 24 57.19 -24.05 -6.00
C MET E 24 58.08 -23.28 -6.96
N ASP E 25 58.66 -23.97 -7.94
CA ASP E 25 59.69 -23.39 -8.79
C ASP E 25 59.10 -22.61 -9.95
N ASN E 26 58.33 -23.28 -10.80
CA ASN E 26 57.74 -22.66 -11.98
C ASN E 26 56.25 -22.44 -11.73
N VAL E 27 55.86 -21.19 -11.57
CA VAL E 27 54.46 -20.81 -11.36
C VAL E 27 54.08 -19.77 -12.39
N ASN E 28 53.01 -20.02 -13.12
CA ASN E 28 52.54 -19.08 -14.13
C ASN E 28 51.91 -17.87 -13.46
N PRO E 29 52.26 -16.65 -13.86
CA PRO E 29 51.57 -15.47 -13.33
C PRO E 29 50.09 -15.43 -13.68
N ASP E 30 49.67 -16.15 -14.72
CA ASP E 30 48.28 -16.09 -15.16
C ASP E 30 47.36 -16.91 -14.26
N MET E 31 47.84 -18.01 -13.69
CA MET E 31 46.97 -18.89 -12.92
C MET E 31 46.53 -18.21 -11.63
N SER E 32 45.32 -18.53 -11.20
CA SER E 32 44.80 -17.99 -9.97
C SER E 32 45.40 -18.71 -8.77
N PHE E 33 45.11 -18.18 -7.59
CA PHE E 33 45.69 -18.74 -6.37
C PHE E 33 45.22 -20.17 -6.14
N LEU E 34 43.92 -20.42 -6.32
CA LEU E 34 43.39 -21.75 -6.08
C LEU E 34 43.97 -22.77 -7.06
N GLU E 35 44.28 -22.33 -8.28
CA GLU E 35 44.89 -23.25 -9.24
C GLU E 35 46.33 -23.57 -8.86
N MET E 36 47.05 -22.60 -8.29
CA MET E 36 48.37 -22.90 -7.76
C MET E 36 48.27 -23.91 -6.61
N LEU E 37 47.28 -23.73 -5.74
CA LEU E 37 47.06 -24.70 -4.68
C LEU E 37 46.74 -26.07 -5.26
N ASP E 38 45.98 -26.11 -6.35
CA ASP E 38 45.66 -27.38 -7.00
C ASP E 38 46.91 -28.06 -7.54
N VAL E 39 47.80 -27.29 -8.17
CA VAL E 39 49.04 -27.86 -8.68
C VAL E 39 49.90 -28.37 -7.53
N LEU E 40 49.95 -27.63 -6.43
CA LEU E 40 50.69 -28.07 -5.26
C LEU E 40 50.09 -29.36 -4.71
N ASN E 41 48.76 -29.46 -4.67
CA ASN E 41 48.10 -30.67 -4.20
C ASN E 41 48.43 -31.86 -5.09
N GLU E 42 48.43 -31.64 -6.40
CA GLU E 42 48.80 -32.70 -7.33
C GLU E 42 50.23 -33.17 -7.08
N ASP E 43 51.15 -32.23 -6.88
CA ASP E 43 52.53 -32.59 -6.59
C ASP E 43 52.64 -33.36 -5.29
N LEU E 44 51.89 -32.94 -4.26
CA LEU E 44 51.92 -33.63 -2.98
C LEU E 44 51.40 -35.05 -3.11
N MET E 45 50.30 -35.24 -3.83
CA MET E 45 49.75 -36.58 -4.03
C MET E 45 50.73 -37.45 -4.82
N SER E 46 51.40 -36.87 -5.82
CA SER E 46 52.41 -37.63 -6.56
C SER E 46 53.56 -38.05 -5.65
N ARG E 47 53.99 -37.14 -4.77
CA ARG E 47 55.08 -37.45 -3.87
C ARG E 47 54.68 -38.44 -2.78
N GLY E 48 53.43 -38.39 -2.34
CA GLY E 48 52.93 -39.28 -1.32
C GLY E 48 52.50 -38.63 -0.01
N GLU E 49 52.22 -37.33 -0.01
CA GLU E 49 51.77 -36.63 1.19
C GLU E 49 50.26 -36.38 1.13
N GLU E 50 49.75 -35.86 2.23
CA GLU E 50 48.32 -35.55 2.32
C GLU E 50 48.05 -34.20 1.69
N PRO E 51 47.19 -34.11 0.67
CA PRO E 51 46.97 -32.83 0.00
C PRO E 51 46.24 -31.83 0.88
N VAL E 52 46.45 -30.55 0.57
CA VAL E 52 45.83 -29.47 1.33
C VAL E 52 44.35 -29.39 1.00
N ALA E 53 43.53 -29.24 2.04
CA ALA E 53 42.08 -29.17 1.89
C ALA E 53 41.60 -27.73 2.05
N PHE E 54 40.75 -27.29 1.13
CA PHE E 54 40.19 -25.94 1.20
C PHE E 54 38.85 -25.93 0.49
N ASP E 55 38.05 -24.91 0.79
CA ASP E 55 36.70 -24.79 0.26
C ASP E 55 36.71 -24.03 -1.06
N HIS E 56 35.99 -24.57 -2.05
CA HIS E 56 35.87 -23.93 -3.35
C HIS E 56 34.74 -24.60 -4.10
N ASP E 57 33.77 -23.82 -4.57
CA ASP E 57 32.74 -24.38 -5.43
C ASP E 57 32.66 -23.70 -6.79
N CYS E 58 32.49 -22.39 -6.83
CA CYS E 58 32.14 -21.71 -8.07
C CYS E 58 33.33 -21.11 -8.80
N ARG E 59 34.38 -20.72 -8.08
CA ARG E 59 35.55 -20.07 -8.69
C ARG E 59 35.15 -18.85 -9.49
N GLU E 60 34.12 -18.13 -9.02
CA GLU E 60 33.63 -16.94 -9.68
C GLU E 60 33.42 -15.76 -8.75
N GLY E 61 33.63 -15.93 -7.45
CA GLY E 61 33.39 -14.84 -6.54
C GLY E 61 31.93 -14.56 -6.24
N ILE E 62 31.06 -15.54 -6.43
CA ILE E 62 29.63 -15.37 -6.19
C ILE E 62 29.10 -16.33 -5.13
N CYS E 63 29.57 -17.58 -5.12
CA CYS E 63 29.03 -18.56 -4.18
C CYS E 63 29.38 -18.23 -2.75
N GLY E 64 30.62 -17.84 -2.49
CA GLY E 64 31.06 -17.51 -1.16
C GLY E 64 31.70 -18.64 -0.38
N MET E 65 31.98 -19.77 -1.02
CA MET E 65 32.55 -20.89 -0.30
C MET E 65 34.04 -20.69 -0.02
N CYS E 66 34.77 -20.08 -0.95
CA CYS E 66 36.20 -19.89 -0.77
C CYS E 66 36.49 -18.94 0.38
N SER E 67 37.49 -19.30 1.19
CA SER E 67 37.75 -18.55 2.43
C SER E 67 39.21 -18.76 2.81
N LEU E 68 40.04 -17.76 2.56
CA LEU E 68 41.45 -17.86 2.87
C LEU E 68 41.98 -16.48 3.28
N MET E 69 43.03 -16.48 4.10
CA MET E 69 43.75 -15.26 4.46
C MET E 69 45.16 -15.36 3.92
N ILE E 70 45.49 -14.50 2.97
CA ILE E 70 46.78 -14.54 2.28
C ILE E 70 47.59 -13.34 2.73
N ASN E 71 48.78 -13.60 3.25
CA ASN E 71 49.71 -12.55 3.69
C ASN E 71 49.07 -11.62 4.70
N GLY E 72 48.23 -12.18 5.57
CA GLY E 72 47.61 -11.42 6.63
C GLY E 72 46.39 -10.63 6.25
N VAL E 73 45.95 -10.70 4.99
CA VAL E 73 44.77 -9.99 4.53
C VAL E 73 43.79 -11.02 3.99
N ALA E 74 42.53 -10.90 4.40
CA ALA E 74 41.51 -11.84 3.95
C ALA E 74 41.28 -11.69 2.45
N HIS E 75 41.08 -12.82 1.78
CA HIS E 75 40.80 -12.86 0.34
C HIS E 75 41.96 -12.30 -0.48
N GLY E 76 43.16 -12.27 0.09
CA GLY E 76 44.32 -11.82 -0.63
C GLY E 76 44.55 -10.33 -0.56
N PRO E 77 45.73 -9.89 -0.99
CA PRO E 77 46.08 -8.46 -0.85
C PRO E 77 45.16 -7.52 -1.60
N LYS E 78 44.63 -7.92 -2.75
CA LYS E 78 43.76 -7.04 -3.52
C LYS E 78 42.39 -6.95 -2.85
N ASN E 79 41.75 -5.79 -2.98
CA ASN E 79 40.47 -5.56 -2.32
C ASN E 79 39.32 -5.76 -3.28
N ALA E 80 38.13 -5.97 -2.71
CA ALA E 80 36.87 -6.14 -3.43
C ALA E 80 36.85 -7.38 -4.32
N ILE E 81 37.71 -8.36 -4.05
CA ILE E 81 37.71 -9.62 -4.76
C ILE E 81 37.80 -10.75 -3.74
N THR E 82 37.39 -11.94 -4.17
CA THR E 82 37.43 -13.11 -3.32
C THR E 82 38.72 -13.89 -3.56
N THR E 83 38.88 -14.99 -2.84
CA THR E 83 40.09 -15.80 -2.99
C THR E 83 40.14 -16.45 -4.36
N CYS E 84 39.00 -16.90 -4.88
CA CYS E 84 38.98 -17.55 -6.19
C CYS E 84 39.33 -16.57 -7.30
N GLN E 85 39.04 -15.29 -7.10
CA GLN E 85 39.31 -14.27 -8.10
C GLN E 85 40.74 -13.75 -8.06
N LEU E 86 41.51 -14.08 -7.02
CA LEU E 86 42.86 -13.55 -6.87
C LEU E 86 43.81 -14.33 -7.76
N HIS E 87 44.38 -13.65 -8.75
CA HIS E 87 45.42 -14.20 -9.59
C HIS E 87 46.77 -13.70 -9.12
N MET E 88 47.80 -14.53 -9.28
CA MET E 88 49.12 -14.21 -8.76
C MET E 88 49.98 -13.41 -9.73
N ARG E 89 49.35 -12.67 -10.63
CA ARG E 89 50.06 -11.57 -11.27
C ARG E 89 50.30 -10.42 -10.30
N SER E 90 49.65 -10.44 -9.14
CA SER E 90 49.80 -9.43 -8.11
C SER E 90 50.85 -9.80 -7.06
N PHE E 91 51.59 -10.88 -7.27
CA PHE E 91 52.66 -11.27 -6.37
C PHE E 91 54.02 -11.12 -7.06
N LYS E 92 55.07 -11.28 -6.28
CA LYS E 92 56.43 -10.99 -6.73
C LYS E 92 57.27 -12.25 -6.70
N ASP E 93 58.23 -12.33 -7.61
CA ASP E 93 59.15 -13.47 -7.65
C ASP E 93 59.94 -13.56 -6.35
N GLY E 94 59.99 -14.77 -5.79
CA GLY E 94 60.67 -14.99 -4.53
C GLY E 94 59.89 -14.60 -3.30
N ASP E 95 58.62 -14.20 -3.45
CA ASP E 95 57.81 -13.81 -2.32
C ASP E 95 57.48 -15.02 -1.43
N THR E 96 57.26 -14.76 -0.15
CA THR E 96 56.83 -15.76 0.80
C THR E 96 55.38 -15.47 1.19
N ILE E 97 54.51 -16.44 0.95
CA ILE E 97 53.06 -16.24 1.07
C ILE E 97 52.57 -17.13 2.20
N THR E 98 51.85 -16.54 3.15
CA THR E 98 51.32 -17.25 4.31
C THR E 98 49.81 -17.40 4.18
N VAL E 99 49.32 -18.62 4.29
CA VAL E 99 47.90 -18.91 4.12
C VAL E 99 47.37 -19.63 5.36
N GLU E 100 46.22 -19.17 5.83
CA GLU E 100 45.58 -19.61 7.06
C GLU E 100 44.07 -19.62 6.85
N PRO E 101 43.33 -20.36 7.66
CA PRO E 101 41.86 -20.28 7.63
C PRO E 101 41.37 -19.00 8.29
N TRP E 102 40.05 -18.88 8.40
CA TRP E 102 39.51 -17.91 9.33
C TRP E 102 39.83 -18.33 10.75
N ARG E 103 39.88 -17.36 11.65
CA ARG E 103 40.13 -17.63 13.07
C ARG E 103 39.04 -16.96 13.90
N ALA E 104 38.12 -17.76 14.41
CA ALA E 104 37.09 -17.28 15.31
C ALA E 104 36.57 -18.47 16.12
N SER E 105 35.96 -18.16 17.27
CA SER E 105 35.39 -19.22 18.09
C SER E 105 34.15 -19.82 17.45
N ALA E 106 33.38 -19.01 16.71
CA ALA E 106 32.18 -19.48 16.05
C ALA E 106 32.46 -20.16 14.71
N PHE E 107 33.71 -20.17 14.25
CA PHE E 107 34.10 -20.81 12.99
C PHE E 107 35.13 -21.89 13.33
N PRO E 108 34.69 -23.04 13.82
CA PRO E 108 35.63 -24.12 14.15
C PRO E 108 36.36 -24.62 12.91
N ILE E 109 37.61 -25.01 13.11
CA ILE E 109 38.47 -25.46 12.01
C ILE E 109 38.34 -26.97 11.90
N LEU E 110 38.00 -27.44 10.69
CA LEU E 110 37.79 -28.87 10.47
C LEU E 110 38.96 -29.56 9.79
N LYS E 111 39.73 -28.86 8.97
CA LYS E 111 40.86 -29.43 8.26
C LYS E 111 41.91 -28.34 8.10
N ASP E 112 42.82 -28.52 7.15
CA ASP E 112 43.93 -27.60 7.00
C ASP E 112 43.45 -26.16 6.85
N LEU E 113 42.53 -25.91 5.93
CA LEU E 113 42.07 -24.55 5.66
C LEU E 113 40.55 -24.45 5.61
N VAL E 114 39.83 -25.48 6.04
CA VAL E 114 38.38 -25.53 5.98
C VAL E 114 37.81 -25.23 7.36
N VAL E 115 36.82 -24.35 7.41
CA VAL E 115 36.18 -23.98 8.66
C VAL E 115 34.69 -24.31 8.58
N ASP E 116 34.03 -24.18 9.72
CA ASP E 116 32.60 -24.46 9.85
C ASP E 116 31.88 -23.12 10.00
N ARG E 117 31.17 -22.71 8.95
CA ARG E 117 30.47 -21.43 8.94
C ARG E 117 28.95 -21.60 9.09
N SER E 118 28.51 -22.61 9.84
CA SER E 118 27.09 -22.82 10.03
C SER E 118 26.45 -21.79 10.95
N ALA E 119 27.25 -21.05 11.72
CA ALA E 119 26.69 -20.00 12.56
C ALA E 119 26.01 -18.92 11.75
N PHE E 120 26.51 -18.64 10.54
CA PHE E 120 25.81 -17.71 9.66
C PHE E 120 24.43 -18.23 9.27
N ASP E 121 24.33 -19.53 8.99
CA ASP E 121 23.04 -20.12 8.70
C ASP E 121 22.10 -20.00 9.88
N ARG E 122 22.61 -20.24 11.09
CA ARG E 122 21.76 -20.10 12.27
C ARG E 122 21.34 -18.66 12.50
N ILE E 123 22.21 -17.70 12.20
CA ILE E 123 21.84 -16.29 12.30
C ILE E 123 20.70 -15.99 11.34
N ILE E 124 20.80 -16.50 10.12
CA ILE E 124 19.72 -16.30 9.14
C ILE E 124 18.43 -16.94 9.63
N GLN E 125 18.52 -18.13 10.21
CA GLN E 125 17.32 -18.86 10.62
C GLN E 125 16.50 -18.12 11.67
N ALA E 126 17.11 -17.21 12.41
CA ALA E 126 16.41 -16.50 13.49
C ALA E 126 15.93 -15.13 13.02
N GLY E 127 15.02 -15.14 12.05
CA GLY E 127 14.34 -13.94 11.63
C GLY E 127 14.84 -13.28 10.36
N GLY E 128 15.92 -13.77 9.77
CA GLY E 128 16.46 -13.15 8.58
C GLY E 128 15.72 -13.49 7.31
N TYR E 129 14.41 -13.26 7.28
CA TYR E 129 13.58 -13.63 6.14
C TYR E 129 12.28 -12.84 6.21
N ILE E 130 11.43 -13.06 5.20
CA ILE E 130 10.09 -12.48 5.16
C ILE E 130 9.10 -13.64 5.21
N SER E 131 8.21 -13.63 6.20
CA SER E 131 7.34 -14.76 6.48
C SER E 131 6.13 -14.74 5.56
N VAL E 132 6.37 -15.09 4.31
CA VAL E 132 5.33 -15.21 3.30
C VAL E 132 5.32 -16.65 2.79
N SER E 133 4.14 -17.24 2.71
CA SER E 133 3.98 -18.62 2.28
C SER E 133 3.67 -18.69 0.79
N THR E 134 3.90 -19.87 0.21
CA THR E 134 3.71 -20.05 -1.22
C THR E 134 2.22 -20.00 -1.55
N GLY E 135 1.89 -19.29 -2.63
CA GLY E 135 0.54 -19.21 -3.13
C GLY E 135 -0.24 -18.00 -2.65
N SER E 136 0.22 -17.34 -1.59
CA SER E 136 -0.49 -16.20 -1.02
C SER E 136 0.02 -14.86 -1.51
N ALA E 137 1.01 -14.84 -2.40
CA ALA E 137 1.59 -13.59 -2.84
C ALA E 137 0.59 -12.80 -3.69
N PRO E 138 0.53 -11.48 -3.53
CA PRO E 138 -0.29 -10.67 -4.43
C PRO E 138 0.40 -10.42 -5.76
N ASP E 139 -0.21 -9.60 -6.62
CA ASP E 139 0.40 -9.27 -7.89
C ASP E 139 1.72 -8.53 -7.68
N ALA E 140 2.63 -8.67 -8.66
CA ALA E 140 3.98 -8.16 -8.49
C ALA E 140 3.99 -6.64 -8.35
N ASN E 141 3.18 -5.94 -9.15
CA ASN E 141 3.20 -4.49 -9.17
C ASN E 141 2.22 -3.87 -8.18
N THR E 142 1.86 -4.58 -7.12
CA THR E 142 0.91 -4.05 -6.15
C THR E 142 1.55 -2.96 -5.30
N ILE E 143 2.76 -3.20 -4.80
CA ILE E 143 3.45 -2.30 -3.89
C ILE E 143 4.60 -1.63 -4.64
N PRO E 144 4.58 -0.30 -4.80
CA PRO E 144 5.69 0.37 -5.47
C PRO E 144 6.90 0.54 -4.55
N VAL E 145 8.09 0.39 -5.13
CA VAL E 145 9.35 0.57 -4.43
C VAL E 145 10.19 1.56 -5.22
N SER E 146 10.59 2.65 -4.58
CA SER E 146 11.38 3.67 -5.27
C SER E 146 12.68 3.07 -5.76
N LYS E 147 13.21 3.65 -6.84
CA LYS E 147 14.42 3.12 -7.45
C LYS E 147 15.61 3.23 -6.51
N VAL E 148 15.68 4.31 -5.72
CA VAL E 148 16.78 4.49 -4.79
C VAL E 148 16.72 3.43 -3.69
N ALA E 149 15.53 3.19 -3.14
CA ALA E 149 15.39 2.18 -2.10
C ALA E 149 15.74 0.80 -2.62
N ALA E 150 15.28 0.47 -3.83
CA ALA E 150 15.62 -0.82 -4.42
C ALA E 150 17.11 -0.94 -4.67
N ASP E 151 17.75 0.14 -5.12
CA ASP E 151 19.18 0.10 -5.36
C ASP E 151 19.97 -0.12 -4.08
N ARG E 152 19.59 0.58 -3.00
CA ARG E 152 20.29 0.37 -1.73
C ARG E 152 20.04 -1.02 -1.17
N ALA E 153 18.81 -1.52 -1.33
CA ALA E 153 18.50 -2.88 -0.91
C ALA E 153 19.31 -3.90 -1.69
N MET E 154 19.52 -3.67 -2.98
CA MET E 154 20.33 -4.57 -3.78
C MET E 154 21.80 -4.48 -3.39
N ASP E 155 22.27 -3.28 -3.06
CA ASP E 155 23.66 -3.13 -2.61
C ASP E 155 23.89 -3.89 -1.31
N ALA E 156 22.94 -3.83 -0.38
CA ALA E 156 23.07 -4.56 0.87
C ALA E 156 22.82 -6.06 0.70
N ALA E 157 21.99 -6.44 -0.27
CA ALA E 157 21.58 -7.83 -0.43
C ALA E 157 22.61 -8.68 -1.15
N ALA E 158 23.61 -8.06 -1.78
CA ALA E 158 24.63 -8.82 -2.50
C ALA E 158 25.76 -9.25 -1.56
N CYS E 159 25.39 -10.05 -0.57
CA CYS E 159 26.34 -10.59 0.39
C CYS E 159 26.47 -12.09 0.13
N ILE E 160 27.69 -12.55 -0.12
CA ILE E 160 27.91 -13.94 -0.48
C ILE E 160 28.17 -14.83 0.73
N GLY E 161 28.05 -14.29 1.93
CA GLY E 161 28.18 -15.11 3.13
C GLY E 161 29.52 -15.80 3.25
N CYS E 162 30.60 -15.12 2.85
CA CYS E 162 31.92 -15.74 2.89
C CYS E 162 32.48 -15.80 4.30
N GLY E 163 32.11 -14.87 5.17
CA GLY E 163 32.65 -14.82 6.51
C GLY E 163 33.99 -14.12 6.63
N ALA E 164 34.42 -13.39 5.61
CA ALA E 164 35.67 -12.65 5.72
C ALA E 164 35.53 -11.45 6.64
N CYS E 165 34.32 -10.93 6.80
CA CYS E 165 34.10 -9.84 7.74
C CYS E 165 34.41 -10.28 9.17
N VAL E 166 34.02 -11.51 9.52
CA VAL E 166 34.32 -12.04 10.85
C VAL E 166 35.83 -12.21 11.01
N ALA E 167 36.50 -12.68 9.98
CA ALA E 167 37.93 -12.94 10.05
C ALA E 167 38.78 -11.67 10.04
N ALA E 168 38.24 -10.57 9.53
CA ALA E 168 38.99 -9.32 9.52
C ALA E 168 38.72 -8.47 10.76
N CYS E 169 37.53 -8.57 11.34
CA CYS E 169 37.22 -7.79 12.54
C CYS E 169 38.07 -8.27 13.70
N PRO E 170 38.84 -7.39 14.35
CA PRO E 170 39.67 -7.84 15.48
C PRO E 170 38.87 -8.42 16.62
N ASN E 171 37.59 -8.08 16.73
CA ASN E 171 36.73 -8.65 17.76
C ASN E 171 36.08 -9.96 17.35
N GLY E 172 36.24 -10.37 16.09
CA GLY E 172 35.54 -11.55 15.62
C GLY E 172 34.04 -11.40 15.61
N SER E 173 33.55 -10.24 15.20
CA SER E 173 32.12 -9.95 15.20
C SER E 173 31.54 -10.13 13.81
N ALA E 174 30.29 -10.61 13.76
CA ALA E 174 29.55 -10.78 12.52
C ALA E 174 28.60 -9.63 12.28
N MET E 175 29.02 -8.40 12.63
CA MET E 175 28.11 -7.28 12.54
C MET E 175 27.85 -6.86 11.11
N LEU E 176 28.83 -6.99 10.22
CA LEU E 176 28.61 -6.58 8.83
C LEU E 176 27.62 -7.51 8.14
N PHE E 177 27.74 -8.82 8.36
CA PHE E 177 26.80 -9.77 7.76
C PHE E 177 25.38 -9.52 8.24
N THR E 178 25.20 -9.44 9.56
CA THR E 178 23.88 -9.22 10.13
C THR E 178 23.31 -7.88 9.67
N ALA E 179 24.14 -6.85 9.65
CA ALA E 179 23.69 -5.54 9.23
C ALA E 179 23.27 -5.54 7.77
N ALA E 180 24.02 -6.25 6.93
CA ALA E 180 23.66 -6.33 5.52
C ALA E 180 22.31 -7.00 5.32
N LYS E 181 22.08 -8.12 6.01
CA LYS E 181 20.78 -8.78 5.87
C LYS E 181 19.65 -7.90 6.40
N VAL E 182 19.85 -7.27 7.55
CA VAL E 182 18.83 -6.40 8.12
C VAL E 182 18.53 -5.24 7.19
N THR E 183 19.57 -4.62 6.63
CA THR E 183 19.38 -3.50 5.71
C THR E 183 18.66 -3.93 4.45
N HIS E 184 19.00 -5.11 3.92
CA HIS E 184 18.29 -5.61 2.75
C HIS E 184 16.81 -5.74 3.03
N LEU E 185 16.46 -6.42 4.12
CA LEU E 185 15.04 -6.66 4.37
C LEU E 185 14.30 -5.43 4.87
N ALA E 186 15.02 -4.42 5.37
CA ALA E 186 14.37 -3.24 5.96
C ALA E 186 14.16 -2.11 4.97
N LEU E 187 14.69 -2.22 3.75
CA LEU E 187 14.56 -1.16 2.76
C LEU E 187 13.42 -1.41 1.77
N LEU E 188 12.71 -2.52 1.89
CA LEU E 188 11.59 -2.81 1.02
C LEU E 188 10.30 -2.84 1.85
N PRO E 189 9.16 -2.47 1.25
CA PRO E 189 7.91 -2.51 2.02
C PRO E 189 7.54 -3.90 2.51
N GLN E 190 7.87 -4.94 1.76
CA GLN E 190 7.52 -6.30 2.16
C GLN E 190 8.20 -6.69 3.46
N GLY E 191 9.30 -6.05 3.79
CA GLY E 191 9.99 -6.31 5.04
C GLY E 191 9.57 -5.43 6.19
N GLN E 192 8.61 -4.53 5.98
CA GLN E 192 8.17 -3.65 7.06
C GLN E 192 7.49 -4.38 8.21
N PRO E 193 6.55 -5.30 7.99
CA PRO E 193 5.70 -5.76 9.11
C PRO E 193 6.44 -6.39 10.28
N GLU E 194 7.67 -6.85 10.10
CA GLU E 194 8.36 -7.51 11.21
C GLU E 194 9.83 -7.11 11.30
N ARG E 195 10.18 -5.88 10.91
CA ARG E 195 11.58 -5.50 10.94
C ARG E 195 12.09 -5.28 12.36
N TYR E 196 11.30 -4.59 13.19
CA TYR E 196 11.79 -4.23 14.52
C TYR E 196 11.96 -5.45 15.41
N GLN E 197 11.16 -6.49 15.22
CA GLN E 197 11.48 -7.75 15.85
C GLN E 197 12.69 -8.38 15.19
N ARG E 198 12.71 -8.40 13.85
CA ARG E 198 13.72 -9.16 13.13
C ARG E 198 15.12 -8.82 13.62
N VAL E 199 15.49 -7.54 13.57
CA VAL E 199 16.84 -7.13 13.94
C VAL E 199 17.17 -7.64 15.33
N VAL E 200 16.26 -7.43 16.29
CA VAL E 200 16.56 -7.86 17.66
C VAL E 200 16.89 -9.34 17.68
N ASN E 201 16.01 -10.16 17.09
CA ASN E 201 16.25 -11.58 17.08
C ASN E 201 17.62 -11.88 16.48
N MET E 202 17.90 -11.31 15.31
CA MET E 202 19.15 -11.62 14.64
C MET E 202 20.32 -11.24 15.52
N VAL E 203 20.27 -10.05 16.13
CA VAL E 203 21.38 -9.61 16.96
C VAL E 203 21.59 -10.59 18.10
N ALA E 204 20.50 -10.98 18.76
CA ALA E 204 20.63 -11.91 19.87
C ALA E 204 21.28 -13.19 19.41
N GLN E 205 20.90 -13.68 18.23
CA GLN E 205 21.45 -14.94 17.75
C GLN E 205 22.96 -14.82 17.61
N ALA E 206 23.45 -13.69 17.10
CA ALA E 206 24.90 -13.51 16.98
C ALA E 206 25.55 -13.61 18.35
N ASP E 207 24.98 -12.95 19.35
CA ASP E 207 25.51 -13.04 20.70
C ASP E 207 25.47 -14.47 21.19
N PHE E 208 24.46 -15.22 20.79
CA PHE E 208 24.36 -16.62 21.22
C PHE E 208 25.39 -17.48 20.50
N GLU E 209 25.81 -17.09 19.29
CA GLU E 209 26.68 -17.95 18.51
C GLU E 209 28.14 -17.83 18.92
N GLY E 210 28.50 -16.78 19.64
CA GLY E 210 29.88 -16.61 20.10
C GLY E 210 30.63 -15.47 19.46
N PHE E 211 30.01 -14.68 18.59
CA PHE E 211 30.70 -13.56 17.97
C PHE E 211 30.90 -12.43 18.97
N GLY E 212 31.89 -11.59 18.69
CA GLY E 212 32.19 -10.45 19.53
C GLY E 212 31.29 -9.27 19.23
N ASN E 213 31.65 -8.14 19.82
CA ASN E 213 30.91 -6.90 19.61
C ASN E 213 31.61 -6.05 18.55
N CYS E 214 30.98 -4.93 18.20
CA CYS E 214 31.50 -4.05 17.16
C CYS E 214 32.04 -2.78 17.82
N THR E 215 33.31 -2.49 17.57
CA THR E 215 33.96 -1.29 18.07
C THR E 215 34.03 -0.20 17.00
N ASN E 216 33.29 -0.35 15.90
CA ASN E 216 33.30 0.59 14.79
C ASN E 216 34.71 0.79 14.25
N ILE E 217 35.48 -0.29 14.19
CA ILE E 217 36.86 -0.21 13.69
C ILE E 217 36.87 -0.04 12.18
N GLY E 218 36.22 -0.95 11.47
CA GLY E 218 36.00 -0.81 10.05
C GLY E 218 36.83 -1.70 9.14
N GLU E 219 37.41 -2.78 9.66
CA GLU E 219 38.20 -3.67 8.80
C GLU E 219 37.29 -4.48 7.88
N CYS E 220 36.10 -4.84 8.37
CA CYS E 220 35.20 -5.67 7.60
C CYS E 220 34.79 -4.99 6.30
N ALA E 221 34.55 -3.67 6.35
CA ALA E 221 34.18 -2.95 5.15
C ALA E 221 35.32 -2.94 4.14
N ALA E 222 36.56 -2.85 4.62
CA ALA E 222 37.72 -2.85 3.73
C ALA E 222 38.05 -4.23 3.19
N VAL E 223 37.55 -5.29 3.83
CA VAL E 223 37.86 -6.64 3.39
C VAL E 223 36.71 -7.22 2.58
N CYS E 224 35.50 -6.73 2.80
CA CYS E 224 34.31 -7.35 2.23
C CYS E 224 34.41 -7.42 0.71
N PRO E 225 34.23 -8.60 0.10
CA PRO E 225 34.39 -8.71 -1.35
C PRO E 225 33.38 -7.93 -2.15
N LYS E 226 32.19 -7.65 -1.60
CA LYS E 226 31.14 -6.98 -2.34
C LYS E 226 31.00 -5.52 -1.94
N GLU E 227 32.00 -4.96 -1.26
CA GLU E 227 32.06 -3.53 -0.94
C GLU E 227 30.80 -3.06 -0.20
N ILE E 228 30.35 -3.85 0.77
CA ILE E 228 29.22 -3.45 1.58
C ILE E 228 29.68 -2.35 2.55
N SER E 229 28.97 -1.23 2.55
CA SER E 229 29.41 -0.06 3.27
C SER E 229 29.12 -0.19 4.76
N LEU E 230 29.75 0.68 5.55
CA LEU E 230 29.55 0.70 6.99
C LEU E 230 28.22 1.32 7.39
N GLU E 231 27.43 1.80 6.44
CA GLU E 231 26.14 2.39 6.77
C GLU E 231 25.07 1.34 7.02
N THR E 232 25.31 0.10 6.61
CA THR E 232 24.43 -0.98 7.00
C THR E 232 24.45 -1.17 8.52
N ILE E 233 25.61 -1.02 9.14
CA ILE E 233 25.69 -1.11 10.59
C ILE E 233 24.95 0.05 11.25
N ALA E 234 25.03 1.25 10.67
CA ALA E 234 24.27 2.37 11.19
C ALA E 234 22.78 2.12 11.08
N GLN E 235 22.34 1.54 9.96
CA GLN E 235 20.93 1.20 9.81
C GLN E 235 20.49 0.18 10.84
N LEU E 236 21.33 -0.83 11.09
CA LEU E 236 21.01 -1.82 12.12
C LEU E 236 20.93 -1.18 13.49
N ASN E 237 21.85 -0.26 13.80
CA ASN E 237 21.81 0.42 15.09
C ASN E 237 20.55 1.24 15.25
N ARG E 238 20.14 1.96 14.20
CA ARG E 238 18.90 2.71 14.25
C ARG E 238 17.72 1.80 14.49
N ASP E 239 17.67 0.67 13.77
CA ASP E 239 16.57 -0.27 13.92
C ASP E 239 16.52 -0.84 15.33
N LEU E 240 17.68 -1.19 15.89
CA LEU E 240 17.70 -1.78 17.23
C LEU E 240 17.32 -0.76 18.29
N VAL E 241 17.76 0.49 18.14
CA VAL E 241 17.36 1.53 19.08
C VAL E 241 15.85 1.71 19.04
N MET E 242 15.29 1.78 17.83
CA MET E 242 13.85 1.96 17.71
C MET E 242 13.11 0.76 18.30
N ALA E 243 13.61 -0.45 18.08
CA ALA E 243 12.97 -1.63 18.63
C ALA E 243 13.02 -1.63 20.15
N ALA E 244 14.14 -1.22 20.72
CA ALA E 244 14.23 -1.12 22.17
C ALA E 244 13.27 -0.08 22.73
N LEU E 245 13.05 1.02 21.98
CA LEU E 245 12.08 2.01 22.42
C LEU E 245 10.65 1.45 22.42
N ARG E 246 10.40 0.41 21.64
CA ARG E 246 9.07 -0.17 21.55
C ARG E 246 8.90 -1.41 22.45
N GLY E 247 9.91 -1.78 23.22
CA GLY E 247 9.78 -2.90 24.12
C GLY E 247 9.84 -4.26 23.47
N ILE E 248 10.42 -4.36 22.27
CA ILE E 248 10.55 -5.66 21.62
C ILE E 248 11.60 -6.48 22.35
N GLU E 249 11.27 -7.74 22.62
CA GLU E 249 12.17 -8.63 23.33
C GLU E 249 12.56 -9.80 22.43
N PRO E 250 13.82 -10.22 22.46
CA PRO E 250 14.25 -11.32 21.60
C PRO E 250 13.56 -12.62 21.98
N ASN E 251 13.34 -13.46 20.97
CA ASN E 251 12.71 -14.75 21.16
C ASN E 251 13.74 -15.76 21.68
N THR E 252 13.37 -17.03 21.72
CA THR E 252 14.30 -18.06 22.14
C THR E 252 15.36 -18.27 21.06
N PRO E 253 16.61 -18.51 21.45
CA PRO E 253 17.67 -18.70 20.45
C PRO E 253 17.51 -20.00 19.68
N ILE E 254 18.08 -20.02 18.48
CA ILE E 254 18.03 -21.18 17.60
C ILE E 254 19.17 -22.12 18.00
N VAL E 255 18.82 -23.20 18.67
CA VAL E 255 19.83 -24.19 19.10
C VAL E 255 20.16 -25.09 17.92
N PRO E 256 21.44 -25.38 17.66
CA PRO E 256 21.78 -26.29 16.56
C PRO E 256 21.27 -27.69 16.80
N ALA E 257 21.00 -28.39 15.70
CA ALA E 257 20.50 -29.76 15.76
C ALA E 257 21.55 -30.71 16.34
N MET F 1 9.17 -7.08 27.05
CA MET F 1 8.13 -6.07 27.25
C MET F 1 8.53 -5.12 28.37
N THR F 2 9.78 -5.26 28.85
CA THR F 2 10.24 -4.40 29.94
C THR F 2 10.43 -2.96 29.47
N GLY F 3 10.79 -2.76 28.21
CA GLY F 3 10.92 -1.42 27.68
C GLY F 3 12.33 -1.07 27.28
N VAL F 4 12.80 0.11 27.71
CA VAL F 4 14.15 0.55 27.36
C VAL F 4 15.21 -0.35 27.99
N LEU F 5 14.89 -0.99 29.12
CA LEU F 5 15.81 -1.91 29.76
C LEU F 5 16.18 -3.09 28.87
N THR F 6 15.44 -3.30 27.78
CA THR F 6 15.81 -4.30 26.78
C THR F 6 17.23 -4.07 26.27
N LEU F 7 17.71 -2.82 26.30
CA LEU F 7 19.07 -2.54 25.84
C LEU F 7 20.11 -3.34 26.62
N THR F 8 19.82 -3.71 27.86
CA THR F 8 20.82 -4.46 28.62
C THR F 8 20.96 -5.90 28.16
N ARG F 9 20.06 -6.39 27.31
CA ARG F 9 20.08 -7.80 26.95
C ARG F 9 21.07 -8.11 25.84
N THR F 10 21.21 -7.22 24.86
CA THR F 10 22.01 -7.48 23.67
C THR F 10 23.28 -6.65 23.68
N SER F 11 24.25 -7.09 22.86
CA SER F 11 25.52 -6.38 22.76
C SER F 11 25.34 -4.98 22.19
N VAL F 12 24.50 -4.84 21.17
CA VAL F 12 24.27 -3.54 20.58
C VAL F 12 23.61 -2.59 21.59
N GLY F 13 22.77 -3.13 22.47
CA GLY F 13 22.21 -2.29 23.51
C GLY F 13 23.26 -1.78 24.48
N LYS F 14 24.23 -2.63 24.82
CA LYS F 14 25.34 -2.18 25.65
C LYS F 14 26.15 -1.10 24.93
N LYS F 15 26.35 -1.25 23.62
CA LYS F 15 27.05 -0.21 22.89
C LYS F 15 26.26 1.09 22.86
N VAL F 16 24.93 1.01 22.82
CA VAL F 16 24.10 2.21 22.88
C VAL F 16 24.24 2.88 24.23
N ILE F 17 24.24 2.09 25.30
CA ILE F 17 24.45 2.63 26.64
C ILE F 17 25.80 3.34 26.71
N MET F 18 26.84 2.71 26.18
CA MET F 18 28.15 3.35 26.16
C MET F 18 28.15 4.62 25.32
N ALA F 19 27.36 4.66 24.24
CA ALA F 19 27.31 5.86 23.41
C ALA F 19 26.69 7.04 24.16
N LEU F 20 25.56 6.82 24.82
CA LEU F 20 24.95 7.89 25.59
C LEU F 20 25.87 8.35 26.73
N THR F 21 26.45 7.38 27.44
CA THR F 21 27.38 7.72 28.50
C THR F 21 28.58 8.49 27.96
N GLY F 22 29.09 8.11 26.80
CA GLY F 22 30.19 8.83 26.20
C GLY F 22 29.81 10.25 25.83
N PHE F 23 28.57 10.45 25.38
CA PHE F 23 28.08 11.81 25.17
C PHE F 23 28.23 12.63 26.44
N VAL F 24 27.70 12.10 27.55
CA VAL F 24 27.74 12.84 28.81
C VAL F 24 29.18 13.11 29.23
N LEU F 25 30.04 12.09 29.14
CA LEU F 25 31.40 12.23 29.64
C LEU F 25 32.23 13.16 28.77
N VAL F 26 32.02 13.13 27.46
CA VAL F 26 32.72 14.05 26.56
C VAL F 26 32.30 15.47 26.86
N GLY F 27 31.00 15.70 27.06
CA GLY F 27 30.55 17.03 27.45
C GLY F 27 31.20 17.50 28.72
N PHE F 28 31.28 16.64 29.73
CA PHE F 28 31.91 17.02 30.98
C PHE F 28 33.38 17.34 30.79
N VAL F 29 34.09 16.53 30.00
CA VAL F 29 35.52 16.76 29.81
C VAL F 29 35.77 18.10 29.13
N VAL F 30 34.99 18.40 28.10
CA VAL F 30 35.17 19.67 27.39
C VAL F 30 34.88 20.84 28.32
N PHE F 31 33.77 20.77 29.06
CA PHE F 31 33.43 21.86 29.96
C PHE F 31 34.48 22.02 31.05
N HIS F 32 35.00 20.91 31.57
CA HIS F 32 36.00 20.95 32.63
C HIS F 32 37.30 21.57 32.14
N MET F 33 37.75 21.22 30.94
CA MET F 33 38.94 21.84 30.39
C MET F 33 38.72 23.33 30.19
N TYR F 34 37.56 23.71 29.67
CA TYR F 34 37.27 25.13 29.48
C TYR F 34 37.30 25.88 30.80
N GLY F 35 36.74 25.28 31.85
CA GLY F 35 36.77 25.92 33.16
C GLY F 35 38.18 26.03 33.72
N ASN F 36 38.97 24.97 33.59
CA ASN F 36 40.34 25.00 34.10
C ASN F 36 41.25 25.91 33.30
N LEU F 37 40.82 26.34 32.10
CA LEU F 37 41.60 27.31 31.36
C LEU F 37 41.74 28.64 32.10
N LYS F 38 40.88 28.91 33.08
CA LYS F 38 40.88 30.19 33.76
C LYS F 38 42.09 30.41 34.65
N MET F 39 42.84 29.36 34.99
CA MET F 39 43.95 29.55 35.92
C MET F 39 45.09 30.35 35.32
N TYR F 40 45.07 30.59 34.01
CA TYR F 40 46.04 31.51 33.42
C TYR F 40 45.70 32.96 33.73
N GLN F 41 44.49 33.23 34.21
CA GLN F 41 44.06 34.58 34.51
C GLN F 41 44.50 35.06 35.89
N GLY F 42 45.06 34.19 36.71
CA GLY F 42 45.47 34.55 38.05
C GLY F 42 44.65 33.84 39.11
N PRO F 43 45.16 33.80 40.34
CA PRO F 43 44.45 33.08 41.40
C PRO F 43 43.07 33.62 41.71
N GLU F 44 42.86 34.93 41.53
CA GLU F 44 41.58 35.53 41.86
C GLU F 44 40.46 34.95 41.01
N VAL F 45 40.65 34.93 39.69
CA VAL F 45 39.62 34.45 38.79
C VAL F 45 39.40 32.95 38.98
N TYR F 46 40.48 32.19 39.18
CA TYR F 46 40.35 30.75 39.37
C TYR F 46 39.56 30.43 40.64
N ASN F 47 39.88 31.12 41.74
CA ASN F 47 39.15 30.90 42.98
C ASN F 47 37.70 31.36 42.86
N ALA F 48 37.46 32.45 42.11
CA ALA F 48 36.09 32.88 41.89
C ALA F 48 35.30 31.82 41.13
N TYR F 49 35.90 31.21 40.11
CA TYR F 49 35.23 30.14 39.38
C TYR F 49 34.95 28.94 40.29
N ALA F 50 35.94 28.56 41.10
CA ALA F 50 35.76 27.42 42.00
C ALA F 50 34.63 27.69 42.99
N ALA F 51 34.57 28.90 43.53
CA ALA F 51 33.49 29.25 44.45
C ALA F 51 32.14 29.29 43.74
N GLY F 52 32.10 29.86 42.53
CA GLY F 52 30.85 29.98 41.81
C GLY F 52 30.29 28.67 41.33
N LEU F 53 31.12 27.64 41.22
CA LEU F 53 30.57 26.31 40.94
C LEU F 53 29.62 25.86 42.03
N ARG F 54 29.97 26.09 43.29
CA ARG F 54 29.11 25.66 44.39
C ARG F 54 27.88 26.54 44.50
N GLU F 55 28.01 27.83 44.22
CA GLU F 55 26.89 28.76 44.23
C GLU F 55 26.27 28.92 42.84
N LEU F 56 25.90 27.80 42.23
CA LEU F 56 25.29 27.83 40.91
C LEU F 56 23.79 28.07 41.07
N GLY F 57 23.32 29.23 40.59
CA GLY F 57 21.95 29.61 40.79
C GLY F 57 21.63 29.80 42.26
N TYR F 58 22.51 30.52 42.97
CA TYR F 58 22.43 30.61 44.43
C TYR F 58 21.10 31.16 44.96
N PRO F 59 20.55 32.26 44.44
CA PRO F 59 19.29 32.76 45.02
C PRO F 59 18.16 31.76 44.98
N ILE F 60 18.10 30.91 43.95
CA ILE F 60 16.98 29.98 43.78
C ILE F 60 17.32 28.60 44.30
N PHE F 61 18.35 27.96 43.74
CA PHE F 61 18.75 26.63 44.20
C PHE F 61 19.65 26.74 45.42
N GLY F 62 19.56 25.76 46.29
CA GLY F 62 20.34 25.76 47.51
C GLY F 62 21.82 25.66 47.24
N HIS F 63 22.58 25.79 48.32
CA HIS F 63 24.02 25.69 48.24
C HIS F 63 24.45 24.28 47.86
N GLU F 64 25.22 24.17 46.78
CA GLU F 64 25.79 22.91 46.29
C GLU F 64 24.76 21.94 45.75
N HIS F 65 23.54 22.38 45.47
CA HIS F 65 22.53 21.45 44.97
C HIS F 65 22.84 21.00 43.54
N LEU F 66 23.10 21.96 42.66
CA LEU F 66 23.37 21.61 41.27
C LEU F 66 24.66 20.84 41.13
N LEU F 67 25.67 21.18 41.93
CA LEU F 67 26.93 20.44 41.87
C LEU F 67 26.73 18.99 42.28
N TRP F 68 25.92 18.75 43.31
CA TRP F 68 25.67 17.37 43.73
C TRP F 68 24.85 16.61 42.69
N ILE F 69 23.89 17.28 42.06
CA ILE F 69 23.14 16.61 40.99
C ILE F 69 24.07 16.23 39.85
N ALA F 70 24.94 17.14 39.44
CA ALA F 70 25.89 16.85 38.37
C ALA F 70 26.85 15.73 38.77
N ARG F 71 27.29 15.72 40.03
CA ARG F 71 28.18 14.66 40.49
C ARG F 71 27.48 13.30 40.44
N PHE F 72 26.22 13.24 40.85
CA PHE F 72 25.48 11.98 40.79
C PHE F 72 25.34 11.51 39.35
N ILE F 73 25.00 12.43 38.44
CA ILE F 73 24.85 12.05 37.04
C ILE F 73 26.17 11.53 36.47
N LEU F 74 27.27 12.22 36.77
CA LEU F 74 28.57 11.79 36.29
C LEU F 74 28.96 10.42 36.84
N LEU F 75 28.74 10.19 38.13
CA LEU F 75 29.10 8.91 38.72
C LEU F 75 28.27 7.78 38.12
N ALA F 76 26.96 8.00 37.94
CA ALA F 76 26.13 6.97 37.32
C ALA F 76 26.58 6.68 35.90
N SER F 77 26.90 7.72 35.13
CA SER F 77 27.38 7.51 33.78
C SER F 77 28.67 6.72 33.77
N VAL F 78 29.62 7.08 34.63
CA VAL F 78 30.90 6.38 34.66
C VAL F 78 30.69 4.91 35.02
N PHE F 79 29.83 4.64 35.99
CA PHE F 79 29.59 3.24 36.36
C PHE F 79 28.98 2.45 35.21
N LEU F 80 28.01 3.04 34.51
CA LEU F 80 27.43 2.34 33.36
C LEU F 80 28.47 2.11 32.28
N HIS F 81 29.31 3.11 32.02
CA HIS F 81 30.37 2.98 31.03
C HIS F 81 31.30 1.83 31.37
N ILE F 82 31.75 1.78 32.63
CA ILE F 82 32.69 0.73 33.04
C ILE F 82 32.04 -0.64 32.91
N TRP F 83 30.80 -0.76 33.38
CA TRP F 83 30.12 -2.06 33.34
C TRP F 83 29.99 -2.55 31.92
N ALA F 84 29.45 -1.72 31.03
CA ALA F 84 29.25 -2.15 29.66
C ALA F 84 30.57 -2.43 28.95
N ALA F 85 31.58 -1.59 29.19
CA ALA F 85 32.87 -1.81 28.55
C ALA F 85 33.49 -3.12 29.00
N THR F 86 33.44 -3.42 30.29
CA THR F 86 34.01 -4.68 30.77
C THR F 86 33.26 -5.88 30.22
N SER F 87 31.93 -5.82 30.20
CA SER F 87 31.15 -6.92 29.67
C SER F 87 31.48 -7.17 28.20
N LEU F 88 31.51 -6.10 27.41
CA LEU F 88 31.78 -6.24 25.98
C LEU F 88 33.21 -6.72 25.74
N THR F 89 34.16 -6.25 26.54
CA THR F 89 35.54 -6.70 26.37
C THR F 89 35.68 -8.19 26.67
N LEU F 90 35.03 -8.66 27.74
CA LEU F 90 35.08 -10.08 28.05
C LEU F 90 34.42 -10.90 26.94
N GLN F 91 33.28 -10.44 26.44
CA GLN F 91 32.62 -11.16 25.36
C GLN F 91 33.50 -11.23 24.12
N SER F 92 34.12 -10.11 23.75
CA SER F 92 34.98 -10.10 22.57
C SER F 92 36.25 -10.90 22.79
N ARG F 93 36.68 -11.06 24.04
CA ARG F 93 37.82 -11.92 24.32
C ARG F 93 37.45 -13.40 24.17
N ARG F 94 36.21 -13.76 24.55
CA ARG F 94 35.79 -15.14 24.38
C ARG F 94 35.71 -15.56 22.92
N SER F 95 35.54 -14.60 22.00
CA SER F 95 35.34 -14.92 20.59
C SER F 95 36.63 -15.30 19.87
N LEU F 96 37.77 -15.21 20.52
CA LEU F 96 39.05 -15.51 19.88
C LEU F 96 39.83 -16.62 20.56
N GLN F 97 39.42 -17.06 21.75
CA GLN F 97 40.21 -18.03 22.48
C GLN F 97 40.19 -19.41 21.82
N ALA F 98 39.09 -19.77 21.16
CA ALA F 98 38.98 -21.11 20.60
C ALA F 98 39.92 -21.30 19.41
N SER F 99 39.97 -20.33 18.51
CA SER F 99 40.77 -20.41 17.28
C SER F 99 41.85 -19.35 17.34
N SER F 100 43.07 -19.77 17.66
CA SER F 100 44.22 -18.88 17.70
C SER F 100 45.47 -19.74 17.84
N ILE F 101 46.59 -19.27 17.28
CA ILE F 101 47.85 -20.01 17.43
C ILE F 101 48.21 -20.14 18.89
N SER F 102 48.21 -19.03 19.61
CA SER F 102 48.52 -19.00 21.03
C SER F 102 47.54 -18.07 21.73
N THR F 103 47.69 -17.96 23.05
CA THR F 103 46.89 -16.99 23.79
C THR F 103 47.33 -15.57 23.52
N VAL F 104 48.49 -15.37 22.91
CA VAL F 104 48.99 -14.03 22.60
C VAL F 104 48.69 -13.63 21.17
N ARG F 105 48.80 -14.57 20.22
CA ARG F 105 48.59 -14.30 18.80
C ARG F 105 47.29 -14.91 18.33
N ARG F 106 46.53 -14.15 17.52
CA ARG F 106 45.38 -14.72 16.83
C ARG F 106 45.84 -15.39 15.53
N TYR F 107 46.39 -14.62 14.61
CA TYR F 107 46.87 -15.13 13.34
C TYR F 107 48.39 -15.21 13.34
N GLY F 108 48.92 -16.07 12.46
CA GLY F 108 50.35 -16.07 12.24
C GLY F 108 50.85 -14.82 11.56
N GLN F 109 49.97 -14.09 10.88
CA GLN F 109 50.29 -12.81 10.27
C GLN F 109 48.98 -12.09 10.04
N HIS F 110 48.88 -10.83 10.50
CA HIS F 110 47.64 -10.07 10.37
C HIS F 110 48.01 -8.61 10.13
N LYS F 111 47.51 -8.04 9.04
CA LYS F 111 47.80 -6.67 8.65
C LYS F 111 46.54 -5.83 8.86
N ARG F 112 46.59 -4.93 9.84
CA ARG F 112 45.46 -4.03 10.07
C ARG F 112 45.37 -3.00 8.95
N GLN F 113 44.14 -2.68 8.55
CA GLN F 113 43.89 -1.72 7.49
C GLN F 113 42.97 -0.58 7.91
N SER F 114 42.53 -0.53 9.16
CA SER F 114 41.65 0.53 9.61
C SER F 114 42.03 1.07 10.99
N GLY F 115 43.27 0.88 11.42
CA GLY F 115 43.72 1.46 12.67
C GLY F 115 43.57 0.50 13.84
N TYR F 116 44.31 0.80 14.91
CA TYR F 116 44.31 -0.04 16.09
C TYR F 116 43.39 0.53 17.15
N ALA F 117 42.09 0.58 16.86
CA ALA F 117 41.16 1.21 17.77
C ALA F 117 40.95 0.39 19.03
N ASP F 118 40.94 -0.94 18.92
CA ASP F 118 40.59 -1.78 20.07
C ASP F 118 41.64 -1.67 21.17
N TYR F 119 42.91 -1.85 20.83
CA TYR F 119 43.98 -1.72 21.81
C TYR F 119 43.94 -0.34 22.46
N THR F 120 43.86 0.70 21.64
CA THR F 120 43.88 2.07 22.14
C THR F 120 42.72 2.30 23.11
N MET F 121 41.51 1.98 22.69
CA MET F 121 40.35 2.27 23.54
C MET F 121 40.41 1.49 24.84
N ARG F 122 40.75 0.20 24.79
CA ARG F 122 40.71 -0.60 26.02
C ARG F 122 41.82 -0.19 26.99
N PHE F 123 43.05 -0.07 26.51
CA PHE F 123 44.15 0.29 27.41
C PHE F 123 43.99 1.71 27.92
N GLY F 124 43.59 2.65 27.05
CA GLY F 124 43.30 3.98 27.51
C GLY F 124 42.16 4.02 28.52
N GLY F 125 41.17 3.15 28.35
CA GLY F 125 40.09 3.12 29.31
C GLY F 125 40.55 2.70 30.70
N VAL F 126 41.35 1.63 30.77
CA VAL F 126 41.80 1.20 32.10
C VAL F 126 42.75 2.25 32.70
N LEU F 127 43.60 2.86 31.88
CA LEU F 127 44.47 3.91 32.38
C LEU F 127 43.68 5.11 32.88
N ILE F 128 42.63 5.48 32.15
CA ILE F 128 41.80 6.61 32.56
C ILE F 128 41.05 6.28 33.85
N PHE F 129 40.64 5.03 34.03
CA PHE F 129 39.99 4.64 35.27
C PHE F 129 40.94 4.85 36.45
N PHE F 130 42.17 4.35 36.32
CA PHE F 130 43.13 4.54 37.40
C PHE F 130 43.44 6.03 37.61
N PHE F 131 43.57 6.78 36.52
CA PHE F 131 43.87 8.20 36.64
C PHE F 131 42.75 8.95 37.36
N ILE F 132 41.50 8.62 37.07
CA ILE F 132 40.39 9.28 37.73
C ILE F 132 40.40 8.95 39.22
N ILE F 133 40.57 7.66 39.55
CA ILE F 133 40.57 7.29 40.96
C ILE F 133 41.75 7.92 41.70
N TYR F 134 42.80 8.30 40.98
CA TYR F 134 43.91 9.01 41.62
C TYR F 134 43.69 10.53 41.66
N HIS F 135 43.14 11.09 40.59
CA HIS F 135 42.98 12.54 40.47
C HIS F 135 41.94 13.06 41.44
N ILE F 136 40.83 12.34 41.61
CA ILE F 136 39.85 12.72 42.63
C ILE F 136 40.51 12.72 44.00
N LEU F 137 41.36 11.74 44.26
CA LEU F 137 42.02 11.61 45.54
C LEU F 137 43.23 12.52 45.68
N HIS F 138 43.62 13.21 44.61
CA HIS F 138 44.81 14.05 44.59
C HIS F 138 44.48 15.53 44.78
N LEU F 139 43.49 16.03 44.05
CA LEU F 139 43.17 17.46 44.05
C LEU F 139 41.86 17.78 44.74
N THR F 140 40.85 16.94 44.62
CA THR F 140 39.60 17.21 45.34
C THR F 140 39.76 16.99 46.84
N PHE F 141 40.40 15.88 47.23
CA PHE F 141 40.54 15.54 48.63
C PHE F 141 41.91 15.87 49.20
N GLY F 142 42.96 15.83 48.38
CA GLY F 142 44.28 16.22 48.81
C GLY F 142 44.85 15.37 49.92
N VAL F 143 44.75 14.05 49.78
CA VAL F 143 45.25 13.12 50.79
C VAL F 143 46.39 12.27 50.23
N VAL F 144 46.91 12.62 49.06
CA VAL F 144 47.99 11.86 48.43
C VAL F 144 48.76 12.80 47.50
N GLY F 145 50.06 12.53 47.37
CA GLY F 145 50.90 13.33 46.51
C GLY F 145 51.22 14.71 47.05
N TYR F 146 51.12 14.92 48.36
CA TYR F 146 51.33 16.23 48.97
C TYR F 146 52.23 16.13 50.18
N GLU F 147 53.17 17.05 50.29
CA GLU F 147 53.87 17.25 51.54
C GLU F 147 52.89 17.77 52.58
N PRO F 148 53.00 17.36 53.84
CA PRO F 148 52.05 17.82 54.85
C PRO F 148 52.07 19.33 54.99
N GLY F 149 50.88 19.90 55.23
CA GLY F 149 50.74 21.34 55.30
C GLY F 149 50.92 22.06 53.97
N GLN F 150 50.40 21.49 52.89
CA GLN F 150 50.47 22.13 51.57
C GLN F 150 49.10 22.31 50.91
N PHE F 151 48.11 21.50 51.26
CA PHE F 151 46.79 21.56 50.64
C PHE F 151 45.84 22.28 51.59
N ILE F 152 45.18 23.32 51.09
CA ILE F 152 44.23 24.10 51.88
C ILE F 152 42.83 23.65 51.48
N HIS F 153 42.12 23.04 52.42
CA HIS F 153 40.73 22.67 52.18
C HIS F 153 39.86 23.92 52.14
N PRO F 154 38.74 23.87 51.43
CA PRO F 154 37.80 24.99 51.46
C PRO F 154 37.30 25.24 52.87
N HIS F 155 37.67 26.37 53.46
CA HIS F 155 37.33 26.71 54.83
C HIS F 155 36.24 27.78 54.77
N GLY F 156 34.98 27.33 54.80
CA GLY F 156 33.87 28.25 54.60
C GLY F 156 33.69 28.57 53.14
N ASP F 157 33.32 29.82 52.86
CA ASP F 157 33.11 30.26 51.49
C ASP F 157 34.36 30.91 50.91
N VAL F 158 35.51 30.23 51.04
CA VAL F 158 36.74 30.64 50.40
C VAL F 158 37.41 29.39 49.82
N TYR F 159 38.01 29.53 48.65
CA TYR F 159 38.60 28.40 47.95
C TYR F 159 40.03 28.73 47.57
N GLU F 160 40.91 27.75 47.68
CA GLU F 160 42.31 27.95 47.38
C GLU F 160 42.79 26.93 46.35
N THR F 161 41.99 26.71 45.31
CA THR F 161 42.34 25.71 44.31
C THR F 161 43.58 26.12 43.53
N TYR F 162 43.87 27.42 43.43
CA TYR F 162 45.08 27.85 42.75
C TYR F 162 46.32 27.39 43.51
N ASN F 163 46.31 27.49 44.83
CA ASN F 163 47.44 27.03 45.63
C ASN F 163 47.61 25.52 45.49
N ASN F 164 46.52 24.78 45.54
CA ASN F 164 46.60 23.33 45.41
C ASN F 164 47.12 22.93 44.04
N VAL F 165 46.72 23.65 42.99
CA VAL F 165 47.21 23.36 41.65
C VAL F 165 48.70 23.66 41.56
N VAL F 166 49.14 24.81 42.07
CA VAL F 166 50.54 25.18 41.96
C VAL F 166 51.43 24.31 42.83
N TYR F 167 50.89 23.71 43.89
CA TYR F 167 51.65 22.79 44.72
C TYR F 167 51.41 21.33 44.36
N GLY F 168 50.56 21.05 43.38
CA GLY F 168 50.30 19.69 42.97
C GLY F 168 51.25 19.17 41.91
N PHE F 169 51.34 19.90 40.80
CA PHE F 169 52.21 19.48 39.70
C PHE F 169 53.63 20.00 39.94
N GLN F 170 54.26 19.41 40.94
CA GLN F 170 55.65 19.68 41.26
C GLN F 170 56.51 18.43 41.24
N ASN F 171 55.96 17.28 41.61
CA ASN F 171 56.67 16.02 41.43
C ASN F 171 56.72 15.66 39.95
N PRO F 172 57.91 15.42 39.39
CA PRO F 172 57.97 15.05 37.96
C PRO F 172 57.20 13.79 37.63
N LEU F 173 57.15 12.82 38.55
CA LEU F 173 56.39 11.60 38.28
C LEU F 173 54.91 11.90 38.09
N ILE F 174 54.36 12.80 38.90
CA ILE F 174 52.95 13.13 38.81
C ILE F 174 52.63 13.80 37.47
N VAL F 175 53.48 14.75 37.05
CA VAL F 175 53.21 15.41 35.78
C VAL F 175 53.40 14.46 34.61
N GLY F 176 54.35 13.52 34.72
CA GLY F 176 54.48 12.51 33.67
C GLY F 176 53.26 11.61 33.59
N PHE F 177 52.73 11.20 34.74
CA PHE F 177 51.50 10.40 34.75
C PHE F 177 50.35 11.16 34.14
N TYR F 178 50.22 12.46 34.48
CA TYR F 178 49.16 13.27 33.90
C TYR F 178 49.31 13.38 32.39
N LEU F 179 50.54 13.59 31.91
CA LEU F 179 50.77 13.70 30.48
C LEU F 179 50.42 12.41 29.75
N LEU F 180 50.82 11.26 30.30
CA LEU F 180 50.49 9.99 29.70
C LEU F 180 48.98 9.78 29.64
N THR F 181 48.30 10.08 30.75
CA THR F 181 46.85 9.95 30.76
C THR F 181 46.21 10.86 29.72
N MET F 182 46.72 12.07 29.57
CA MET F 182 46.11 12.98 28.61
C MET F 182 46.35 12.52 27.17
N VAL F 183 47.49 11.92 26.89
CA VAL F 183 47.72 11.35 25.56
C VAL F 183 46.70 10.26 25.28
N PHE F 184 46.53 9.34 26.24
CA PHE F 184 45.61 8.24 26.02
C PHE F 184 44.17 8.73 25.93
N LEU F 185 43.80 9.74 26.71
CA LEU F 185 42.47 10.32 26.61
C LEU F 185 42.28 11.05 25.28
N ALA F 186 43.35 11.64 24.73
CA ALA F 186 43.26 12.26 23.42
C ALA F 186 42.92 11.22 22.36
N LEU F 187 43.62 10.08 22.39
CA LEU F 187 43.28 9.02 21.44
C LEU F 187 41.87 8.50 21.68
N HIS F 188 41.49 8.33 22.94
CA HIS F 188 40.17 7.85 23.31
C HIS F 188 39.09 8.74 22.72
N LEU F 189 39.21 10.06 22.90
CA LEU F 189 38.23 10.98 22.34
C LEU F 189 38.27 10.99 20.82
N TYR F 190 39.48 10.99 20.24
CA TYR F 190 39.62 11.02 18.79
C TYR F 190 38.88 9.89 18.12
N HIS F 191 38.83 8.71 18.75
CA HIS F 191 38.00 7.66 18.17
C HIS F 191 36.55 7.77 18.61
N GLY F 192 36.31 7.99 19.91
CA GLY F 192 34.98 7.83 20.46
C GLY F 192 34.00 8.89 20.05
N VAL F 193 34.47 10.11 19.75
CA VAL F 193 33.54 11.17 19.39
C VAL F 193 32.80 10.82 18.10
N TRP F 194 33.51 10.25 17.13
CA TRP F 194 32.84 9.74 15.94
C TRP F 194 32.16 8.40 16.20
N SER F 195 32.77 7.55 17.03
CA SER F 195 32.22 6.21 17.25
C SER F 195 30.84 6.27 17.88
N MET F 196 30.60 7.22 18.79
CA MET F 196 29.31 7.28 19.45
C MET F 196 28.22 7.75 18.50
N PHE F 197 28.55 8.67 17.61
CA PHE F 197 27.59 9.08 16.60
C PHE F 197 27.26 7.93 15.67
N GLN F 198 28.26 7.15 15.28
CA GLN F 198 27.99 5.97 14.46
C GLN F 198 27.15 4.95 15.21
N THR F 199 27.43 4.75 16.49
CA THR F 199 26.70 3.76 17.28
C THR F 199 25.24 4.15 17.45
N LEU F 200 24.97 5.44 17.67
CA LEU F 200 23.57 5.86 17.78
C LEU F 200 22.86 5.86 16.44
N GLY F 201 23.56 5.66 15.33
CA GLY F 201 22.94 5.59 14.03
C GLY F 201 22.81 6.91 13.31
N TRP F 202 23.42 7.99 13.80
CA TRP F 202 23.31 9.30 13.17
C TRP F 202 24.50 9.55 12.24
N ASN F 203 24.59 8.74 11.19
CA ASN F 203 25.73 8.83 10.29
C ASN F 203 25.34 8.29 8.92
N ASN F 204 25.90 8.90 7.87
CA ASN F 204 25.67 8.47 6.50
C ASN F 204 26.84 8.98 5.65
N ARG F 205 26.65 8.95 4.32
CA ARG F 205 27.72 9.40 3.42
C ARG F 205 28.08 10.86 3.66
N THR F 206 27.06 11.71 3.85
CA THR F 206 27.29 13.14 3.91
C THR F 206 28.07 13.53 5.15
N TYR F 207 27.68 13.01 6.30
CA TYR F 207 28.16 13.51 7.58
C TYR F 207 29.38 12.77 8.11
N ASP F 208 29.89 11.76 7.39
CA ASP F 208 30.98 10.97 7.92
C ASP F 208 32.26 11.80 8.06
N ARG F 209 32.64 12.52 7.00
CA ARG F 209 33.85 13.34 7.09
C ARG F 209 33.66 14.49 8.06
N LEU F 210 32.45 15.05 8.13
CA LEU F 210 32.18 16.10 9.11
C LEU F 210 32.38 15.60 10.53
N LEU F 211 31.86 14.41 10.83
CA LEU F 211 32.01 13.85 12.17
C LEU F 211 33.47 13.51 12.45
N ARG F 212 34.20 13.04 11.45
CA ARG F 212 35.62 12.77 11.64
C ARG F 212 36.37 14.05 11.99
N GLY F 213 36.07 15.14 11.28
CA GLY F 213 36.71 16.42 11.59
C GLY F 213 36.34 16.93 12.97
N LEU F 214 35.07 16.78 13.36
CA LEU F 214 34.66 17.21 14.69
C LEU F 214 35.38 16.41 15.78
N ALA F 215 35.51 15.10 15.58
CA ALA F 215 36.25 14.28 16.52
C ALA F 215 37.71 14.73 16.61
N ILE F 216 38.33 15.00 15.46
CA ILE F 216 39.73 15.42 15.45
C ILE F 216 39.89 16.73 16.22
N VAL F 217 39.03 17.70 15.96
CA VAL F 217 39.20 19.00 16.60
C VAL F 217 38.93 18.92 18.10
N VAL F 218 37.92 18.15 18.50
CA VAL F 218 37.62 18.02 19.93
C VAL F 218 38.80 17.37 20.65
N ALA F 219 39.31 16.27 20.10
CA ALA F 219 40.43 15.59 20.74
C ALA F 219 41.65 16.49 20.80
N ALA F 220 41.96 17.21 19.72
CA ALA F 220 43.12 18.07 19.70
C ALA F 220 43.01 19.19 20.73
N ALA F 221 41.83 19.81 20.82
CA ALA F 221 41.65 20.90 21.78
C ALA F 221 41.80 20.40 23.21
N VAL F 222 41.15 19.28 23.54
CA VAL F 222 41.23 18.76 24.89
C VAL F 222 42.67 18.38 25.24
N PHE F 223 43.35 17.71 24.30
CA PHE F 223 44.73 17.31 24.55
C PHE F 223 45.63 18.52 24.77
N ILE F 224 45.50 19.54 23.91
CA ILE F 224 46.37 20.70 24.01
C ILE F 224 46.18 21.41 25.34
N GLY F 225 44.93 21.69 25.72
CA GLY F 225 44.69 22.38 26.97
C GLY F 225 45.14 21.58 28.18
N ASN F 226 44.79 20.29 28.20
CA ASN F 226 45.05 19.49 29.38
C ASN F 226 46.50 19.04 29.51
N ILE F 227 47.31 19.21 28.46
CA ILE F 227 48.76 19.09 28.64
C ILE F 227 49.41 20.44 28.87
N SER F 228 48.76 21.54 28.48
CA SER F 228 49.30 22.86 28.79
C SER F 228 49.20 23.16 30.28
N PHE F 229 48.17 22.65 30.94
CA PHE F 229 48.02 22.93 32.38
C PHE F 229 49.20 22.42 33.20
N PRO F 230 49.46 21.11 33.31
CA PRO F 230 50.46 20.65 34.28
C PRO F 230 51.88 21.00 33.86
N LEU F 231 52.16 21.00 32.56
CA LEU F 231 53.50 21.36 32.11
C LEU F 231 53.83 22.81 32.48
N ALA F 232 52.87 23.71 32.28
CA ALA F 232 53.09 25.11 32.66
C ALA F 232 53.21 25.27 34.16
N VAL F 233 52.42 24.52 34.94
CA VAL F 233 52.54 24.60 36.38
C VAL F 233 53.92 24.14 36.83
N TYR F 234 54.41 23.05 36.25
CA TYR F 234 55.71 22.51 36.65
C TYR F 234 56.85 23.43 36.26
N PHE F 235 56.82 23.98 35.04
CA PHE F 235 57.93 24.78 34.57
C PHE F 235 57.98 26.17 35.20
N GLY F 236 56.94 26.57 35.93
CA GLY F 236 56.94 27.86 36.59
C GLY F 236 56.23 28.98 35.85
N PHE F 237 55.63 28.68 34.70
CA PHE F 237 54.87 29.70 33.99
C PHE F 237 53.67 30.17 34.81
N VAL F 238 53.01 29.23 35.50
CA VAL F 238 51.92 29.55 36.41
C VAL F 238 52.45 29.41 37.82
N ALA F 239 52.48 30.52 38.55
CA ALA F 239 53.04 30.53 39.90
C ALA F 239 52.12 31.26 40.88
N VAL G 22 -10.78 -3.05 -53.05
CA VAL G 22 -11.81 -3.47 -52.12
C VAL G 22 -11.35 -3.23 -50.69
N LEU G 23 -12.29 -3.16 -49.75
CA LEU G 23 -11.99 -2.89 -48.35
C LEU G 23 -11.98 -4.20 -47.58
N ASP G 24 -10.84 -4.51 -46.96
CA ASP G 24 -10.68 -5.69 -46.12
C ASP G 24 -10.63 -5.22 -44.67
N SER G 25 -11.66 -5.56 -43.90
CA SER G 25 -11.71 -5.15 -42.50
C SER G 25 -10.65 -5.86 -41.67
N LYS G 26 -10.25 -7.07 -42.08
CA LYS G 26 -9.22 -7.85 -41.41
C LYS G 26 -9.58 -8.15 -39.95
N VAL G 27 -10.87 -8.34 -39.68
CA VAL G 27 -11.31 -8.70 -38.34
C VAL G 27 -10.97 -10.17 -38.08
N PRO G 28 -10.69 -10.55 -36.84
CA PRO G 28 -10.36 -11.96 -36.56
C PRO G 28 -11.58 -12.86 -36.68
N THR G 29 -11.40 -14.15 -36.39
CA THR G 29 -12.48 -15.12 -36.43
C THR G 29 -12.55 -15.88 -35.12
N GLY G 30 -13.69 -16.52 -34.89
CA GLY G 30 -13.92 -17.25 -33.66
C GLY G 30 -14.76 -16.47 -32.69
N PRO G 31 -14.83 -16.94 -31.44
CA PRO G 31 -15.64 -16.24 -30.43
C PRO G 31 -15.13 -14.82 -30.21
N ILE G 32 -16.07 -13.91 -29.98
CA ILE G 32 -15.74 -12.49 -29.92
C ILE G 32 -14.90 -12.13 -28.71
N GLU G 33 -14.90 -12.97 -27.67
CA GLU G 33 -14.14 -12.64 -26.48
C GLU G 33 -12.64 -12.85 -26.68
N GLN G 34 -12.25 -13.80 -27.53
CA GLN G 34 -10.84 -14.09 -27.79
C GLN G 34 -10.33 -13.46 -29.07
N ARG G 35 -11.13 -12.64 -29.74
CA ARG G 35 -10.74 -12.10 -31.03
C ARG G 35 -9.51 -11.21 -30.91
N TRP G 36 -9.52 -10.30 -29.93
CA TRP G 36 -8.41 -9.37 -29.78
C TRP G 36 -7.14 -10.09 -29.34
N ASP G 37 -7.26 -11.06 -28.43
CA ASP G 37 -6.09 -11.82 -28.00
C ASP G 37 -5.52 -12.66 -29.14
N LYS G 38 -6.40 -13.31 -29.91
CA LYS G 38 -5.93 -14.11 -31.03
C LYS G 38 -5.24 -13.24 -32.07
N HIS G 39 -5.80 -12.07 -32.35
CA HIS G 39 -5.15 -11.16 -33.29
C HIS G 39 -3.82 -10.67 -32.75
N ARG G 40 -3.74 -10.38 -31.45
CA ARG G 40 -2.48 -9.93 -30.86
C ARG G 40 -1.41 -11.01 -30.99
N PHE G 41 -1.78 -12.27 -30.78
CA PHE G 41 -0.81 -13.34 -30.95
C PHE G 41 -0.42 -13.50 -32.42
N GLU G 42 -1.38 -13.32 -33.33
CA GLU G 42 -1.10 -13.58 -34.75
C GLU G 42 -0.24 -12.49 -35.38
N MET G 43 -0.28 -11.28 -34.84
CA MET G 43 0.43 -10.16 -35.46
C MET G 43 1.94 -10.27 -35.24
N LYS G 44 2.68 -9.61 -36.11
CA LYS G 44 4.14 -9.60 -36.06
C LYS G 44 4.64 -8.66 -34.96
N LEU G 45 5.93 -8.74 -34.68
CA LEU G 45 6.57 -7.92 -33.66
C LEU G 45 7.88 -7.37 -34.18
N VAL G 46 8.32 -6.27 -33.57
CA VAL G 46 9.63 -5.67 -33.83
C VAL G 46 10.47 -5.82 -32.58
N ASN G 47 11.69 -6.33 -32.75
CA ASN G 47 12.57 -6.52 -31.61
C ASN G 47 12.86 -5.19 -30.94
N PRO G 48 13.01 -5.18 -29.61
CA PRO G 48 13.29 -3.91 -28.92
C PRO G 48 14.58 -3.26 -29.37
N ALA G 49 15.54 -4.03 -29.87
CA ALA G 49 16.78 -3.45 -30.37
C ALA G 49 16.56 -2.75 -31.70
N ASN G 50 15.65 -3.26 -32.54
CA ASN G 50 15.42 -2.70 -33.85
C ASN G 50 14.43 -1.55 -33.86
N ARG G 51 13.81 -1.24 -32.72
CA ARG G 51 12.80 -0.19 -32.68
C ARG G 51 13.40 1.18 -32.95
N ARG G 52 14.65 1.40 -32.55
CA ARG G 52 15.29 2.69 -32.71
C ARG G 52 15.59 3.02 -34.18
N LYS G 53 15.46 2.05 -35.08
CA LYS G 53 15.75 2.27 -36.48
C LYS G 53 14.56 2.83 -37.27
N TYR G 54 13.39 2.90 -36.65
CA TYR G 54 12.18 3.37 -37.32
C TYR G 54 11.79 4.75 -36.82
N THR G 55 11.22 5.54 -37.72
CA THR G 55 10.73 6.89 -37.40
C THR G 55 9.24 6.94 -37.67
N ILE G 56 8.48 7.43 -36.70
CA ILE G 56 7.03 7.53 -36.79
C ILE G 56 6.64 8.98 -36.61
N ILE G 57 5.80 9.48 -37.52
CA ILE G 57 5.28 10.84 -37.45
C ILE G 57 3.89 10.76 -36.86
N VAL G 58 3.63 11.56 -35.83
CA VAL G 58 2.31 11.64 -35.20
C VAL G 58 1.83 13.07 -35.33
N VAL G 59 0.73 13.27 -36.04
CA VAL G 59 0.17 14.60 -36.27
C VAL G 59 -1.02 14.74 -35.34
N GLY G 60 -0.88 15.57 -34.31
CA GLY G 60 -1.95 15.75 -33.36
C GLY G 60 -1.51 15.41 -31.95
N SER G 61 -2.00 16.16 -30.97
CA SER G 61 -1.59 15.93 -29.58
C SER G 61 -2.79 16.00 -28.64
N GLY G 62 -3.93 15.46 -29.07
CA GLY G 62 -5.08 15.33 -28.21
C GLY G 62 -4.88 14.19 -27.24
N LEU G 63 -5.98 13.63 -26.76
CA LEU G 63 -5.88 12.42 -25.94
C LEU G 63 -5.27 11.28 -26.74
N ALA G 64 -5.83 11.02 -27.94
CA ALA G 64 -5.30 9.97 -28.78
C ALA G 64 -3.87 10.27 -29.21
N GLY G 65 -3.62 11.49 -29.70
CA GLY G 65 -2.30 11.81 -30.21
C GLY G 65 -1.22 11.77 -29.13
N ALA G 66 -1.48 12.38 -27.99
CA ALA G 66 -0.49 12.39 -26.92
C ALA G 66 -0.28 11.01 -26.34
N SER G 67 -1.36 10.25 -26.15
CA SER G 67 -1.21 8.88 -25.65
C SER G 67 -0.39 8.03 -26.62
N ALA G 68 -0.69 8.13 -27.91
CA ALA G 68 0.06 7.35 -28.90
C ALA G 68 1.52 7.75 -28.93
N ALA G 69 1.81 9.05 -28.90
CA ALA G 69 3.19 9.50 -28.94
C ALA G 69 3.96 9.04 -27.70
N ALA G 70 3.34 9.16 -26.52
CA ALA G 70 4.01 8.72 -25.31
C ALA G 70 4.26 7.22 -25.32
N THR G 71 3.29 6.43 -25.75
CA THR G 71 3.48 4.98 -25.73
C THR G 71 4.51 4.54 -26.76
N LEU G 72 4.50 5.13 -27.94
CA LEU G 72 5.48 4.77 -28.95
C LEU G 72 6.87 5.27 -28.58
N GLY G 73 6.96 6.37 -27.83
CA GLY G 73 8.25 6.78 -27.30
C GLY G 73 8.76 5.83 -26.24
N GLU G 74 7.88 5.37 -25.36
CA GLU G 74 8.28 4.38 -24.36
C GLU G 74 8.75 3.09 -25.03
N ALA G 75 8.13 2.71 -26.14
CA ALA G 75 8.56 1.51 -26.85
C ALA G 75 9.99 1.66 -27.37
N GLY G 76 10.32 2.82 -27.93
CA GLY G 76 11.68 3.05 -28.40
C GLY G 76 11.78 3.69 -29.76
N TYR G 77 10.66 3.81 -30.47
CA TYR G 77 10.69 4.40 -31.80
C TYR G 77 11.02 5.89 -31.73
N ASN G 78 11.43 6.44 -32.87
CA ASN G 78 11.65 7.88 -33.00
C ASN G 78 10.34 8.54 -33.40
N VAL G 79 9.78 9.33 -32.50
CA VAL G 79 8.45 9.91 -32.67
C VAL G 79 8.59 11.40 -32.94
N LEU G 80 7.83 11.90 -33.92
CA LEU G 80 7.83 13.31 -34.31
C LEU G 80 6.41 13.83 -34.15
N CYS G 81 6.10 14.42 -33.00
CA CYS G 81 4.74 14.85 -32.69
C CYS G 81 4.53 16.30 -33.12
N PHE G 82 3.32 16.59 -33.59
CA PHE G 82 2.96 17.91 -34.10
C PHE G 82 1.64 18.38 -33.49
N CYS G 83 1.50 19.69 -33.38
CA CYS G 83 0.26 20.31 -32.92
C CYS G 83 0.26 21.75 -33.40
N TYR G 84 -0.93 22.29 -33.64
CA TYR G 84 -1.04 23.63 -34.19
C TYR G 84 -1.15 24.72 -33.13
N GLN G 85 -1.24 24.36 -31.85
CA GLN G 85 -1.25 25.34 -30.78
C GLN G 85 0.16 25.58 -30.28
N ASP G 86 0.28 26.40 -29.22
CA ASP G 86 1.60 26.70 -28.68
C ASP G 86 2.16 25.56 -27.85
N SER G 87 1.29 24.75 -27.25
CA SER G 87 1.70 23.67 -26.37
C SER G 87 0.85 22.45 -26.65
N PRO G 88 1.37 21.25 -26.39
CA PRO G 88 0.56 20.04 -26.61
C PRO G 88 -0.69 19.97 -25.75
N ARG G 89 -0.79 20.76 -24.69
CA ARG G 89 -1.88 20.66 -23.73
C ARG G 89 -3.07 21.54 -24.10
N ARG G 90 -3.26 21.83 -25.37
CA ARG G 90 -4.40 22.58 -25.89
C ARG G 90 -5.11 21.69 -26.89
N ALA G 91 -6.38 21.40 -26.66
CA ALA G 91 -7.15 20.51 -27.52
C ALA G 91 -8.58 20.47 -27.01
N HIS G 92 -9.46 19.82 -27.77
CA HIS G 92 -10.78 19.51 -27.22
C HIS G 92 -10.66 18.66 -25.97
N SER G 93 -9.71 17.74 -25.97
CA SER G 93 -9.60 16.79 -24.86
C SER G 93 -9.52 17.52 -23.53
N ILE G 94 -8.92 18.72 -23.53
CA ILE G 94 -8.84 19.49 -22.30
C ILE G 94 -10.21 20.01 -21.89
N ALA G 95 -11.14 20.11 -22.84
CA ALA G 95 -12.42 20.79 -22.60
C ALA G 95 -13.55 19.84 -22.24
N ALA G 96 -13.34 18.53 -22.24
CA ALA G 96 -14.42 17.59 -22.00
C ALA G 96 -14.83 17.62 -20.53
N GLN G 97 -16.13 17.81 -20.27
CA GLN G 97 -16.63 17.92 -18.90
C GLN G 97 -17.08 16.59 -18.33
N GLY G 98 -17.73 15.75 -19.12
CA GLY G 98 -18.25 14.50 -18.61
C GLY G 98 -17.14 13.52 -18.24
N GLY G 99 -17.55 12.44 -17.59
CA GLY G 99 -16.61 11.44 -17.12
C GLY G 99 -16.14 10.52 -18.23
N ILE G 100 -15.62 9.36 -17.84
CA ILE G 100 -15.12 8.37 -18.79
C ILE G 100 -15.61 7.00 -18.36
N ASN G 101 -16.09 6.21 -19.31
CA ASN G 101 -16.72 4.94 -19.01
C ASN G 101 -15.69 3.82 -18.88
N ALA G 102 -16.07 2.78 -18.14
CA ALA G 102 -15.27 1.58 -17.99
C ALA G 102 -16.16 0.46 -17.50
N ALA G 103 -15.84 -0.77 -17.91
CA ALA G 103 -16.62 -1.94 -17.51
C ALA G 103 -15.97 -2.64 -16.33
N LYS G 104 -15.85 -1.92 -15.22
CA LYS G 104 -15.22 -2.48 -14.03
C LYS G 104 -16.23 -3.06 -13.05
N ASN G 105 -17.48 -2.63 -13.09
CA ASN G 105 -18.53 -3.11 -12.19
C ASN G 105 -18.15 -2.88 -10.73
N TYR G 106 -17.69 -1.67 -10.42
CA TYR G 106 -17.35 -1.32 -9.05
C TYR G 106 -18.57 -1.07 -8.19
N ARG G 107 -19.71 -0.72 -8.80
CA ARG G 107 -20.92 -0.40 -8.06
C ARG G 107 -21.84 -1.60 -7.90
N ASN G 108 -21.46 -2.77 -8.41
CA ASN G 108 -22.24 -4.00 -8.24
C ASN G 108 -23.66 -3.84 -8.76
N ASP G 109 -23.81 -3.20 -9.91
CA ASP G 109 -25.12 -2.93 -10.47
C ASP G 109 -25.44 -3.75 -11.71
N GLY G 110 -24.53 -4.60 -12.17
CA GLY G 110 -24.77 -5.42 -13.34
C GLY G 110 -23.99 -5.05 -14.57
N ASP G 111 -23.02 -4.15 -14.48
CA ASP G 111 -22.20 -3.79 -15.62
C ASP G 111 -21.16 -4.87 -15.89
N SER G 112 -20.77 -4.98 -17.16
CA SER G 112 -19.74 -5.93 -17.57
C SER G 112 -19.21 -5.51 -18.93
N ILE G 113 -18.20 -6.24 -19.39
CA ILE G 113 -17.65 -5.97 -20.72
C ILE G 113 -18.69 -6.24 -21.79
N TYR G 114 -19.42 -7.35 -21.68
CA TYR G 114 -20.44 -7.67 -22.66
C TYR G 114 -21.57 -6.66 -22.63
N ARG G 115 -21.98 -6.20 -21.45
CA ARG G 115 -23.04 -5.21 -21.38
C ARG G 115 -22.61 -3.90 -22.02
N LEU G 116 -21.36 -3.48 -21.78
CA LEU G 116 -20.85 -2.26 -22.41
C LEU G 116 -20.78 -2.42 -23.92
N PHE G 117 -20.34 -3.58 -24.41
CA PHE G 117 -20.30 -3.83 -25.83
C PHE G 117 -21.70 -3.77 -26.44
N TYR G 118 -22.68 -4.39 -25.77
CA TYR G 118 -24.05 -4.37 -26.26
C TYR G 118 -24.60 -2.95 -26.27
N ASP G 119 -24.33 -2.18 -25.22
CA ASP G 119 -24.82 -0.81 -25.13
C ASP G 119 -24.23 0.05 -26.24
N THR G 120 -22.92 -0.09 -26.49
CA THR G 120 -22.28 0.73 -27.52
C THR G 120 -22.73 0.35 -28.91
N VAL G 121 -22.97 -0.95 -29.15
CA VAL G 121 -23.39 -1.36 -30.49
C VAL G 121 -24.87 -1.09 -30.72
N LYS G 122 -25.69 -1.02 -29.67
CA LYS G 122 -27.09 -0.68 -29.85
C LYS G 122 -27.32 0.83 -29.89
N GLY G 123 -26.51 1.59 -29.15
CA GLY G 123 -26.61 3.04 -29.18
C GLY G 123 -26.17 3.65 -30.49
N GLY G 124 -25.34 2.94 -31.25
CA GLY G 124 -24.96 3.37 -32.57
C GLY G 124 -25.94 3.03 -33.66
N ASP G 125 -27.09 2.45 -33.29
CA ASP G 125 -28.14 2.09 -34.24
C ASP G 125 -27.66 1.07 -35.27
N PHE G 126 -26.77 0.18 -34.85
CA PHE G 126 -26.30 -0.94 -35.67
C PHE G 126 -25.68 -0.44 -36.98
N ARG G 127 -24.61 0.34 -36.83
CA ARG G 127 -23.89 0.89 -37.98
C ARG G 127 -22.38 0.82 -37.77
N ALA G 128 -21.91 -0.14 -36.98
CA ALA G 128 -20.48 -0.27 -36.71
C ALA G 128 -20.12 -1.73 -36.59
N ARG G 129 -18.84 -2.02 -36.78
CA ARG G 129 -18.35 -3.38 -36.66
C ARG G 129 -18.36 -3.83 -35.21
N GLU G 130 -18.69 -5.10 -34.98
CA GLU G 130 -18.80 -5.60 -33.61
C GLU G 130 -17.43 -5.77 -32.97
N SER G 131 -16.43 -6.19 -33.75
CA SER G 131 -15.12 -6.49 -33.19
C SER G 131 -14.47 -5.25 -32.58
N ASN G 132 -14.56 -4.11 -33.26
CA ASN G 132 -13.98 -2.88 -32.74
C ASN G 132 -14.65 -2.47 -31.43
N VAL G 133 -15.98 -2.55 -31.39
CA VAL G 133 -16.71 -2.17 -30.19
C VAL G 133 -16.34 -3.08 -29.03
N TYR G 134 -16.24 -4.38 -29.27
CA TYR G 134 -15.84 -5.28 -28.20
C TYR G 134 -14.42 -5.00 -27.74
N ARG G 135 -13.51 -4.69 -28.66
CA ARG G 135 -12.14 -4.39 -28.27
C ARG G 135 -12.09 -3.16 -27.38
N LEU G 136 -12.85 -2.12 -27.73
CA LEU G 136 -12.90 -0.92 -26.92
C LEU G 136 -13.45 -1.22 -25.53
N ALA G 137 -14.56 -1.96 -25.46
CA ALA G 137 -15.16 -2.29 -24.17
C ALA G 137 -14.23 -3.17 -23.35
N GLN G 138 -13.40 -3.97 -24.00
CA GLN G 138 -12.48 -4.85 -23.30
C GLN G 138 -11.26 -4.12 -22.77
N VAL G 139 -10.79 -3.07 -23.45
CA VAL G 139 -9.61 -2.34 -22.99
C VAL G 139 -9.96 -1.12 -22.14
N SER G 140 -11.25 -0.79 -21.96
CA SER G 140 -11.62 0.33 -21.10
C SER G 140 -11.08 0.15 -19.67
N VAL G 141 -11.08 -1.08 -19.16
CA VAL G 141 -10.63 -1.32 -17.79
C VAL G 141 -9.15 -0.97 -17.65
N ASN G 142 -8.34 -1.39 -18.62
CA ASN G 142 -6.93 -1.03 -18.62
C ASN G 142 -6.74 0.47 -18.75
N ILE G 143 -7.61 1.14 -19.53
CA ILE G 143 -7.54 2.58 -19.63
C ILE G 143 -7.66 3.23 -18.26
N ILE G 144 -8.67 2.80 -17.50
CA ILE G 144 -8.88 3.39 -16.17
C ILE G 144 -7.72 3.09 -15.25
N ASP G 145 -7.21 1.86 -15.28
CA ASP G 145 -6.08 1.51 -14.42
C ASP G 145 -4.87 2.40 -14.73
N GLN G 146 -4.56 2.56 -16.01
CA GLN G 146 -3.42 3.40 -16.40
C GLN G 146 -3.64 4.84 -15.97
N CYS G 147 -4.85 5.37 -16.16
CA CYS G 147 -5.11 6.75 -15.80
C CYS G 147 -4.96 6.98 -14.30
N VAL G 148 -5.44 6.03 -13.49
CA VAL G 148 -5.28 6.16 -12.05
C VAL G 148 -3.80 6.11 -11.66
N ALA G 149 -3.04 5.19 -12.26
CA ALA G 149 -1.64 5.05 -11.91
C ALA G 149 -0.80 6.28 -12.27
N GLN G 150 -1.29 7.13 -13.18
CA GLN G 150 -0.54 8.30 -13.62
C GLN G 150 -0.79 9.52 -12.75
N GLY G 151 -1.60 9.40 -11.71
CA GLY G 151 -1.88 10.52 -10.83
C GLY G 151 -3.09 11.34 -11.19
N VAL G 152 -3.97 10.83 -12.04
CA VAL G 152 -5.19 11.59 -12.37
C VAL G 152 -6.09 11.64 -11.15
N PRO G 153 -6.54 12.80 -10.71
CA PRO G 153 -7.34 12.91 -9.48
C PRO G 153 -8.82 12.63 -9.69
N PHE G 154 -9.16 11.34 -9.77
CA PHE G 154 -10.56 10.95 -9.86
C PHE G 154 -11.24 11.17 -8.52
N ALA G 155 -12.57 11.26 -8.56
CA ALA G 155 -13.33 11.43 -7.34
C ALA G 155 -13.27 10.16 -6.50
N ARG G 156 -13.09 10.33 -5.20
CA ARG G 156 -12.94 9.22 -4.27
C ARG G 156 -14.05 9.25 -3.24
N GLU G 157 -14.30 8.09 -2.64
CA GLU G 157 -15.24 7.98 -1.54
C GLU G 157 -14.55 8.32 -0.23
N TYR G 158 -15.28 8.20 0.88
CA TYR G 158 -14.68 8.51 2.18
C TYR G 158 -13.71 7.44 2.61
N GLY G 159 -13.86 6.21 2.12
CA GLY G 159 -12.96 5.14 2.46
C GLY G 159 -11.69 5.07 1.63
N GLY G 160 -11.57 5.91 0.60
CA GLY G 160 -10.39 5.94 -0.22
C GLY G 160 -10.49 5.21 -1.55
N LEU G 161 -11.63 4.62 -1.86
CA LEU G 161 -11.82 3.90 -3.10
C LEU G 161 -12.61 4.74 -4.09
N LEU G 162 -12.53 4.36 -5.36
CA LEU G 162 -13.05 5.20 -6.43
C LEU G 162 -14.57 5.28 -6.39
N ASP G 163 -15.10 6.40 -6.86
CA ASP G 163 -16.52 6.69 -6.85
C ASP G 163 -17.06 6.72 -8.27
N ASN G 164 -18.28 6.22 -8.43
CA ASN G 164 -18.92 6.10 -9.74
C ASN G 164 -20.21 6.90 -9.77
N ARG G 165 -20.57 7.37 -10.96
CA ARG G 165 -21.80 8.12 -11.15
C ARG G 165 -22.45 7.71 -12.46
N SER G 166 -23.72 8.04 -12.59
CA SER G 166 -24.50 7.67 -13.76
C SER G 166 -24.86 8.91 -14.57
N PHE G 167 -25.06 8.69 -15.87
CA PHE G 167 -25.45 9.76 -16.79
C PHE G 167 -26.94 10.05 -16.65
N GLY G 168 -27.48 10.82 -17.59
CA GLY G 168 -28.89 11.19 -17.54
C GLY G 168 -29.82 10.01 -17.68
N GLY G 169 -29.44 9.01 -18.49
CA GLY G 169 -30.32 7.89 -18.73
C GLY G 169 -29.62 6.55 -18.79
N ALA G 170 -28.33 6.52 -18.46
CA ALA G 170 -27.61 5.26 -18.43
C ALA G 170 -28.14 4.38 -17.30
N GLN G 171 -28.26 3.09 -17.58
CA GLN G 171 -28.84 2.16 -16.61
C GLN G 171 -27.83 1.62 -15.61
N VAL G 172 -26.56 1.94 -15.76
CA VAL G 172 -25.54 1.54 -14.80
C VAL G 172 -24.63 2.72 -14.50
N ALA G 173 -24.03 2.70 -13.32
CA ALA G 173 -23.10 3.75 -12.89
C ALA G 173 -21.69 3.26 -13.18
N ARG G 174 -21.20 3.56 -14.37
CA ARG G 174 -19.91 3.07 -14.83
C ARG G 174 -18.97 4.20 -15.23
N THR G 175 -19.15 5.38 -14.66
CA THR G 175 -18.42 6.57 -15.07
C THR G 175 -17.48 7.04 -13.97
N PHE G 176 -16.22 7.23 -14.32
CA PHE G 176 -15.22 7.81 -13.44
C PHE G 176 -14.97 9.25 -13.87
N TYR G 177 -14.77 10.13 -12.89
CA TYR G 177 -14.77 11.55 -13.18
C TYR G 177 -13.90 12.31 -12.19
N ALA G 178 -13.28 13.39 -12.68
CA ALA G 178 -12.87 14.48 -11.82
C ALA G 178 -14.10 15.34 -11.56
N ARG G 179 -13.95 16.39 -10.74
CA ARG G 179 -15.13 17.11 -10.28
C ARG G 179 -15.96 17.63 -11.45
N GLY G 180 -15.34 18.36 -12.37
CA GLY G 180 -16.05 18.81 -13.55
C GLY G 180 -15.18 18.90 -14.78
N GLN G 181 -13.94 18.43 -14.67
CA GLN G 181 -12.93 18.58 -15.72
C GLN G 181 -12.20 17.28 -15.95
N THR G 182 -12.95 16.19 -16.16
CA THR G 182 -12.32 14.88 -16.36
C THR G 182 -11.42 14.89 -17.58
N GLY G 183 -11.86 15.48 -18.68
CA GLY G 183 -11.03 15.55 -19.87
C GLY G 183 -9.75 16.32 -19.63
N GLN G 184 -9.82 17.39 -18.84
CA GLN G 184 -8.62 18.15 -18.50
C GLN G 184 -7.59 17.27 -17.81
N GLN G 185 -8.03 16.47 -16.84
CA GLN G 185 -7.09 15.64 -16.09
C GLN G 185 -6.56 14.49 -16.95
N LEU G 186 -7.40 13.91 -17.80
CA LEU G 186 -6.92 12.85 -18.68
C LEU G 186 -5.86 13.39 -19.65
N LEU G 187 -6.13 14.54 -20.26
CA LEU G 187 -5.14 15.12 -21.16
C LEU G 187 -3.89 15.56 -20.42
N LEU G 188 -4.03 15.99 -19.15
CA LEU G 188 -2.84 16.36 -18.41
C LEU G 188 -1.99 15.15 -18.08
N GLY G 189 -2.61 14.01 -17.78
CA GLY G 189 -1.84 12.79 -17.59
C GLY G 189 -1.12 12.36 -18.86
N ALA G 190 -1.83 12.39 -19.99
CA ALA G 190 -1.18 12.05 -21.25
C ALA G 190 -0.07 13.03 -21.58
N TYR G 191 -0.27 14.31 -21.29
CA TYR G 191 0.73 15.33 -21.58
C TYR G 191 1.95 15.18 -20.68
N GLN G 192 1.73 14.76 -19.43
CA GLN G 192 2.87 14.49 -18.55
C GLN G 192 3.67 13.29 -19.03
N ALA G 193 3.00 12.24 -19.49
CA ALA G 193 3.72 11.11 -20.06
C ALA G 193 4.51 11.53 -21.30
N LEU G 194 3.89 12.34 -22.17
CA LEU G 194 4.58 12.82 -23.36
C LEU G 194 5.77 13.69 -22.99
N SER G 195 5.62 14.53 -21.95
CA SER G 195 6.73 15.37 -21.51
C SER G 195 7.87 14.53 -20.96
N ARG G 196 7.53 13.47 -20.22
CA ARG G 196 8.57 12.56 -19.74
C ARG G 196 9.32 11.92 -20.90
N GLN G 197 8.60 11.55 -21.96
CA GLN G 197 9.29 11.00 -23.13
C GLN G 197 10.12 12.05 -23.84
N ILE G 198 9.64 13.30 -23.90
CA ILE G 198 10.40 14.36 -24.54
C ILE G 198 11.70 14.61 -23.79
N ALA G 199 11.66 14.60 -22.46
CA ALA G 199 12.87 14.78 -21.69
C ALA G 199 13.85 13.65 -21.90
N ALA G 200 13.35 12.44 -22.21
CA ALA G 200 14.22 11.30 -22.47
C ALA G 200 14.89 11.36 -23.83
N GLY G 201 14.52 12.31 -24.68
CA GLY G 201 15.10 12.43 -26.00
C GLY G 201 14.47 11.55 -27.06
N THR G 202 13.40 10.84 -26.73
CA THR G 202 12.79 9.92 -27.68
C THR G 202 11.78 10.59 -28.58
N VAL G 203 10.95 11.48 -28.04
CA VAL G 203 9.92 12.17 -28.79
C VAL G 203 10.38 13.60 -29.05
N LYS G 204 10.22 14.07 -30.29
CA LYS G 204 10.49 15.45 -30.64
C LYS G 204 9.16 16.15 -30.90
N MET G 205 8.88 17.19 -30.14
CA MET G 205 7.62 17.93 -30.24
C MET G 205 7.81 19.17 -31.08
N PHE G 206 6.85 19.43 -31.97
CA PHE G 206 6.90 20.57 -32.88
C PHE G 206 5.58 21.33 -32.77
N PRO G 207 5.43 22.17 -31.75
CA PRO G 207 4.21 22.96 -31.61
C PRO G 207 4.22 24.15 -32.58
N ARG G 208 3.04 24.72 -32.76
CA ARG G 208 2.83 25.89 -33.61
C ARG G 208 3.23 25.64 -35.05
N THR G 209 3.07 24.41 -35.52
CA THR G 209 3.19 24.11 -36.94
C THR G 209 2.10 23.12 -37.32
N GLU G 210 1.48 23.35 -38.47
CA GLU G 210 0.34 22.55 -38.91
C GLU G 210 0.69 21.79 -40.16
N MET G 211 0.32 20.51 -40.19
CA MET G 211 0.50 19.70 -41.39
C MET G 211 -0.34 20.28 -42.52
N LEU G 212 0.29 20.50 -43.67
CA LEU G 212 -0.42 21.02 -44.82
C LEU G 212 -0.55 20.03 -45.95
N ASP G 213 0.28 18.97 -45.98
CA ASP G 213 0.12 17.99 -47.03
C ASP G 213 0.74 16.66 -46.59
N LEU G 214 0.33 15.60 -47.27
CA LEU G 214 0.84 14.24 -47.02
C LEU G 214 1.57 13.75 -48.27
N VAL G 215 2.76 13.18 -48.06
CA VAL G 215 3.60 12.69 -49.14
C VAL G 215 3.59 11.17 -49.11
N VAL G 216 3.16 10.57 -50.22
CA VAL G 216 3.09 9.12 -50.38
C VAL G 216 4.18 8.72 -51.37
N VAL G 217 5.04 7.80 -50.94
CA VAL G 217 6.14 7.30 -51.76
C VAL G 217 5.97 5.80 -51.94
N ASP G 218 5.95 5.35 -53.20
CA ASP G 218 5.80 3.94 -53.54
C ASP G 218 4.50 3.36 -52.96
N GLY G 219 3.45 4.17 -52.91
CA GLY G 219 2.17 3.73 -52.42
C GLY G 219 2.02 3.71 -50.91
N ARG G 220 3.00 4.21 -50.17
CA ARG G 220 2.93 4.29 -48.72
C ARG G 220 3.05 5.74 -48.28
N ALA G 221 2.32 6.10 -47.23
CA ALA G 221 2.42 7.44 -46.66
C ALA G 221 3.79 7.57 -45.99
N ARG G 222 4.72 8.24 -46.66
CA ARG G 222 6.09 8.30 -46.19
C ARG G 222 6.51 9.65 -45.62
N GLY G 223 5.65 10.64 -45.60
CA GLY G 223 6.06 11.89 -44.97
C GLY G 223 4.96 12.92 -44.99
N ILE G 224 5.29 14.09 -44.42
CA ILE G 224 4.37 15.21 -44.38
C ILE G 224 5.10 16.51 -44.74
N ILE G 225 4.31 17.48 -45.16
CA ILE G 225 4.77 18.84 -45.45
C ILE G 225 4.04 19.77 -44.51
N THR G 226 4.78 20.52 -43.71
CA THR G 226 4.24 21.38 -42.67
C THR G 226 4.64 22.82 -42.91
N ARG G 227 3.87 23.73 -42.32
CA ARG G 227 4.18 25.15 -42.31
C ARG G 227 4.28 25.62 -40.86
N ASP G 228 5.40 26.26 -40.52
CA ASP G 228 5.56 26.84 -39.20
C ASP G 228 4.80 28.16 -39.12
N MET G 229 3.92 28.28 -38.14
CA MET G 229 3.00 29.42 -38.11
C MET G 229 3.70 30.70 -37.69
N VAL G 230 4.78 30.60 -36.92
CA VAL G 230 5.45 31.82 -36.45
C VAL G 230 6.30 32.43 -37.56
N THR G 231 7.22 31.64 -38.12
CA THR G 231 8.15 32.15 -39.11
C THR G 231 7.71 31.94 -40.55
N GLY G 232 6.65 31.18 -40.78
CA GLY G 232 6.22 30.89 -42.13
C GLY G 232 7.04 29.87 -42.87
N LYS G 233 7.93 29.16 -42.18
CA LYS G 233 8.81 28.20 -42.83
C LYS G 233 8.03 26.98 -43.29
N ILE G 234 8.37 26.48 -44.47
CA ILE G 234 7.79 25.25 -45.01
C ILE G 234 8.84 24.16 -44.87
N THR G 235 8.48 23.09 -44.17
CA THR G 235 9.43 22.03 -43.84
C THR G 235 8.89 20.68 -44.29
N ARG G 236 9.81 19.79 -44.65
CA ARG G 236 9.50 18.47 -45.15
C ARG G 236 10.01 17.43 -44.15
N TYR G 237 9.13 16.55 -43.70
CA TYR G 237 9.51 15.48 -42.79
C TYR G 237 9.21 14.13 -43.42
N ALA G 238 10.10 13.17 -43.19
CA ALA G 238 9.98 11.82 -43.74
C ALA G 238 10.00 10.81 -42.61
N ALA G 239 9.18 9.77 -42.73
CA ALA G 239 9.07 8.75 -41.70
C ALA G 239 8.53 7.47 -42.32
N ASP G 240 8.65 6.38 -41.58
CA ASP G 240 8.15 5.10 -42.06
C ASP G 240 6.62 5.03 -41.98
N ALA G 241 6.05 5.51 -40.88
CA ALA G 241 4.61 5.45 -40.66
C ALA G 241 4.12 6.81 -40.19
N VAL G 242 2.89 7.14 -40.59
CA VAL G 242 2.26 8.41 -40.26
C VAL G 242 0.95 8.12 -39.54
N VAL G 243 0.73 8.78 -38.41
CA VAL G 243 -0.48 8.63 -37.61
C VAL G 243 -1.19 9.97 -37.59
N LEU G 244 -2.48 9.95 -37.88
CA LEU G 244 -3.31 11.16 -37.91
C LEU G 244 -4.25 11.14 -36.72
N ALA G 245 -4.16 12.15 -35.87
CA ALA G 245 -5.00 12.27 -34.69
C ALA G 245 -5.51 13.70 -34.57
N THR G 246 -6.03 14.23 -35.67
CA THR G 246 -6.33 15.66 -35.80
C THR G 246 -7.76 16.02 -35.41
N GLY G 247 -8.49 15.11 -34.78
CA GLY G 247 -9.77 15.46 -34.23
C GLY G 247 -10.87 15.59 -35.26
N GLY G 248 -12.05 15.97 -34.78
CA GLY G 248 -13.23 15.99 -35.61
C GLY G 248 -13.32 17.21 -36.50
N TYR G 249 -14.26 17.14 -37.44
CA TYR G 249 -14.49 18.19 -38.42
C TYR G 249 -15.84 18.85 -38.22
N GLY G 250 -16.39 18.78 -37.01
CA GLY G 250 -17.68 19.38 -36.73
C GLY G 250 -17.71 20.89 -36.90
N ASN G 251 -16.56 21.51 -37.13
CA ASN G 251 -16.46 22.94 -37.34
C ASN G 251 -16.78 23.36 -38.76
N VAL G 252 -17.17 22.41 -39.62
CA VAL G 252 -17.56 22.78 -40.99
C VAL G 252 -18.77 23.68 -40.96
N PHE G 253 -19.74 23.38 -40.09
CA PHE G 253 -20.73 24.37 -39.73
C PHE G 253 -20.04 25.50 -38.98
N TYR G 254 -20.42 26.75 -39.29
CA TYR G 254 -19.78 27.89 -38.65
C TYR G 254 -19.99 27.86 -37.14
N LEU G 255 -21.21 27.60 -36.71
CA LEU G 255 -21.55 27.59 -35.28
C LEU G 255 -21.42 26.17 -34.76
N SER G 256 -20.54 25.98 -33.78
CA SER G 256 -20.33 24.67 -33.21
C SER G 256 -19.75 24.84 -31.81
N THR G 257 -19.77 23.77 -31.05
CA THR G 257 -19.16 23.75 -29.73
C THR G 257 -17.68 23.42 -29.77
N ASN G 258 -17.10 23.31 -30.97
CA ASN G 258 -15.70 23.00 -31.11
C ASN G 258 -14.83 24.24 -30.89
N ALA G 259 -13.55 24.01 -30.67
CA ALA G 259 -12.58 25.08 -30.50
C ALA G 259 -12.43 25.86 -31.79
N LYS G 260 -11.89 27.08 -31.67
CA LYS G 260 -11.85 27.97 -32.82
C LYS G 260 -10.88 27.47 -33.89
N GLY G 261 -9.90 26.66 -33.52
CA GLY G 261 -8.89 26.24 -34.46
C GLY G 261 -9.09 24.87 -35.08
N CYS G 262 -10.08 24.12 -34.58
CA CYS G 262 -10.31 22.78 -35.08
C CYS G 262 -10.73 22.82 -36.54
N ASN G 263 -10.22 21.87 -37.33
CA ASN G 263 -10.43 21.90 -38.77
C ASN G 263 -10.35 20.48 -39.32
N ALA G 264 -10.41 20.38 -40.65
CA ALA G 264 -10.36 19.11 -41.36
C ALA G 264 -9.33 19.15 -42.49
N THR G 265 -8.27 19.94 -42.31
CA THR G 265 -7.26 20.03 -43.36
C THR G 265 -6.51 18.72 -43.52
N ALA G 266 -6.05 18.14 -42.41
CA ALA G 266 -5.20 16.96 -42.49
C ALA G 266 -5.94 15.79 -43.12
N ILE G 267 -7.14 15.49 -42.62
CA ILE G 267 -7.88 14.35 -43.14
C ILE G 267 -8.31 14.60 -44.58
N TRP G 268 -8.64 15.83 -44.95
CA TRP G 268 -9.02 16.10 -46.33
C TRP G 268 -7.85 15.93 -47.28
N ARG G 269 -6.66 16.39 -46.88
CA ARG G 269 -5.49 16.19 -47.73
C ARG G 269 -5.15 14.72 -47.86
N ALA G 270 -5.27 13.97 -46.76
CA ALA G 270 -5.05 12.53 -46.84
C ALA G 270 -6.06 11.85 -47.74
N HIS G 271 -7.33 12.27 -47.66
CA HIS G 271 -8.37 11.70 -48.49
C HIS G 271 -8.12 12.01 -49.97
N ARG G 272 -7.71 13.25 -50.27
CA ARG G 272 -7.31 13.59 -51.61
C ARG G 272 -6.12 12.77 -52.08
N ARG G 273 -5.23 12.39 -51.16
CA ARG G 273 -4.08 11.58 -51.51
C ARG G 273 -4.44 10.12 -51.75
N GLY G 274 -5.62 9.68 -51.34
CA GLY G 274 -6.01 8.30 -51.60
C GLY G 274 -6.81 7.63 -50.49
N ALA G 275 -6.88 8.25 -49.32
CA ALA G 275 -7.65 7.68 -48.23
C ALA G 275 -9.15 7.75 -48.53
N PHE G 276 -9.91 6.86 -47.91
CA PHE G 276 -11.34 6.74 -48.15
C PHE G 276 -12.09 7.35 -46.97
N PHE G 277 -13.07 8.19 -47.27
CA PHE G 277 -13.84 8.87 -46.24
C PHE G 277 -15.04 8.01 -45.88
N GLY G 278 -15.14 7.65 -44.60
CA GLY G 278 -16.18 6.75 -44.16
C GLY G 278 -17.35 7.44 -43.48
N ASN G 279 -18.50 7.47 -44.15
CA ASN G 279 -19.72 8.09 -43.66
C ASN G 279 -19.47 9.52 -43.20
N PRO G 280 -19.10 10.43 -44.11
CA PRO G 280 -18.84 11.82 -43.67
C PRO G 280 -20.07 12.54 -43.14
N CYS G 281 -21.28 12.04 -43.42
CA CYS G 281 -22.49 12.76 -43.01
C CYS G 281 -22.90 12.48 -41.58
N PHE G 282 -22.23 11.57 -40.88
CA PHE G 282 -22.63 11.20 -39.52
C PHE G 282 -22.14 12.26 -38.55
N THR G 283 -23.06 13.11 -38.08
CA THR G 283 -22.74 14.16 -37.13
C THR G 283 -23.66 14.04 -35.92
N GLN G 284 -23.17 14.53 -34.79
CA GLN G 284 -23.92 14.56 -33.54
C GLN G 284 -23.97 15.98 -33.01
N ILE G 285 -25.12 16.33 -32.44
CA ILE G 285 -25.37 17.67 -31.96
C ILE G 285 -25.58 17.63 -30.44
N HIS G 286 -25.51 18.80 -29.83
CA HIS G 286 -25.77 18.95 -28.41
C HIS G 286 -27.02 19.80 -28.22
N PRO G 287 -27.94 19.38 -27.36
CA PRO G 287 -29.23 20.10 -27.28
C PRO G 287 -29.13 21.45 -26.61
N THR G 288 -28.39 21.55 -25.51
CA THR G 288 -28.35 22.75 -24.69
C THR G 288 -27.00 23.43 -24.84
N CYS G 289 -26.99 24.57 -25.51
CA CYS G 289 -25.80 25.41 -25.63
C CYS G 289 -26.22 26.86 -25.51
N ILE G 290 -25.29 27.70 -25.04
CA ILE G 290 -25.57 29.12 -24.87
C ILE G 290 -25.73 29.76 -26.24
N PRO G 291 -26.83 30.47 -26.50
CA PRO G 291 -27.00 31.10 -27.81
C PRO G 291 -25.99 32.22 -28.02
N VAL G 292 -25.71 32.51 -29.29
CA VAL G 292 -24.77 33.58 -29.61
C VAL G 292 -25.40 34.94 -29.35
N SER G 293 -24.55 35.93 -29.12
CA SER G 293 -24.98 37.29 -28.85
C SER G 293 -24.93 38.18 -30.09
N GLY G 294 -24.60 37.63 -31.24
CA GLY G 294 -24.52 38.43 -32.46
C GLY G 294 -23.82 37.65 -33.55
N GLU G 295 -23.75 38.28 -34.72
CA GLU G 295 -23.17 37.63 -35.88
C GLU G 295 -21.67 37.41 -35.75
N TYR G 296 -21.01 38.13 -34.85
CA TYR G 296 -19.56 37.99 -34.70
C TYR G 296 -19.20 36.67 -34.02
N GLN G 297 -20.05 36.18 -33.13
CA GLN G 297 -19.71 34.98 -32.37
C GLN G 297 -19.77 33.73 -33.25
N SER G 298 -18.87 32.79 -32.98
CA SER G 298 -18.83 31.52 -33.68
C SER G 298 -18.97 30.31 -32.78
N LYS G 299 -18.58 30.40 -31.51
CA LYS G 299 -18.58 29.26 -30.61
C LYS G 299 -19.70 29.37 -29.59
N LEU G 300 -20.41 28.26 -29.40
CA LEU G 300 -21.46 28.15 -28.40
C LEU G 300 -20.95 27.27 -27.28
N THR G 301 -21.11 27.73 -26.03
CA THR G 301 -20.57 27.01 -24.90
C THR G 301 -21.52 25.89 -24.48
N LEU G 302 -20.98 24.67 -24.43
CA LEU G 302 -21.75 23.51 -24.02
C LEU G 302 -21.98 23.55 -22.51
N MET G 303 -23.25 23.42 -22.09
CA MET G 303 -23.56 23.44 -20.65
C MET G 303 -23.60 22.03 -20.08
N SER G 304 -24.59 21.25 -20.50
CA SER G 304 -24.88 19.95 -19.92
C SER G 304 -26.09 19.34 -20.60
N GLU G 305 -26.41 18.09 -20.24
CA GLU G 305 -27.61 17.44 -20.73
C GLU G 305 -28.65 17.24 -19.64
N SER G 306 -28.27 17.40 -18.37
CA SER G 306 -29.18 17.18 -17.25
C SER G 306 -30.13 18.33 -17.01
N LEU G 307 -29.95 19.47 -17.69
CA LEU G 307 -30.86 20.60 -17.48
C LEU G 307 -32.25 20.32 -18.01
N ARG G 308 -32.36 19.48 -19.05
CA ARG G 308 -33.68 19.14 -19.57
C ARG G 308 -34.49 18.33 -18.59
N ASN G 309 -33.86 17.77 -17.55
CA ASN G 309 -34.59 17.00 -16.56
C ASN G 309 -35.45 17.90 -15.69
N ASP G 310 -34.93 19.06 -15.29
CA ASP G 310 -35.58 19.92 -14.31
C ASP G 310 -35.97 21.27 -14.89
N GLY G 311 -36.25 21.31 -16.20
CA GLY G 311 -36.64 22.56 -16.83
C GLY G 311 -37.74 22.32 -17.85
N ARG G 312 -38.40 23.41 -18.22
CA ARG G 312 -39.47 23.37 -19.20
C ARG G 312 -39.12 24.24 -20.39
N ILE G 313 -39.23 23.68 -21.58
CA ILE G 313 -38.90 24.39 -22.81
C ILE G 313 -40.14 25.11 -23.31
N TRP G 314 -40.00 26.40 -23.60
CA TRP G 314 -41.15 27.17 -24.07
C TRP G 314 -40.71 28.39 -24.85
N VAL G 315 -41.71 29.06 -25.42
CA VAL G 315 -41.54 30.28 -26.19
C VAL G 315 -42.80 31.13 -26.06
N PRO G 316 -42.66 32.45 -26.09
CA PRO G 316 -43.86 33.30 -26.04
C PRO G 316 -44.78 33.03 -27.22
N LYS G 317 -46.08 33.02 -26.95
CA LYS G 317 -47.06 32.76 -27.99
C LYS G 317 -47.08 33.86 -29.03
N LYS G 318 -46.99 35.11 -28.60
CA LYS G 318 -46.90 36.22 -29.54
C LYS G 318 -45.57 36.17 -30.29
N LYS G 319 -45.63 36.44 -31.59
CA LYS G 319 -44.40 36.44 -32.39
C LYS G 319 -43.44 37.52 -31.90
N GLY G 320 -43.93 38.74 -31.73
CA GLY G 320 -43.13 39.83 -31.19
C GLY G 320 -43.62 40.26 -29.84
N ASP G 321 -42.88 39.94 -28.78
CA ASP G 321 -43.25 40.26 -27.42
C ASP G 321 -42.12 41.01 -26.75
N THR G 322 -42.48 42.00 -25.93
CA THR G 322 -41.50 42.86 -25.28
C THR G 322 -41.47 42.70 -23.77
N ARG G 323 -42.45 42.03 -23.17
CA ARG G 323 -42.45 41.85 -21.73
C ARG G 323 -41.34 40.90 -21.31
N ARG G 324 -40.88 41.06 -20.08
CA ARG G 324 -39.83 40.19 -19.56
C ARG G 324 -40.37 38.78 -19.43
N PRO G 325 -39.54 37.75 -19.66
CA PRO G 325 -40.06 36.37 -19.66
C PRO G 325 -40.72 35.97 -18.36
N GLN G 326 -40.19 36.40 -17.22
CA GLN G 326 -40.78 36.01 -15.95
C GLN G 326 -42.08 36.74 -15.64
N ASP G 327 -42.41 37.78 -16.40
CA ASP G 327 -43.68 38.48 -16.24
C ASP G 327 -44.77 37.97 -17.16
N ILE G 328 -44.49 36.95 -17.97
CA ILE G 328 -45.47 36.38 -18.89
C ILE G 328 -46.34 35.39 -18.13
N PRO G 329 -47.65 35.58 -18.11
CA PRO G 329 -48.53 34.62 -17.42
C PRO G 329 -48.58 33.29 -18.16
N GLU G 330 -49.08 32.28 -17.45
CA GLU G 330 -49.05 30.91 -17.95
C GLU G 330 -49.93 30.72 -19.18
N SER G 331 -50.98 31.53 -19.33
CA SER G 331 -51.91 31.32 -20.43
C SER G 331 -51.30 31.64 -21.78
N GLU G 332 -50.36 32.60 -21.84
CA GLU G 332 -49.76 33.02 -23.08
C GLU G 332 -48.41 32.36 -23.35
N ARG G 333 -48.04 31.34 -22.57
CA ARG G 333 -46.80 30.62 -22.79
C ARG G 333 -47.06 29.40 -23.67
N ASP G 334 -46.34 29.33 -24.79
CA ASP G 334 -46.47 28.21 -25.72
C ASP G 334 -45.55 27.10 -25.23
N TYR G 335 -46.12 26.11 -24.55
CA TYR G 335 -45.37 24.98 -24.02
C TYR G 335 -45.23 23.88 -25.08
N TYR G 336 -44.54 24.23 -26.16
CA TYR G 336 -44.21 23.20 -27.14
C TYR G 336 -43.22 22.21 -26.55
N LEU G 337 -43.17 21.03 -27.15
CA LEU G 337 -42.54 19.83 -26.63
C LEU G 337 -43.32 19.25 -25.44
N GLU G 338 -44.37 19.92 -24.99
CA GLU G 338 -45.36 19.36 -24.08
C GLU G 338 -46.74 19.31 -24.70
N GLU G 339 -47.14 20.37 -25.39
CA GLU G 339 -48.38 20.33 -26.17
C GLU G 339 -48.29 19.29 -27.27
N ARG G 340 -47.15 19.23 -27.95
CA ARG G 340 -46.83 18.14 -28.86
C ARG G 340 -45.94 17.14 -28.15
N TYR G 341 -45.92 15.92 -28.66
CA TYR G 341 -45.26 14.79 -28.02
C TYR G 341 -45.69 14.68 -26.56
N PRO G 342 -46.98 14.45 -26.28
CA PRO G 342 -47.40 14.32 -24.87
C PRO G 342 -46.79 13.12 -24.17
N SER G 343 -46.32 12.13 -24.90
CA SER G 343 -45.67 10.96 -24.30
C SER G 343 -44.24 11.32 -23.93
N PHE G 344 -43.43 10.30 -23.61
CA PHE G 344 -42.03 10.40 -23.22
C PHE G 344 -41.83 11.12 -21.90
N GLY G 345 -42.88 11.63 -21.27
CA GLY G 345 -42.74 12.38 -20.04
C GLY G 345 -41.90 13.64 -20.20
N ASN G 346 -42.00 14.30 -21.35
CA ASN G 346 -41.30 15.52 -21.71
C ASN G 346 -39.79 15.32 -21.85
N LEU G 347 -39.29 14.12 -21.62
CA LEU G 347 -37.88 13.80 -21.86
C LEU G 347 -37.71 13.16 -23.23
N VAL G 348 -38.17 13.89 -24.24
CA VAL G 348 -38.09 13.43 -25.62
C VAL G 348 -36.63 13.35 -26.03
N PRO G 349 -36.27 12.48 -26.97
CA PRO G 349 -34.86 12.40 -27.39
C PRO G 349 -34.35 13.73 -27.92
N ARG G 350 -33.06 13.96 -27.69
CA ARG G 350 -32.45 15.24 -28.03
C ARG G 350 -32.60 15.59 -29.51
N ASP G 351 -32.67 14.58 -30.37
CA ASP G 351 -32.87 14.85 -31.80
C ASP G 351 -34.20 15.56 -32.03
N ILE G 352 -35.29 15.00 -31.50
CA ILE G 352 -36.61 15.57 -31.74
C ILE G 352 -36.74 16.94 -31.09
N ALA G 353 -36.26 17.06 -29.85
CA ALA G 353 -36.34 18.34 -29.15
C ALA G 353 -35.56 19.42 -29.90
N SER G 354 -34.35 19.08 -30.35
CA SER G 354 -33.54 20.06 -31.05
C SER G 354 -34.14 20.44 -32.40
N ARG G 355 -34.71 19.47 -33.12
CA ARG G 355 -35.36 19.79 -34.38
C ARG G 355 -36.57 20.70 -34.15
N ALA G 356 -37.35 20.43 -33.11
CA ALA G 356 -38.47 21.30 -32.80
C ALA G 356 -38.00 22.70 -32.44
N ALA G 357 -36.93 22.80 -31.65
CA ALA G 357 -36.40 24.12 -31.27
C ALA G 357 -35.92 24.89 -32.50
N LYS G 358 -35.21 24.21 -33.40
CA LYS G 358 -34.73 24.89 -34.60
C LYS G 358 -35.89 25.35 -35.49
N GLN G 359 -36.92 24.51 -35.62
CA GLN G 359 -38.09 24.91 -36.41
C GLN G 359 -38.78 26.12 -35.79
N VAL G 360 -38.93 26.12 -34.46
CA VAL G 360 -39.56 27.23 -33.79
C VAL G 360 -38.76 28.51 -33.99
N CYS G 361 -37.44 28.42 -33.86
CA CYS G 361 -36.60 29.60 -34.06
C CYS G 361 -36.65 30.08 -35.51
N ASP G 362 -36.75 29.16 -36.46
CA ASP G 362 -36.83 29.56 -37.87
C ASP G 362 -38.17 30.21 -38.18
N GLU G 363 -39.24 29.79 -37.51
CA GLU G 363 -40.54 30.42 -37.73
C GLU G 363 -40.55 31.89 -37.33
N GLY G 364 -39.61 32.31 -36.47
CA GLY G 364 -39.55 33.69 -36.04
C GLY G 364 -40.05 33.89 -34.64
N ARG G 365 -39.15 34.02 -33.68
CA ARG G 365 -39.56 34.22 -32.29
C ARG G 365 -38.90 35.42 -31.63
N GLY G 366 -37.63 35.70 -31.96
CA GLY G 366 -36.97 36.85 -31.39
C GLY G 366 -36.61 36.73 -29.93
N VAL G 367 -36.44 35.51 -29.42
CA VAL G 367 -36.16 35.31 -28.01
C VAL G 367 -34.78 35.87 -27.65
N GLY G 368 -33.77 35.50 -28.43
CA GLY G 368 -32.42 35.94 -28.17
C GLY G 368 -32.14 37.30 -28.78
N PRO G 369 -30.88 37.74 -28.71
CA PRO G 369 -30.52 39.01 -29.36
C PRO G 369 -30.76 39.00 -30.86
N GLY G 370 -30.48 37.88 -31.52
CA GLY G 370 -30.75 37.72 -32.94
C GLY G 370 -31.96 36.88 -33.26
N GLY G 371 -32.73 36.46 -32.27
CA GLY G 371 -33.86 35.59 -32.49
C GLY G 371 -33.56 34.11 -32.49
N LEU G 372 -32.38 33.71 -32.03
CA LEU G 372 -31.95 32.31 -32.07
C LEU G 372 -31.90 31.79 -30.64
N GLY G 373 -33.01 31.24 -30.16
CA GLY G 373 -33.04 30.66 -28.84
C GLY G 373 -34.43 30.33 -28.34
N VAL G 374 -34.54 29.42 -27.39
CA VAL G 374 -35.80 29.08 -26.76
C VAL G 374 -35.61 29.11 -25.25
N TYR G 375 -36.69 29.40 -24.53
CA TYR G 375 -36.60 29.55 -23.08
C TYR G 375 -36.60 28.18 -22.40
N LEU G 376 -35.68 28.02 -21.46
CA LEU G 376 -35.64 26.88 -20.54
C LEU G 376 -35.92 27.45 -19.17
N ASP G 377 -37.12 27.20 -18.66
CA ASP G 377 -37.55 27.76 -17.39
C ASP G 377 -37.30 26.77 -16.27
N PHE G 378 -36.77 27.29 -15.16
CA PHE G 378 -36.51 26.51 -13.95
C PHE G 378 -37.38 26.95 -12.79
N ALA G 379 -38.31 27.90 -13.02
CA ALA G 379 -39.07 28.47 -11.92
C ALA G 379 -39.94 27.43 -11.22
N ASP G 380 -40.58 26.56 -11.99
CA ASP G 380 -41.43 25.53 -11.38
C ASP G 380 -40.59 24.54 -10.57
N ALA G 381 -39.39 24.21 -11.05
CA ALA G 381 -38.50 23.36 -10.28
C ALA G 381 -38.07 24.05 -8.98
N ILE G 382 -37.82 25.36 -9.05
CA ILE G 382 -37.45 26.11 -7.85
C ILE G 382 -38.59 26.08 -6.84
N LYS G 383 -39.83 26.28 -7.31
CA LYS G 383 -40.97 26.30 -6.41
C LYS G 383 -41.24 24.92 -5.82
N ARG G 384 -41.08 23.86 -6.63
CA ARG G 384 -41.39 22.51 -6.17
C ARG G 384 -40.26 21.96 -5.30
N LEU G 385 -39.08 21.79 -5.88
CA LEU G 385 -37.94 21.28 -5.13
C LEU G 385 -37.33 22.38 -4.28
N GLY G 386 -36.59 21.97 -3.25
CA GLY G 386 -35.87 22.93 -2.44
C GLY G 386 -34.75 23.58 -3.24
N ARG G 387 -34.62 24.91 -3.05
CA ARG G 387 -33.55 25.63 -3.74
C ARG G 387 -32.17 25.16 -3.32
N GLN G 388 -32.03 24.60 -2.11
CA GLN G 388 -30.72 24.15 -1.65
C GLN G 388 -30.21 23.00 -2.50
N LYS G 389 -31.04 21.98 -2.75
CA LYS G 389 -30.59 20.85 -3.56
C LYS G 389 -30.43 21.24 -5.02
N ILE G 390 -31.28 22.12 -5.54
CA ILE G 390 -31.10 22.61 -6.90
C ILE G 390 -29.77 23.33 -7.03
N ALA G 391 -29.41 24.13 -6.02
CA ALA G 391 -28.10 24.74 -6.02
C ALA G 391 -26.99 23.70 -5.98
N GLU G 392 -27.13 22.71 -5.09
CA GLU G 392 -26.08 21.69 -4.98
C GLU G 392 -25.95 20.85 -6.24
N ARG G 393 -26.98 20.85 -7.09
CA ARG G 393 -26.92 20.10 -8.34
C ARG G 393 -26.48 20.94 -9.53
N TYR G 394 -26.75 22.25 -9.52
CA TYR G 394 -26.51 23.07 -10.71
C TYR G 394 -25.74 24.36 -10.40
N GLY G 395 -25.00 24.41 -9.29
CA GLY G 395 -24.40 25.68 -8.89
C GLY G 395 -23.33 26.16 -9.84
N ASN G 396 -22.39 25.28 -10.18
CA ASN G 396 -21.29 25.68 -11.05
C ASN G 396 -21.82 26.11 -12.41
N LEU G 397 -22.80 25.38 -12.93
CA LEU G 397 -23.31 25.67 -14.26
C LEU G 397 -24.16 26.92 -14.26
N PHE G 398 -24.94 27.16 -13.21
CA PHE G 398 -25.69 28.41 -13.09
C PHE G 398 -24.74 29.60 -12.98
N ASP G 399 -23.65 29.46 -12.21
CA ASP G 399 -22.68 30.54 -12.10
C ASP G 399 -22.02 30.81 -13.45
N MET G 400 -21.68 29.75 -14.19
CA MET G 400 -21.09 29.94 -15.52
C MET G 400 -22.06 30.63 -16.46
N TYR G 401 -23.34 30.24 -16.44
CA TYR G 401 -24.34 30.90 -17.27
C TYR G 401 -24.47 32.37 -16.88
N LYS G 402 -24.46 32.67 -15.59
CA LYS G 402 -24.51 34.04 -15.13
C LYS G 402 -23.30 34.83 -15.61
N GLN G 403 -22.13 34.21 -15.57
CA GLN G 403 -20.91 34.89 -16.00
C GLN G 403 -20.96 35.23 -17.48
N ILE G 404 -21.39 34.29 -18.31
CA ILE G 404 -21.42 34.54 -19.75
C ILE G 404 -22.65 35.34 -20.15
N THR G 405 -23.84 34.80 -19.90
CA THR G 405 -25.06 35.45 -20.38
C THR G 405 -25.30 36.78 -19.67
N GLY G 406 -25.11 36.81 -18.35
CA GLY G 406 -25.39 37.99 -17.57
C GLY G 406 -26.75 38.01 -16.91
N GLU G 407 -27.49 36.92 -16.97
CA GLU G 407 -28.82 36.83 -16.37
C GLU G 407 -28.84 35.67 -15.39
N ASP G 408 -29.44 35.88 -14.23
CA ASP G 408 -29.46 34.86 -13.19
C ASP G 408 -30.55 33.84 -13.49
N PRO G 409 -30.20 32.57 -13.69
CA PRO G 409 -31.24 31.55 -13.97
C PRO G 409 -32.12 31.24 -12.78
N TYR G 410 -31.71 31.58 -11.56
CA TYR G 410 -32.56 31.36 -10.39
C TYR G 410 -33.82 32.20 -10.43
N GLU G 411 -33.83 33.28 -11.19
CA GLU G 411 -34.93 34.23 -11.21
C GLU G 411 -35.57 34.39 -12.58
N THR G 412 -34.83 34.23 -13.66
CA THR G 412 -35.35 34.35 -15.02
C THR G 412 -35.07 33.07 -15.80
N PRO G 413 -35.89 32.75 -16.79
CA PRO G 413 -35.59 31.59 -17.64
C PRO G 413 -34.30 31.81 -18.41
N MET G 414 -33.60 30.71 -18.67
CA MET G 414 -32.40 30.78 -19.49
C MET G 414 -32.77 30.53 -20.95
N ARG G 415 -31.82 30.76 -21.83
CA ARG G 415 -32.04 30.55 -23.26
C ARG G 415 -31.07 29.48 -23.76
N ILE G 416 -31.57 28.59 -24.62
CA ILE G 416 -30.73 27.55 -25.21
C ILE G 416 -31.01 27.46 -26.70
N TYR G 417 -30.05 26.87 -27.41
CA TYR G 417 -30.12 26.66 -28.86
C TYR G 417 -29.15 25.56 -29.24
N PRO G 418 -29.57 24.58 -30.03
CA PRO G 418 -28.70 23.44 -30.34
C PRO G 418 -27.57 23.82 -31.28
N ALA G 419 -26.49 23.05 -31.22
CA ALA G 419 -25.36 23.24 -32.11
C ALA G 419 -24.64 21.91 -32.30
N VAL G 420 -23.95 21.79 -33.44
CA VAL G 420 -23.24 20.56 -33.76
C VAL G 420 -22.07 20.39 -32.80
N HIS G 421 -21.85 19.17 -32.37
CA HIS G 421 -20.92 18.91 -31.27
C HIS G 421 -19.84 17.90 -31.60
N TYR G 422 -20.15 16.90 -32.42
CA TYR G 422 -19.24 15.79 -32.65
C TYR G 422 -19.44 15.28 -34.06
N THR G 423 -18.43 14.60 -34.60
CA THR G 423 -18.53 13.96 -35.90
C THR G 423 -18.12 12.50 -35.76
N MET G 424 -19.08 11.60 -35.95
CA MET G 424 -18.77 10.18 -35.94
C MET G 424 -18.04 9.74 -37.19
N GLY G 425 -18.21 10.46 -38.30
CA GLY G 425 -17.57 10.10 -39.54
C GLY G 425 -16.11 10.48 -39.57
N GLY G 426 -15.45 10.08 -40.64
CA GLY G 426 -14.04 10.34 -40.80
C GLY G 426 -13.43 9.35 -41.78
N LEU G 427 -12.10 9.26 -41.72
CA LEU G 427 -11.38 8.34 -42.58
C LEU G 427 -11.67 6.90 -42.21
N TRP G 428 -11.93 6.07 -43.21
CA TRP G 428 -12.19 4.66 -42.97
C TRP G 428 -10.90 3.96 -42.57
N VAL G 429 -10.97 3.12 -41.55
CA VAL G 429 -9.84 2.33 -41.10
C VAL G 429 -10.31 0.89 -40.89
N ASP G 430 -9.38 -0.04 -41.04
CA ASP G 430 -9.68 -1.45 -40.82
C ASP G 430 -9.40 -1.81 -39.37
N TYR G 431 -9.36 -3.12 -39.07
CA TYR G 431 -9.17 -3.55 -37.69
C TYR G 431 -7.84 -3.11 -37.12
N ASN G 432 -6.84 -2.87 -37.95
CA ASN G 432 -5.53 -2.44 -37.49
C ASN G 432 -5.39 -0.93 -37.40
N LEU G 433 -6.50 -0.19 -37.47
CA LEU G 433 -6.50 1.27 -37.47
C LEU G 433 -5.66 1.82 -38.61
N GLN G 434 -5.59 1.11 -39.72
CA GLN G 434 -4.84 1.52 -40.89
C GLN G 434 -5.81 1.89 -41.99
N SER G 435 -5.59 3.05 -42.62
CA SER G 435 -6.51 3.56 -43.62
C SER G 435 -6.32 2.83 -44.94
N THR G 436 -6.94 3.34 -46.00
CA THR G 436 -6.76 2.76 -47.32
C THR G 436 -5.31 2.87 -47.78
N ILE G 437 -4.67 4.01 -47.52
CA ILE G 437 -3.26 4.17 -47.84
C ILE G 437 -2.44 3.33 -46.88
N PRO G 438 -1.61 2.41 -47.36
CA PRO G 438 -0.81 1.60 -46.43
C PRO G 438 0.14 2.46 -45.62
N GLY G 439 0.25 2.13 -44.34
CA GLY G 439 1.12 2.86 -43.44
C GLY G 439 0.53 4.10 -42.84
N LEU G 440 -0.66 4.50 -43.24
CA LEU G 440 -1.34 5.67 -42.69
C LEU G 440 -2.36 5.20 -41.66
N PHE G 441 -2.14 5.57 -40.41
CA PHE G 441 -3.00 5.16 -39.31
C PHE G 441 -3.78 6.36 -38.81
N VAL G 442 -5.09 6.20 -38.62
CA VAL G 442 -5.97 7.27 -38.20
C VAL G 442 -6.61 6.86 -36.88
N ILE G 443 -6.38 7.65 -35.84
CA ILE G 443 -6.94 7.36 -34.51
C ILE G 443 -7.62 8.61 -33.99
N GLY G 444 -8.43 8.42 -32.96
CA GLY G 444 -9.11 9.54 -32.31
C GLY G 444 -10.47 9.79 -32.93
N GLU G 445 -10.78 11.05 -33.18
CA GLU G 445 -12.02 11.46 -33.80
C GLU G 445 -11.92 11.58 -35.32
N ALA G 446 -10.74 11.35 -35.89
CA ALA G 446 -10.54 11.52 -37.32
C ALA G 446 -10.86 10.28 -38.13
N ASN G 447 -11.21 9.16 -37.48
CA ASN G 447 -11.57 7.94 -38.18
C ASN G 447 -13.03 7.60 -37.90
N PHE G 448 -13.58 6.70 -38.71
CA PHE G 448 -14.95 6.27 -38.47
C PHE G 448 -15.06 5.33 -37.28
N SER G 449 -14.15 4.36 -37.17
CA SER G 449 -13.97 3.52 -35.97
C SER G 449 -15.33 2.91 -35.58
N ASP G 450 -15.80 3.10 -34.35
CA ASP G 450 -16.80 2.20 -33.78
C ASP G 450 -17.92 2.91 -33.02
N HIS G 451 -18.30 4.13 -33.40
CA HIS G 451 -19.51 4.70 -32.83
C HIS G 451 -20.75 4.51 -33.70
N GLY G 452 -20.58 3.99 -34.91
CA GLY G 452 -21.72 3.82 -35.79
C GLY G 452 -22.41 5.14 -36.08
N ALA G 453 -23.74 5.16 -35.95
CA ALA G 453 -24.51 6.34 -36.29
C ALA G 453 -24.69 7.30 -35.12
N ASN G 454 -24.24 6.95 -33.92
CA ASN G 454 -24.41 7.81 -32.77
C ASN G 454 -23.52 7.30 -31.64
N ARG G 455 -22.77 8.21 -31.02
CA ARG G 455 -21.86 7.83 -29.95
C ARG G 455 -22.54 8.02 -28.59
N LEU G 456 -22.21 7.14 -27.66
CA LEU G 456 -22.70 7.24 -26.30
C LEU G 456 -21.88 8.27 -25.53
N GLY G 457 -22.41 8.71 -24.40
CA GLY G 457 -21.68 9.62 -23.55
C GLY G 457 -20.43 8.97 -22.99
N ALA G 458 -19.39 9.79 -22.84
CA ALA G 458 -18.11 9.36 -22.28
C ALA G 458 -17.47 8.24 -23.10
N SER G 459 -17.67 8.27 -24.42
CA SER G 459 -17.11 7.26 -25.30
C SER G 459 -15.99 7.77 -26.18
N ALA G 460 -15.99 9.05 -26.54
CA ALA G 460 -14.91 9.59 -27.37
C ALA G 460 -13.59 9.61 -26.61
N LEU G 461 -13.62 10.02 -25.33
CA LEU G 461 -12.42 9.95 -24.51
C LEU G 461 -11.94 8.51 -24.41
N MET G 462 -12.88 7.58 -24.20
CA MET G 462 -12.52 6.18 -24.04
C MET G 462 -11.87 5.62 -25.29
N GLN G 463 -12.44 5.89 -26.46
CA GLN G 463 -11.83 5.35 -27.68
C GLN G 463 -10.49 6.01 -27.96
N GLY G 464 -10.39 7.32 -27.72
CA GLY G 464 -9.12 7.99 -27.95
C GLY G 464 -8.01 7.40 -27.10
N LEU G 465 -8.27 7.21 -25.80
CA LEU G 465 -7.25 6.63 -24.94
C LEU G 465 -6.98 5.17 -25.30
N ALA G 466 -8.01 4.43 -25.69
CA ALA G 466 -7.81 3.04 -26.09
C ALA G 466 -6.91 2.95 -27.32
N ASP G 467 -7.19 3.78 -28.31
CA ASP G 467 -6.40 3.78 -29.54
C ASP G 467 -4.97 4.19 -29.25
N GLY G 468 -4.78 5.23 -28.43
CA GLY G 468 -3.42 5.67 -28.15
C GLY G 468 -2.61 4.68 -27.35
N TYR G 469 -3.22 4.08 -26.33
CA TYR G 469 -2.46 3.32 -25.33
C TYR G 469 -2.32 1.85 -25.68
N PHE G 470 -3.44 1.18 -25.99
CA PHE G 470 -3.47 -0.27 -25.99
C PHE G 470 -3.73 -0.90 -27.36
N ILE G 471 -3.96 -0.12 -28.40
CA ILE G 471 -4.29 -0.66 -29.72
C ILE G 471 -3.25 -0.29 -30.76
N LEU G 472 -2.97 1.00 -30.91
CA LEU G 472 -2.05 1.45 -31.96
C LEU G 472 -0.65 0.85 -31.85
N PRO G 473 -0.03 0.71 -30.67
CA PRO G 473 1.32 0.12 -30.65
C PRO G 473 1.40 -1.24 -31.33
N TYR G 474 0.46 -2.14 -31.04
CA TYR G 474 0.51 -3.48 -31.61
C TYR G 474 0.39 -3.44 -33.13
N THR G 475 -0.60 -2.71 -33.65
CA THR G 475 -0.83 -2.69 -35.08
C THR G 475 0.29 -1.99 -35.83
N ILE G 476 0.82 -0.90 -35.25
CA ILE G 476 1.93 -0.23 -35.92
C ILE G 476 3.18 -1.09 -35.91
N ALA G 477 3.42 -1.85 -34.84
CA ALA G 477 4.53 -2.79 -34.84
C ALA G 477 4.32 -3.88 -35.89
N ASN G 478 3.08 -4.35 -36.02
CA ASN G 478 2.77 -5.35 -37.03
C ASN G 478 3.06 -4.82 -38.42
N PHE G 479 2.69 -3.59 -38.70
CA PHE G 479 2.98 -3.02 -40.02
C PHE G 479 4.48 -2.83 -40.22
N LEU G 480 5.18 -2.35 -39.19
CA LEU G 480 6.58 -2.02 -39.35
C LEU G 480 7.46 -3.26 -39.47
N ALA G 481 7.06 -4.37 -38.85
CA ALA G 481 7.89 -5.57 -38.91
C ALA G 481 7.95 -6.18 -40.30
N GLN G 482 7.05 -5.79 -41.21
CA GLN G 482 7.01 -6.34 -42.55
C GLN G 482 7.71 -5.47 -43.59
N VAL G 483 8.33 -4.36 -43.17
CA VAL G 483 8.95 -3.43 -44.09
C VAL G 483 10.36 -3.13 -43.61
N LYS G 484 11.21 -2.73 -44.55
CA LYS G 484 12.59 -2.39 -44.26
C LYS G 484 12.68 -0.95 -43.75
N PRO G 485 13.36 -0.71 -42.64
CA PRO G 485 13.47 0.67 -42.13
C PRO G 485 14.27 1.56 -43.05
N GLY G 486 13.92 2.84 -43.05
CA GLY G 486 14.64 3.83 -43.82
C GLY G 486 14.46 3.65 -45.32
N GLY G 487 15.35 4.31 -46.07
CA GLY G 487 15.36 4.23 -47.51
C GLY G 487 14.70 5.39 -48.23
N VAL G 488 13.97 6.25 -47.52
CA VAL G 488 13.31 7.41 -48.11
C VAL G 488 13.82 8.66 -47.42
N SER G 489 14.34 9.60 -48.20
CA SER G 489 14.81 10.88 -47.72
C SER G 489 13.85 11.98 -48.15
N ILE G 490 14.20 13.22 -47.83
CA ILE G 490 13.34 14.35 -48.13
C ILE G 490 13.76 14.99 -49.46
N ASP G 491 14.58 14.27 -50.22
CA ASP G 491 15.04 14.75 -51.52
C ASP G 491 14.28 14.14 -52.68
N ARG G 492 13.27 13.31 -52.41
CA ARG G 492 12.54 12.64 -53.47
C ARG G 492 11.65 13.63 -54.23
N PRO G 493 11.36 13.34 -55.51
CA PRO G 493 10.50 14.26 -56.28
C PRO G 493 9.11 14.44 -55.70
N GLU G 494 8.57 13.43 -55.00
CA GLU G 494 7.24 13.57 -54.42
C GLU G 494 7.21 14.69 -53.39
N PHE G 495 8.24 14.77 -52.54
CA PHE G 495 8.32 15.86 -51.57
C PHE G 495 8.38 17.21 -52.26
N ALA G 496 9.17 17.32 -53.32
CA ALA G 496 9.28 18.58 -54.04
C ALA G 496 7.95 18.98 -54.67
N GLU G 497 7.23 18.02 -55.26
CA GLU G 497 5.95 18.33 -55.87
C GLU G 497 4.93 18.76 -54.83
N ALA G 498 4.86 18.06 -53.69
CA ALA G 498 3.94 18.46 -52.65
C ALA G 498 4.27 19.85 -52.10
N GLU G 499 5.56 20.12 -51.89
CA GLU G 499 5.97 21.42 -51.38
C GLU G 499 5.64 22.53 -52.38
N ALA G 500 5.85 22.27 -53.68
CA ALA G 500 5.52 23.27 -54.69
C ALA G 500 4.02 23.52 -54.74
N GLU G 501 3.21 22.46 -54.62
CA GLU G 501 1.76 22.66 -54.60
C GLU G 501 1.34 23.48 -53.40
N ILE G 502 1.92 23.21 -52.23
CA ILE G 502 1.58 23.99 -51.04
C ILE G 502 1.97 25.45 -51.22
N ASN G 503 3.17 25.70 -51.76
CA ASN G 503 3.62 27.07 -51.95
C ASN G 503 2.73 27.81 -52.93
N GLN G 504 2.36 27.15 -54.03
CA GLN G 504 1.46 27.78 -55.00
C GLN G 504 0.11 28.07 -54.38
N ARG G 505 -0.42 27.14 -53.58
CA ARG G 505 -1.70 27.37 -52.93
C ARG G 505 -1.63 28.58 -51.99
N ILE G 506 -0.57 28.68 -51.21
CA ILE G 506 -0.44 29.81 -50.28
C ILE G 506 -0.31 31.13 -51.04
N GLN G 507 0.51 31.14 -52.09
CA GLN G 507 0.67 32.37 -52.87
C GLN G 507 -0.63 32.79 -53.52
N ARG G 508 -1.38 31.82 -54.06
CA ARG G 508 -2.68 32.13 -54.64
C ARG G 508 -3.64 32.68 -53.59
N LEU G 509 -3.63 32.09 -52.39
CA LEU G 509 -4.49 32.60 -51.32
C LEU G 509 -4.14 34.04 -50.99
N LEU G 510 -2.84 34.35 -50.92
CA LEU G 510 -2.43 35.70 -50.53
C LEU G 510 -2.70 36.71 -51.64
N SER G 511 -2.68 36.28 -52.90
CA SER G 511 -2.74 37.20 -54.03
C SER G 511 -4.15 37.56 -54.47
N ILE G 512 -5.19 36.94 -53.92
CA ILE G 512 -6.54 37.21 -54.39
C ILE G 512 -6.97 38.61 -54.01
N ARG G 513 -6.77 38.99 -52.75
CA ARG G 513 -7.11 40.32 -52.19
C ARG G 513 -8.42 40.85 -52.74
N GLY G 514 -9.49 40.08 -52.50
CA GLY G 514 -10.82 40.51 -52.90
C GLY G 514 -11.45 41.46 -51.91
N LYS G 515 -12.75 41.29 -51.65
CA LYS G 515 -13.48 42.16 -50.74
C LYS G 515 -13.96 41.43 -49.49
N ARG G 516 -14.65 40.30 -49.65
CA ARG G 516 -15.18 39.58 -48.50
C ARG G 516 -14.04 39.01 -47.67
N THR G 517 -14.30 38.87 -46.37
CA THR G 517 -13.33 38.28 -45.46
C THR G 517 -13.51 36.77 -45.40
N VAL G 518 -12.54 36.10 -44.76
CA VAL G 518 -12.59 34.65 -44.63
C VAL G 518 -13.79 34.23 -43.80
N ASP G 519 -14.04 34.92 -42.69
CA ASP G 519 -15.12 34.53 -41.80
C ASP G 519 -16.49 34.74 -42.45
N SER G 520 -16.60 35.67 -43.39
CA SER G 520 -17.87 35.82 -44.11
C SER G 520 -18.18 34.57 -44.92
N PHE G 521 -17.20 34.05 -45.65
CA PHE G 521 -17.39 32.82 -46.41
C PHE G 521 -17.64 31.64 -45.48
N HIS G 522 -16.91 31.57 -44.38
CA HIS G 522 -17.13 30.48 -43.42
C HIS G 522 -18.55 30.54 -42.87
N ARG G 523 -19.03 31.74 -42.54
CA ARG G 523 -20.38 31.88 -42.00
C ARG G 523 -21.44 31.50 -43.03
N GLU G 524 -21.25 31.92 -44.28
CA GLU G 524 -22.19 31.57 -45.33
C GLU G 524 -22.26 30.05 -45.50
N LEU G 525 -21.10 29.41 -45.59
CA LEU G 525 -21.06 27.96 -45.72
C LEU G 525 -21.70 27.28 -44.53
N GLY G 526 -21.40 27.75 -43.32
CA GLY G 526 -21.94 27.12 -42.13
C GLY G 526 -23.45 27.26 -42.04
N LYS G 527 -23.99 28.43 -42.36
CA LYS G 527 -25.43 28.61 -42.34
C LYS G 527 -26.11 27.74 -43.39
N LEU G 528 -25.55 27.66 -44.60
CA LEU G 528 -26.14 26.80 -45.60
C LEU G 528 -26.12 25.34 -45.17
N MET G 529 -24.99 24.89 -44.63
CA MET G 529 -24.86 23.50 -44.20
C MET G 529 -25.75 23.19 -43.01
N TRP G 530 -26.00 24.17 -42.14
CA TRP G 530 -26.85 23.96 -40.99
C TRP G 530 -28.32 23.95 -41.36
N ASP G 531 -28.71 24.76 -42.34
CA ASP G 531 -30.11 24.80 -42.75
C ASP G 531 -30.46 23.73 -43.78
N LYS G 532 -29.47 23.13 -44.43
CA LYS G 532 -29.75 22.15 -45.48
C LYS G 532 -29.31 20.74 -45.11
N CYS G 533 -28.14 20.59 -44.50
CA CYS G 533 -27.62 19.30 -44.06
C CYS G 533 -27.52 19.25 -42.54
N GLY G 534 -28.44 19.90 -41.84
CA GLY G 534 -28.42 19.92 -40.40
C GLY G 534 -28.99 18.67 -39.79
N MET G 535 -29.82 18.82 -38.77
CA MET G 535 -30.45 17.66 -38.14
C MET G 535 -31.73 17.22 -38.84
N ALA G 536 -32.22 17.99 -39.80
CA ALA G 536 -33.40 17.64 -40.59
C ALA G 536 -33.05 17.80 -42.06
N ARG G 537 -32.90 16.68 -42.76
CA ARG G 537 -32.45 16.68 -44.15
C ARG G 537 -33.49 16.03 -45.04
N ASN G 538 -33.68 16.61 -46.22
CA ASN G 538 -34.55 16.03 -47.24
C ASN G 538 -33.83 16.08 -48.58
N ALA G 539 -34.36 15.30 -49.54
CA ALA G 539 -33.68 15.19 -50.83
C ALA G 539 -33.64 16.53 -51.55
N ALA G 540 -34.74 17.28 -51.54
CA ALA G 540 -34.77 18.57 -52.23
C ALA G 540 -33.76 19.54 -51.62
N GLY G 541 -33.72 19.61 -50.28
CA GLY G 541 -32.78 20.51 -49.64
C GLY G 541 -31.34 20.13 -49.88
N LEU G 542 -31.04 18.83 -49.80
CA LEU G 542 -29.67 18.38 -50.05
C LEU G 542 -29.26 18.65 -51.49
N ARG G 543 -30.17 18.44 -52.43
CA ARG G 543 -29.86 18.72 -53.83
C ARG G 543 -29.62 20.22 -54.05
N GLU G 544 -30.42 21.06 -53.39
CA GLU G 544 -30.20 22.50 -53.48
C GLU G 544 -28.85 22.88 -52.89
N ALA G 545 -28.48 22.30 -51.76
CA ALA G 545 -27.19 22.61 -51.16
C ALA G 545 -26.04 22.15 -52.04
N LEU G 546 -26.18 20.98 -52.65
CA LEU G 546 -25.14 20.48 -53.55
C LEU G 546 -25.01 21.38 -54.77
N GLN G 547 -26.13 21.92 -55.25
CA GLN G 547 -26.07 22.90 -56.32
C GLN G 547 -25.35 24.17 -55.87
N ARG G 548 -25.64 24.62 -54.65
CA ARG G 548 -25.16 25.92 -54.19
C ARG G 548 -23.68 25.92 -53.81
N ILE G 549 -23.16 24.79 -53.30
CA ILE G 549 -21.79 24.79 -52.77
C ILE G 549 -20.76 25.27 -53.77
N PRO G 550 -20.74 24.80 -55.03
CA PRO G 550 -19.69 25.27 -55.96
C PRO G 550 -19.69 26.76 -56.20
N GLU G 551 -20.86 27.41 -56.21
CA GLU G 551 -20.87 28.87 -56.37
C GLU G 551 -20.15 29.54 -55.21
N ILE G 552 -20.40 29.08 -53.98
CA ILE G 552 -19.69 29.63 -52.83
C ILE G 552 -18.19 29.38 -52.95
N ARG G 553 -17.81 28.19 -53.39
CA ARG G 553 -16.38 27.90 -53.52
C ARG G 553 -15.71 28.81 -54.55
N ALA G 554 -16.36 29.01 -55.69
CA ALA G 554 -15.81 29.91 -56.71
C ALA G 554 -15.74 31.34 -56.20
N GLU G 555 -16.79 31.79 -55.50
CA GLU G 555 -16.77 33.15 -54.96
C GLU G 555 -15.65 33.32 -53.95
N PHE G 556 -15.43 32.31 -53.10
CA PHE G 556 -14.32 32.36 -52.16
C PHE G 556 -12.99 32.43 -52.87
N TRP G 557 -12.78 31.56 -53.87
CA TRP G 557 -11.51 31.55 -54.57
C TRP G 557 -11.33 32.75 -55.49
N GLU G 558 -12.36 33.55 -55.69
CA GLU G 558 -12.25 34.74 -56.53
C GLU G 558 -12.34 36.05 -55.77
N ASN G 559 -13.00 36.07 -54.61
CA ASN G 559 -13.33 37.33 -53.92
C ASN G 559 -13.05 37.23 -52.44
N VAL G 560 -11.89 36.73 -52.05
CA VAL G 560 -11.51 36.64 -50.64
C VAL G 560 -10.40 37.63 -50.36
N ASN G 561 -10.32 38.08 -49.10
CA ASN G 561 -9.32 39.03 -48.66
C ASN G 561 -8.50 38.40 -47.54
N VAL G 562 -7.23 38.13 -47.82
CA VAL G 562 -6.33 37.56 -46.82
C VAL G 562 -5.11 38.48 -46.70
N PRO G 563 -5.18 39.52 -45.85
CA PRO G 563 -4.05 40.44 -45.74
C PRO G 563 -2.87 39.81 -45.01
N GLY G 564 -1.69 40.30 -45.34
CA GLY G 564 -0.48 39.86 -44.66
C GLY G 564 0.57 39.27 -45.58
N GLU G 565 1.56 38.61 -44.99
CA GLU G 565 2.64 38.00 -45.72
C GLU G 565 2.80 36.55 -45.30
N ALA G 566 3.31 35.73 -46.22
CA ALA G 566 3.46 34.30 -45.92
C ALA G 566 4.46 34.06 -44.80
N ASN G 567 5.56 34.82 -44.78
CA ASN G 567 6.63 34.60 -43.83
C ASN G 567 6.44 35.45 -42.57
N ASP G 568 5.32 35.21 -41.90
CA ASP G 568 4.97 35.94 -40.70
C ASP G 568 3.91 35.17 -39.94
N LEU G 569 3.54 35.67 -38.77
CA LEU G 569 2.45 35.11 -37.99
C LEU G 569 1.14 35.66 -38.54
N ASN G 570 0.62 35.00 -39.56
CA ASN G 570 -0.57 35.43 -40.27
C ASN G 570 -1.71 34.46 -39.96
N GLN G 571 -2.64 34.88 -39.10
CA GLN G 571 -3.75 34.01 -38.73
C GLN G 571 -4.81 33.93 -39.82
N ALA G 572 -4.99 35.02 -40.58
CA ALA G 572 -5.94 35.00 -41.69
C ALA G 572 -5.58 33.94 -42.71
N LEU G 573 -4.29 33.71 -42.93
CA LEU G 573 -3.86 32.67 -43.87
C LEU G 573 -4.28 31.28 -43.38
N GLU G 574 -4.09 31.00 -42.09
CA GLU G 574 -4.53 29.73 -41.54
C GLU G 574 -6.04 29.57 -41.68
N LYS G 575 -6.79 30.62 -41.37
CA LYS G 575 -8.24 30.55 -41.50
C LYS G 575 -8.64 30.33 -42.95
N ALA G 576 -7.95 30.98 -43.89
CA ALA G 576 -8.26 30.80 -45.30
C ALA G 576 -8.03 29.36 -45.75
N GLY G 577 -6.91 28.77 -45.34
CA GLY G 577 -6.67 27.38 -45.70
C GLY G 577 -7.71 26.44 -45.14
N ARG G 578 -8.05 26.61 -43.85
CA ARG G 578 -9.06 25.75 -43.25
C ARG G 578 -10.42 25.94 -43.94
N VAL G 579 -10.75 27.17 -44.32
CA VAL G 579 -12.03 27.42 -44.97
C VAL G 579 -12.05 26.78 -46.36
N ALA G 580 -10.94 26.84 -47.08
CA ALA G 580 -10.90 26.16 -48.38
C ALA G 580 -11.12 24.67 -48.24
N ASP G 581 -10.47 24.05 -47.25
CA ASP G 581 -10.66 22.63 -47.04
C ASP G 581 -12.11 22.31 -46.63
N PHE G 582 -12.70 23.16 -45.80
CA PHE G 582 -14.09 22.97 -45.41
C PHE G 582 -15.03 23.08 -46.62
N LEU G 583 -14.77 24.05 -47.49
CA LEU G 583 -15.60 24.22 -48.68
C LEU G 583 -15.49 23.01 -49.60
N GLU G 584 -14.33 22.38 -49.66
CA GLU G 584 -14.23 21.15 -50.45
C GLU G 584 -14.94 19.99 -49.77
N LEU G 585 -14.81 19.88 -48.44
CA LEU G 585 -15.37 18.72 -47.74
C LEU G 585 -16.90 18.77 -47.67
N ALA G 586 -17.48 19.97 -47.67
CA ALA G 586 -18.92 20.09 -47.53
C ALA G 586 -19.65 19.43 -48.69
N GLU G 587 -19.08 19.50 -49.89
CA GLU G 587 -19.71 18.87 -51.05
C GLU G 587 -19.81 17.36 -50.86
N LEU G 588 -18.73 16.73 -50.41
CA LEU G 588 -18.77 15.29 -50.15
C LEU G 588 -19.75 14.97 -49.04
N MET G 589 -19.81 15.81 -48.01
CA MET G 589 -20.73 15.55 -46.91
C MET G 589 -22.18 15.59 -47.38
N CYS G 590 -22.51 16.57 -48.22
CA CYS G 590 -23.87 16.65 -48.77
C CYS G 590 -24.16 15.47 -49.68
N LEU G 591 -23.19 15.07 -50.50
CA LEU G 591 -23.40 13.91 -51.37
C LEU G 591 -23.68 12.65 -50.56
N ASP G 592 -22.90 12.43 -49.49
CA ASP G 592 -23.11 11.27 -48.65
C ASP G 592 -24.47 11.31 -47.96
N ALA G 593 -24.87 12.50 -47.48
CA ALA G 593 -26.18 12.62 -46.85
C ALA G 593 -27.30 12.32 -47.84
N LEU G 594 -27.16 12.77 -49.09
CA LEU G 594 -28.16 12.47 -50.11
C LEU G 594 -28.19 10.99 -50.44
N HIS G 595 -27.02 10.34 -50.43
CA HIS G 595 -26.94 8.92 -50.78
C HIS G 595 -27.74 8.05 -49.80
N ARG G 596 -27.49 8.21 -48.51
CA ARG G 596 -28.09 7.33 -47.50
C ARG G 596 -29.56 7.64 -47.39
N GLU G 597 -30.40 6.78 -47.98
CA GLU G 597 -31.85 6.98 -47.99
C GLU G 597 -32.51 6.25 -46.82
N GLU G 598 -32.08 6.61 -45.63
CA GLU G 598 -32.65 6.07 -44.40
C GLU G 598 -32.30 7.00 -43.26
N SER G 599 -32.90 6.75 -42.10
CA SER G 599 -32.63 7.51 -40.89
C SER G 599 -32.01 6.60 -39.85
N CYS G 600 -30.88 7.01 -39.30
CA CYS G 600 -30.17 6.20 -38.31
C CYS G 600 -29.29 7.10 -37.46
N GLY G 601 -29.50 7.08 -36.15
CA GLY G 601 -28.66 7.85 -35.26
C GLY G 601 -28.73 9.34 -35.54
N GLY G 602 -27.55 9.95 -35.69
CA GLY G 602 -27.51 11.38 -35.99
C GLY G 602 -28.07 11.73 -37.35
N HIS G 603 -27.84 10.87 -38.34
CA HIS G 603 -28.32 11.12 -39.68
C HIS G 603 -29.82 10.90 -39.75
N PHE G 604 -30.57 11.97 -40.02
CA PHE G 604 -32.03 11.93 -40.04
C PHE G 604 -32.53 12.44 -41.39
N ARG G 605 -33.40 11.66 -42.02
CA ARG G 605 -34.04 12.03 -43.27
C ARG G 605 -35.54 12.15 -43.04
N GLU G 606 -36.13 13.25 -43.49
CA GLU G 606 -37.53 13.52 -43.22
C GLU G 606 -38.47 12.59 -43.98
N GLU G 607 -37.99 11.88 -44.99
CA GLU G 607 -38.82 10.96 -45.75
C GLU G 607 -38.91 9.58 -45.11
N TYR G 608 -38.09 9.29 -44.10
CA TYR G 608 -38.06 7.98 -43.45
C TYR G 608 -38.00 8.20 -41.95
N GLN G 609 -39.17 8.26 -41.31
CA GLN G 609 -39.23 8.33 -39.86
C GLN G 609 -40.59 7.84 -39.40
N THR G 610 -40.62 7.36 -38.15
CA THR G 610 -41.86 6.90 -37.56
C THR G 610 -42.74 8.10 -37.22
N PRO G 611 -44.05 7.91 -37.09
CA PRO G 611 -44.92 9.06 -36.78
C PRO G 611 -44.57 9.76 -35.48
N ASP G 612 -43.98 9.05 -34.52
CA ASP G 612 -43.54 9.70 -33.29
C ASP G 612 -42.35 10.62 -33.52
N GLY G 613 -41.70 10.54 -34.68
CA GLY G 613 -40.52 11.32 -34.97
C GLY G 613 -39.22 10.56 -34.85
N GLU G 614 -39.26 9.33 -34.34
CA GLU G 614 -38.05 8.54 -34.18
C GLU G 614 -37.53 8.09 -35.55
N ALA G 615 -36.22 7.88 -35.64
CA ALA G 615 -35.60 7.50 -36.88
C ALA G 615 -36.04 6.10 -37.31
N LEU G 616 -36.34 5.95 -38.60
CA LEU G 616 -36.72 4.67 -39.19
C LEU G 616 -35.55 4.14 -40.01
N ARG G 617 -35.16 2.90 -39.72
CA ARG G 617 -33.95 2.31 -40.28
C ARG G 617 -34.31 1.24 -41.31
N ASN G 618 -33.61 1.27 -42.45
CA ASN G 618 -33.79 0.30 -43.52
C ASN G 618 -32.57 -0.63 -43.48
N ASP G 619 -32.67 -1.67 -42.65
CA ASP G 619 -31.56 -2.61 -42.48
C ASP G 619 -31.37 -3.52 -43.68
N GLU G 620 -32.35 -3.61 -44.57
CA GLU G 620 -32.27 -4.53 -45.69
C GLU G 620 -31.38 -4.02 -46.81
N GLN G 621 -31.22 -2.70 -46.93
CA GLN G 621 -30.47 -2.12 -48.05
C GLN G 621 -29.33 -1.20 -47.62
N PHE G 622 -29.22 -0.85 -46.34
CA PHE G 622 -28.22 0.11 -45.90
C PHE G 622 -27.52 -0.37 -44.64
N SER G 623 -27.27 -1.67 -44.55
CA SER G 623 -26.54 -2.24 -43.42
C SER G 623 -25.06 -2.38 -43.77
N TYR G 624 -24.45 -1.25 -44.12
CA TYR G 624 -23.06 -1.23 -44.55
C TYR G 624 -22.42 0.09 -44.20
N VAL G 625 -21.10 0.13 -44.26
CA VAL G 625 -20.32 1.35 -44.08
C VAL G 625 -19.93 1.85 -45.45
N ALA G 626 -20.26 3.10 -45.75
CA ALA G 626 -19.99 3.69 -47.05
C ALA G 626 -18.65 4.43 -46.99
N ALA G 627 -17.70 4.04 -47.84
CA ALA G 627 -16.43 4.69 -47.96
C ALA G 627 -16.36 5.41 -49.30
N TRP G 628 -16.01 6.68 -49.27
CA TRP G 628 -15.99 7.52 -50.47
C TRP G 628 -14.56 7.77 -50.91
N GLU G 629 -14.31 7.55 -52.20
CA GLU G 629 -13.00 7.66 -52.81
C GLU G 629 -12.94 8.90 -53.67
N PHE G 630 -11.85 9.66 -53.51
CA PHE G 630 -11.61 10.87 -54.29
C PHE G 630 -11.16 10.47 -55.69
N THR G 631 -11.97 10.78 -56.69
CA THR G 631 -11.68 10.42 -58.07
C THR G 631 -11.13 11.59 -58.88
N GLY G 632 -10.75 12.67 -58.22
CA GLY G 632 -10.31 13.87 -58.90
C GLY G 632 -11.41 14.86 -59.20
N ASP G 633 -12.67 14.46 -59.07
CA ASP G 633 -13.82 15.34 -59.26
C ASP G 633 -14.56 15.45 -57.95
N LEU G 634 -14.82 16.69 -57.52
CA LEU G 634 -15.50 16.90 -56.26
C LEU G 634 -16.98 16.57 -56.32
N ALA G 635 -17.56 16.51 -57.52
CA ALA G 635 -18.98 16.22 -57.67
C ALA G 635 -19.26 14.74 -57.91
N LYS G 636 -18.26 13.95 -58.31
CA LYS G 636 -18.45 12.54 -58.63
C LYS G 636 -17.41 11.69 -57.94
N PRO G 637 -17.49 11.52 -56.62
CA PRO G 637 -16.62 10.56 -55.95
C PRO G 637 -17.15 9.14 -56.10
N ARG G 638 -16.30 8.18 -55.76
CA ARG G 638 -16.63 6.77 -55.91
C ARG G 638 -17.13 6.20 -54.59
N LEU G 639 -18.14 5.33 -54.66
CA LEU G 639 -18.73 4.74 -53.47
C LEU G 639 -18.32 3.28 -53.37
N HIS G 640 -17.78 2.90 -52.21
CA HIS G 640 -17.46 1.52 -51.89
C HIS G 640 -18.22 1.13 -50.63
N LYS G 641 -18.76 -0.08 -50.61
CA LYS G 641 -19.58 -0.55 -49.50
C LYS G 641 -18.83 -1.63 -48.74
N GLU G 642 -18.75 -1.48 -47.43
CA GLU G 642 -18.27 -2.54 -46.56
C GLU G 642 -19.45 -3.15 -45.83
N PRO G 643 -19.87 -4.37 -46.17
CA PRO G 643 -21.04 -4.96 -45.51
C PRO G 643 -20.81 -5.15 -44.02
N LEU G 644 -21.88 -5.00 -43.25
CA LEU G 644 -21.88 -5.23 -41.82
C LEU G 644 -22.66 -6.49 -41.51
N VAL G 645 -22.07 -7.38 -40.73
CA VAL G 645 -22.72 -8.61 -40.28
C VAL G 645 -22.75 -8.60 -38.76
N PHE G 646 -23.92 -8.90 -38.20
CA PHE G 646 -24.11 -8.91 -36.76
C PHE G 646 -24.40 -10.34 -36.32
N GLU G 647 -23.61 -10.85 -35.38
CA GLU G 647 -23.74 -12.22 -34.93
C GLU G 647 -24.10 -12.35 -33.46
N TYR G 648 -23.77 -11.37 -32.63
CA TYR G 648 -24.07 -11.42 -31.21
C TYR G 648 -25.17 -10.47 -30.79
N VAL G 649 -25.34 -9.36 -31.49
CA VAL G 649 -26.37 -8.37 -31.19
C VAL G 649 -27.28 -8.26 -32.41
N LYS G 650 -28.57 -8.46 -32.19
CA LYS G 650 -29.39 -8.47 -33.40
C LYS G 650 -30.16 -7.16 -33.54
N PRO G 651 -30.20 -6.59 -34.75
CA PRO G 651 -30.97 -5.37 -34.96
C PRO G 651 -32.44 -5.59 -34.69
N THR G 652 -33.09 -4.57 -34.11
CA THR G 652 -34.50 -4.66 -33.76
C THR G 652 -35.12 -3.28 -33.60
N MET H 1 -22.20 51.58 -26.35
CA MET H 1 -20.92 51.73 -25.67
C MET H 1 -19.84 52.15 -26.66
N LYS H 2 -19.19 53.27 -26.38
CA LYS H 2 -18.06 53.75 -27.17
C LYS H 2 -16.79 53.47 -26.37
N ILE H 3 -15.86 52.74 -26.97
CA ILE H 3 -14.70 52.23 -26.26
C ILE H 3 -13.43 52.61 -27.00
N THR H 4 -12.48 53.18 -26.28
CA THR H 4 -11.16 53.48 -26.81
C THR H 4 -10.18 52.41 -26.33
N LEU H 5 -9.43 51.85 -27.27
CA LEU H 5 -8.52 50.75 -27.00
C LEU H 5 -7.10 51.18 -27.28
N LYS H 6 -6.18 50.83 -26.39
CA LYS H 6 -4.74 51.07 -26.57
C LYS H 6 -4.08 49.71 -26.62
N ILE H 7 -3.78 49.23 -27.82
CA ILE H 7 -3.26 47.89 -28.05
C ILE H 7 -1.76 47.98 -28.24
N TRP H 8 -1.03 47.10 -27.56
CA TRP H 8 0.38 46.93 -27.85
C TRP H 8 0.57 46.32 -29.24
N ARG H 9 1.45 46.91 -30.05
CA ARG H 9 1.68 46.48 -31.42
C ARG H 9 3.18 46.30 -31.61
N GLN H 10 3.60 45.06 -31.83
CA GLN H 10 4.98 44.70 -32.07
C GLN H 10 5.06 43.75 -33.26
N LYS H 11 5.95 44.04 -34.20
CA LYS H 11 6.00 43.25 -35.42
C LYS H 11 6.56 41.85 -35.19
N ASN H 12 7.67 41.76 -34.44
CA ASN H 12 8.28 40.46 -34.17
C ASN H 12 9.21 40.62 -32.97
N ARG H 13 10.05 39.61 -32.73
CA ARG H 13 10.93 39.61 -31.58
C ARG H 13 11.88 40.80 -31.60
N ASN H 14 12.59 40.99 -32.72
CA ASN H 14 13.62 42.03 -32.77
C ASN H 14 13.03 43.42 -32.94
N THR H 15 11.94 43.55 -33.67
CA THR H 15 11.36 44.87 -33.91
C THR H 15 10.69 45.39 -32.65
N PRO H 16 11.03 46.59 -32.19
CA PRO H 16 10.35 47.16 -31.02
C PRO H 16 8.90 47.50 -31.32
N GLY H 17 8.07 47.47 -30.27
CA GLY H 17 6.67 47.75 -30.37
C GLY H 17 6.29 49.10 -29.75
N GLU H 18 5.01 49.42 -29.88
CA GLU H 18 4.49 50.67 -29.35
C GLU H 18 2.98 50.53 -29.16
N PHE H 19 2.40 51.51 -28.48
CA PHE H 19 0.95 51.51 -28.25
C PHE H 19 0.24 52.23 -29.39
N LYS H 20 -0.91 51.68 -29.78
CA LYS H 20 -1.73 52.31 -30.80
C LYS H 20 -3.17 52.37 -30.33
N THR H 21 -3.88 53.43 -30.72
CA THR H 21 -5.23 53.70 -30.26
C THR H 21 -6.25 53.45 -31.36
N TYR H 22 -7.32 52.76 -31.00
CA TYR H 22 -8.42 52.47 -31.91
C TYR H 22 -9.73 52.76 -31.20
N VAL H 23 -10.63 53.47 -31.87
CA VAL H 23 -11.90 53.89 -31.29
C VAL H 23 -13.01 53.05 -31.90
N MET H 24 -13.85 52.48 -31.06
CA MET H 24 -14.97 51.64 -31.47
C MET H 24 -16.26 52.31 -31.03
N ASP H 25 -17.05 52.76 -32.00
CA ASP H 25 -18.22 53.58 -31.70
C ASP H 25 -19.35 52.74 -31.11
N ASN H 26 -19.63 51.59 -31.72
CA ASN H 26 -20.73 50.74 -31.30
C ASN H 26 -20.18 49.44 -30.75
N VAL H 27 -20.58 49.09 -29.53
CA VAL H 27 -20.14 47.88 -28.86
C VAL H 27 -21.32 47.25 -28.14
N ASN H 28 -21.52 45.96 -28.35
CA ASN H 28 -22.57 45.24 -27.65
C ASN H 28 -22.11 44.92 -26.23
N PRO H 29 -22.84 45.35 -25.20
CA PRO H 29 -22.36 45.14 -23.83
C PRO H 29 -22.16 43.69 -23.45
N ASP H 30 -22.88 42.76 -24.06
CA ASP H 30 -22.86 41.37 -23.64
C ASP H 30 -21.94 40.47 -24.46
N MET H 31 -21.19 41.03 -25.42
CA MET H 31 -20.21 40.23 -26.13
C MET H 31 -18.88 40.24 -25.39
N SER H 32 -18.15 39.13 -25.50
CA SER H 32 -16.92 39.00 -24.74
C SER H 32 -15.84 39.89 -25.31
N PHE H 33 -14.74 40.02 -24.55
CA PHE H 33 -13.64 40.89 -24.96
C PHE H 33 -13.01 40.40 -26.25
N LEU H 34 -12.79 39.09 -26.37
CA LEU H 34 -12.13 38.55 -27.55
C LEU H 34 -12.99 38.75 -28.79
N GLU H 35 -14.31 38.74 -28.64
CA GLU H 35 -15.19 39.01 -29.78
C GLU H 35 -15.12 40.48 -30.19
N MET H 36 -14.95 41.39 -29.23
CA MET H 36 -14.67 42.77 -29.59
C MET H 36 -13.38 42.89 -30.37
N LEU H 37 -12.35 42.18 -29.94
CA LEU H 37 -11.09 42.19 -30.67
C LEU H 37 -11.29 41.62 -32.07
N ASP H 38 -12.13 40.60 -32.21
CA ASP H 38 -12.41 40.03 -33.52
C ASP H 38 -13.10 41.03 -34.43
N VAL H 39 -14.07 41.77 -33.90
CA VAL H 39 -14.75 42.80 -34.70
C VAL H 39 -13.77 43.89 -35.11
N LEU H 40 -12.89 44.28 -34.18
CA LEU H 40 -11.87 45.27 -34.51
C LEU H 40 -10.94 44.77 -35.60
N ASN H 41 -10.56 43.49 -35.52
CA ASN H 41 -9.70 42.90 -36.55
C ASN H 41 -10.38 42.90 -37.90
N GLU H 42 -11.68 42.56 -37.92
CA GLU H 42 -12.43 42.59 -39.17
C GLU H 42 -12.47 43.99 -39.75
N ASP H 43 -12.68 45.00 -38.90
CA ASP H 43 -12.68 46.38 -39.37
C ASP H 43 -11.31 46.78 -39.90
N LEU H 44 -10.24 46.36 -39.22
CA LEU H 44 -8.89 46.67 -39.68
C LEU H 44 -8.61 46.04 -41.04
N MET H 45 -9.01 44.78 -41.22
CA MET H 45 -8.82 44.13 -42.52
C MET H 45 -9.63 44.83 -43.60
N SER H 46 -10.85 45.25 -43.28
CA SER H 46 -11.64 45.99 -44.25
C SER H 46 -10.96 47.31 -44.64
N ARG H 47 -10.40 48.01 -43.67
CA ARG H 47 -9.73 49.28 -43.96
C ARG H 47 -8.41 49.06 -44.69
N GLY H 48 -7.69 47.99 -44.37
CA GLY H 48 -6.43 47.72 -45.02
C GLY H 48 -5.23 47.77 -44.10
N GLU H 49 -5.43 47.40 -42.83
CA GLU H 49 -4.38 47.41 -41.83
C GLU H 49 -4.04 45.99 -41.42
N GLU H 50 -2.96 45.87 -40.64
CA GLU H 50 -2.53 44.57 -40.14
C GLU H 50 -3.36 44.20 -38.92
N PRO H 51 -4.02 43.05 -38.92
CA PRO H 51 -4.88 42.68 -37.78
C PRO H 51 -4.08 42.38 -36.52
N VAL H 52 -4.74 42.54 -35.38
CA VAL H 52 -4.12 42.26 -34.09
C VAL H 52 -4.08 40.75 -33.86
N ALA H 53 -2.92 40.25 -33.45
CA ALA H 53 -2.72 38.82 -33.24
C ALA H 53 -2.75 38.50 -31.75
N PHE H 54 -3.51 37.48 -31.38
CA PHE H 54 -3.60 37.06 -30.00
C PHE H 54 -3.93 35.58 -29.95
N ASP H 55 -3.64 34.95 -28.81
CA ASP H 55 -3.84 33.53 -28.63
C ASP H 55 -5.25 33.24 -28.13
N HIS H 56 -5.90 32.25 -28.74
CA HIS H 56 -7.24 31.85 -28.34
C HIS H 56 -7.54 30.51 -28.98
N ASP H 57 -7.91 29.51 -28.19
CA ASP H 57 -8.36 28.24 -28.75
C ASP H 57 -9.77 27.88 -28.32
N CYS H 58 -10.04 27.80 -27.02
CA CYS H 58 -11.26 27.19 -26.53
C CYS H 58 -12.36 28.18 -26.20
N ARG H 59 -12.01 29.40 -25.81
CA ARG H 59 -12.99 30.42 -25.41
C ARG H 59 -13.91 29.90 -24.30
N GLU H 60 -13.38 29.08 -23.41
CA GLU H 60 -14.14 28.53 -22.30
C GLU H 60 -13.43 28.66 -20.96
N GLY H 61 -12.21 29.19 -20.93
CA GLY H 61 -11.49 29.29 -19.69
C GLY H 61 -10.91 27.99 -19.18
N ILE H 62 -10.68 27.01 -20.06
CA ILE H 62 -10.12 25.73 -19.67
C ILE H 62 -8.79 25.44 -20.35
N CYS H 63 -8.64 25.83 -21.62
CA CYS H 63 -7.43 25.45 -22.34
C CYS H 63 -6.21 26.22 -21.84
N GLY H 64 -6.38 27.50 -21.53
CA GLY H 64 -5.29 28.32 -21.04
C GLY H 64 -4.47 29.02 -22.09
N MET H 65 -4.90 29.02 -23.34
CA MET H 65 -4.13 29.67 -24.38
C MET H 65 -4.28 31.19 -24.36
N CYS H 66 -5.47 31.70 -24.03
CA CYS H 66 -5.69 33.14 -24.01
C CYS H 66 -4.87 33.79 -22.90
N SER H 67 -4.29 34.94 -23.20
CA SER H 67 -3.39 35.60 -22.25
C SER H 67 -3.32 37.08 -22.60
N LEU H 68 -3.96 37.92 -21.79
CA LEU H 68 -3.98 39.34 -22.03
C LEU H 68 -3.89 40.10 -20.71
N MET H 69 -3.28 41.27 -20.76
CA MET H 69 -3.12 42.15 -19.61
C MET H 69 -3.98 43.38 -19.88
N ILE H 70 -5.17 43.42 -19.27
CA ILE H 70 -6.17 44.44 -19.56
C ILE H 70 -6.25 45.39 -18.37
N ASN H 71 -6.04 46.68 -18.64
CA ASN H 71 -6.11 47.73 -17.63
C ASN H 71 -5.16 47.46 -16.47
N GLY H 72 -4.03 46.81 -16.74
CA GLY H 72 -3.06 46.54 -15.72
C GLY H 72 -3.30 45.29 -14.91
N VAL H 73 -4.43 44.62 -15.09
CA VAL H 73 -4.76 43.39 -14.37
C VAL H 73 -4.79 42.25 -15.38
N ALA H 74 -4.13 41.15 -15.03
CA ALA H 74 -4.13 39.98 -15.91
C ALA H 74 -5.53 39.39 -16.00
N HIS H 75 -5.90 38.96 -17.21
CA HIS H 75 -7.19 38.33 -17.47
C HIS H 75 -8.35 39.28 -17.19
N GLY H 76 -8.12 40.58 -17.23
CA GLY H 76 -9.17 41.55 -17.07
C GLY H 76 -9.44 41.91 -15.62
N PRO H 77 -10.22 42.97 -15.42
CA PRO H 77 -10.46 43.46 -14.05
C PRO H 77 -11.15 42.47 -13.13
N LYS H 78 -12.04 41.64 -13.67
CA LYS H 78 -12.72 40.66 -12.83
C LYS H 78 -11.78 39.53 -12.48
N ASN H 79 -11.95 38.98 -11.28
CA ASN H 79 -11.06 37.93 -10.81
C ASN H 79 -11.67 36.55 -11.04
N ALA H 80 -10.81 35.52 -10.97
CA ALA H 80 -11.20 34.12 -11.08
C ALA H 80 -11.76 33.78 -12.45
N ILE H 81 -11.51 34.61 -13.47
CA ILE H 81 -11.90 34.31 -14.84
C ILE H 81 -10.72 34.58 -15.75
N THR H 82 -10.75 33.95 -16.92
CA THR H 82 -9.71 34.14 -17.91
C THR H 82 -10.12 35.24 -18.88
N THR H 83 -9.25 35.52 -19.86
CA THR H 83 -9.55 36.57 -20.82
C THR H 83 -10.73 36.22 -21.71
N CYS H 84 -10.83 34.95 -22.09
CA CYS H 84 -11.95 34.53 -22.95
C CYS H 84 -13.28 34.65 -22.23
N GLN H 85 -13.28 34.46 -20.91
CA GLN H 85 -14.50 34.54 -20.11
C GLN H 85 -14.91 35.97 -19.78
N LEU H 86 -14.03 36.94 -19.97
CA LEU H 86 -14.32 38.32 -19.61
C LEU H 86 -15.28 38.91 -20.63
N HIS H 87 -16.53 39.06 -20.23
CA HIS H 87 -17.50 39.78 -21.04
C HIS H 87 -17.48 41.23 -20.65
N MET H 88 -17.57 42.11 -21.63
CA MET H 88 -17.34 43.53 -21.41
C MET H 88 -18.59 44.27 -20.97
N ARG H 89 -19.55 43.56 -20.38
CA ARG H 89 -20.58 44.24 -19.60
C ARG H 89 -20.01 44.84 -18.33
N SER H 90 -18.79 44.48 -17.95
CA SER H 90 -18.12 44.99 -16.77
C SER H 90 -17.29 46.23 -17.04
N PHE H 91 -17.37 46.79 -18.24
CA PHE H 91 -16.70 48.04 -18.56
C PHE H 91 -17.74 49.16 -18.67
N LYS H 92 -17.27 50.39 -18.87
CA LYS H 92 -18.10 51.56 -18.80
C LYS H 92 -18.04 52.32 -20.12
N ASP H 93 -19.15 52.99 -20.45
CA ASP H 93 -19.20 53.79 -21.67
C ASP H 93 -18.16 54.89 -21.63
N GLY H 94 -17.41 55.04 -22.73
CA GLY H 94 -16.37 56.03 -22.80
C GLY H 94 -15.06 55.64 -22.15
N ASP H 95 -14.95 54.41 -21.63
CA ASP H 95 -13.74 53.97 -20.97
C ASP H 95 -12.61 53.81 -21.98
N THR H 96 -11.38 54.07 -21.52
CA THR H 96 -10.17 53.84 -22.28
C THR H 96 -9.42 52.69 -21.63
N ILE H 97 -9.21 51.61 -22.38
CA ILE H 97 -8.63 50.39 -21.84
C ILE H 97 -7.43 49.98 -22.66
N THR H 98 -6.37 49.54 -21.98
CA THR H 98 -5.11 49.18 -22.61
C THR H 98 -4.90 47.68 -22.51
N VAL H 99 -4.39 47.08 -23.59
CA VAL H 99 -4.10 45.65 -23.63
C VAL H 99 -2.66 45.45 -24.03
N GLU H 100 -2.01 44.50 -23.35
CA GLU H 100 -0.60 44.21 -23.48
C GLU H 100 -0.41 42.70 -23.34
N PRO H 101 0.70 42.17 -23.83
CA PRO H 101 1.04 40.76 -23.57
C PRO H 101 1.54 40.58 -22.15
N TRP H 102 1.93 39.35 -21.82
CA TRP H 102 2.73 39.15 -20.64
C TRP H 102 4.11 39.76 -20.84
N ARG H 103 4.72 40.21 -19.75
CA ARG H 103 6.07 40.79 -19.79
C ARG H 103 6.96 39.96 -18.88
N ALA H 104 7.86 39.18 -19.48
CA ALA H 104 8.86 38.44 -18.74
C ALA H 104 10.00 38.12 -19.70
N SER H 105 11.17 37.82 -19.13
CA SER H 105 12.29 37.41 -19.95
C SER H 105 12.12 36.00 -20.48
N ALA H 106 11.44 35.14 -19.71
CA ALA H 106 11.19 33.77 -20.13
C ALA H 106 9.98 33.63 -21.05
N PHE H 107 9.25 34.72 -21.31
CA PHE H 107 8.08 34.72 -22.19
C PHE H 107 8.36 35.71 -23.31
N PRO H 108 9.16 35.34 -24.30
CA PRO H 108 9.47 36.26 -25.39
C PRO H 108 8.21 36.61 -26.18
N ILE H 109 8.16 37.85 -26.66
CA ILE H 109 7.01 38.36 -27.39
C ILE H 109 7.20 38.07 -28.87
N LEU H 110 6.24 37.38 -29.48
CA LEU H 110 6.34 36.95 -30.86
C LEU H 110 5.60 37.86 -31.83
N LYS H 111 4.49 38.45 -31.40
CA LYS H 111 3.67 39.31 -32.24
C LYS H 111 3.04 40.37 -31.34
N ASP H 112 1.96 40.99 -31.81
CA ASP H 112 1.35 42.09 -31.07
C ASP H 112 1.03 41.69 -29.64
N LEU H 113 0.32 40.57 -29.45
CA LEU H 113 -0.08 40.15 -28.11
C LEU H 113 0.22 38.68 -27.85
N VAL H 114 1.03 38.04 -28.68
CA VAL H 114 1.33 36.61 -28.56
C VAL H 114 2.71 36.46 -27.94
N VAL H 115 2.84 35.55 -26.97
CA VAL H 115 4.10 35.31 -26.30
C VAL H 115 4.47 33.84 -26.44
N ASP H 116 5.72 33.53 -26.11
CA ASP H 116 6.25 32.18 -26.15
C ASP H 116 6.27 31.63 -24.74
N ARG H 117 5.37 30.69 -24.45
CA ARG H 117 5.25 30.11 -23.12
C ARG H 117 5.80 28.68 -23.05
N SER H 118 6.83 28.38 -23.83
CA SER H 118 7.40 27.04 -23.83
C SER H 118 8.23 26.76 -22.58
N ALA H 119 8.60 27.78 -21.82
CA ALA H 119 9.32 27.57 -20.58
C ALA H 119 8.51 26.76 -19.59
N PHE H 120 7.18 26.93 -19.59
CA PHE H 120 6.33 26.08 -18.76
C PHE H 120 6.42 24.62 -19.16
N ASP H 121 6.44 24.36 -20.47
CA ASP H 121 6.59 22.99 -20.95
C ASP H 121 7.93 22.42 -20.51
N ARG H 122 9.00 23.22 -20.57
CA ARG H 122 10.30 22.72 -20.13
C ARG H 122 10.34 22.50 -18.62
N ILE H 123 9.64 23.33 -17.86
CA ILE H 123 9.55 23.08 -16.41
C ILE H 123 8.86 21.75 -16.15
N ILE H 124 7.77 21.48 -16.88
CA ILE H 124 7.07 20.20 -16.72
C ILE H 124 7.98 19.05 -17.11
N GLN H 125 8.76 19.20 -18.19
CA GLN H 125 9.60 18.10 -18.67
C GLN H 125 10.64 17.66 -17.67
N ALA H 126 11.01 18.51 -16.71
CA ALA H 126 12.05 18.19 -15.75
C ALA H 126 11.45 17.71 -14.43
N GLY H 127 10.74 16.57 -14.48
CA GLY H 127 10.29 15.91 -13.29
C GLY H 127 8.82 16.08 -12.94
N GLY H 128 8.09 16.93 -13.66
CA GLY H 128 6.70 17.15 -13.33
C GLY H 128 5.75 16.08 -13.80
N TYR H 129 6.01 14.82 -13.43
CA TYR H 129 5.22 13.70 -13.90
C TYR H 129 5.46 12.51 -12.96
N ILE H 130 4.76 11.41 -13.24
CA ILE H 130 4.93 10.16 -12.53
C ILE H 130 5.44 9.13 -13.54
N SER H 131 6.60 8.53 -13.24
CA SER H 131 7.30 7.69 -14.20
C SER H 131 6.73 6.26 -14.18
N VAL H 132 5.55 6.13 -14.77
CA VAL H 132 4.89 4.84 -14.93
C VAL H 132 4.67 4.60 -16.43
N SER H 133 5.13 3.45 -16.91
CA SER H 133 4.99 3.11 -18.32
C SER H 133 3.67 2.41 -18.58
N THR H 134 3.25 2.44 -19.84
CA THR H 134 1.98 1.84 -20.21
C THR H 134 2.01 0.34 -20.05
N GLY H 135 0.92 -0.22 -19.54
CA GLY H 135 0.78 -1.65 -19.38
C GLY H 135 1.18 -2.19 -18.03
N SER H 136 1.97 -1.44 -17.26
CA SER H 136 2.45 -1.89 -15.96
C SER H 136 1.57 -1.44 -14.80
N ALA H 137 0.50 -0.70 -15.07
CA ALA H 137 -0.32 -0.17 -13.99
C ALA H 137 -1.04 -1.28 -13.25
N PRO H 138 -1.13 -1.19 -11.92
CA PRO H 138 -1.93 -2.17 -11.18
C PRO H 138 -3.41 -1.84 -11.24
N ASP H 139 -4.23 -2.60 -10.52
CA ASP H 139 -5.67 -2.36 -10.51
C ASP H 139 -5.96 -0.99 -9.90
N ALA H 140 -7.09 -0.41 -10.31
CA ALA H 140 -7.39 0.97 -9.94
C ALA H 140 -7.56 1.13 -8.43
N ASN H 141 -8.25 0.19 -7.78
CA ASN H 141 -8.55 0.31 -6.37
C ASN H 141 -7.48 -0.33 -5.48
N THR H 142 -6.24 -0.43 -5.97
CA THR H 142 -5.19 -1.05 -5.18
C THR H 142 -4.74 -0.14 -4.04
N ILE H 143 -4.54 1.14 -4.32
CA ILE H 143 -4.03 2.10 -3.35
C ILE H 143 -5.16 3.04 -2.95
N PRO H 144 -5.57 3.07 -1.69
CA PRO H 144 -6.62 4.00 -1.27
C PRO H 144 -6.07 5.41 -1.11
N VAL H 145 -6.88 6.38 -1.53
CA VAL H 145 -6.56 7.80 -1.41
C VAL H 145 -7.72 8.47 -0.69
N SER H 146 -7.43 9.11 0.44
CA SER H 146 -8.49 9.73 1.22
C SER H 146 -9.17 10.84 0.42
N LYS H 147 -10.43 11.11 0.74
CA LYS H 147 -11.21 12.08 -0.01
C LYS H 147 -10.63 13.48 0.12
N VAL H 148 -10.12 13.84 1.30
CA VAL H 148 -9.55 15.15 1.50
C VAL H 148 -8.28 15.32 0.66
N ALA H 149 -7.42 14.32 0.67
CA ALA H 149 -6.19 14.40 -0.12
C ALA H 149 -6.50 14.49 -1.60
N ALA H 150 -7.46 13.69 -2.08
CA ALA H 150 -7.84 13.76 -3.49
C ALA H 150 -8.44 15.11 -3.84
N ASP H 151 -9.23 15.69 -2.94
CA ASP H 151 -9.82 17.00 -3.20
C ASP H 151 -8.76 18.07 -3.28
N ARG H 152 -7.78 18.05 -2.36
CA ARG H 152 -6.72 19.06 -2.42
C ARG H 152 -5.86 18.86 -3.66
N ALA H 153 -5.59 17.60 -4.03
CA ALA H 153 -4.83 17.33 -5.24
C ALA H 153 -5.57 17.83 -6.48
N MET H 154 -6.89 17.70 -6.49
CA MET H 154 -7.66 18.21 -7.62
C MET H 154 -7.69 19.73 -7.63
N ASP H 155 -7.73 20.36 -6.45
CA ASP H 155 -7.67 21.81 -6.38
C ASP H 155 -6.36 22.33 -6.94
N ALA H 156 -5.25 21.67 -6.60
CA ALA H 156 -3.95 22.08 -7.12
C ALA H 156 -3.77 21.70 -8.57
N ALA H 157 -4.41 20.62 -9.02
CA ALA H 157 -4.20 20.09 -10.37
C ALA H 157 -4.96 20.85 -11.43
N ALA H 158 -5.94 21.67 -11.06
CA ALA H 158 -6.73 22.43 -12.04
C ALA H 158 -5.99 23.72 -12.38
N CYS H 159 -4.85 23.56 -13.03
CA CYS H 159 -4.03 24.69 -13.49
C CYS H 159 -4.00 24.64 -15.00
N ILE H 160 -4.48 25.70 -15.64
CA ILE H 160 -4.58 25.73 -17.09
C ILE H 160 -3.31 26.22 -17.77
N GLY H 161 -2.25 26.46 -17.02
CA GLY H 161 -0.98 26.84 -17.61
C GLY H 161 -1.04 28.11 -18.44
N CYS H 162 -1.82 29.09 -17.99
CA CYS H 162 -1.99 30.33 -18.76
C CYS H 162 -0.78 31.24 -18.66
N GLY H 163 -0.02 31.16 -17.56
CA GLY H 163 1.10 32.05 -17.37
C GLY H 163 0.75 33.41 -16.81
N ALA H 164 -0.47 33.60 -16.30
CA ALA H 164 -0.82 34.88 -15.71
C ALA H 164 -0.15 35.09 -14.36
N CYS H 165 0.18 34.00 -13.67
CA CYS H 165 0.92 34.14 -12.41
C CYS H 165 2.29 34.75 -12.63
N VAL H 166 2.96 34.36 -13.72
CA VAL H 166 4.27 34.93 -14.03
C VAL H 166 4.14 36.42 -14.32
N ALA H 167 3.10 36.81 -15.04
CA ALA H 167 2.90 38.21 -15.37
C ALA H 167 2.28 39.01 -14.24
N ALA H 168 1.86 38.35 -13.16
CA ALA H 168 1.28 39.08 -12.04
C ALA H 168 2.35 39.60 -11.08
N CYS H 169 3.19 38.68 -10.59
CA CYS H 169 4.25 39.03 -9.61
C CYS H 169 5.28 39.96 -10.25
N PRO H 170 5.82 40.97 -9.54
CA PRO H 170 6.88 41.80 -10.12
C PRO H 170 8.16 41.04 -10.39
N ASN H 171 8.46 40.04 -9.57
CA ASN H 171 9.70 39.29 -9.75
C ASN H 171 9.67 38.46 -11.03
N GLY H 172 8.51 38.30 -11.64
CA GLY H 172 8.42 37.42 -12.80
C GLY H 172 8.74 35.98 -12.47
N SER H 173 8.17 35.47 -11.38
CA SER H 173 8.44 34.13 -10.91
C SER H 173 7.30 33.19 -11.29
N ALA H 174 7.67 31.96 -11.63
CA ALA H 174 6.72 30.89 -11.90
C ALA H 174 6.48 30.03 -10.67
N MET H 175 6.50 30.65 -9.49
CA MET H 175 6.38 29.86 -8.26
C MET H 175 5.00 29.25 -8.11
N LEU H 176 3.95 29.95 -8.52
CA LEU H 176 2.61 29.38 -8.36
C LEU H 176 2.39 28.18 -9.26
N PHE H 177 2.83 28.26 -10.52
CA PHE H 177 2.68 27.14 -11.44
C PHE H 177 3.45 25.91 -10.95
N THR H 178 4.72 26.11 -10.61
CA THR H 178 5.55 25.01 -10.14
C THR H 178 5.00 24.43 -8.85
N ALA H 179 4.56 25.29 -7.93
CA ALA H 179 4.02 24.83 -6.67
C ALA H 179 2.72 24.04 -6.88
N ALA H 180 1.88 24.49 -7.81
CA ALA H 180 0.64 23.76 -8.09
C ALA H 180 0.93 22.37 -8.62
N LYS H 181 1.86 22.25 -9.57
CA LYS H 181 2.19 20.92 -10.09
C LYS H 181 2.79 20.03 -9.00
N VAL H 182 3.71 20.58 -8.20
CA VAL H 182 4.34 19.80 -7.14
C VAL H 182 3.31 19.34 -6.12
N THR H 183 2.39 20.24 -5.74
CA THR H 183 1.35 19.89 -4.78
C THR H 183 0.41 18.83 -5.33
N HIS H 184 0.04 18.95 -6.61
CA HIS H 184 -0.85 17.95 -7.20
C HIS H 184 -0.20 16.58 -7.19
N LEU H 185 1.08 16.50 -7.55
CA LEU H 185 1.72 15.20 -7.58
C LEU H 185 2.12 14.70 -6.20
N ALA H 186 2.22 15.58 -5.20
CA ALA H 186 2.71 15.18 -3.89
C ALA H 186 1.61 14.78 -2.92
N LEU H 187 0.34 14.99 -3.27
CA LEU H 187 -0.76 14.64 -2.40
C LEU H 187 -1.35 13.27 -2.68
N LEU H 188 -0.84 12.55 -3.66
CA LEU H 188 -1.31 11.22 -3.97
C LEU H 188 -0.21 10.21 -3.68
N PRO H 189 -0.56 8.98 -3.28
CA PRO H 189 0.48 7.97 -3.03
C PRO H 189 1.31 7.64 -4.25
N GLN H 190 0.72 7.68 -5.44
CA GLN H 190 1.46 7.37 -6.66
C GLN H 190 2.58 8.37 -6.91
N GLY H 191 2.51 9.56 -6.35
CA GLY H 191 3.57 10.53 -6.47
C GLY H 191 4.61 10.47 -5.38
N GLN H 192 4.47 9.56 -4.42
CA GLN H 192 5.44 9.46 -3.33
C GLN H 192 6.84 9.06 -3.78
N PRO H 193 7.04 8.03 -4.61
CA PRO H 193 8.39 7.47 -4.75
C PRO H 193 9.44 8.43 -5.26
N GLU H 194 9.07 9.53 -5.90
CA GLU H 194 10.09 10.43 -6.44
C GLU H 194 9.75 11.90 -6.21
N ARG H 195 9.05 12.22 -5.13
CA ARG H 195 8.64 13.60 -4.94
C ARG H 195 9.79 14.49 -4.49
N TYR H 196 10.65 14.01 -3.58
CA TYR H 196 11.69 14.87 -3.05
C TYR H 196 12.74 15.21 -4.10
N GLN H 197 13.00 14.30 -5.02
CA GLN H 197 13.77 14.69 -6.20
C GLN H 197 12.96 15.63 -7.07
N ARG H 198 11.70 15.30 -7.32
CA ARG H 198 10.91 16.02 -8.32
C ARG H 198 10.96 17.51 -8.07
N VAL H 199 10.57 17.94 -6.86
CA VAL H 199 10.50 19.37 -6.56
C VAL H 199 11.85 20.02 -6.85
N VAL H 200 12.94 19.43 -6.38
CA VAL H 200 14.24 20.05 -6.58
C VAL H 200 14.48 20.25 -8.06
N ASN H 201 14.31 19.20 -8.86
CA ASN H 201 14.51 19.33 -10.29
C ASN H 201 13.69 20.47 -10.85
N MET H 202 12.39 20.47 -10.52
CA MET H 202 11.51 21.48 -11.10
C MET H 202 11.99 22.87 -10.72
N VAL H 203 12.34 23.06 -9.44
CA VAL H 203 12.76 24.39 -9.01
C VAL H 203 13.99 24.81 -9.79
N ALA H 204 14.97 23.91 -9.92
CA ALA H 204 16.17 24.24 -10.66
C ALA H 204 15.83 24.67 -12.06
N GLN H 205 14.91 23.94 -12.71
CA GLN H 205 14.56 24.27 -14.08
C GLN H 205 14.00 25.68 -14.17
N ALA H 206 13.18 26.09 -13.21
CA ALA H 206 12.67 27.45 -13.23
C ALA H 206 13.81 28.46 -13.15
N ASP H 207 14.77 28.22 -12.26
CA ASP H 207 15.92 29.10 -12.17
C ASP H 207 16.70 29.10 -13.48
N PHE H 208 16.72 27.96 -14.17
CA PHE H 208 17.43 27.89 -15.43
C PHE H 208 16.69 28.64 -16.53
N GLU H 209 15.37 28.78 -16.41
CA GLU H 209 14.60 29.35 -17.51
C GLU H 209 14.58 30.87 -17.48
N GLY H 210 14.95 31.48 -16.36
CA GLY H 210 15.00 32.93 -16.26
C GLY H 210 14.00 33.57 -15.35
N PHE H 211 13.17 32.79 -14.64
CA PHE H 211 12.20 33.35 -13.73
C PHE H 211 12.89 33.87 -12.47
N GLY H 212 12.21 34.81 -11.80
CA GLY H 212 12.71 35.38 -10.57
C GLY H 212 12.36 34.53 -9.36
N ASN H 213 12.65 35.09 -8.19
CA ASN H 213 12.33 34.42 -6.93
C ASN H 213 10.93 34.82 -6.47
N CYS H 214 10.51 34.29 -5.32
CA CYS H 214 9.22 34.61 -4.75
C CYS H 214 9.43 35.39 -3.46
N THR H 215 8.96 36.62 -3.43
CA THR H 215 9.00 37.48 -2.25
C THR H 215 7.76 37.30 -1.38
N ASN H 216 6.93 36.30 -1.66
CA ASN H 216 5.68 36.05 -0.95
C ASN H 216 4.75 37.27 -1.01
N ILE H 217 4.73 37.94 -2.15
CA ILE H 217 3.88 39.10 -2.31
C ILE H 217 2.42 38.68 -2.39
N GLY H 218 2.08 37.84 -3.36
CA GLY H 218 0.75 37.27 -3.42
C GLY H 218 -0.12 37.74 -4.56
N GLU H 219 0.48 38.38 -5.56
CA GLU H 219 -0.29 38.81 -6.72
C GLU H 219 -0.76 37.62 -7.54
N CYS H 220 0.05 36.57 -7.59
CA CYS H 220 -0.26 35.41 -8.41
C CYS H 220 -1.58 34.77 -7.99
N ALA H 221 -1.81 34.63 -6.69
CA ALA H 221 -3.04 34.00 -6.21
C ALA H 221 -4.25 34.88 -6.49
N ALA H 222 -4.07 36.19 -6.44
CA ALA H 222 -5.17 37.10 -6.73
C ALA H 222 -5.49 37.16 -8.22
N VAL H 223 -4.54 36.77 -9.07
CA VAL H 223 -4.76 36.84 -10.52
C VAL H 223 -5.16 35.48 -11.06
N CYS H 224 -4.74 34.41 -10.39
CA CYS H 224 -4.90 33.06 -10.94
C CYS H 224 -6.35 32.74 -11.24
N PRO H 225 -6.67 32.24 -12.43
CA PRO H 225 -8.08 32.01 -12.79
C PRO H 225 -8.74 30.88 -12.05
N LYS H 226 -7.96 29.99 -11.40
CA LYS H 226 -8.52 28.79 -10.78
C LYS H 226 -8.39 28.81 -9.26
N GLU H 227 -8.18 29.98 -8.67
CA GLU H 227 -8.12 30.14 -7.21
C GLU H 227 -7.11 29.19 -6.59
N ILE H 228 -5.96 29.06 -7.22
CA ILE H 228 -4.88 28.28 -6.62
C ILE H 228 -4.27 29.11 -5.49
N SER H 229 -4.27 28.54 -4.30
CA SER H 229 -3.98 29.29 -3.08
C SER H 229 -2.50 29.21 -2.75
N LEU H 230 -2.08 30.03 -1.78
CA LEU H 230 -0.67 30.10 -1.40
C LEU H 230 -0.20 28.86 -0.64
N GLU H 231 -1.12 27.99 -0.22
CA GLU H 231 -0.70 26.77 0.46
C GLU H 231 0.12 25.88 -0.44
N THR H 232 -0.06 26.00 -1.76
CA THR H 232 0.77 25.25 -2.70
C THR H 232 2.23 25.65 -2.57
N ILE H 233 2.50 26.95 -2.43
CA ILE H 233 3.88 27.41 -2.30
C ILE H 233 4.46 26.96 -0.97
N ALA H 234 3.66 26.97 0.09
CA ALA H 234 4.14 26.45 1.38
C ALA H 234 4.46 24.97 1.28
N GLN H 235 3.63 24.21 0.58
CA GLN H 235 3.89 22.78 0.39
C GLN H 235 5.18 22.57 -0.40
N LEU H 236 5.40 23.38 -1.44
CA LEU H 236 6.63 23.27 -2.20
C LEU H 236 7.84 23.61 -1.33
N ASN H 237 7.72 24.63 -0.47
CA ASN H 237 8.83 24.99 0.41
C ASN H 237 9.13 23.87 1.40
N ARG H 238 8.10 23.26 1.97
CA ARG H 238 8.32 22.13 2.86
C ARG H 238 9.02 20.99 2.14
N ASP H 239 8.57 20.69 0.92
CA ASP H 239 9.17 19.61 0.15
C ASP H 239 10.63 19.90 -0.18
N LEU H 240 10.94 21.15 -0.54
CA LEU H 240 12.32 21.48 -0.88
C LEU H 240 13.22 21.47 0.34
N VAL H 241 12.72 21.93 1.48
CA VAL H 241 13.51 21.85 2.71
C VAL H 241 13.80 20.40 3.06
N MET H 242 12.78 19.55 2.97
CA MET H 242 12.97 18.14 3.27
C MET H 242 13.95 17.49 2.30
N ALA H 243 13.89 17.87 1.03
CA ALA H 243 14.82 17.33 0.05
C ALA H 243 16.24 17.79 0.32
N ALA H 244 16.42 19.04 0.71
CA ALA H 244 17.75 19.53 1.06
C ALA H 244 18.30 18.81 2.28
N LEU H 245 17.44 18.48 3.25
CA LEU H 245 17.88 17.70 4.40
C LEU H 245 18.33 16.29 4.01
N ARG H 246 17.89 15.79 2.85
CA ARG H 246 18.25 14.47 2.37
C ARG H 246 19.45 14.47 1.43
N GLY H 247 20.01 15.64 1.12
CA GLY H 247 21.12 15.69 0.20
C GLY H 247 20.76 15.44 -1.25
N ILE H 248 19.51 15.68 -1.63
CA ILE H 248 19.10 15.49 -3.01
C ILE H 248 19.72 16.59 -3.86
N GLU H 249 20.35 16.20 -4.95
CA GLU H 249 21.03 17.10 -5.86
C GLU H 249 20.24 17.23 -7.15
N PRO H 250 20.04 18.43 -7.67
CA PRO H 250 19.31 18.57 -8.94
C PRO H 250 20.06 17.93 -10.09
N ASN H 251 19.30 17.42 -11.06
CA ASN H 251 19.88 16.77 -12.22
C ASN H 251 20.33 17.83 -13.23
N THR H 252 20.70 17.39 -14.42
CA THR H 252 21.08 18.33 -15.46
C THR H 252 19.85 19.05 -16.00
N PRO H 253 19.97 20.33 -16.32
CA PRO H 253 18.81 21.09 -16.81
C PRO H 253 18.36 20.62 -18.20
N ILE H 254 17.09 20.84 -18.48
CA ILE H 254 16.49 20.48 -19.77
C ILE H 254 16.80 21.61 -20.75
N VAL H 255 17.72 21.38 -21.67
CA VAL H 255 18.09 22.39 -22.66
C VAL H 255 17.08 22.33 -23.80
N PRO H 256 16.57 23.47 -24.28
CA PRO H 256 15.63 23.44 -25.40
C PRO H 256 16.28 22.94 -26.67
N ALA H 257 15.45 22.34 -27.52
CA ALA H 257 15.91 21.77 -28.79
C ALA H 257 16.40 22.86 -29.73
N MET I 1 24.47 15.36 -2.95
CA MET I 1 25.22 14.52 -2.04
C MET I 1 26.03 15.36 -1.06
N THR I 2 26.15 16.66 -1.38
CA THR I 2 26.87 17.57 -0.49
C THR I 2 26.16 17.72 0.85
N GLY I 3 24.83 17.64 0.85
CA GLY I 3 24.06 17.67 2.09
C GLY I 3 23.20 18.93 2.16
N VAL I 4 23.14 19.51 3.36
CA VAL I 4 22.33 20.70 3.57
C VAL I 4 22.87 21.93 2.85
N LEU I 5 24.09 21.84 2.32
CA LEU I 5 24.62 22.91 1.48
C LEU I 5 23.90 23.01 0.15
N THR I 6 23.05 22.03 -0.18
CA THR I 6 22.27 22.07 -1.41
C THR I 6 21.37 23.29 -1.48
N LEU I 7 21.06 23.90 -0.33
CA LEU I 7 20.27 25.12 -0.34
C LEU I 7 20.95 26.26 -1.07
N THR I 8 22.27 26.21 -1.23
CA THR I 8 22.95 27.28 -1.95
C THR I 8 22.62 27.26 -3.44
N ARG I 9 22.27 26.10 -3.98
CA ARG I 9 22.17 25.94 -5.42
C ARG I 9 20.91 26.59 -5.99
N THR I 10 19.78 26.44 -5.31
CA THR I 10 18.50 26.86 -5.84
C THR I 10 18.04 28.17 -5.21
N SER I 11 17.12 28.84 -5.89
CA SER I 11 16.56 30.09 -5.38
C SER I 11 15.78 29.86 -4.10
N VAL I 12 15.00 28.79 -4.03
CA VAL I 12 14.24 28.50 -2.82
C VAL I 12 15.17 28.19 -1.66
N GLY I 13 16.30 27.57 -1.92
CA GLY I 13 17.27 27.34 -0.85
C GLY I 13 17.83 28.62 -0.29
N LYS I 14 18.13 29.58 -1.18
CA LYS I 14 18.56 30.90 -0.70
C LYS I 14 17.47 31.58 0.10
N LYS I 15 16.22 31.42 -0.33
CA LYS I 15 15.11 31.99 0.44
C LYS I 15 15.02 31.35 1.81
N VAL I 16 15.28 30.05 1.91
CA VAL I 16 15.25 29.36 3.20
C VAL I 16 16.38 29.86 4.11
N ILE I 17 17.58 29.99 3.55
CA ILE I 17 18.70 30.57 4.30
C ILE I 17 18.31 31.94 4.83
N MET I 18 17.70 32.75 3.97
CA MET I 18 17.27 34.09 4.35
C MET I 18 16.22 34.04 5.46
N ALA I 19 15.32 33.06 5.40
CA ALA I 19 14.30 32.94 6.45
C ALA I 19 14.90 32.62 7.80
N LEU I 20 15.83 31.67 7.85
CA LEU I 20 16.47 31.35 9.12
C LEU I 20 17.26 32.54 9.65
N THR I 21 18.00 33.21 8.78
CA THR I 21 18.73 34.41 9.18
C THR I 21 17.78 35.49 9.69
N GLY I 22 16.61 35.62 9.04
CA GLY I 22 15.63 36.57 9.51
C GLY I 22 15.09 36.23 10.88
N PHE I 23 14.91 34.94 11.15
CA PHE I 23 14.55 34.53 12.51
C PHE I 23 15.56 35.07 13.51
N VAL I 24 16.85 34.81 13.26
CA VAL I 24 17.88 35.24 14.20
C VAL I 24 17.87 36.75 14.36
N LEU I 25 17.78 37.48 13.24
CA LEU I 25 17.88 38.94 13.30
C LEU I 25 16.66 39.56 13.96
N VAL I 26 15.47 39.02 13.72
CA VAL I 26 14.27 39.51 14.39
C VAL I 26 14.37 39.28 15.89
N GLY I 27 14.84 38.10 16.30
CA GLY I 27 15.04 37.87 17.72
C GLY I 27 16.00 38.87 18.33
N PHE I 28 17.11 39.15 17.65
CA PHE I 28 18.06 40.12 18.17
C PHE I 28 17.44 41.50 18.27
N VAL I 29 16.68 41.92 17.27
CA VAL I 29 16.11 43.27 17.29
C VAL I 29 15.13 43.41 18.45
N VAL I 30 14.27 42.40 18.66
CA VAL I 30 13.30 42.47 19.74
C VAL I 30 14.01 42.53 21.10
N PHE I 31 15.00 41.64 21.29
CA PHE I 31 15.72 41.63 22.56
C PHE I 31 16.46 42.95 22.79
N HIS I 32 17.05 43.50 21.72
CA HIS I 32 17.80 44.75 21.83
C HIS I 32 16.91 45.91 22.22
N MET I 33 15.73 46.00 21.60
CA MET I 33 14.77 47.04 21.99
C MET I 33 14.34 46.87 23.44
N TYR I 34 14.05 45.64 23.84
CA TYR I 34 13.64 45.41 25.22
C TYR I 34 14.73 45.84 26.20
N GLY I 35 15.99 45.52 25.88
CA GLY I 35 17.07 45.94 26.74
C GLY I 35 17.25 47.45 26.78
N ASN I 36 17.09 48.10 25.62
CA ASN I 36 17.24 49.54 25.54
C ASN I 36 16.09 50.29 26.19
N LEU I 37 14.98 49.61 26.48
CA LEU I 37 13.89 50.28 27.20
C LEU I 37 14.31 50.76 28.59
N LYS I 38 15.41 50.25 29.13
CA LYS I 38 15.81 50.56 30.50
C LYS I 38 16.30 51.99 30.68
N MET I 39 16.55 52.74 29.60
CA MET I 39 17.04 54.10 29.76
C MET I 39 16.03 55.00 30.44
N TYR I 40 14.74 54.65 30.39
CA TYR I 40 13.74 55.43 31.11
C TYR I 40 13.83 55.19 32.61
N GLN I 41 14.32 54.01 33.02
CA GLN I 41 14.44 53.71 34.45
C GLN I 41 15.46 54.62 35.12
N GLY I 42 16.54 54.94 34.41
CA GLY I 42 17.56 55.82 34.96
C GLY I 42 18.95 55.43 34.48
N PRO I 43 19.91 56.35 34.64
CA PRO I 43 21.28 56.03 34.20
C PRO I 43 21.89 54.85 34.95
N GLU I 44 21.54 54.68 36.22
CA GLU I 44 22.11 53.58 37.00
C GLU I 44 21.72 52.23 36.42
N VAL I 45 20.43 52.05 36.14
CA VAL I 45 19.95 50.77 35.62
C VAL I 45 20.50 50.53 34.22
N TYR I 46 20.56 51.57 33.40
CA TYR I 46 21.09 51.42 32.05
C TYR I 46 22.56 51.01 32.08
N ASN I 47 23.36 51.67 32.91
CA ASN I 47 24.77 51.29 33.01
C ASN I 47 24.93 49.89 33.60
N ALA I 48 24.08 49.52 34.54
CA ALA I 48 24.13 48.16 35.08
C ALA I 48 23.83 47.13 34.00
N TYR I 49 22.85 47.40 33.14
CA TYR I 49 22.56 46.49 32.04
C TYR I 49 23.74 46.40 31.08
N ALA I 50 24.33 47.55 30.74
CA ALA I 50 25.45 47.55 29.80
C ALA I 50 26.63 46.77 30.37
N ALA I 51 26.91 46.94 31.67
CA ALA I 51 27.99 46.17 32.29
C ALA I 51 27.66 44.69 32.37
N GLY I 52 26.41 44.35 32.70
CA GLY I 52 26.03 42.97 32.86
C GLY I 52 25.96 42.20 31.57
N LEU I 53 25.87 42.89 30.43
CA LEU I 53 25.98 42.19 29.15
C LEU I 53 27.32 41.47 29.03
N ARG I 54 28.41 42.14 29.41
CA ARG I 54 29.73 41.52 29.30
C ARG I 54 29.93 40.45 30.37
N GLU I 55 29.42 40.69 31.57
CA GLU I 55 29.53 39.73 32.66
C GLU I 55 28.31 38.80 32.68
N LEU I 56 28.09 38.14 31.55
CA LEU I 56 26.97 37.20 31.41
C LEU I 56 27.43 35.83 31.89
N GLY I 57 27.11 35.52 33.14
CA GLY I 57 27.63 34.32 33.75
C GLY I 57 29.11 34.38 34.04
N TYR I 58 29.60 35.54 34.49
CA TYR I 58 31.03 35.83 34.60
C TYR I 58 31.79 34.78 35.40
N PRO I 59 31.29 34.31 36.56
CA PRO I 59 32.06 33.29 37.29
C PRO I 59 32.29 32.00 36.50
N ILE I 60 31.38 31.63 35.61
CA ILE I 60 31.48 30.37 34.89
C ILE I 60 31.93 30.53 33.45
N PHE I 61 31.47 31.55 32.73
CA PHE I 61 31.77 31.67 31.31
C PHE I 61 32.86 32.68 30.99
N GLY I 62 33.53 33.22 32.00
CA GLY I 62 34.58 34.18 31.72
C GLY I 62 34.00 35.53 31.34
N HIS I 63 34.88 36.40 30.88
CA HIS I 63 34.55 37.78 30.61
C HIS I 63 34.35 37.98 29.10
N GLU I 64 33.17 38.45 28.72
CA GLU I 64 32.83 38.81 27.34
C GLU I 64 32.81 37.61 26.40
N HIS I 65 32.78 36.39 26.92
CA HIS I 65 32.76 35.22 26.04
C HIS I 65 31.41 35.09 25.33
N LEU I 66 30.32 35.17 26.08
CA LEU I 66 29.00 35.02 25.47
C LEU I 66 28.70 36.17 24.52
N LEU I 67 29.13 37.39 24.87
CA LEU I 67 28.90 38.51 23.99
C LEU I 67 29.65 38.34 22.68
N TRP I 68 30.88 37.82 22.73
CA TRP I 68 31.62 37.60 21.49
C TRP I 68 30.99 36.50 20.66
N ILE I 69 30.48 35.44 21.30
CA ILE I 69 29.79 34.39 20.55
C ILE I 69 28.56 34.95 19.87
N ALA I 70 27.77 35.76 20.59
CA ALA I 70 26.59 36.37 20.00
C ALA I 70 26.95 37.30 18.85
N ARG I 71 28.04 38.07 19.02
CA ARG I 71 28.47 38.96 17.95
C ARG I 71 28.87 38.19 16.70
N PHE I 72 29.59 37.08 16.88
CA PHE I 72 29.96 36.27 15.73
C PHE I 72 28.74 35.70 15.03
N ILE I 73 27.76 35.22 15.80
CA ILE I 73 26.55 34.67 15.19
C ILE I 73 25.80 35.76 14.42
N LEU I 74 25.71 36.96 15.01
CA LEU I 74 25.02 38.05 14.34
C LEU I 74 25.72 38.45 13.05
N LEU I 75 27.06 38.52 13.07
CA LEU I 75 27.80 38.84 11.86
C LEU I 75 27.57 37.80 10.78
N ALA I 76 27.63 36.51 11.14
CA ALA I 76 27.41 35.47 10.16
C ALA I 76 26.02 35.57 9.56
N SER I 77 25.01 35.78 10.40
CA SER I 77 23.65 35.89 9.91
C SER I 77 23.50 37.09 8.99
N VAL I 78 24.05 38.24 9.38
CA VAL I 78 23.91 39.43 8.55
C VAL I 78 24.57 39.23 7.20
N PHE I 79 25.76 38.63 7.19
CA PHE I 79 26.45 38.42 5.91
C PHE I 79 25.68 37.46 5.02
N LEU I 80 25.12 36.39 5.59
CA LEU I 80 24.30 35.48 4.78
C LEU I 80 23.07 36.19 4.23
N HIS I 81 22.43 37.02 5.06
CA HIS I 81 21.26 37.77 4.62
C HIS I 81 21.60 38.68 3.45
N ILE I 82 22.72 39.41 3.57
CA ILE I 82 23.12 40.33 2.51
C ILE I 82 23.42 39.57 1.23
N TRP I 83 24.14 38.46 1.34
CA TRP I 83 24.51 37.70 0.15
C TRP I 83 23.27 37.18 -0.57
N ALA I 84 22.36 36.56 0.17
CA ALA I 84 21.14 36.05 -0.45
C ALA I 84 20.30 37.18 -1.03
N ALA I 85 20.21 38.31 -0.32
CA ALA I 85 19.46 39.45 -0.84
C ALA I 85 20.01 39.92 -2.17
N THR I 86 21.32 40.13 -2.24
CA THR I 86 21.93 40.63 -3.47
C THR I 86 21.72 39.64 -4.61
N SER I 87 21.96 38.35 -4.35
CA SER I 87 21.82 37.35 -5.40
C SER I 87 20.41 37.30 -5.93
N LEU I 88 19.43 37.20 -5.02
CA LEU I 88 18.04 37.08 -5.44
C LEU I 88 17.55 38.35 -6.14
N THR I 89 17.98 39.52 -5.66
CA THR I 89 17.58 40.77 -6.29
C THR I 89 18.13 40.87 -7.70
N LEU I 90 19.39 40.50 -7.90
CA LEU I 90 19.94 40.52 -9.25
C LEU I 90 19.22 39.54 -10.16
N GLN I 91 18.92 38.34 -9.65
CA GLN I 91 18.22 37.35 -10.45
C GLN I 91 16.84 37.85 -10.86
N SER I 92 16.10 38.43 -9.92
CA SER I 92 14.77 38.94 -10.22
C SER I 92 14.81 40.18 -11.09
N ARG I 93 15.92 40.92 -11.08
CA ARG I 93 16.08 42.02 -12.01
C ARG I 93 16.35 41.53 -13.43
N ARG I 94 17.04 40.40 -13.57
CA ARG I 94 17.27 39.85 -14.90
C ARG I 94 16.00 39.35 -15.55
N SER I 95 14.97 39.00 -14.77
CA SER I 95 13.76 38.42 -15.31
C SER I 95 12.84 39.45 -15.98
N LEU I 96 13.18 40.73 -15.92
CA LEU I 96 12.31 41.76 -16.46
C LEU I 96 12.96 42.61 -17.54
N GLN I 97 14.28 42.53 -17.72
CA GLN I 97 14.96 43.43 -18.64
C GLN I 97 14.64 43.12 -20.09
N ALA I 98 14.31 41.88 -20.41
CA ALA I 98 14.06 41.50 -21.79
C ALA I 98 12.75 42.08 -22.30
N SER I 99 11.69 41.98 -21.50
CA SER I 99 10.35 42.41 -21.89
C SER I 99 9.91 43.55 -20.97
N SER I 100 10.17 44.78 -21.40
CA SER I 100 9.74 45.96 -20.66
C SER I 100 9.69 47.14 -21.61
N ILE I 101 8.71 48.03 -21.42
CA ILE I 101 8.61 49.23 -22.24
C ILE I 101 9.88 50.05 -22.14
N SER I 102 10.28 50.36 -20.91
CA SER I 102 11.51 51.10 -20.63
C SER I 102 12.28 50.39 -19.53
N THR I 103 13.50 50.87 -19.26
CA THR I 103 14.27 50.33 -18.17
C THR I 103 13.70 50.73 -16.81
N VAL I 104 12.79 51.69 -16.77
CA VAL I 104 12.18 52.12 -15.52
C VAL I 104 10.72 51.68 -15.39
N ARG I 105 10.10 51.20 -16.46
CA ARG I 105 8.68 50.87 -16.46
C ARG I 105 8.49 49.52 -17.15
N ARG I 106 7.83 48.58 -16.46
CA ARG I 106 7.56 47.28 -17.03
C ARG I 106 6.36 47.31 -17.97
N TYR I 107 5.18 47.60 -17.42
CA TYR I 107 3.95 47.68 -18.19
C TYR I 107 3.56 49.13 -18.42
N GLY I 108 2.80 49.36 -19.49
CA GLY I 108 2.22 50.68 -19.69
C GLY I 108 1.19 51.04 -18.65
N GLN I 109 0.64 50.04 -17.98
CA GLN I 109 -0.27 50.25 -16.85
C GLN I 109 -0.27 48.96 -16.05
N HIS I 110 0.00 49.04 -14.75
CA HIS I 110 0.01 47.87 -13.90
C HIS I 110 -0.53 48.25 -12.53
N LYS I 111 -1.62 47.59 -12.12
CA LYS I 111 -2.28 47.88 -10.87
C LYS I 111 -2.07 46.71 -9.91
N ARG I 112 -1.43 46.98 -8.77
CA ARG I 112 -1.08 45.95 -7.82
C ARG I 112 -2.20 45.73 -6.81
N GLN I 113 -2.47 44.45 -6.52
CA GLN I 113 -3.58 44.06 -5.66
C GLN I 113 -3.14 43.35 -4.39
N SER I 114 -1.83 43.25 -4.14
CA SER I 114 -1.36 42.57 -2.95
C SER I 114 -0.22 43.29 -2.24
N GLY I 115 -0.02 44.57 -2.50
CA GLY I 115 0.96 45.35 -1.77
C GLY I 115 2.20 45.63 -2.60
N TYR I 116 3.09 46.41 -2.00
CA TYR I 116 4.33 46.86 -2.64
C TYR I 116 5.54 46.29 -1.90
N ALA I 117 5.46 45.03 -1.52
CA ALA I 117 6.46 44.43 -0.63
C ALA I 117 7.87 44.49 -1.23
N ASP I 118 8.00 44.32 -2.54
CA ASP I 118 9.32 44.27 -3.14
C ASP I 118 10.06 45.59 -2.99
N TYR I 119 9.43 46.70 -3.39
CA TYR I 119 10.07 48.01 -3.27
C TYR I 119 10.44 48.30 -1.83
N THR I 120 9.47 48.18 -0.94
CA THR I 120 9.68 48.49 0.47
C THR I 120 10.79 47.63 1.05
N MET I 121 10.74 46.33 0.80
CA MET I 121 11.69 45.40 1.39
C MET I 121 13.11 45.69 0.92
N ARG I 122 13.29 45.89 -0.40
CA ARG I 122 14.65 46.08 -0.90
C ARG I 122 15.23 47.43 -0.49
N PHE I 123 14.44 48.51 -0.65
CA PHE I 123 14.96 49.82 -0.27
C PHE I 123 15.21 49.90 1.22
N GLY I 124 14.30 49.35 2.03
CA GLY I 124 14.53 49.30 3.46
C GLY I 124 15.74 48.46 3.82
N GLY I 125 16.00 47.39 3.08
CA GLY I 125 17.19 46.61 3.34
C GLY I 125 18.46 47.41 3.12
N VAL I 126 18.55 48.14 2.01
CA VAL I 126 19.72 48.95 1.77
C VAL I 126 19.88 50.02 2.85
N LEU I 127 18.78 50.69 3.19
CA LEU I 127 18.85 51.73 4.22
C LEU I 127 19.26 51.15 5.56
N ILE I 128 18.76 49.96 5.89
CA ILE I 128 19.10 49.32 7.16
C ILE I 128 20.58 48.94 7.17
N PHE I 129 21.12 48.51 6.03
CA PHE I 129 22.54 48.22 5.95
C PHE I 129 23.37 49.45 6.27
N PHE I 130 23.06 50.56 5.61
CA PHE I 130 23.80 51.80 5.87
C PHE I 130 23.64 52.24 7.31
N PHE I 131 22.43 52.12 7.85
CA PHE I 131 22.18 52.51 9.23
C PHE I 131 22.96 51.64 10.20
N ILE I 132 23.06 50.34 9.94
CA ILE I 132 23.81 49.47 10.83
C ILE I 132 25.27 49.91 10.86
N ILE I 133 25.83 50.17 9.69
CA ILE I 133 27.22 50.64 9.64
C ILE I 133 27.38 51.92 10.45
N TYR I 134 26.51 52.90 10.19
CA TYR I 134 26.65 54.19 10.88
C TYR I 134 26.41 54.06 12.37
N HIS I 135 25.42 53.27 12.77
CA HIS I 135 25.09 53.11 14.18
C HIS I 135 26.22 52.44 14.95
N ILE I 136 26.81 51.39 14.38
CA ILE I 136 27.96 50.77 15.02
C ILE I 136 29.11 51.75 15.13
N LEU I 137 29.34 52.52 14.06
CA LEU I 137 30.44 53.47 14.07
C LEU I 137 30.15 54.67 14.98
N HIS I 138 28.90 54.90 15.35
CA HIS I 138 28.48 56.10 16.04
C HIS I 138 28.25 55.91 17.54
N LEU I 139 27.77 54.75 17.96
CA LEU I 139 27.49 54.51 19.38
C LEU I 139 28.42 53.49 20.02
N THR I 140 28.79 52.43 19.30
CA THR I 140 29.72 51.47 19.88
C THR I 140 31.13 52.04 19.95
N PHE I 141 31.59 52.70 18.89
CA PHE I 141 32.94 53.24 18.84
C PHE I 141 32.98 54.75 19.07
N GLY I 142 31.95 55.48 18.67
CA GLY I 142 31.90 56.91 18.91
C GLY I 142 32.99 57.70 18.22
N VAL I 143 33.21 57.42 16.93
CA VAL I 143 34.23 58.09 16.16
C VAL I 143 33.65 58.95 15.04
N VAL I 144 32.34 59.02 14.92
CA VAL I 144 31.70 59.76 13.84
C VAL I 144 30.42 60.41 14.36
N GLY I 145 30.14 61.61 13.89
CA GLY I 145 28.93 62.31 14.27
C GLY I 145 28.84 62.61 15.75
N TYR I 146 29.93 63.08 16.35
CA TYR I 146 29.97 63.24 17.79
C TYR I 146 30.97 64.35 18.11
N GLU I 147 30.58 65.24 19.01
CA GLU I 147 31.47 66.34 19.39
C GLU I 147 32.71 65.80 20.11
N PRO I 148 33.87 66.42 19.91
CA PRO I 148 35.08 65.95 20.59
C PRO I 148 34.99 66.16 22.09
N GLY I 149 35.62 65.26 22.83
CA GLY I 149 35.62 65.34 24.28
C GLY I 149 34.27 65.10 24.92
N GLN I 150 33.40 64.34 24.28
CA GLN I 150 32.08 64.06 24.82
C GLN I 150 31.75 62.58 24.92
N PHE I 151 32.54 61.70 24.31
CA PHE I 151 32.31 60.27 24.38
C PHE I 151 33.18 59.66 25.48
N ILE I 152 32.57 58.85 26.33
CA ILE I 152 33.27 58.21 27.43
C ILE I 152 33.35 56.72 27.11
N HIS I 153 34.54 56.26 26.76
CA HIS I 153 34.73 54.86 26.47
C HIS I 153 34.62 54.03 27.75
N PRO I 154 34.24 52.76 27.64
CA PRO I 154 34.25 51.90 28.83
C PRO I 154 35.64 51.80 29.43
N HIS I 155 35.82 52.33 30.63
CA HIS I 155 37.12 52.39 31.28
C HIS I 155 37.14 51.35 32.41
N GLY I 156 37.52 50.14 32.07
CA GLY I 156 37.57 49.06 33.05
C GLY I 156 36.24 48.35 33.17
N ASP I 157 35.61 48.45 34.33
CA ASP I 157 34.34 47.80 34.59
C ASP I 157 33.17 48.78 34.71
N VAL I 158 33.41 50.06 34.42
CA VAL I 158 32.37 51.08 34.50
C VAL I 158 31.98 51.50 33.08
N TYR I 159 30.69 51.62 32.85
CA TYR I 159 30.15 51.95 31.55
C TYR I 159 29.32 53.22 31.64
N GLU I 160 29.44 54.07 30.62
CA GLU I 160 28.76 55.36 30.58
C GLU I 160 27.88 55.47 29.34
N THR I 161 27.17 54.40 29.01
CA THR I 161 26.35 54.41 27.80
C THR I 161 25.22 55.42 27.90
N TYR I 162 24.73 55.69 29.11
CA TYR I 162 23.67 56.69 29.25
C TYR I 162 24.16 58.06 28.83
N ASN I 163 25.39 58.42 29.22
CA ASN I 163 25.96 59.69 28.80
C ASN I 163 26.14 59.74 27.28
N ASN I 164 26.60 58.65 26.69
CA ASN I 164 26.78 58.63 25.24
C ASN I 164 25.46 58.79 24.51
N VAL I 165 24.41 58.15 25.01
CA VAL I 165 23.10 58.24 24.36
C VAL I 165 22.52 59.64 24.53
N VAL I 166 22.58 60.19 25.74
CA VAL I 166 22.00 61.51 25.97
C VAL I 166 22.76 62.59 25.22
N TYR I 167 24.03 62.35 24.89
CA TYR I 167 24.82 63.27 24.08
C TYR I 167 24.92 62.82 22.62
N GLY I 168 24.27 61.71 22.26
CA GLY I 168 24.30 61.24 20.89
C GLY I 168 23.20 61.83 20.03
N PHE I 169 21.96 61.69 20.48
CA PHE I 169 20.80 62.21 19.73
C PHE I 169 20.54 63.66 20.13
N GLN I 170 21.43 64.52 19.67
CA GLN I 170 21.30 65.96 19.87
C GLN I 170 21.25 66.73 18.57
N ASN I 171 21.96 66.28 17.55
CA ASN I 171 21.83 66.85 16.23
C ASN I 171 20.52 66.41 15.60
N PRO I 172 19.67 67.34 15.14
CA PRO I 172 18.39 66.92 14.55
C PRO I 172 18.54 66.02 13.34
N LEU I 173 19.63 66.17 12.57
CA LEU I 173 19.83 65.31 11.42
C LEU I 173 19.95 63.85 11.82
N ILE I 174 20.67 63.58 12.91
CA ILE I 174 20.85 62.21 13.36
C ILE I 174 19.53 61.59 13.78
N VAL I 175 18.72 62.35 14.54
CA VAL I 175 17.46 61.79 14.99
C VAL I 175 16.50 61.60 13.81
N GLY I 176 16.55 62.49 12.82
CA GLY I 176 15.73 62.28 11.63
C GLY I 176 16.15 61.04 10.86
N PHE I 177 17.45 60.83 10.72
CA PHE I 177 17.95 59.63 10.05
C PHE I 177 17.52 58.38 10.79
N TYR I 178 17.62 58.40 12.13
CA TYR I 178 17.20 57.26 12.92
C TYR I 178 15.70 56.98 12.75
N LEU I 179 14.89 58.05 12.75
CA LEU I 179 13.45 57.86 12.59
C LEU I 179 13.11 57.28 11.22
N LEU I 180 13.79 57.76 10.17
CA LEU I 180 13.56 57.21 8.83
C LEU I 180 13.93 55.73 8.78
N THR I 181 15.10 55.39 9.31
CA THR I 181 15.51 53.99 9.33
C THR I 181 14.52 53.15 10.10
N MET I 182 13.99 53.66 11.21
CA MET I 182 13.07 52.87 12.00
C MET I 182 11.72 52.70 11.30
N VAL I 183 11.27 53.69 10.53
CA VAL I 183 10.06 53.50 9.74
C VAL I 183 10.28 52.38 8.73
N PHE I 184 11.41 52.41 8.03
CA PHE I 184 11.67 51.39 7.03
C PHE I 184 11.83 50.01 7.67
N LEU I 185 12.47 49.96 8.84
CA LEU I 185 12.60 48.70 9.56
C LEU I 185 11.25 48.20 10.06
N ALA I 186 10.34 49.10 10.42
CA ALA I 186 9.01 48.69 10.81
C ALA I 186 8.29 48.01 9.66
N LEU I 187 8.35 48.61 8.46
CA LEU I 187 7.75 47.95 7.30
C LEU I 187 8.44 46.62 7.00
N HIS I 188 9.77 46.61 7.09
CA HIS I 188 10.55 45.40 6.86
C HIS I 188 10.08 44.27 7.76
N LEU I 189 9.97 44.52 9.06
CA LEU I 189 9.50 43.50 9.99
C LEU I 189 8.04 43.12 9.72
N TYR I 190 7.19 44.12 9.46
CA TYR I 190 5.77 43.87 9.25
C TYR I 190 5.54 42.90 8.12
N HIS I 191 6.38 42.93 7.09
CA HIS I 191 6.26 41.89 6.07
C HIS I 191 7.06 40.63 6.41
N GLY I 192 8.29 40.78 6.88
CA GLY I 192 9.19 39.65 6.98
C GLY I 192 8.84 38.66 8.07
N VAL I 193 8.18 39.12 9.14
CA VAL I 193 7.87 38.20 10.23
C VAL I 193 6.90 37.12 9.74
N TRP I 194 5.92 37.50 8.92
CA TRP I 194 5.05 36.51 8.30
C TRP I 194 5.74 35.80 7.13
N SER I 195 6.53 36.55 6.36
CA SER I 195 7.15 35.96 5.18
C SER I 195 8.10 34.83 5.54
N MET I 196 8.80 34.95 6.66
CA MET I 196 9.76 33.91 7.03
C MET I 196 9.06 32.66 7.54
N PHE I 197 7.86 32.80 8.09
CA PHE I 197 7.09 31.62 8.46
C PHE I 197 6.53 30.94 7.22
N GLN I 198 6.08 31.73 6.25
CA GLN I 198 5.59 31.14 5.00
C GLN I 198 6.72 30.45 4.24
N THR I 199 7.91 31.04 4.24
CA THR I 199 9.02 30.49 3.48
C THR I 199 9.45 29.11 4.00
N LEU I 200 9.47 28.94 5.32
CA LEU I 200 9.81 27.65 5.87
C LEU I 200 8.70 26.63 5.73
N GLY I 201 7.51 27.05 5.29
CA GLY I 201 6.40 26.14 5.12
C GLY I 201 5.53 25.93 6.34
N TRP I 202 5.73 26.70 7.42
CA TRP I 202 4.94 26.56 8.63
C TRP I 202 3.70 27.45 8.55
N ASN I 203 2.91 27.25 7.51
CA ASN I 203 1.74 28.09 7.29
C ASN I 203 0.66 27.30 6.57
N ASN I 204 -0.59 27.61 6.90
CA ASN I 204 -1.75 27.01 6.24
C ASN I 204 -2.92 27.96 6.43
N ARG I 205 -4.13 27.45 6.16
CA ARG I 205 -5.33 28.28 6.25
C ARG I 205 -5.58 28.74 7.69
N THR I 206 -5.35 27.86 8.66
CA THR I 206 -5.70 28.17 10.03
C THR I 206 -4.81 29.27 10.61
N TYR I 207 -3.51 29.17 10.38
CA TYR I 207 -2.54 30.02 11.07
C TYR I 207 -2.18 31.29 10.32
N ASP I 208 -2.77 31.53 9.14
CA ASP I 208 -2.38 32.68 8.35
C ASP I 208 -2.72 33.99 9.05
N ARG I 209 -3.97 34.13 9.50
CA ARG I 209 -4.37 35.36 10.17
C ARG I 209 -3.62 35.54 11.49
N LEU I 210 -3.39 34.45 12.20
CA LEU I 210 -2.61 34.53 13.44
C LEU I 210 -1.20 35.04 13.18
N LEU I 211 -0.55 34.53 12.14
CA LEU I 211 0.80 34.98 11.82
C LEU I 211 0.80 36.43 11.36
N ARG I 212 -0.23 36.84 10.61
CA ARG I 212 -0.31 38.24 10.21
C ARG I 212 -0.45 39.15 11.43
N GLY I 213 -1.28 38.75 12.39
CA GLY I 213 -1.41 39.54 13.61
C GLY I 213 -0.12 39.59 14.41
N LEU I 214 0.58 38.47 14.49
CA LEU I 214 1.86 38.45 15.19
C LEU I 214 2.87 39.37 14.51
N ALA I 215 2.92 39.36 13.18
CA ALA I 215 3.81 40.27 12.47
C ALA I 215 3.44 41.71 12.74
N ILE I 216 2.14 42.02 12.73
CA ILE I 216 1.69 43.39 12.97
C ILE I 216 2.13 43.86 14.35
N VAL I 217 1.90 43.03 15.36
CA VAL I 217 2.19 43.45 16.73
C VAL I 217 3.69 43.58 16.94
N VAL I 218 4.48 42.66 16.38
CA VAL I 218 5.94 42.76 16.54
C VAL I 218 6.46 44.03 15.89
N ALA I 219 6.03 44.30 14.66
CA ALA I 219 6.49 45.50 13.97
C ALA I 219 6.06 46.76 14.71
N ALA I 220 4.82 46.80 15.20
CA ALA I 220 4.35 47.99 15.90
C ALA I 220 5.13 48.22 17.19
N ALA I 221 5.38 47.16 17.96
CA ALA I 221 6.13 47.30 19.20
C ALA I 221 7.53 47.80 18.94
N VAL I 222 8.23 47.19 17.97
CA VAL I 222 9.60 47.59 17.69
C VAL I 222 9.65 49.04 17.23
N PHE I 223 8.73 49.40 16.32
CA PHE I 223 8.70 50.76 15.80
C PHE I 223 8.45 51.77 16.92
N ILE I 224 7.46 51.49 17.78
CA ILE I 224 7.11 52.44 18.84
C ILE I 224 8.28 52.64 19.78
N GLY I 225 8.90 51.55 20.24
CA GLY I 225 10.01 51.70 21.17
C GLY I 225 11.21 52.41 20.56
N ASN I 226 11.58 52.01 19.34
CA ASN I 226 12.79 52.54 18.74
C ASN I 226 12.62 53.94 18.19
N ILE I 227 11.38 54.42 18.04
CA ILE I 227 11.20 55.85 17.79
C ILE I 227 10.99 56.62 19.08
N SER I 228 10.58 55.95 20.16
CA SER I 228 10.46 56.62 21.44
C SER I 228 11.82 56.98 22.02
N PHE I 229 12.84 56.15 21.79
CA PHE I 229 14.15 56.43 22.36
C PHE I 229 14.72 57.77 21.88
N PRO I 230 15.04 57.96 20.59
CA PRO I 230 15.78 59.17 20.21
C PRO I 230 14.94 60.42 20.28
N LEU I 231 13.63 60.32 20.02
CA LEU I 231 12.77 61.49 20.16
C LEU I 231 12.75 61.99 21.60
N ALA I 232 12.64 61.07 22.56
CA ALA I 232 12.69 61.46 23.96
C ALA I 232 14.05 62.05 24.34
N VAL I 233 15.13 61.48 23.81
CA VAL I 233 16.44 62.04 24.10
C VAL I 233 16.54 63.47 23.56
N TYR I 234 16.06 63.69 22.33
CA TYR I 234 16.20 65.01 21.72
C TYR I 234 15.34 66.05 22.43
N PHE I 235 14.10 65.69 22.78
CA PHE I 235 13.20 66.67 23.37
C PHE I 235 13.51 66.97 24.83
N GLY I 236 14.35 66.18 25.48
CA GLY I 236 14.73 66.43 26.86
C GLY I 236 13.98 65.62 27.90
N PHE I 237 13.12 64.69 27.47
CA PHE I 237 12.45 63.83 28.44
C PHE I 237 13.46 62.93 29.16
N VAL I 238 14.46 62.45 28.43
CA VAL I 238 15.55 61.68 29.01
C VAL I 238 16.77 62.59 29.08
N ALA I 239 17.20 62.90 30.29
CA ALA I 239 18.32 63.82 30.48
C ALA I 239 19.37 63.22 31.42
PA FAD J . -30.09 -14.94 11.89
O1A FAD J . -28.77 -14.29 12.04
O2A FAD J . -30.55 -15.76 13.08
O5B FAD J . -31.20 -13.92 11.56
C5B FAD J . -32.19 -13.54 12.54
C4B FAD J . -32.65 -12.13 12.28
O4B FAD J . -34.04 -12.13 11.91
C3B FAD J . -32.52 -11.19 13.47
O3B FAD J . -32.23 -9.87 13.02
C2B FAD J . -33.91 -11.27 14.09
O2B FAD J . -34.22 -10.11 14.85
C1B FAD J . -34.78 -11.35 12.83
N9A FAD J . -36.08 -11.97 13.04
C8A FAD J . -36.34 -13.30 13.22
N7A FAD J . -37.62 -13.58 13.37
C5A FAD J . -38.23 -12.34 13.30
C6A FAD J . -39.58 -11.93 13.38
N6A FAD J . -40.59 -12.78 13.59
N1A FAD J . -39.85 -10.62 13.26
C2A FAD J . -38.83 -9.77 13.07
N3A FAD J . -37.54 -10.03 12.96
C4A FAD J . -37.29 -11.34 13.09
N1 FAD J . -22.56 -21.47 10.35
C2 FAD J . -21.32 -21.62 9.80
O2 FAD J . -21.15 -21.59 8.58
N3 FAD J . -20.22 -21.79 10.62
C4 FAD J . -20.24 -21.86 12.00
O4 FAD J . -19.20 -22.02 12.62
C4X FAD J . -21.56 -21.69 12.57
N5 FAD J . -21.67 -21.73 13.86
C5X FAD J . -22.93 -21.58 14.41
C6 FAD J . -23.06 -21.62 15.80
C7 FAD J . -24.31 -21.47 16.40
C7M FAD J . -24.42 -21.52 17.90
C8 FAD J . -25.44 -21.29 15.60
C8M FAD J . -26.80 -21.13 16.21
C9 FAD J . -25.31 -21.25 14.21
C9A FAD J . -24.06 -21.40 13.63
N10 FAD J . -23.90 -21.37 12.23
C10 FAD J . -22.66 -21.50 11.66
C1' FAD J . -25.06 -21.15 11.34
C2' FAD J . -25.17 -19.72 10.87
O2' FAD J . -24.39 -18.85 11.69
C3' FAD J . -26.63 -19.27 10.93
O3' FAD J . -27.47 -20.37 10.63
C4' FAD J . -26.91 -18.13 9.95
O4' FAD J . -26.15 -16.99 10.34
C5' FAD J . -28.38 -17.78 9.85
O5' FAD J . -28.53 -16.69 8.91
P FAD J . -29.54 -15.52 9.18
O1P FAD J . -28.77 -14.21 9.29
O2P FAD J . -30.63 -15.58 8.21
O3P FAD J . -30.08 -15.89 10.62
FE1 SF4 K . -19.36 -4.12 27.35
FE2 SF4 K . -17.93 -3.13 25.25
FE3 SF4 K . -16.65 -3.83 27.55
FE4 SF4 K . -18.26 -1.63 27.50
S1 SF4 K . -16.33 -1.94 26.33
S2 SF4 K . -18.20 -3.24 29.11
S3 SF4 K . -19.89 -2.32 26.07
S4 SF4 K . -17.77 -5.22 26.15
FE1 FES L . -25.96 -12.67 27.61
FE2 FES L . -25.89 -12.82 24.91
S1 FES L . -24.41 -11.89 26.24
S2 FES L . -27.54 -13.39 26.25
FE1 F3S M . -15.29 5.74 34.09
FE3 F3S M . -13.58 4.49 32.40
FE4 F3S M . -13.67 7.18 32.48
S1 F3S M . -14.04 3.94 34.51
S2 F3S M . -14.21 7.69 34.62
S3 F3S M . -15.39 5.78 31.79
S4 F3S M . -11.82 5.92 32.23
CHA HEM N . -8.04 16.94 37.40
CHB HEM N . -3.90 18.87 39.01
CHC HEM N . -6.43 22.31 41.36
CHD HEM N . -10.52 20.07 40.13
C1A HEM N . -6.72 17.24 37.60
C2A HEM N . -5.65 16.58 36.94
C3A HEM N . -4.50 17.13 37.40
C4A HEM N . -4.83 18.11 38.34
CMA HEM N . -3.10 16.77 36.98
CAA HEM N . -5.77 15.50 35.91
CBA HEM N . -5.64 16.11 34.52
CGA HEM N . -6.22 15.19 33.49
O1A HEM N . -6.56 15.64 32.37
O2A HEM N . -6.37 13.98 33.74
C1B HEM N . -4.29 19.98 39.78
C2B HEM N . -3.32 20.80 40.39
C3B HEM N . -3.99 21.78 41.06
C4B HEM N . -5.43 21.51 40.82
CMB HEM N . -1.83 20.62 40.32
CAB HEM N . -3.41 22.87 41.85
CBB HEM N . -3.21 22.72 43.15
C1C HEM N . -7.77 22.04 41.15
C2C HEM N . -8.82 22.93 41.44
C3C HEM N . -10.01 22.28 41.08
C4C HEM N . -9.62 21.01 40.57
CMC HEM N . -8.59 24.29 42.03
CAC HEM N . -11.42 22.71 41.14
CBC HEM N . -11.89 23.76 41.81
C1D HEM N . -10.13 19.04 39.29
C2D HEM N . -11.13 18.16 38.72
C3D HEM N . -10.45 17.27 37.94
C4D HEM N . -9.03 17.64 38.08
CMD HEM N . -12.61 18.29 38.99
CAD HEM N . -10.95 16.12 37.11
CBD HEM N . -12.21 16.44 36.31
CGD HEM N . -12.43 15.45 35.20
O1D HEM N . -11.71 14.44 35.09
O2D HEM N . -13.35 15.66 34.38
NA HEM N . -6.19 18.17 38.45
NB HEM N . -5.51 20.42 40.05
NC HEM N . -8.28 20.89 40.61
ND HEM N . -8.90 18.70 38.88
FE HEM N . -7.30 19.52 39.38
CHA HEM O . 2.80 32.84 48.47
CHB HEM O . 4.72 29.99 51.85
CHC HEM O . 1.64 26.48 50.46
CHD HEM O . 0.97 28.91 46.33
C1A HEM O . 3.46 32.40 49.59
C2A HEM O . 4.10 33.23 50.51
C3A HEM O . 4.64 32.43 51.47
C4A HEM O . 4.35 31.10 51.13
CMA HEM O . 5.42 32.88 52.68
CAA HEM O . 4.15 34.74 50.46
CBA HEM O . 5.36 35.19 49.64
CGA HEM O . 4.94 35.43 48.21
O1A HEM O . 3.95 36.15 47.96
O2A HEM O . 5.57 34.88 47.29
C1B HEM O . 3.98 28.80 51.77
C2B HEM O . 4.14 27.77 52.72
C3B HEM O . 3.29 26.76 52.36
C4B HEM O . 2.60 27.23 51.14
CMB HEM O . 5.08 27.79 53.90
CAB HEM O . 3.10 25.47 53.04
CBB HEM O . 2.32 25.39 54.12
C1C HEM O . 1.37 26.77 49.13
C2C HEM O . 1.08 25.82 48.14
C3C HEM O . 0.89 26.52 46.95
C4C HEM O . 1.07 27.90 47.24
CMC HEM O . 0.99 24.34 48.32
CAC HEM O . 0.55 25.95 45.64
CBC HEM O . -0.72 25.90 45.24
C1D HEM O . 1.39 30.20 46.63
C2D HEM O . 1.20 31.31 45.69
C3D HEM O . 1.71 32.39 46.29
C4D HEM O . 2.21 31.95 47.59
CMD HEM O . 0.55 31.24 44.33
CAD HEM O . 1.77 33.80 45.76
CBD HEM O . 3.10 34.03 45.05
CGD HEM O . 2.96 35.29 44.26
O1D HEM O . 3.40 36.37 44.72
O2D HEM O . 2.39 35.26 43.15
NA HEM O . 3.62 31.09 49.97
NB HEM O . 3.08 28.45 50.85
NC HEM O . 1.36 28.02 48.58
ND HEM O . 1.99 30.65 47.74
FE HEM O . 2.48 29.65 49.24
C1B LMT P . -19.63 22.36 25.37
C2B LMT P . -20.17 22.27 23.94
C3B LMT P . -21.20 21.13 23.84
C4B LMT P . -20.58 19.80 24.33
C5B LMT P . -19.96 20.04 25.72
C6B LMT P . -18.48 19.67 25.70
O1B LMT P . -19.97 23.60 25.89
O2B LMT P . -20.76 23.48 23.68
O3B LMT P . -21.71 21.04 22.57
O4' LMT P . -21.56 18.84 24.44
O5B LMT P . -20.15 21.35 26.18
O6B LMT P . -18.08 19.34 26.96
C1' LMT P . -20.00 25.72 29.47
C2' LMT P . -18.68 25.64 28.69
C3' LMT P . -18.98 25.27 27.23
C4' LMT P . -19.60 23.88 27.21
C5' LMT P . -20.87 23.94 28.07
C6' LMT P . -21.06 22.79 29.04
O1' LMT P . -19.93 25.06 30.65
O2' LMT P . -18.11 26.88 28.70
O3' LMT P . -17.85 25.28 26.47
O5' LMT P . -21.10 25.20 28.70
O6' LMT P . -22.14 23.12 29.80
C1 LMT P . -20.83 25.54 31.63
C2 LMT P . -20.06 25.52 32.90
C3 LMT P . -18.86 26.39 32.96
C4 LMT P . -19.18 27.54 33.88
C5 LMT P . -18.31 28.71 33.56
C6 LMT P . -17.77 29.36 34.79
C7 LMT P . -16.80 28.43 35.45
C8 LMT P . -15.79 29.24 36.19
C9 LMT P . -15.05 30.21 35.33
C10 LMT P . -13.66 30.35 35.90
C11 LMT P . -13.70 30.77 37.34
C1 MQ7 Q . 4.99 46.52 45.84
O1 MQ7 Q . 5.89 46.70 45.04
C2 MQ7 Q . 3.81 45.69 45.48
C2M MQ7 Q . 3.83 45.11 44.09
C3 MQ7 Q . 2.81 45.49 46.37
C4 MQ7 Q . 2.87 46.10 47.72
O4 MQ7 Q . 1.96 45.91 48.51
C5 MQ7 Q . 4.04 46.92 48.10
C6 MQ7 Q . 4.10 47.50 49.36
C7 MQ7 Q . 5.20 48.27 49.71
C8 MQ7 Q . 6.23 48.47 48.81
C9 MQ7 Q . 6.16 47.90 47.54
C10 MQ7 Q . 5.06 47.13 47.19
C11 MQ7 Q . 1.59 44.68 46.09
C12 MQ7 Q . 1.90 43.22 46.01
C13 MQ7 Q . 1.35 42.35 45.14
C14 MQ7 Q . 0.33 42.72 44.12
C15 MQ7 Q . 1.75 40.91 45.15
C16 MQ7 Q . 1.74 40.29 43.75
C17 MQ7 Q . 1.13 38.93 43.79
C18 MQ7 Q . -0.08 38.54 43.38
C19 MQ7 Q . -1.11 39.45 42.77
C20 MQ7 Q . -0.50 37.11 43.52
C21 MQ7 Q . -1.06 36.53 42.21
C22 MQ7 Q . -1.57 35.16 42.43
C23 MQ7 Q . -1.38 34.06 41.70
C24 MQ7 Q . -0.55 34.00 40.45
C25 MQ7 Q . -1.99 32.75 42.13
C26 MQ7 Q . -2.55 31.91 40.98
C27 MQ7 Q . -1.78 30.64 40.83
C28 MQ7 Q . -2.03 29.49 41.46
C29 MQ7 Q . -1.20 28.25 41.26
C30 MQ7 Q . -3.17 29.37 42.42
C1 MQ7 R . -24.40 10.93 43.28
O1 MQ7 R . -25.53 10.88 43.71
C2 MQ7 R . -23.91 12.17 42.59
C2M MQ7 R . -24.89 13.29 42.47
C3 MQ7 R . -22.65 12.23 42.10
C4 MQ7 R . -21.72 11.08 42.25
O4 MQ7 R . -20.59 11.15 41.81
C5 MQ7 R . -22.18 9.86 42.92
C6 MQ7 R . -21.33 8.77 43.06
C7 MQ7 R . -21.77 7.62 43.71
C8 MQ7 R . -23.06 7.55 44.20
C9 MQ7 R . -23.92 8.64 44.07
C10 MQ7 R . -23.48 9.79 43.43
C11 MQ7 R . -22.09 13.43 41.40
C12 MQ7 R . -21.70 14.52 42.37
C13 MQ7 R . -20.52 14.77 42.91
C14 MQ7 R . -19.27 13.99 42.69
C15 MQ7 R . -20.38 15.94 43.86
C16 MQ7 R . -19.59 17.11 43.24
C17 MQ7 R . -19.88 18.40 43.95
C18 MQ7 R . -19.01 19.23 44.54
C19 MQ7 R . -17.54 19.01 44.59
C20 MQ7 R . -19.50 20.49 45.21
PA FAD S . 21.67 -26.92 -8.99
O1A FAD S . 21.45 -25.59 -8.38
O2A FAD S . 23.00 -27.12 -9.70
O5B FAD S . 21.50 -28.05 -7.97
C5B FAD S . 22.63 -28.59 -7.25
C4B FAD S . 22.17 -29.01 -5.89
O4B FAD S . 22.19 -30.45 -5.79
C3B FAD S . 23.05 -28.51 -4.73
O3B FAD S . 22.25 -28.24 -3.59
C2B FAD S . 23.99 -29.68 -4.50
O2B FAD S . 24.49 -29.70 -3.17
C1B FAD S . 23.03 -30.86 -4.73
N9A FAD S . 23.69 -32.10 -5.10
C8A FAD S . 24.21 -32.44 -6.31
N7A FAD S . 24.74 -33.64 -6.35
C5A FAD S . 24.54 -34.13 -5.07
C6A FAD S . 24.86 -35.35 -4.46
N6A FAD S . 25.49 -36.35 -5.08
N1A FAD S . 24.53 -35.51 -3.16
C2A FAD S . 23.90 -34.52 -2.53
N3A FAD S . 23.55 -33.32 -3.01
C4A FAD S . 23.89 -33.19 -4.29
N1 FAD S . 19.64 -20.76 -16.32
C2 FAD S . 18.77 -19.77 -16.67
O2 FAD S . 17.57 -20.00 -16.84
N3 FAD S . 19.23 -18.48 -16.83
C4 FAD S . 20.52 -18.06 -16.68
O4 FAD S . 20.82 -16.87 -16.86
C4X FAD S . 21.45 -19.11 -16.31
N5 FAD S . 22.69 -18.80 -16.15
C5X FAD S . 23.57 -19.80 -15.79
C6 FAD S . 24.91 -19.48 -15.62
C7 FAD S . 25.84 -20.46 -15.27
C7M FAD S . 27.28 -20.07 -15.07
C8 FAD S . 25.41 -21.78 -15.09
C8M FAD S . 26.39 -22.86 -14.72
C9 FAD S . 24.07 -22.11 -15.26
C9A FAD S . 23.15 -21.13 -15.62
N10 FAD S . 21.79 -21.42 -15.81
C10 FAD S . 20.91 -20.44 -16.16
C1' FAD S . 21.28 -22.79 -15.63
C2' FAD S . 20.59 -23.01 -14.29
O2' FAD S . 20.70 -21.84 -13.48
C3' FAD S . 21.25 -24.18 -13.56
O3' FAD S . 22.06 -24.89 -14.48
C4' FAD S . 20.26 -25.16 -12.94
O4' FAD S . 19.51 -25.78 -13.98
C5' FAD S . 19.32 -24.52 -11.94
O5' FAD S . 19.63 -25.00 -10.62
P FAD S . 19.17 -26.42 -10.13
O1P FAD S . 18.61 -26.32 -8.70
O2P FAD S . 18.26 -27.07 -11.07
O3P FAD S . 20.52 -27.22 -10.05
FE1 SF4 T . 31.53 -11.65 3.14
FE2 SF4 T . 31.00 -8.96 3.11
FE3 SF4 T . 30.89 -10.36 5.46
FE4 SF4 T . 28.97 -10.74 3.55
S1 SF4 T . 29.38 -8.83 4.70
S2 SF4 T . 30.07 -12.35 4.74
S3 SF4 T . 30.21 -10.52 1.65
S4 SF4 T . 32.73 -10.00 4.16
FE1 FES U . 32.72 -19.31 -4.95
FE2 FES U . 35.12 -18.23 -4.37
S1 FES U . 33.13 -17.31 -4.11
S2 FES U . 34.67 -20.33 -4.88
FE1 F3S V . 34.95 -5.33 13.10
FE3 F3S V . 33.50 -3.82 11.39
FE4 F3S V . 32.82 -3.96 13.99
S1 F3S V . 35.72 -4.01 11.49
S2 F3S V . 34.76 -4.21 15.10
S3 F3S V . 32.76 -5.70 12.47
S4 F3S V . 32.65 -2.13 12.67
CHA HEM W . 34.05 3.65 23.82
CHB HEM W . 34.17 8.09 25.75
CHC HEM W . 36.28 6.29 29.75
CHD HEM W . 36.42 1.93 27.68
C1A HEM W . 33.84 4.99 24.06
C2A HEM W . 33.06 5.83 23.26
C3A HEM W . 33.09 7.07 23.80
C4A HEM W . 33.90 7.01 24.94
CMA HEM W . 32.41 8.32 23.30
CAA HEM W . 32.30 5.42 22.03
CBA HEM W . 30.88 5.07 22.43
CGA HEM W . 30.28 4.11 21.45
O1A HEM W . 29.31 3.40 21.79
O2A HEM W . 30.74 4.01 20.29
C1B HEM W . 34.76 7.93 27.00
C2B HEM W . 34.96 9.04 27.84
C3B HEM W . 35.55 8.58 28.98
C4B HEM W . 35.71 7.12 28.79
CMB HEM W . 34.59 10.46 27.53
CAB HEM W . 35.95 9.36 30.16
CBB HEM W . 37.12 9.99 30.17
C1C HEM W . 36.44 4.94 29.55
C2C HEM W . 36.84 4.04 30.55
C3C HEM W . 36.87 2.77 29.96
C4C HEM W . 36.49 2.94 28.61
CMC HEM W . 37.15 4.49 31.96
CAC HEM W . 37.23 1.44 30.52
CBC HEM W . 37.64 1.22 31.77
C1D HEM W . 35.78 2.10 26.46
C2D HEM W . 35.64 0.96 25.53
C3D HEM W . 34.99 1.43 24.46
C4D HEM W . 34.74 2.86 24.73
CMD HEM W . 36.14 -0.44 25.77
CAD HEM W . 34.59 0.69 23.21
CBD HEM W . 33.42 -0.27 23.45
CGD HEM W . 33.60 -1.52 22.64
O1D HEM W . 33.12 -1.60 21.49
O2D HEM W . 34.23 -2.49 23.12
NA HEM W . 34.35 5.73 25.10
NB HEM W . 35.21 6.81 27.59
NC HEM W . 36.22 4.26 28.39
ND HEM W . 35.22 3.20 25.94
FE HEM W . 35.16 4.89 26.71
CHA HEM X . 38.37 18.08 40.22
CHB HEM X . 41.76 20.50 37.79
CHC HEM X . 41.83 16.91 34.50
CHD HEM X . 37.63 15.34 36.29
C1A HEM X . 39.39 18.92 39.89
C2A HEM X . 40.01 19.78 40.82
C3A HEM X . 40.97 20.47 40.13
C4A HEM X . 40.94 20.04 38.79
CMA HEM X . 41.90 21.51 40.71
CAA HEM X . 39.69 19.91 42.27
CBA HEM X . 38.59 20.95 42.49
CGA HEM X . 37.25 20.26 42.58
O1A HEM X . 37.07 19.32 43.39
O2A HEM X . 36.31 20.63 41.84
C1B HEM X . 42.08 19.68 36.71
C2B HEM X . 43.15 19.99 35.83
C3B HEM X . 43.20 19.00 34.89
C4B HEM X . 42.11 18.06 35.23
CMB HEM X . 44.05 21.19 35.92
CAB HEM X . 44.15 18.90 33.77
CBB HEM X . 45.26 18.17 33.88
C1C HEM X . 40.60 16.29 34.61
C2C HEM X . 39.94 15.61 33.58
C3C HEM X . 38.73 15.16 34.09
C4C HEM X . 38.68 15.59 35.45
CMC HEM X . 40.44 15.40 32.18
CAC HEM X . 37.71 14.39 33.38
CBC HEM X . 37.66 13.07 33.50
C1D HEM X . 37.54 15.96 37.53
C2D HEM X . 36.46 15.64 38.47
C3D HEM X . 36.67 16.39 39.56
C4D HEM X . 37.87 17.19 39.29
CMD HEM X . 35.35 14.64 38.24
CAD HEM X . 35.84 16.45 40.82
CBD HEM X . 34.65 17.38 40.63
CGD HEM X . 34.23 17.93 41.96
O1D HEM X . 34.56 17.35 43.02
O2D HEM X . 33.55 18.97 42.01
NA HEM X . 39.97 19.09 38.66
NB HEM X . 41.49 18.54 36.32
NC HEM X . 39.82 16.28 35.74
ND HEM X . 38.34 16.88 38.07
FE HEM X . 39.85 17.66 37.30
C1B LMT Y . 23.88 -10.29 28.81
C2B LMT Y . 22.78 -11.33 28.59
C3B LMT Y . 23.29 -12.49 27.73
C4B LMT Y . 23.94 -11.96 26.43
C5B LMT Y . 25.01 -10.95 26.84
C6B LMT Y . 25.68 -10.40 25.59
O1B LMT Y . 24.83 -10.81 29.69
O2B LMT Y . 22.40 -11.77 29.83
O3B LMT Y . 22.29 -13.40 27.47
O4' LMT Y . 24.54 -12.99 25.73
O5B LMT Y . 24.48 -9.90 27.60
O6B LMT Y . 25.78 -9.03 25.70
C1' LMT Y . 27.64 -9.54 32.45
C2' LMT Y . 26.37 -8.67 32.38
C3' LMT Y . 25.24 -9.39 31.59
C4' LMT Y . 25.78 -9.93 30.25
C5' LMT Y . 27.01 -10.75 30.63
C6' LMT Y . 27.57 -11.59 29.50
O1' LMT Y . 28.68 -8.79 32.93
O2' LMT Y . 25.92 -8.48 33.66
O3' LMT Y . 24.20 -8.54 31.38
O5' LMT Y . 28.00 -9.92 31.13
O6' LMT Y . 28.66 -10.89 29.04
C1 LMT Y . 29.94 -9.38 32.75
C2 LMT Y . 30.88 -8.44 33.45
C3 LMT Y . 30.76 -8.37 34.93
C4 LMT Y . 30.56 -6.93 35.29
C5 LMT Y . 31.81 -6.16 35.07
C6 LMT Y . 31.76 -4.80 35.69
C7 LMT Y . 31.52 -4.93 37.17
C8 LMT Y . 31.87 -3.64 37.82
C9 LMT Y . 31.11 -2.46 37.31
C10 LMT Y . 31.69 -1.24 37.96
C11 LMT Y . 30.76 -0.08 37.90
C12 LMT Y . 29.50 -0.34 38.66
C1 MQ7 Z . 44.59 -11.17 21.23
O1 MQ7 Z . 45.25 -12.18 21.40
C2 MQ7 Z . 43.56 -10.76 22.21
C2M MQ7 Z . 43.39 -11.66 23.41
C3 MQ7 Z . 42.82 -9.64 22.02
C4 MQ7 Z . 43.02 -8.80 20.82
O4 MQ7 Z . 42.36 -7.79 20.65
C5 MQ7 Z . 44.04 -9.18 19.82
C6 MQ7 Z . 44.25 -8.41 18.70
C7 MQ7 Z . 45.21 -8.77 17.76
C8 MQ7 Z . 45.96 -9.92 17.96
C9 MQ7 Z . 45.75 -10.71 19.09
C10 MQ7 Z . 44.80 -10.33 20.02
C11 MQ7 Z . 41.76 -9.17 22.98
C12 MQ7 Z . 42.37 -8.50 24.18
C13 MQ7 Z . 42.65 -7.20 24.38
C14 MQ7 Z . 42.41 -6.10 23.39
C15 MQ7 Z . 43.26 -6.77 25.69
C16 MQ7 Z . 42.25 -6.04 26.58
C17 MQ7 Z . 42.67 -6.06 28.02
C18 MQ7 Z . 42.94 -5.02 28.81
C19 MQ7 Z . 42.85 -3.58 28.38
C20 MQ7 Z . 43.37 -5.22 30.24
C1 MQ7 AA . 32.91 20.58 52.44
O1 MQ7 AA . 32.27 21.61 52.38
C2 MQ7 AA . 32.46 19.36 51.73
C2M MQ7 AA . 31.18 19.49 50.95
C3 MQ7 AA . 33.17 18.22 51.79
C4 MQ7 AA . 34.42 18.14 52.59
O4 MQ7 AA . 35.05 17.10 52.64
C5 MQ7 AA . 34.89 19.34 53.31
C6 MQ7 AA . 36.06 19.29 54.06
C7 MQ7 AA . 36.49 20.42 54.73
C8 MQ7 AA . 35.76 21.60 54.66
C9 MQ7 AA . 34.60 21.65 53.91
C10 MQ7 AA . 34.16 20.53 53.24
C11 MQ7 AA . 32.78 16.94 51.11
C12 MQ7 AA . 33.01 16.95 49.63
C13 MQ7 AA . 34.09 17.24 48.90
C14 MQ7 AA . 35.44 17.66 49.40
C15 MQ7 AA . 33.98 17.14 47.40
C16 MQ7 AA . 32.92 16.12 46.96
C17 MQ7 AA . 33.26 15.55 45.62
C18 MQ7 AA . 33.46 14.28 45.30
C19 MQ7 AA . 33.36 13.12 46.23
C20 MQ7 AA . 33.81 13.92 43.88
C21 MQ7 AA . 32.91 12.82 43.30
C22 MQ7 AA . 33.50 12.28 42.03
C23 MQ7 AA . 32.97 12.24 40.81
C24 MQ7 AA . 31.60 12.77 40.47
C25 MQ7 AA . 33.74 11.66 39.67
C26 MQ7 AA . 32.91 10.82 38.70
C27 MQ7 AA . 32.86 11.46 37.35
C28 MQ7 AA . 33.74 11.29 36.37
C29 MQ7 AA . 33.62 11.97 35.03
C30 MQ7 AA . 34.92 10.38 36.53
PA FAD BA . -8.58 16.50 -30.38
O1A FAD BA . -8.49 17.62 -29.43
O2A FAD BA . -9.83 16.54 -31.24
O5B FAD BA . -7.32 16.44 -31.27
C5B FAD BA . -6.83 17.61 -31.96
C4B FAD BA . -5.33 17.56 -32.02
O4B FAD BA . -4.90 17.52 -33.40
C3B FAD BA . -4.62 18.75 -31.39
O3B FAD BA . -3.39 18.34 -30.80
C2B FAD BA . -4.38 19.65 -32.60
O2B FAD BA . -3.27 20.52 -32.39
C1B FAD BA . -4.05 18.62 -33.66
N9A FAD BA . -4.27 19.06 -35.03
C8A FAD BA . -5.47 19.21 -35.67
N7A FAD BA . -5.37 19.62 -36.91
C5A FAD BA . -4.01 19.74 -37.10
C6A FAD BA . -3.24 20.13 -38.22
N6A FAD BA . -3.76 20.49 -39.39
N1A FAD BA . -1.90 20.16 -38.08
C2A FAD BA . -1.37 19.80 -36.91
N3A FAD BA . -1.99 19.42 -35.79
C4A FAD BA . -3.32 19.40 -35.96
N1 FAD BA . -16.25 13.28 -25.46
C2 FAD BA . -16.66 12.45 -24.46
O2 FAD BA . -16.53 11.22 -24.54
N3 FAD BA . -17.23 12.98 -23.32
C4 FAD BA . -17.44 14.32 -23.06
O4 FAD BA . -17.96 14.67 -22.01
C4X FAD BA . -17.01 15.19 -24.13
N5 FAD BA . -17.17 16.46 -23.97
C5X FAD BA . -16.75 17.30 -24.98
C6 FAD BA . -16.91 18.67 -24.83
C7 FAD BA . -16.51 19.56 -25.82
C7M FAD BA . -16.70 21.03 -25.63
C8 FAD BA . -15.92 19.06 -27.00
C8M FAD BA . -15.48 19.99 -28.10
C9 FAD BA . -15.76 17.69 -27.15
C9A FAD BA . -16.17 16.81 -26.15
N10 FAD BA . -16.01 15.42 -26.29
C10 FAD BA . -16.42 14.58 -25.29
C1' FAD BA . -15.39 14.85 -27.49
C2' FAD BA . -13.93 14.49 -27.27
O2' FAD BA . -13.36 15.33 -26.28
C3' FAD BA . -13.17 14.69 -28.59
O3' FAD BA . -13.96 14.21 -29.67
C4' FAD BA . -11.83 13.96 -28.59
O4' FAD BA . -10.97 14.55 -27.63
C5' FAD BA . -11.17 13.94 -29.95
O5' FAD BA . -9.97 13.12 -29.88
P FAD BA . -8.58 13.70 -30.30
O1P FAD BA . -7.49 12.85 -29.65
O2P FAD BA . -8.52 13.86 -31.75
O3P FAD BA . -8.56 15.12 -29.61
FE1 SF4 CA . -1.66 28.04 -13.39
FE2 SF4 CA . -2.50 30.30 -14.66
FE3 SF4 CA . -0.41 30.41 -12.91
FE4 SF4 CA . -2.94 30.00 -11.98
S1 SF4 CA . -2.15 31.86 -13.04
S2 SF4 CA . -1.06 28.87 -11.37
S3 SF4 CA . -3.82 28.73 -13.66
S4 SF4 CA . -0.48 29.28 -14.88
FE1 FES DA . -9.22 31.19 -22.88
FE2 FES DA . -8.88 28.67 -23.73
S1 FES DA . -9.07 30.49 -24.96
S2 FES DA . -8.66 29.44 -21.68
FE1 F3S EA . 3.50 34.94 -6.34
FE3 F3S EA . 6.04 34.87 -5.43
FE4 F3S EA . 5.29 36.75 -7.27
S1 F3S EA . 4.18 34.54 -4.26
S2 F3S EA . 3.13 37.17 -6.70
S3 F3S EA . 5.37 34.47 -7.60
S4 F3S EA . 6.66 37.08 -5.50
CHA HEM FA . 13.50 39.58 3.37
CHB HEM FA . 14.33 40.28 8.08
CHC HEM FA . 17.96 43.34 7.00
CHD HEM FA . 17.06 42.69 2.30
C1A HEM FA . 13.50 39.46 4.74
C2A HEM FA . 12.80 38.47 5.45
C3A HEM FA . 13.03 38.66 6.78
C4A HEM FA . 13.87 39.78 6.89
CMA HEM FA . 12.49 37.85 7.93
CAA HEM FA . 11.95 37.37 4.86
CBA HEM FA . 12.82 36.12 4.70
CGA HEM FA . 12.06 35.08 3.91
O1A HEM FA . 12.67 34.11 3.44
O2A HEM FA . 10.83 35.19 3.74
C1B HEM FA . 15.39 41.18 8.15
C2B HEM FA . 15.90 41.62 9.39
C3B HEM FA . 16.92 42.48 9.12
C4B HEM FA . 17.01 42.55 7.65
CMB HEM FA . 15.39 41.21 10.74
CAB HEM FA . 17.76 43.20 10.09
CBB HEM FA . 17.38 44.38 10.57
C1C HEM FA . 18.08 43.35 5.62
C2C HEM FA . 19.16 43.90 4.93
C3C HEM FA . 18.91 43.71 3.56
C4C HEM FA . 17.66 43.04 3.48
CMC HEM FA . 20.32 44.55 5.63
CAC HEM FA . 19.70 44.08 2.36
CBC HEM FA . 20.65 45.00 2.33
C1D HEM FA . 16.00 41.79 2.26
C2D HEM FA . 15.44 41.37 0.98
C3D HEM FA . 14.46 40.49 1.27
C4D HEM FA . 14.41 40.41 2.73
CMD HEM FA . 15.92 41.83 -0.38
CAD HEM FA . 13.55 39.77 0.30
CBD HEM FA . 14.32 38.74 -0.54
CGD HEM FA . 13.61 38.57 -1.86
O1D HEM FA . 12.72 37.70 -1.99
O2D HEM FA . 13.91 39.30 -2.83
NA HEM FA . 14.17 40.25 5.65
NB HEM FA . 16.07 41.74 7.13
NC HEM FA . 17.19 42.83 4.74
ND HEM FA . 15.35 41.20 3.27
FE HEM FA . 15.68 41.41 5.10
CHA HEM GA . 24.59 48.42 20.26
CHB HEM GA . 21.71 52.15 21.41
CHC HEM GA . 18.66 50.85 17.84
CHD HEM GA . 21.83 47.49 16.39
C1A HEM GA . 24.05 49.53 20.86
C2A HEM GA . 24.63 50.20 21.96
C3A HEM GA . 23.82 51.25 22.29
C4A HEM GA . 22.74 51.23 21.40
CMA HEM GA . 24.05 52.24 23.40
CAA HEM GA . 25.91 49.82 22.65
CBA HEM GA . 25.62 48.75 23.71
CGA HEM GA . 26.61 48.85 24.84
O1A HEM GA . 27.55 49.68 24.79
O2A HEM GA . 26.49 48.11 25.85
C1B HEM GA . 20.65 52.07 20.51
C2B HEM GA . 19.56 52.99 20.58
C3B HEM GA . 18.69 52.65 19.60
C4B HEM GA . 19.28 51.48 18.91
CMB HEM GA . 19.41 54.11 21.58
CAB HEM GA . 17.41 53.31 19.28
CBB HEM GA . 17.39 54.46 18.63
C1C HEM GA . 19.24 49.82 17.14
C2C HEM GA . 18.66 49.12 16.07
C3C HEM GA . 19.56 48.16 15.67
C4C HEM GA . 20.71 48.27 16.48
CMC HEM GA . 17.29 49.39 15.50
CAC HEM GA . 19.37 47.20 14.56
CBC HEM GA . 19.73 47.52 13.32
C1D HEM GA . 22.81 47.49 17.36
C2D HEM GA . 23.93 46.55 17.30
C3D HEM GA . 24.69 46.81 18.37
C4D HEM GA . 24.04 47.91 19.09
CMD HEM GA . 24.15 45.51 16.23
CAD HEM GA . 25.97 46.11 18.76
CBD HEM GA . 25.66 44.86 19.60
CGD HEM GA . 26.94 44.20 20.00
O1D HEM GA . 28.01 44.47 19.40
O2D HEM GA . 26.96 43.35 20.93
NA HEM GA . 22.89 50.18 20.53
NB HEM GA . 20.44 51.20 19.51
NC HEM GA . 20.48 49.29 17.38
ND HEM GA . 22.93 48.28 18.44
FE HEM GA . 21.77 49.64 18.98
C1B LMT HA . 23.48 29.85 -8.53
C2B LMT HA . 23.54 28.94 -9.77
C3B LMT HA . 22.14 28.39 -10.07
C4B LMT HA . 21.13 29.54 -10.28
C5B LMT HA . 21.27 30.52 -9.10
C6B LMT HA . 19.90 30.77 -8.50
O1B LMT HA . 24.15 31.04 -8.82
O2B LMT HA . 24.00 29.70 -10.81
O3B LMT HA . 21.73 27.52 -9.11
O4' LMT HA . 21.40 30.21 -11.46
O5B LMT HA . 22.17 30.07 -8.11
O6B LMT HA . 20.01 30.97 -7.15
C1' LMT HA . 25.81 34.31 -6.99
C2' LMT HA . 25.78 33.07 -6.11
C3' LMT HA . 25.46 31.81 -6.95
C4' LMT HA . 24.22 32.04 -7.84
C5' LMT HA . 24.47 33.38 -8.56
C6' LMT HA . 23.44 33.72 -9.62
O1' LMT HA . 25.93 35.44 -6.23
O2' LMT HA . 27.04 32.91 -5.57
O3' LMT HA . 25.26 30.74 -6.15
O5' LMT HA . 24.57 34.43 -7.65
O6' LMT HA . 22.59 34.62 -9.03
C1 LMT HA . 26.34 36.57 -6.94
C2 LMT HA . 25.40 37.65 -6.49
C3 LMT HA . 26.02 38.88 -5.95
C4 LMT HA . 27.02 38.46 -4.91
C5 LMT HA . 27.42 39.64 -4.07
C6 LMT HA . 26.96 39.50 -2.67
C7 LMT HA . 28.07 38.96 -1.82
C8 LMT HA . 28.75 40.10 -1.16
C9 LMT HA . 27.93 40.78 -0.12
C10 LMT HA . 27.79 39.83 1.04
C11 LMT HA . 28.82 40.08 2.08
C12 LMT HA . 28.59 41.39 2.78
C1 MQ7 IA . 37.48 46.96 25.07
O1 MQ7 IA . 37.48 46.07 25.89
C2 MQ7 IA . 37.01 46.71 23.68
C2M MQ7 IA . 36.59 45.31 23.39
C3 MQ7 IA . 37.00 47.71 22.77
C4 MQ7 IA . 37.45 49.08 23.13
O4 MQ7 IA . 37.44 49.97 22.30
C5 MQ7 IA . 37.91 49.35 24.50
C6 MQ7 IA . 38.33 50.63 24.86
C7 MQ7 IA . 38.77 50.87 26.16
C8 MQ7 IA . 38.77 49.85 27.10
C9 MQ7 IA . 38.36 48.57 26.75
C10 MQ7 IA . 37.92 48.33 25.45
C11 MQ7 IA . 36.57 47.56 21.34
C12 MQ7 IA . 35.10 47.32 21.18
C13 MQ7 IA . 34.55 46.52 20.26
C14 MQ7 IA . 35.36 45.75 19.24
C15 MQ7 IA . 33.07 46.33 20.17
C16 MQ7 IA . 32.70 44.98 19.55
C17 MQ7 IA . 31.46 45.09 18.70
C18 MQ7 IA . 31.34 44.91 17.39
C19 MQ7 IA . 32.45 44.53 16.47
C20 MQ7 IA . 30.00 45.07 16.73
C21 MQ7 IA . 29.61 43.84 15.91
C22 MQ7 IA . 28.53 44.16 14.93
C23 MQ7 IA . 27.51 43.40 14.53
C24 MQ7 IA . 27.25 42.00 15.02
C25 MQ7 IA . 26.53 43.94 13.53
C26 MQ7 IA . 25.49 42.92 13.04
C27 MQ7 IA . 24.20 43.60 12.71
C28 MQ7 IA . 23.00 43.21 13.14
C29 MQ7 IA . 21.71 43.92 12.80
C30 MQ7 IA . 22.87 42.00 14.01
C1 MQ7 JA . 10.65 47.83 -12.34
O1 MQ7 JA . 10.73 48.50 -13.35
C2 MQ7 JA . 11.85 47.17 -11.78
C2M MQ7 JA . 13.13 47.36 -12.52
C3 MQ7 JA . 11.76 46.42 -10.65
C4 MQ7 JA . 10.46 46.25 -9.95
O4 MQ7 JA . 10.38 45.59 -8.93
C5 MQ7 JA . 9.26 46.92 -10.50
C6 MQ7 JA . 8.03 46.78 -9.86
C7 MQ7 JA . 6.91 47.40 -10.38
C8 MQ7 JA . 6.99 48.16 -11.54
C9 MQ7 JA . 8.22 48.30 -12.18
C10 MQ7 JA . 9.35 47.68 -11.66
C11 MQ7 JA . 12.92 45.71 -10.02
C12 MQ7 JA . 13.82 46.65 -9.25
C13 MQ7 JA . 13.78 47.00 -7.96
C14 MQ7 JA . 12.78 46.52 -6.97
C15 MQ7 JA . 14.80 47.96 -7.42
C16 MQ7 JA . 15.70 47.31 -6.35
C17 MQ7 JA . 16.99 48.05 -6.20
C18 MQ7 JA . 17.53 48.57 -5.07
C19 MQ7 JA . 16.88 48.49 -3.73
C20 MQ7 JA . 18.85 49.28 -5.11
#